data_5OPQ
#
_entry.id   5OPQ
#
_cell.length_a   222.000
_cell.length_b   107.500
_cell.length_c   165.800
_cell.angle_alpha   90.00
_cell.angle_beta   114.00
_cell.angle_gamma   90.00
#
_symmetry.space_group_name_H-M   'C 1 2 1'
#
loop_
_entity.id
_entity.type
_entity.pdbx_description
1 polymer 3,6-anhydro-D-galactosidase
2 non-polymer (4S)-2-METHYL-2,4-PENTANEDIOL
3 non-polymer 2-AMINO-2-HYDROXYMETHYL-PROPANE-1,3-DIOL
4 non-polymer 'CHLORIDE ION'
5 water water
#
_entity_poly.entity_id   1
_entity_poly.type   'polypeptide(L)'
_entity_poly.pdbx_seq_one_letter_code
;MKNNSTVAKSTLVLLVVTCLTAFKGLAFDSISPDPIVLENGKLNINIDSKTGCFSVTEKTSGHVWKSDPWENAAGLLTLT
DSKGKKQTVNISKSKKIEVSKTAKNTVSLKFIDPVFEDGSVAKGVSIATELRLDPNNAQLDVEVTEHRSGNFTLYDLRYP
ARAFSLKTDEDKGAAVIPQKQGVICPSYIFPMNGGRFCKWDDATYNNKSQGSLELFNNGTGLTMPWWGTYNEKSAVMGIV
DVSARPHMQYNINNNGQYLFNAKGVMSPYQRIVFLDPIWKLDQEKGKMRISYHFIPGGDYVDMAKVYQKEAKARGHFVSL
QEKLKRNPNVNKLPGAIYFGIYGGYPHYVNMPGMAFTFDELKNIIKTIHDDLRVDKAFVHAWGTFSNFVPHNYPISEALG
GPEKLKAAVDLAKSYGYLYSSYHAYSPMLENDPNFTTDLMQRDAEGKLMNTGSRWARVDPKFQKGLAQKNIEKEISYLGL
EADITDITFAAYRENGKEGRIELAKYIDSFNLVNGTEHGQEQWIPYFDMFEGMTYLEDRPLSVISHPAPLFNLVYHEAIA
NFGKIQDPDNEVTANGDFRIKALRSMLFGRGTTIFFAPYEFEGMRPMIEMARDLVSPVHKETFYSELKSHEYLSADYKVQ
RSRFSSGTEVIANLGPVAQKIEGGISIPGYGYRIQMKDGSLKTGHFQVSLHMD
;
_entity_poly.pdbx_strand_id   A,B,C,D
#
# COMPACT_ATOMS: atom_id res chain seq x y z
N PRO A 35 -48.41 -11.54 -9.17
CA PRO A 35 -47.86 -12.94 -9.29
C PRO A 35 -48.84 -13.92 -9.89
N ILE A 36 -48.37 -14.83 -10.73
CA ILE A 36 -49.17 -15.93 -11.25
C ILE A 36 -48.94 -17.16 -10.34
N VAL A 37 -50.02 -17.87 -10.02
CA VAL A 37 -50.00 -19.00 -9.09
C VAL A 37 -50.35 -20.29 -9.84
N LEU A 38 -49.62 -21.37 -9.56
CA LEU A 38 -50.10 -22.74 -9.84
C LEU A 38 -50.23 -23.37 -8.47
N GLU A 39 -51.32 -24.09 -8.24
CA GLU A 39 -51.54 -24.62 -6.95
C GLU A 39 -52.34 -25.86 -7.03
N ASN A 40 -51.99 -26.81 -6.17
CA ASN A 40 -52.80 -27.99 -5.94
C ASN A 40 -52.83 -28.20 -4.42
N GLY A 41 -53.29 -29.34 -3.95
CA GLY A 41 -53.41 -29.51 -2.46
C GLY A 41 -52.07 -29.62 -1.71
N LYS A 42 -51.01 -29.86 -2.47
CA LYS A 42 -49.67 -30.15 -1.91
C LYS A 42 -48.65 -29.03 -2.09
N LEU A 43 -48.76 -28.28 -3.19
CA LEU A 43 -47.78 -27.23 -3.51
C LEU A 43 -48.50 -25.91 -3.97
N ASN A 44 -47.88 -24.77 -3.69
CA ASN A 44 -48.23 -23.51 -4.30
C ASN A 44 -47.00 -23.01 -5.03
N ILE A 45 -47.14 -22.74 -6.30
CA ILE A 45 -46.05 -22.15 -7.09
C ILE A 45 -46.39 -20.66 -7.28
N ASN A 46 -45.55 -19.74 -6.78
CA ASN A 46 -45.74 -18.35 -6.95
C ASN A 46 -44.72 -17.77 -7.92
N ILE A 47 -45.21 -17.32 -9.08
CA ILE A 47 -44.38 -16.85 -10.17
C ILE A 47 -44.46 -15.34 -10.31
N ASP A 48 -43.30 -14.69 -10.15
CA ASP A 48 -43.17 -13.24 -10.35
C ASP A 48 -43.31 -12.91 -11.80
N SER A 49 -44.32 -12.06 -12.08
CA SER A 49 -44.58 -11.69 -13.43
C SER A 49 -43.59 -10.75 -14.00
N LYS A 50 -42.82 -10.01 -13.23
CA LYS A 50 -41.81 -9.12 -13.78
C LYS A 50 -40.47 -9.83 -14.04
N THR A 51 -40.12 -10.84 -13.24
CA THR A 51 -38.83 -11.50 -13.41
C THR A 51 -38.85 -12.95 -13.90
N GLY A 52 -39.98 -13.64 -13.78
CA GLY A 52 -40.01 -15.04 -14.14
C GLY A 52 -39.56 -15.94 -12.98
N CYS A 53 -39.02 -15.37 -11.93
CA CYS A 53 -38.63 -16.18 -10.74
C CYS A 53 -39.90 -16.80 -10.05
N PHE A 54 -39.70 -17.99 -9.47
CA PHE A 54 -40.76 -18.58 -8.73
C PHE A 54 -40.32 -19.15 -7.42
N SER A 55 -41.25 -19.17 -6.51
CA SER A 55 -41.12 -19.84 -5.20
C SER A 55 -42.05 -21.00 -5.11
N VAL A 56 -41.71 -21.99 -4.29
CA VAL A 56 -42.57 -23.16 -4.18
C VAL A 56 -42.85 -23.35 -2.72
N THR A 57 -44.13 -23.35 -2.37
CA THR A 57 -44.53 -23.60 -0.98
C THR A 57 -44.98 -25.04 -0.89
N GLU A 58 -44.34 -25.80 0.01
CA GLU A 58 -44.67 -27.18 0.22
C GLU A 58 -45.65 -27.12 1.38
N LYS A 59 -46.94 -27.39 1.07
CA LYS A 59 -48.03 -27.03 2.01
C LYS A 59 -48.23 -27.92 3.25
N THR A 60 -47.66 -29.12 3.23
CA THR A 60 -47.75 -30.04 4.37
C THR A 60 -46.84 -29.56 5.50
N SER A 61 -45.55 -29.23 5.22
CA SER A 61 -44.67 -28.67 6.26
C SER A 61 -44.68 -27.21 6.34
N GLY A 62 -45.12 -26.58 5.25
CA GLY A 62 -45.12 -25.09 5.13
C GLY A 62 -43.84 -24.43 4.64
N HIS A 63 -42.81 -25.25 4.44
CA HIS A 63 -41.57 -24.76 3.96
C HIS A 63 -41.72 -24.08 2.60
N VAL A 64 -41.02 -22.96 2.43
CA VAL A 64 -41.04 -22.25 1.14
C VAL A 64 -39.63 -22.27 0.51
N TRP A 65 -39.52 -22.85 -0.66
CA TRP A 65 -38.29 -22.78 -1.49
C TRP A 65 -38.34 -21.45 -2.26
N LYS A 66 -37.30 -20.65 -2.06
CA LYS A 66 -37.26 -19.31 -2.62
C LYS A 66 -36.57 -19.31 -3.94
N SER A 67 -36.81 -18.24 -4.70
CA SER A 67 -36.07 -18.06 -5.93
C SER A 67 -34.64 -17.53 -5.58
N ASP A 68 -33.80 -17.35 -6.58
CA ASP A 68 -32.37 -16.92 -6.40
C ASP A 68 -32.20 -15.89 -5.33
N PRO A 69 -31.60 -16.22 -4.20
CA PRO A 69 -31.48 -15.21 -3.13
C PRO A 69 -30.49 -14.11 -3.44
N TRP A 70 -29.63 -14.31 -4.42
CA TRP A 70 -28.51 -13.41 -4.68
C TRP A 70 -28.95 -12.25 -5.57
N GLU A 71 -29.43 -12.58 -6.77
CA GLU A 71 -29.63 -11.54 -7.86
C GLU A 71 -31.10 -11.51 -8.36
N ASN A 72 -31.99 -12.29 -7.74
CA ASN A 72 -33.30 -12.49 -8.29
C ASN A 72 -33.27 -12.90 -9.75
N ALA A 73 -32.34 -13.79 -10.12
CA ALA A 73 -32.22 -14.21 -11.51
C ALA A 73 -33.05 -15.46 -11.79
N ALA A 74 -33.96 -15.46 -12.76
CA ALA A 74 -34.71 -16.70 -13.01
C ALA A 74 -33.83 -17.76 -13.67
N GLY A 75 -32.83 -17.30 -14.44
CA GLY A 75 -31.95 -18.10 -15.23
C GLY A 75 -30.63 -17.31 -15.49
N LEU A 76 -29.55 -17.99 -15.73
CA LEU A 76 -28.29 -17.39 -16.11
C LEU A 76 -27.82 -17.95 -17.40
N LEU A 77 -27.66 -17.06 -18.42
CA LEU A 77 -27.38 -17.47 -19.75
C LEU A 77 -26.03 -16.95 -20.19
N THR A 78 -25.22 -17.86 -20.67
CA THR A 78 -23.92 -17.50 -21.20
C THR A 78 -24.03 -17.44 -22.73
N LEU A 79 -23.58 -16.31 -23.29
CA LEU A 79 -23.67 -16.09 -24.71
C LEU A 79 -22.58 -15.10 -25.18
N THR A 80 -22.21 -15.15 -26.44
CA THR A 80 -21.27 -14.19 -26.97
C THR A 80 -21.93 -12.84 -27.19
N ASP A 81 -21.17 -11.75 -27.05
CA ASP A 81 -21.70 -10.40 -27.23
C ASP A 81 -21.52 -9.88 -28.65
N SER A 82 -21.59 -8.60 -28.87
CA SER A 82 -21.39 -8.09 -30.23
C SER A 82 -19.96 -8.35 -30.68
N LYS A 83 -19.03 -8.26 -29.75
CA LYS A 83 -17.63 -8.50 -29.99
C LYS A 83 -17.23 -9.96 -30.04
N GLY A 84 -18.14 -10.85 -29.71
CA GLY A 84 -17.82 -12.25 -29.70
C GLY A 84 -17.25 -12.74 -28.39
N LYS A 85 -17.25 -11.90 -27.38
CA LYS A 85 -16.79 -12.32 -26.09
C LYS A 85 -17.98 -12.91 -25.31
N LYS A 86 -17.78 -14.05 -24.69
CA LYS A 86 -18.80 -14.69 -23.88
C LYS A 86 -19.01 -13.90 -22.66
N GLN A 87 -20.26 -13.76 -22.31
CA GLN A 87 -20.67 -13.07 -21.12
C GLN A 87 -21.80 -13.89 -20.49
N THR A 88 -21.99 -13.78 -19.19
CA THR A 88 -23.16 -14.42 -18.53
C THR A 88 -24.07 -13.36 -18.10
N VAL A 89 -25.35 -13.55 -18.40
CA VAL A 89 -26.36 -12.59 -18.06
C VAL A 89 -27.56 -13.19 -17.31
N ASN A 90 -28.15 -12.34 -16.51
CA ASN A 90 -29.34 -12.64 -15.75
C ASN A 90 -30.54 -12.46 -16.67
N ILE A 91 -31.23 -13.53 -17.05
CA ILE A 91 -32.32 -13.44 -18.06
C ILE A 91 -33.54 -12.69 -17.59
N SER A 92 -33.67 -12.51 -16.28
CA SER A 92 -34.68 -11.67 -15.69
C SER A 92 -34.50 -10.16 -15.96
N LYS A 93 -33.35 -9.81 -16.49
CA LYS A 93 -33.14 -8.40 -16.88
C LYS A 93 -33.42 -8.20 -18.38
N SER A 94 -34.06 -9.15 -19.03
CA SER A 94 -34.24 -9.09 -20.45
C SER A 94 -35.20 -7.89 -20.74
N LYS A 95 -35.23 -7.44 -21.96
CA LYS A 95 -36.06 -6.25 -22.30
C LYS A 95 -37.55 -6.58 -22.17
N LYS A 96 -37.95 -7.76 -22.62
CA LYS A 96 -39.33 -8.19 -22.48
C LYS A 96 -39.37 -9.58 -21.77
N ILE A 97 -40.18 -9.62 -20.74
CA ILE A 97 -40.52 -10.88 -20.06
C ILE A 97 -42.02 -11.11 -20.11
N GLU A 98 -42.39 -12.26 -20.60
CA GLU A 98 -43.82 -12.59 -20.83
C GLU A 98 -44.15 -13.80 -19.98
N VAL A 99 -45.09 -13.66 -19.08
CA VAL A 99 -45.41 -14.73 -18.19
C VAL A 99 -46.89 -14.89 -18.22
N SER A 100 -47.35 -16.04 -18.68
CA SER A 100 -48.77 -16.26 -18.71
C SER A 100 -49.21 -17.69 -18.50
N LYS A 101 -50.35 -17.75 -17.83
CA LYS A 101 -50.99 -19.01 -17.50
C LYS A 101 -51.72 -19.53 -18.66
N THR A 102 -51.21 -20.58 -19.26
CA THR A 102 -51.63 -21.08 -20.55
C THR A 102 -52.48 -22.40 -20.50
N ALA A 103 -52.63 -22.97 -19.30
CA ALA A 103 -53.50 -24.11 -19.00
C ALA A 103 -53.71 -24.06 -17.49
N LYS A 104 -54.64 -24.84 -16.99
CA LYS A 104 -54.98 -24.87 -15.55
C LYS A 104 -53.67 -24.94 -14.76
N ASN A 105 -52.81 -25.81 -15.25
CA ASN A 105 -51.54 -26.18 -14.50
C ASN A 105 -50.29 -25.96 -15.30
N THR A 106 -50.37 -25.05 -16.26
CA THR A 106 -49.17 -24.63 -17.01
C THR A 106 -49.02 -23.13 -17.04
N VAL A 107 -47.79 -22.69 -16.70
CA VAL A 107 -47.34 -21.33 -16.93
C VAL A 107 -46.23 -21.34 -17.97
N SER A 108 -46.35 -20.44 -18.96
N SER A 108 -46.35 -20.48 -18.98
CA SER A 108 -45.42 -20.31 -20.05
CA SER A 108 -45.39 -20.35 -20.03
C SER A 108 -44.66 -18.99 -19.90
C SER A 108 -44.66 -19.02 -19.89
N LEU A 109 -43.34 -19.04 -20.02
CA LEU A 109 -42.52 -17.89 -19.85
C LEU A 109 -41.68 -17.65 -21.08
N LYS A 110 -41.48 -16.36 -21.36
CA LYS A 110 -40.64 -16.06 -22.45
C LYS A 110 -39.73 -14.88 -22.02
N PHE A 111 -38.45 -15.02 -22.33
CA PHE A 111 -37.43 -14.08 -21.96
C PHE A 111 -36.79 -13.58 -23.24
N ILE A 112 -36.95 -12.27 -23.49
CA ILE A 112 -36.78 -11.73 -24.85
C ILE A 112 -35.84 -10.53 -24.79
N ASP A 113 -34.79 -10.64 -25.58
CA ASP A 113 -33.76 -9.61 -25.70
C ASP A 113 -33.00 -9.33 -24.44
N PRO A 114 -32.16 -10.29 -24.03
CA PRO A 114 -31.36 -10.11 -22.83
C PRO A 114 -30.45 -8.90 -22.97
N VAL A 115 -30.11 -8.30 -21.86
CA VAL A 115 -29.22 -7.11 -21.81
C VAL A 115 -27.82 -7.43 -21.23
N PHE A 116 -26.76 -7.01 -21.91
CA PHE A 116 -25.38 -7.25 -21.48
C PHE A 116 -24.93 -6.31 -20.38
N GLU A 117 -23.72 -6.56 -19.82
CA GLU A 117 -23.13 -5.78 -18.69
C GLU A 117 -23.19 -4.29 -19.02
N ASP A 118 -22.86 -3.96 -20.27
CA ASP A 118 -22.73 -2.59 -20.78
C ASP A 118 -24.04 -1.94 -21.23
N GLY A 119 -25.20 -2.57 -20.96
CA GLY A 119 -26.49 -2.04 -21.39
C GLY A 119 -26.86 -2.23 -22.85
N SER A 120 -25.93 -2.66 -23.69
CA SER A 120 -26.29 -3.14 -25.01
C SER A 120 -27.27 -4.37 -24.96
N VAL A 121 -27.94 -4.67 -26.07
CA VAL A 121 -28.98 -5.66 -26.07
C VAL A 121 -28.59 -6.79 -26.99
N ALA A 122 -28.95 -8.04 -26.63
CA ALA A 122 -28.75 -9.18 -27.53
C ALA A 122 -30.01 -9.29 -28.33
N LYS A 123 -30.21 -8.43 -29.35
CA LYS A 123 -31.47 -8.42 -30.10
C LYS A 123 -31.62 -9.72 -30.87
N GLY A 124 -32.80 -10.31 -30.74
CA GLY A 124 -33.15 -11.54 -31.48
C GLY A 124 -32.91 -12.81 -30.65
N VAL A 125 -32.37 -12.62 -29.45
CA VAL A 125 -32.17 -13.79 -28.54
C VAL A 125 -33.40 -13.94 -27.70
N SER A 126 -33.84 -15.19 -27.52
CA SER A 126 -34.93 -15.43 -26.58
C SER A 126 -34.88 -16.88 -26.02
N ILE A 127 -35.51 -17.06 -24.89
CA ILE A 127 -35.52 -18.32 -24.17
C ILE A 127 -36.95 -18.47 -23.77
N ALA A 128 -37.54 -19.60 -24.09
CA ALA A 128 -38.92 -19.86 -23.62
C ALA A 128 -38.89 -21.13 -22.73
N THR A 129 -39.63 -21.03 -21.65
CA THR A 129 -39.72 -22.09 -20.65
C THR A 129 -41.18 -22.35 -20.29
N GLU A 130 -41.42 -23.49 -19.64
CA GLU A 130 -42.67 -23.82 -19.04
C GLU A 130 -42.56 -24.46 -17.69
N LEU A 131 -43.54 -24.17 -16.82
CA LEU A 131 -43.66 -24.67 -15.44
C LEU A 131 -44.98 -25.41 -15.46
N ARG A 132 -44.96 -26.72 -15.18
CA ARG A 132 -46.21 -27.56 -15.24
C ARG A 132 -46.39 -28.30 -13.98
N LEU A 133 -47.42 -27.92 -13.24
CA LEU A 133 -47.75 -28.53 -11.97
C LEU A 133 -48.58 -29.80 -12.16
N ASP A 134 -48.14 -30.95 -11.62
CA ASP A 134 -49.03 -32.14 -11.60
C ASP A 134 -50.34 -31.79 -10.94
N PRO A 135 -51.52 -32.24 -11.53
CA PRO A 135 -52.80 -31.83 -10.94
C PRO A 135 -52.99 -32.32 -9.53
N ASN A 136 -52.39 -33.46 -9.18
CA ASN A 136 -52.60 -34.06 -7.86
C ASN A 136 -51.35 -34.10 -6.92
N ASN A 137 -50.25 -34.47 -7.52
CA ASN A 137 -49.02 -34.76 -6.79
C ASN A 137 -48.10 -33.59 -6.62
N ALA A 138 -47.19 -33.69 -5.65
CA ALA A 138 -46.26 -32.59 -5.39
C ALA A 138 -45.11 -32.73 -6.36
N GLN A 139 -45.42 -32.50 -7.61
CA GLN A 139 -44.49 -32.60 -8.68
C GLN A 139 -44.59 -31.41 -9.64
N LEU A 140 -43.45 -30.86 -10.04
CA LEU A 140 -43.35 -29.70 -10.93
C LEU A 140 -42.37 -29.98 -12.02
N ASP A 141 -42.83 -30.05 -13.24
CA ASP A 141 -41.97 -30.15 -14.41
C ASP A 141 -41.55 -28.73 -14.89
N VAL A 142 -40.26 -28.58 -15.10
CA VAL A 142 -39.63 -27.37 -15.58
C VAL A 142 -38.88 -27.66 -16.83
N GLU A 143 -39.21 -26.93 -17.95
CA GLU A 143 -38.66 -27.27 -19.15
C GLU A 143 -38.27 -25.99 -19.97
N VAL A 144 -37.12 -26.03 -20.58
CA VAL A 144 -36.68 -25.00 -21.50
C VAL A 144 -37.13 -25.50 -22.89
N THR A 145 -38.22 -24.85 -23.41
CA THR A 145 -38.81 -25.40 -24.62
C THR A 145 -38.28 -24.79 -25.94
N GLU A 146 -37.76 -23.60 -25.89
CA GLU A 146 -37.23 -23.01 -27.08
C GLU A 146 -36.14 -21.99 -26.80
N HIS A 147 -35.14 -21.90 -27.65
CA HIS A 147 -34.19 -20.84 -27.56
C HIS A 147 -33.90 -20.37 -29.01
N ARG A 148 -33.73 -19.06 -29.16
CA ARG A 148 -33.34 -18.44 -30.41
C ARG A 148 -32.10 -17.60 -30.14
N SER A 149 -31.13 -17.68 -31.04
N SER A 149 -31.13 -17.68 -31.04
CA SER A 149 -29.81 -17.06 -30.88
CA SER A 149 -29.81 -17.06 -30.85
C SER A 149 -29.58 -15.75 -31.66
C SER A 149 -29.54 -15.79 -31.69
N GLY A 150 -30.37 -15.51 -32.70
CA GLY A 150 -30.14 -14.32 -33.54
C GLY A 150 -28.74 -14.43 -34.11
N ASN A 151 -27.99 -13.35 -34.06
CA ASN A 151 -26.60 -13.29 -34.55
C ASN A 151 -25.57 -13.63 -33.49
N PHE A 152 -26.04 -14.15 -32.36
CA PHE A 152 -25.15 -14.43 -31.24
C PHE A 152 -25.08 -15.93 -31.13
N THR A 153 -24.18 -16.37 -30.26
CA THR A 153 -24.03 -17.83 -30.03
C THR A 153 -24.33 -18.10 -28.55
N LEU A 154 -25.24 -19.04 -28.30
CA LEU A 154 -25.63 -19.35 -26.94
C LEU A 154 -24.89 -20.60 -26.46
N TYR A 155 -24.52 -20.56 -25.18
CA TYR A 155 -23.74 -21.66 -24.51
C TYR A 155 -24.55 -22.17 -23.32
N ASP A 156 -24.14 -21.92 -22.10
CA ASP A 156 -24.73 -22.53 -20.98
C ASP A 156 -25.97 -21.78 -20.59
N LEU A 157 -27.00 -22.47 -20.17
CA LEU A 157 -28.12 -21.89 -19.46
C LEU A 157 -28.41 -22.61 -18.11
N ARG A 158 -28.19 -21.92 -17.03
CA ARG A 158 -28.64 -22.34 -15.68
C ARG A 158 -30.13 -21.96 -15.45
N TYR A 159 -30.98 -22.97 -15.39
CA TYR A 159 -32.39 -22.71 -15.32
C TYR A 159 -33.06 -23.92 -14.68
N PRO A 160 -33.73 -23.76 -13.55
CA PRO A 160 -33.86 -22.54 -12.81
C PRO A 160 -32.52 -22.22 -12.12
N ALA A 161 -32.20 -20.97 -11.98
CA ALA A 161 -30.98 -20.47 -11.37
C ALA A 161 -31.09 -20.30 -9.90
N ARG A 162 -30.12 -20.93 -9.21
CA ARG A 162 -29.98 -20.80 -7.73
C ARG A 162 -31.27 -21.00 -6.98
N ALA A 163 -31.95 -22.07 -7.42
CA ALA A 163 -33.25 -22.44 -6.92
C ALA A 163 -33.12 -23.52 -5.87
N PHE A 164 -34.17 -23.70 -5.09
CA PHE A 164 -34.23 -24.74 -4.07
C PHE A 164 -33.03 -24.66 -3.09
N SER A 165 -32.59 -23.46 -2.75
CA SER A 165 -31.41 -23.28 -1.90
C SER A 165 -31.69 -23.49 -0.46
N LEU A 166 -30.63 -23.82 0.26
CA LEU A 166 -30.59 -23.91 1.66
C LEU A 166 -29.78 -22.74 2.17
N LYS A 167 -30.22 -22.11 3.24
CA LYS A 167 -29.47 -21.04 3.85
C LYS A 167 -28.51 -21.56 4.87
N THR A 168 -27.19 -21.32 4.63
CA THR A 168 -26.17 -21.85 5.48
C THR A 168 -26.33 -21.47 6.92
N ASP A 169 -26.25 -22.43 7.82
CA ASP A 169 -26.35 -22.26 9.24
C ASP A 169 -27.75 -21.81 9.73
N GLU A 170 -28.73 -21.89 8.85
CA GLU A 170 -30.12 -21.66 9.24
C GLU A 170 -30.92 -22.89 8.91
N ASP A 171 -30.91 -23.32 7.66
CA ASP A 171 -31.38 -24.67 7.32
C ASP A 171 -30.41 -25.73 7.84
N LYS A 172 -30.92 -26.74 8.50
CA LYS A 172 -30.11 -27.90 8.95
C LYS A 172 -30.47 -29.07 8.05
N GLY A 173 -29.71 -29.25 6.98
CA GLY A 173 -29.95 -30.19 6.00
C GLY A 173 -28.74 -30.35 5.14
N ALA A 174 -28.98 -30.70 3.89
CA ALA A 174 -27.89 -31.03 2.94
C ALA A 174 -28.27 -30.94 1.52
N ALA A 175 -27.30 -30.70 0.66
CA ALA A 175 -27.37 -31.05 -0.74
C ALA A 175 -27.09 -32.52 -0.92
N VAL A 176 -27.77 -33.14 -1.87
CA VAL A 176 -27.70 -34.56 -2.15
C VAL A 176 -27.29 -34.75 -3.59
N ILE A 177 -26.10 -35.42 -3.77
CA ILE A 177 -25.46 -35.45 -5.06
C ILE A 177 -25.02 -36.88 -5.32
N PRO A 178 -25.56 -37.56 -6.35
CA PRO A 178 -25.10 -38.90 -6.67
C PRO A 178 -23.81 -38.99 -7.41
N GLN A 179 -22.77 -38.47 -6.76
CA GLN A 179 -21.42 -38.49 -7.21
C GLN A 179 -20.82 -39.82 -6.97
N LYS A 180 -20.66 -40.59 -8.02
CA LYS A 180 -20.32 -42.03 -7.91
C LYS A 180 -21.29 -42.72 -6.97
N GLN A 181 -20.89 -43.40 -5.87
CA GLN A 181 -21.83 -43.98 -4.96
C GLN A 181 -22.75 -42.99 -4.25
N GLY A 182 -22.25 -41.77 -4.07
CA GLY A 182 -23.03 -40.68 -3.61
C GLY A 182 -22.52 -39.94 -2.41
N VAL A 183 -22.89 -38.68 -2.31
CA VAL A 183 -22.54 -37.87 -1.15
C VAL A 183 -23.66 -36.94 -0.72
N ILE A 184 -23.61 -36.48 0.54
CA ILE A 184 -24.40 -35.37 0.96
C ILE A 184 -23.43 -34.25 1.39
N CYS A 185 -23.92 -33.01 1.30
CA CYS A 185 -23.12 -31.82 1.64
C CYS A 185 -23.91 -30.99 2.63
N PRO A 186 -23.61 -31.12 3.94
CA PRO A 186 -24.43 -30.44 4.91
C PRO A 186 -24.43 -28.89 4.72
N SER A 187 -25.57 -28.26 5.00
CA SER A 187 -25.78 -26.82 4.85
C SER A 187 -25.49 -26.01 6.12
N TYR A 188 -24.62 -26.50 6.96
CA TYR A 188 -24.29 -25.87 8.26
C TYR A 188 -22.97 -26.44 8.76
N ILE A 189 -22.30 -25.70 9.64
CA ILE A 189 -21.08 -26.21 10.26
C ILE A 189 -21.42 -27.04 11.48
N PHE A 190 -20.68 -28.11 11.71
CA PHE A 190 -20.95 -29.10 12.72
C PHE A 190 -19.61 -29.57 13.32
N PRO A 191 -19.60 -30.23 14.48
CA PRO A 191 -18.36 -30.74 15.01
C PRO A 191 -17.74 -31.88 14.18
N MET A 192 -16.41 -31.87 14.04
CA MET A 192 -15.69 -32.93 13.44
C MET A 192 -14.22 -32.78 13.85
N ASN A 193 -13.42 -33.73 13.44
CA ASN A 193 -11.95 -33.61 13.73
C ASN A 193 -11.46 -32.23 13.31
N GLY A 194 -10.54 -31.66 14.10
CA GLY A 194 -10.07 -30.31 13.85
C GLY A 194 -9.43 -30.10 12.47
N GLY A 195 -8.65 -31.07 12.04
CA GLY A 195 -7.98 -30.97 10.70
C GLY A 195 -9.03 -30.99 9.60
N ARG A 196 -9.99 -31.92 9.72
CA ARG A 196 -11.09 -31.98 8.74
C ARG A 196 -11.84 -30.70 8.78
N PHE A 197 -12.11 -30.16 9.97
CA PHE A 197 -12.90 -28.94 10.15
C PHE A 197 -12.30 -27.73 9.46
N CYS A 198 -10.98 -27.57 9.59
CA CYS A 198 -10.31 -26.51 8.93
C CYS A 198 -10.49 -26.62 7.41
N LYS A 199 -10.22 -27.79 6.87
CA LYS A 199 -10.39 -28.01 5.41
C LYS A 199 -11.81 -27.77 4.96
N TRP A 200 -12.74 -28.25 5.74
CA TRP A 200 -14.21 -28.15 5.43
C TRP A 200 -14.63 -26.69 5.35
N ASP A 201 -14.42 -25.97 6.45
CA ASP A 201 -14.86 -24.58 6.51
C ASP A 201 -14.17 -23.71 5.53
N ASP A 202 -12.85 -23.93 5.41
CA ASP A 202 -12.14 -23.16 4.42
C ASP A 202 -12.62 -23.34 2.98
N ALA A 203 -12.98 -24.57 2.63
CA ALA A 203 -13.45 -24.84 1.29
C ALA A 203 -14.76 -24.12 0.98
N THR A 204 -15.57 -23.86 1.99
CA THR A 204 -16.83 -23.10 1.80
C THR A 204 -16.62 -21.64 1.43
N TYR A 205 -15.39 -21.16 1.65
CA TYR A 205 -15.00 -19.77 1.30
C TYR A 205 -14.03 -19.66 0.13
N ASN A 206 -13.78 -20.72 -0.62
CA ASN A 206 -13.00 -20.57 -1.80
C ASN A 206 -13.57 -21.42 -2.89
N ASN A 207 -12.83 -21.55 -4.00
CA ASN A 207 -13.37 -22.17 -5.17
C ASN A 207 -13.58 -23.68 -5.09
N LYS A 208 -13.17 -24.27 -4.00
CA LYS A 208 -13.43 -25.69 -3.82
C LYS A 208 -14.94 -25.98 -3.69
N SER A 209 -15.71 -25.00 -3.27
CA SER A 209 -17.13 -25.21 -3.04
C SER A 209 -18.05 -24.81 -4.21
N GLN A 210 -17.49 -24.53 -5.37
CA GLN A 210 -18.29 -24.19 -6.53
C GLN A 210 -17.70 -24.82 -7.77
N GLY A 211 -18.58 -25.17 -8.69
CA GLY A 211 -18.16 -25.81 -9.89
C GLY A 211 -19.25 -26.65 -10.54
N SER A 212 -18.89 -27.55 -11.42
CA SER A 212 -19.93 -28.39 -12.06
C SER A 212 -19.41 -29.81 -12.22
N LEU A 213 -20.33 -30.72 -12.35
CA LEU A 213 -20.10 -32.16 -12.62
C LEU A 213 -20.99 -32.61 -13.79
N GLU A 214 -20.58 -33.68 -14.42
CA GLU A 214 -21.29 -34.28 -15.57
C GLU A 214 -21.93 -35.58 -15.20
N LEU A 215 -22.91 -35.96 -16.00
CA LEU A 215 -23.56 -37.26 -15.86
C LEU A 215 -22.91 -38.38 -16.57
N PHE A 216 -22.89 -39.53 -15.88
CA PHE A 216 -22.56 -40.84 -16.34
C PHE A 216 -21.19 -41.02 -16.84
N ASN A 217 -20.24 -40.53 -16.02
CA ASN A 217 -18.85 -40.87 -16.21
C ASN A 217 -18.31 -41.63 -14.98
N ASN A 218 -17.13 -42.21 -15.22
CA ASN A 218 -16.35 -42.96 -14.15
C ASN A 218 -15.36 -42.09 -13.46
N GLY A 219 -15.35 -40.77 -13.71
CA GLY A 219 -14.44 -39.85 -13.05
C GLY A 219 -15.15 -39.18 -11.92
N THR A 220 -15.24 -37.85 -11.99
CA THR A 220 -15.81 -37.03 -10.91
C THR A 220 -17.32 -36.88 -10.90
N GLY A 221 -17.97 -37.45 -11.88
CA GLY A 221 -19.38 -37.20 -12.16
C GLY A 221 -20.40 -38.02 -11.42
N LEU A 222 -21.64 -37.78 -11.84
CA LEU A 222 -22.85 -38.39 -11.31
C LEU A 222 -23.21 -39.68 -11.99
N THR A 223 -23.75 -40.59 -11.20
CA THR A 223 -24.15 -41.86 -11.70
C THR A 223 -25.68 -42.02 -11.75
N MET A 224 -26.40 -41.01 -11.35
CA MET A 224 -27.86 -41.02 -11.53
C MET A 224 -28.26 -39.59 -11.87
N PRO A 225 -29.31 -39.47 -12.71
CA PRO A 225 -29.70 -38.19 -13.23
C PRO A 225 -30.58 -37.43 -12.34
N TRP A 226 -30.17 -37.21 -11.08
CA TRP A 226 -30.97 -36.47 -10.13
C TRP A 226 -30.08 -35.87 -9.08
N TRP A 227 -30.61 -34.89 -8.42
CA TRP A 227 -29.94 -34.30 -7.27
C TRP A 227 -30.96 -33.53 -6.46
N GLY A 228 -30.64 -33.09 -5.26
CA GLY A 228 -31.63 -32.39 -4.44
C GLY A 228 -31.15 -31.76 -3.20
N THR A 229 -32.05 -31.09 -2.48
CA THR A 229 -31.71 -30.42 -1.25
C THR A 229 -32.81 -30.77 -0.20
N TYR A 230 -32.45 -30.79 1.10
CA TYR A 230 -33.38 -30.94 2.16
C TYR A 230 -33.00 -30.23 3.38
N ASN A 231 -34.00 -29.84 4.17
CA ASN A 231 -33.84 -29.37 5.53
C ASN A 231 -34.70 -30.24 6.49
N GLU A 232 -34.86 -29.80 7.73
CA GLU A 232 -35.55 -30.59 8.72
C GLU A 232 -37.05 -30.67 8.48
N LYS A 233 -37.56 -29.83 7.61
CA LYS A 233 -38.99 -29.85 7.21
C LYS A 233 -39.32 -30.53 5.93
N SER A 234 -38.49 -30.38 4.88
CA SER A 234 -38.88 -30.83 3.58
C SER A 234 -37.71 -31.13 2.67
N ALA A 235 -37.94 -31.87 1.58
CA ALA A 235 -36.93 -32.27 0.60
C ALA A 235 -37.45 -31.99 -0.78
N VAL A 236 -36.57 -31.57 -1.67
CA VAL A 236 -36.86 -31.52 -3.09
C VAL A 236 -35.77 -32.19 -3.86
N MET A 237 -36.13 -32.92 -4.90
N MET A 237 -36.13 -32.88 -4.93
CA MET A 237 -35.15 -33.44 -5.82
CA MET A 237 -35.17 -33.45 -5.81
C MET A 237 -35.63 -33.09 -7.22
C MET A 237 -35.64 -33.31 -7.26
N GLY A 238 -34.69 -33.10 -8.16
CA GLY A 238 -34.98 -32.99 -9.57
C GLY A 238 -34.46 -34.13 -10.34
N ILE A 239 -35.31 -34.79 -11.17
CA ILE A 239 -34.86 -35.78 -12.10
C ILE A 239 -34.82 -35.29 -13.53
N VAL A 240 -33.69 -35.49 -14.15
CA VAL A 240 -33.41 -34.98 -15.47
C VAL A 240 -34.09 -35.94 -16.50
N ASP A 241 -34.71 -35.36 -17.55
CA ASP A 241 -35.25 -36.20 -18.64
C ASP A 241 -34.22 -37.13 -19.21
N VAL A 242 -34.64 -38.34 -19.52
CA VAL A 242 -33.82 -39.36 -20.09
C VAL A 242 -33.10 -38.97 -21.32
N SER A 243 -33.68 -38.01 -22.07
CA SER A 243 -33.02 -37.61 -23.34
C SER A 243 -31.97 -36.54 -23.24
N ALA A 244 -31.75 -35.97 -22.04
CA ALA A 244 -30.89 -34.79 -21.92
C ALA A 244 -29.62 -35.08 -21.12
N ARG A 245 -28.61 -34.30 -21.39
CA ARG A 245 -27.30 -34.29 -20.67
C ARG A 245 -26.88 -32.91 -20.18
N PRO A 246 -27.66 -32.36 -19.29
CA PRO A 246 -27.22 -31.14 -18.59
C PRO A 246 -26.01 -31.54 -17.71
N HIS A 247 -25.27 -30.52 -17.35
CA HIS A 247 -24.29 -30.62 -16.28
C HIS A 247 -24.99 -30.17 -15.05
N MET A 248 -24.36 -30.37 -13.87
CA MET A 248 -24.90 -29.88 -12.65
C MET A 248 -23.92 -28.93 -11.96
N GLN A 249 -24.36 -27.73 -11.63
CA GLN A 249 -23.57 -26.73 -10.93
C GLN A 249 -23.84 -26.93 -9.47
N TYR A 250 -22.78 -26.82 -8.68
CA TYR A 250 -22.86 -26.82 -7.25
C TYR A 250 -22.33 -25.57 -6.61
N ASN A 251 -22.88 -25.27 -5.47
CA ASN A 251 -22.47 -24.18 -4.63
C ASN A 251 -22.70 -24.59 -3.19
N ILE A 252 -21.61 -24.98 -2.48
CA ILE A 252 -21.75 -25.58 -1.18
C ILE A 252 -21.39 -24.64 -0.04
N ASN A 253 -22.37 -23.86 0.44
CA ASN A 253 -22.18 -22.87 1.51
C ASN A 253 -21.34 -21.68 1.11
N ASN A 254 -21.17 -21.43 -0.17
CA ASN A 254 -20.33 -20.36 -0.70
C ASN A 254 -21.24 -19.16 -0.86
N ASN A 255 -20.70 -17.99 -0.47
CA ASN A 255 -21.43 -16.71 -0.65
C ASN A 255 -21.25 -16.06 -1.99
N GLY A 256 -20.68 -16.71 -2.98
CA GLY A 256 -20.57 -16.11 -4.26
C GLY A 256 -19.32 -15.24 -4.46
N GLN A 257 -18.37 -15.31 -3.54
CA GLN A 257 -17.13 -14.55 -3.66
C GLN A 257 -16.43 -14.78 -5.01
N TYR A 258 -16.50 -16.01 -5.54
CA TYR A 258 -15.94 -16.28 -6.88
C TYR A 258 -16.43 -15.35 -7.97
N LEU A 259 -17.61 -14.79 -7.80
CA LEU A 259 -18.22 -13.90 -8.81
C LEU A 259 -17.53 -12.50 -8.79
N PHE A 260 -16.84 -12.19 -7.72
CA PHE A 260 -16.35 -10.82 -7.42
C PHE A 260 -14.83 -10.72 -7.35
N ASN A 261 -14.12 -11.84 -7.39
CA ASN A 261 -12.69 -11.79 -7.20
C ASN A 261 -12.00 -11.00 -8.28
N ALA A 262 -12.44 -11.18 -9.51
CA ALA A 262 -11.83 -10.42 -10.66
C ALA A 262 -12.07 -8.90 -10.51
N LYS A 263 -13.18 -8.50 -9.92
CA LYS A 263 -13.51 -7.10 -9.66
C LYS A 263 -12.83 -6.57 -8.40
N GLY A 264 -12.23 -7.46 -7.62
CA GLY A 264 -11.53 -7.08 -6.39
C GLY A 264 -12.44 -6.43 -5.38
N VAL A 265 -13.68 -6.96 -5.22
CA VAL A 265 -14.60 -6.53 -4.19
C VAL A 265 -15.10 -7.74 -3.37
N MET A 266 -15.68 -7.46 -2.23
CA MET A 266 -16.25 -8.46 -1.36
C MET A 266 -17.65 -8.82 -1.82
N SER A 267 -18.00 -10.10 -1.71
CA SER A 267 -19.35 -10.49 -2.03
C SER A 267 -20.36 -9.86 -1.12
N PRO A 268 -21.47 -9.34 -1.73
CA PRO A 268 -22.58 -8.88 -0.90
C PRO A 268 -23.64 -9.91 -0.58
N TYR A 269 -23.43 -11.17 -0.97
CA TYR A 269 -24.44 -12.20 -0.92
C TYR A 269 -24.22 -13.07 0.26
N GLN A 270 -25.24 -13.81 0.59
CA GLN A 270 -25.21 -14.70 1.71
C GLN A 270 -24.79 -16.15 1.31
N ARG A 271 -24.19 -16.81 2.28
CA ARG A 271 -23.77 -18.23 2.16
C ARG A 271 -25.03 -19.10 2.02
N ILE A 272 -25.09 -19.87 0.92
CA ILE A 272 -26.22 -20.71 0.65
C ILE A 272 -25.69 -22.01 0.00
N VAL A 273 -26.59 -23.00 -0.11
CA VAL A 273 -26.33 -24.19 -0.83
C VAL A 273 -27.29 -24.24 -2.00
N PHE A 274 -26.80 -24.53 -3.20
CA PHE A 274 -27.70 -24.82 -4.31
C PHE A 274 -27.03 -25.76 -5.27
N LEU A 275 -27.87 -26.43 -6.06
CA LEU A 275 -27.51 -27.32 -7.15
C LEU A 275 -28.38 -26.88 -8.36
N ASP A 276 -27.77 -26.53 -9.48
CA ASP A 276 -28.55 -26.08 -10.69
C ASP A 276 -28.28 -26.97 -11.85
N PRO A 277 -29.30 -27.19 -12.70
CA PRO A 277 -29.00 -27.77 -14.02
C PRO A 277 -28.33 -26.73 -14.94
N ILE A 278 -27.38 -27.17 -15.73
CA ILE A 278 -26.68 -26.42 -16.77
C ILE A 278 -27.04 -27.09 -18.07
N TRP A 279 -27.96 -26.44 -18.82
CA TRP A 279 -28.31 -26.89 -20.17
C TRP A 279 -27.31 -26.38 -21.20
N LYS A 280 -26.72 -27.24 -21.98
CA LYS A 280 -25.64 -26.90 -22.88
C LYS A 280 -26.31 -26.56 -24.23
N LEU A 281 -26.69 -25.33 -24.38
CA LEU A 281 -27.58 -24.97 -25.51
C LEU A 281 -26.88 -25.12 -26.84
N ASP A 282 -25.56 -25.05 -26.84
CA ASP A 282 -24.76 -25.29 -28.05
C ASP A 282 -24.70 -26.77 -28.46
N GLN A 283 -25.16 -27.70 -27.63
CA GLN A 283 -25.02 -29.10 -28.02
C GLN A 283 -26.24 -29.97 -27.74
N GLU A 284 -27.10 -29.53 -26.86
CA GLU A 284 -28.16 -30.37 -26.40
C GLU A 284 -29.27 -30.49 -27.46
N LYS A 285 -29.58 -31.72 -27.85
CA LYS A 285 -30.67 -31.99 -28.80
C LYS A 285 -31.82 -32.62 -28.09
N GLY A 286 -31.66 -33.02 -26.82
CA GLY A 286 -32.81 -33.61 -26.17
C GLY A 286 -33.76 -32.62 -25.55
N LYS A 287 -34.75 -33.12 -24.83
CA LYS A 287 -35.71 -32.31 -24.15
C LYS A 287 -35.14 -31.83 -22.84
N MET A 288 -35.15 -30.51 -22.69
CA MET A 288 -34.48 -29.82 -21.59
C MET A 288 -35.45 -29.69 -20.45
N ARG A 289 -35.80 -30.85 -19.86
CA ARG A 289 -36.78 -30.92 -18.83
C ARG A 289 -36.16 -31.57 -17.54
N ILE A 290 -36.50 -30.99 -16.44
CA ILE A 290 -36.27 -31.54 -15.13
C ILE A 290 -37.55 -31.60 -14.37
N SER A 291 -37.74 -32.72 -13.67
CA SER A 291 -38.93 -32.94 -12.92
C SER A 291 -38.67 -32.87 -11.45
N TYR A 292 -39.22 -31.88 -10.80
CA TYR A 292 -39.05 -31.69 -9.41
C TYR A 292 -40.07 -32.43 -8.57
N HIS A 293 -39.59 -33.18 -7.56
CA HIS A 293 -40.45 -33.96 -6.69
C HIS A 293 -40.24 -33.48 -5.24
N PHE A 294 -41.34 -33.14 -4.55
CA PHE A 294 -41.34 -32.50 -3.28
C PHE A 294 -41.85 -33.47 -2.18
N ILE A 295 -41.05 -33.65 -1.11
CA ILE A 295 -41.29 -34.70 -0.13
C ILE A 295 -41.27 -34.10 1.25
N PRO A 296 -42.46 -33.90 1.89
CA PRO A 296 -42.47 -33.40 3.25
C PRO A 296 -41.77 -34.38 4.19
N GLY A 297 -40.94 -33.83 5.04
CA GLY A 297 -40.17 -34.62 6.02
C GLY A 297 -39.07 -35.50 5.40
N GLY A 298 -38.84 -35.33 4.12
CA GLY A 298 -37.89 -36.23 3.38
C GLY A 298 -36.42 -35.88 3.53
N ASP A 299 -35.60 -36.88 3.18
CA ASP A 299 -34.19 -36.63 3.03
C ASP A 299 -33.66 -37.46 1.91
N TYR A 300 -32.33 -37.64 1.87
CA TYR A 300 -31.71 -38.36 0.76
C TYR A 300 -32.26 -39.78 0.54
N VAL A 301 -32.73 -40.44 1.58
CA VAL A 301 -33.25 -41.82 1.45
C VAL A 301 -34.55 -41.67 0.65
N ASP A 302 -35.40 -40.77 1.09
CA ASP A 302 -36.72 -40.63 0.34
C ASP A 302 -36.49 -40.24 -1.11
N MET A 303 -35.50 -39.39 -1.35
CA MET A 303 -35.16 -39.09 -2.73
C MET A 303 -34.71 -40.25 -3.56
N ALA A 304 -33.81 -41.09 -3.01
CA ALA A 304 -33.37 -42.29 -3.68
C ALA A 304 -34.56 -43.22 -4.03
N LYS A 305 -35.52 -43.31 -3.16
CA LYS A 305 -36.66 -44.18 -3.39
C LYS A 305 -37.64 -43.66 -4.48
N VAL A 306 -37.73 -42.34 -4.56
CA VAL A 306 -38.46 -41.70 -5.70
C VAL A 306 -37.76 -42.10 -6.98
N TYR A 307 -36.44 -41.89 -7.05
CA TYR A 307 -35.73 -42.28 -8.23
C TYR A 307 -35.86 -43.74 -8.57
N GLN A 308 -35.85 -44.57 -7.54
CA GLN A 308 -35.87 -46.01 -7.76
C GLN A 308 -37.11 -46.37 -8.70
N LYS A 309 -38.21 -45.74 -8.41
CA LYS A 309 -39.48 -45.94 -9.28
C LYS A 309 -39.20 -45.60 -10.72
N GLU A 310 -38.51 -44.47 -10.94
CA GLU A 310 -38.09 -44.04 -12.27
C GLU A 310 -37.08 -44.92 -12.93
N ALA A 311 -36.07 -45.44 -12.15
CA ALA A 311 -35.15 -46.42 -12.65
C ALA A 311 -35.79 -47.70 -13.21
N LYS A 312 -36.79 -48.14 -12.50
CA LYS A 312 -37.54 -49.30 -12.90
C LYS A 312 -38.33 -48.96 -14.20
N ALA A 313 -38.91 -47.80 -14.23
CA ALA A 313 -39.59 -47.37 -15.47
C ALA A 313 -38.71 -47.27 -16.64
N ARG A 314 -37.45 -46.88 -16.48
CA ARG A 314 -36.46 -46.78 -17.55
C ARG A 314 -35.84 -48.07 -18.02
N GLY A 315 -36.09 -49.14 -17.32
CA GLY A 315 -35.63 -50.44 -17.75
C GLY A 315 -34.26 -50.90 -17.15
N HIS A 316 -33.69 -50.05 -16.29
CA HIS A 316 -32.35 -50.34 -15.74
C HIS A 316 -32.40 -51.38 -14.66
N PHE A 317 -33.54 -51.54 -14.00
CA PHE A 317 -33.66 -52.39 -12.82
C PHE A 317 -34.01 -53.82 -13.10
N VAL A 318 -32.99 -54.64 -13.20
CA VAL A 318 -33.14 -56.06 -13.34
C VAL A 318 -32.56 -56.66 -12.04
N SER A 319 -33.44 -57.30 -11.29
CA SER A 319 -33.02 -57.73 -9.96
C SER A 319 -31.99 -58.84 -9.94
N LEU A 320 -31.25 -58.88 -8.81
CA LEU A 320 -30.37 -60.01 -8.57
C LEU A 320 -31.16 -61.32 -8.40
N GLN A 321 -32.36 -61.24 -7.90
CA GLN A 321 -33.21 -62.41 -7.75
C GLN A 321 -33.52 -62.98 -9.16
N GLU A 322 -33.85 -62.10 -10.10
CA GLU A 322 -34.10 -62.55 -11.48
C GLU A 322 -32.88 -63.09 -12.11
N LYS A 323 -31.74 -62.43 -11.85
CA LYS A 323 -30.50 -62.92 -12.32
C LYS A 323 -30.11 -64.32 -11.81
N LEU A 324 -30.42 -64.58 -10.54
CA LEU A 324 -30.17 -65.86 -9.88
C LEU A 324 -31.09 -66.96 -10.50
N LYS A 325 -32.31 -66.56 -10.76
CA LYS A 325 -33.28 -67.53 -11.44
C LYS A 325 -32.70 -67.94 -12.81
N ARG A 326 -32.16 -66.99 -13.55
CA ARG A 326 -31.53 -67.28 -14.81
C ARG A 326 -30.23 -68.08 -14.65
N ASN A 327 -29.47 -67.80 -13.60
CA ASN A 327 -28.16 -68.42 -13.41
C ASN A 327 -27.90 -68.72 -11.94
N PRO A 328 -28.11 -69.99 -11.55
CA PRO A 328 -27.93 -70.38 -10.16
C PRO A 328 -26.51 -70.10 -9.58
N ASN A 329 -25.50 -70.04 -10.45
CA ASN A 329 -24.18 -69.71 -10.04
C ASN A 329 -24.05 -68.26 -9.46
N VAL A 330 -25.01 -67.38 -9.65
CA VAL A 330 -25.07 -66.09 -8.94
C VAL A 330 -24.95 -66.25 -7.41
N ASN A 331 -25.37 -67.39 -6.88
CA ASN A 331 -25.27 -67.64 -5.47
C ASN A 331 -23.90 -67.96 -4.99
N LYS A 332 -22.91 -67.94 -5.83
CA LYS A 332 -21.51 -67.99 -5.42
C LYS A 332 -20.99 -66.59 -5.01
N LEU A 333 -21.75 -65.54 -5.25
CA LEU A 333 -21.32 -64.17 -4.93
C LEU A 333 -21.56 -63.75 -3.47
N PRO A 334 -22.73 -64.09 -2.87
CA PRO A 334 -23.00 -63.64 -1.52
C PRO A 334 -21.95 -64.27 -0.49
N GLY A 335 -21.30 -63.38 0.25
CA GLY A 335 -20.24 -63.72 1.11
C GLY A 335 -18.88 -63.89 0.46
N ALA A 336 -18.78 -63.63 -0.84
CA ALA A 336 -17.51 -63.81 -1.54
C ALA A 336 -16.61 -62.55 -1.41
N ILE A 337 -15.35 -62.81 -1.14
CA ILE A 337 -14.29 -61.80 -1.31
C ILE A 337 -13.90 -61.77 -2.75
N TYR A 338 -13.81 -60.54 -3.31
CA TYR A 338 -13.24 -60.30 -4.65
C TYR A 338 -11.75 -60.16 -4.52
N PHE A 339 -10.99 -61.09 -5.09
CA PHE A 339 -9.57 -61.06 -5.05
C PHE A 339 -9.07 -60.77 -6.46
N GLY A 340 -8.27 -59.72 -6.60
CA GLY A 340 -7.56 -59.47 -7.84
C GLY A 340 -6.12 -59.71 -7.69
N ILE A 341 -5.57 -60.66 -8.42
CA ILE A 341 -4.18 -61.01 -8.36
C ILE A 341 -3.55 -60.26 -9.54
N TYR A 342 -2.82 -59.18 -9.24
CA TYR A 342 -2.38 -58.23 -10.28
C TYR A 342 -0.98 -58.55 -10.72
N GLY A 343 -0.85 -59.15 -11.92
CA GLY A 343 0.42 -59.62 -12.40
C GLY A 343 1.11 -58.64 -13.34
N GLY A 344 0.76 -57.37 -13.27
CA GLY A 344 1.40 -56.37 -14.15
C GLY A 344 0.80 -56.26 -15.55
N TYR A 345 -0.23 -57.04 -15.78
CA TYR A 345 -0.98 -57.11 -17.07
C TYR A 345 -2.31 -56.43 -16.70
N PRO A 346 -2.92 -55.65 -17.59
CA PRO A 346 -2.59 -55.54 -19.04
C PRO A 346 -1.44 -54.66 -19.42
N HIS A 347 -0.89 -53.92 -18.45
CA HIS A 347 0.11 -52.89 -18.73
C HIS A 347 1.33 -53.44 -19.41
N TYR A 348 1.76 -54.62 -18.99
CA TYR A 348 3.00 -55.29 -19.43
C TYR A 348 2.71 -56.80 -19.56
N VAL A 349 3.43 -57.45 -20.47
CA VAL A 349 3.36 -58.90 -20.59
C VAL A 349 4.49 -59.56 -19.88
N ASN A 350 4.20 -60.49 -19.00
CA ASN A 350 5.21 -61.20 -18.22
C ASN A 350 6.26 -60.33 -17.57
N MET A 351 5.81 -59.31 -16.81
CA MET A 351 6.78 -58.43 -16.20
C MET A 351 7.51 -59.02 -15.00
N PRO A 352 8.84 -59.07 -15.06
CA PRO A 352 9.55 -59.59 -13.95
C PRO A 352 9.26 -58.83 -12.63
N GLY A 353 9.02 -59.62 -11.60
CA GLY A 353 8.72 -59.09 -10.25
C GLY A 353 7.23 -58.83 -10.04
N MET A 354 6.42 -58.92 -11.07
CA MET A 354 4.99 -58.74 -10.98
C MET A 354 4.19 -59.90 -11.52
N ALA A 355 4.59 -60.45 -12.64
CA ALA A 355 3.84 -61.58 -13.20
C ALA A 355 3.82 -62.77 -12.27
N PHE A 356 2.66 -63.42 -12.19
CA PHE A 356 2.57 -64.74 -11.58
C PHE A 356 2.64 -65.85 -12.65
N THR A 357 3.19 -67.01 -12.25
CA THR A 357 2.98 -68.24 -13.05
C THR A 357 1.67 -68.85 -12.64
N PHE A 358 1.19 -69.77 -13.49
CA PHE A 358 -0.04 -70.47 -13.20
C PHE A 358 0.05 -71.37 -12.02
N ASP A 359 1.21 -72.01 -11.80
CA ASP A 359 1.40 -72.72 -10.53
C ASP A 359 1.29 -71.81 -9.30
N GLU A 360 1.86 -70.60 -9.40
CA GLU A 360 1.77 -69.63 -8.32
C GLU A 360 0.36 -69.23 -8.06
N LEU A 361 -0.38 -68.98 -9.13
CA LEU A 361 -1.82 -68.62 -8.97
C LEU A 361 -2.56 -69.72 -8.28
N LYS A 362 -2.36 -70.98 -8.74
CA LYS A 362 -2.92 -72.15 -8.07
C LYS A 362 -2.65 -72.18 -6.59
N ASN A 363 -1.41 -71.92 -6.20
N ASN A 363 -1.41 -71.90 -6.21
CA ASN A 363 -1.07 -71.97 -4.81
CA ASN A 363 -1.01 -71.96 -4.84
C ASN A 363 -1.74 -70.86 -4.01
C ASN A 363 -1.59 -70.81 -3.99
N ILE A 364 -1.87 -69.69 -4.62
CA ILE A 364 -2.55 -68.58 -3.94
C ILE A 364 -4.02 -68.98 -3.65
N ILE A 365 -4.69 -69.54 -4.65
CA ILE A 365 -6.05 -69.98 -4.53
C ILE A 365 -6.17 -71.04 -3.42
N LYS A 366 -5.22 -71.98 -3.42
CA LYS A 366 -5.21 -73.01 -2.40
C LYS A 366 -5.04 -72.48 -1.05
N THR A 367 -4.09 -71.53 -0.89
CA THR A 367 -3.90 -70.91 0.43
C THR A 367 -5.13 -70.15 0.95
N ILE A 368 -5.77 -69.39 0.04
CA ILE A 368 -6.94 -68.62 0.41
C ILE A 368 -7.98 -69.58 0.97
N HIS A 369 -8.19 -70.75 0.33
CA HIS A 369 -9.24 -71.68 0.80
C HIS A 369 -8.80 -72.52 1.98
N ASP A 370 -7.69 -73.24 1.81
CA ASP A 370 -7.25 -74.27 2.81
C ASP A 370 -6.71 -73.71 4.12
N ASP A 371 -5.95 -72.61 4.02
CA ASP A 371 -5.30 -71.99 5.15
CA ASP A 371 -5.26 -72.00 5.11
C ASP A 371 -6.08 -70.85 5.68
N LEU A 372 -6.62 -69.95 4.83
CA LEU A 372 -7.37 -68.82 5.33
C LEU A 372 -8.88 -69.05 5.40
N ARG A 373 -9.35 -70.25 5.03
CA ARG A 373 -10.74 -70.69 5.28
C ARG A 373 -11.76 -69.70 4.69
N VAL A 374 -11.41 -69.14 3.52
CA VAL A 374 -12.36 -68.37 2.77
C VAL A 374 -13.32 -69.33 2.01
N ASP A 375 -14.59 -69.23 2.37
CA ASP A 375 -15.60 -70.17 1.82
C ASP A 375 -16.09 -69.80 0.43
N LYS A 376 -16.07 -68.51 0.13
CA LYS A 376 -16.59 -68.07 -1.16
C LYS A 376 -15.69 -66.95 -1.63
N ALA A 377 -15.45 -66.93 -2.93
CA ALA A 377 -14.58 -65.96 -3.52
C ALA A 377 -14.73 -65.79 -5.02
N PHE A 378 -14.32 -64.61 -5.51
CA PHE A 378 -14.28 -64.34 -6.94
C PHE A 378 -12.79 -64.06 -7.19
N VAL A 379 -12.12 -64.96 -7.88
CA VAL A 379 -10.71 -64.84 -8.14
C VAL A 379 -10.55 -64.27 -9.51
N HIS A 380 -9.82 -63.16 -9.61
CA HIS A 380 -9.68 -62.43 -10.86
C HIS A 380 -8.20 -62.30 -11.15
N ALA A 381 -7.72 -63.06 -12.13
CA ALA A 381 -6.33 -63.13 -12.43
C ALA A 381 -5.90 -62.24 -13.58
N TRP A 382 -5.10 -61.23 -13.26
CA TRP A 382 -4.69 -60.24 -14.23
C TRP A 382 -3.35 -60.65 -14.76
N GLY A 383 -3.33 -61.23 -15.95
CA GLY A 383 -2.11 -61.71 -16.53
C GLY A 383 -2.09 -63.17 -16.92
N THR A 384 -2.95 -63.55 -17.84
CA THR A 384 -3.05 -64.92 -18.27
C THR A 384 -2.78 -65.18 -19.74
N PHE A 385 -2.55 -64.14 -20.51
CA PHE A 385 -2.33 -64.24 -21.95
C PHE A 385 -0.97 -63.64 -22.34
N SER A 386 -0.40 -64.11 -23.45
CA SER A 386 0.91 -63.62 -23.88
C SER A 386 0.87 -62.53 -24.95
N ASN A 387 -0.28 -62.14 -25.42
CA ASN A 387 -0.43 -60.93 -26.23
C ASN A 387 -1.07 -59.82 -25.35
N PHE A 388 -0.88 -58.62 -25.77
CA PHE A 388 -1.58 -57.44 -25.18
C PHE A 388 -3.02 -57.44 -25.54
N VAL A 389 -3.85 -57.03 -24.57
CA VAL A 389 -5.19 -56.62 -24.92
C VAL A 389 -5.09 -55.57 -26.04
N PRO A 390 -6.00 -55.60 -27.05
CA PRO A 390 -7.26 -56.33 -27.06
C PRO A 390 -7.25 -57.71 -27.71
N HIS A 391 -6.09 -58.31 -27.78
CA HIS A 391 -5.91 -59.75 -28.21
C HIS A 391 -5.70 -60.59 -26.98
N ASN A 392 -6.84 -61.03 -26.42
CA ASN A 392 -6.88 -61.71 -25.13
C ASN A 392 -6.65 -63.24 -25.24
N TYR A 393 -5.51 -63.56 -25.79
CA TYR A 393 -5.14 -64.95 -26.15
C TYR A 393 -3.71 -64.88 -26.65
N PRO A 394 -3.01 -66.04 -26.74
CA PRO A 394 -3.46 -67.30 -26.16
C PRO A 394 -3.17 -67.31 -24.72
N ILE A 395 -3.62 -68.34 -24.04
CA ILE A 395 -3.17 -68.59 -22.68
C ILE A 395 -1.63 -68.71 -22.69
N SER A 396 -0.92 -68.01 -21.79
CA SER A 396 0.51 -67.83 -21.94
C SER A 396 1.30 -69.11 -21.71
N GLU A 397 2.15 -69.43 -22.68
CA GLU A 397 3.07 -70.53 -22.46
C GLU A 397 4.13 -70.21 -21.43
N ALA A 398 4.62 -68.97 -21.41
CA ALA A 398 5.68 -68.58 -20.51
C ALA A 398 5.28 -68.71 -19.06
N LEU A 399 3.98 -68.54 -18.79
CA LEU A 399 3.46 -68.69 -17.45
C LEU A 399 3.08 -70.09 -17.08
N GLY A 400 3.25 -71.02 -18.03
CA GLY A 400 2.97 -72.42 -17.71
C GLY A 400 2.09 -73.13 -18.71
N GLY A 401 1.38 -72.41 -19.56
CA GLY A 401 0.50 -72.99 -20.56
C GLY A 401 -0.90 -73.31 -20.12
N PRO A 402 -1.75 -73.71 -21.08
CA PRO A 402 -3.14 -73.93 -20.84
C PRO A 402 -3.41 -74.91 -19.74
N GLU A 403 -2.68 -76.03 -19.70
CA GLU A 403 -3.00 -77.05 -18.75
C GLU A 403 -2.78 -76.60 -17.32
N LYS A 404 -1.76 -75.79 -17.13
CA LYS A 404 -1.46 -75.29 -15.73
C LYS A 404 -2.47 -74.20 -15.31
N LEU A 405 -2.89 -73.37 -16.23
CA LEU A 405 -4.06 -72.48 -15.92
C LEU A 405 -5.32 -73.24 -15.63
N LYS A 406 -5.65 -74.26 -16.41
CA LYS A 406 -6.80 -75.11 -16.15
C LYS A 406 -6.74 -75.73 -14.76
N ALA A 407 -5.56 -76.13 -14.35
CA ALA A 407 -5.46 -76.75 -13.03
C ALA A 407 -5.80 -75.75 -11.91
N ALA A 408 -5.36 -74.51 -12.12
CA ALA A 408 -5.68 -73.46 -11.09
C ALA A 408 -7.14 -73.17 -11.15
N VAL A 409 -7.73 -73.05 -12.36
CA VAL A 409 -9.19 -72.78 -12.45
C VAL A 409 -10.03 -73.93 -11.88
N ASP A 410 -9.64 -75.16 -12.25
CA ASP A 410 -10.32 -76.33 -11.69
C ASP A 410 -10.27 -76.40 -10.16
N LEU A 411 -9.13 -76.04 -9.58
CA LEU A 411 -9.01 -75.95 -8.16
C LEU A 411 -10.01 -74.98 -7.60
N ALA A 412 -10.00 -73.76 -8.15
CA ALA A 412 -11.01 -72.77 -7.76
C ALA A 412 -12.43 -73.30 -7.86
N LYS A 413 -12.77 -73.94 -8.98
CA LYS A 413 -14.08 -74.48 -9.15
C LYS A 413 -14.44 -75.55 -8.11
N SER A 414 -13.47 -76.33 -7.73
CA SER A 414 -13.69 -77.38 -6.71
C SER A 414 -14.03 -76.83 -5.35
N TYR A 415 -13.67 -75.57 -5.11
CA TYR A 415 -13.98 -74.89 -3.85
C TYR A 415 -15.30 -74.16 -3.99
N GLY A 416 -15.84 -74.08 -5.19
CA GLY A 416 -17.02 -73.27 -5.37
C GLY A 416 -16.80 -71.79 -5.70
N TYR A 417 -15.56 -71.47 -5.94
CA TYR A 417 -15.16 -70.09 -6.23
C TYR A 417 -15.50 -69.78 -7.71
N LEU A 418 -15.71 -68.50 -7.93
CA LEU A 418 -15.83 -67.96 -9.26
C LEU A 418 -14.42 -67.53 -9.71
N TYR A 419 -14.17 -67.62 -11.00
CA TYR A 419 -12.89 -67.31 -11.61
C TYR A 419 -13.08 -66.57 -12.94
N SER A 420 -12.28 -65.49 -13.13
CA SER A 420 -12.13 -64.86 -14.45
C SER A 420 -10.71 -64.44 -14.61
N SER A 421 -10.21 -64.51 -15.86
CA SER A 421 -9.10 -63.79 -16.32
C SER A 421 -9.40 -62.25 -16.49
N TYR A 422 -8.33 -61.45 -16.59
CA TYR A 422 -8.47 -60.09 -17.02
C TYR A 422 -8.78 -60.07 -18.54
N HIS A 423 -9.80 -59.37 -18.91
CA HIS A 423 -10.12 -59.13 -20.35
C HIS A 423 -10.36 -57.66 -20.63
N ALA A 424 -9.96 -57.20 -21.83
CA ALA A 424 -10.37 -55.89 -22.30
C ALA A 424 -10.35 -55.89 -23.83
N TYR A 425 -11.34 -55.23 -24.40
CA TYR A 425 -11.49 -55.20 -25.84
C TYR A 425 -11.36 -53.77 -26.35
N SER A 426 -11.20 -52.78 -25.46
CA SER A 426 -11.07 -51.40 -25.82
C SER A 426 -9.67 -50.80 -25.96
N PRO A 427 -8.63 -51.35 -25.33
CA PRO A 427 -7.34 -50.64 -25.42
C PRO A 427 -6.63 -50.74 -26.79
N MET A 428 -5.62 -49.92 -26.99
CA MET A 428 -4.68 -50.07 -28.12
C MET A 428 -3.42 -49.38 -27.64
N LEU A 429 -2.50 -50.19 -27.18
CA LEU A 429 -1.38 -49.71 -26.34
C LEU A 429 -0.14 -49.45 -27.15
N GLU A 430 0.50 -48.33 -26.82
CA GLU A 430 1.79 -47.97 -27.44
C GLU A 430 2.89 -48.99 -27.40
N ASN A 431 2.95 -49.80 -26.34
CA ASN A 431 4.00 -50.76 -26.10
C ASN A 431 3.67 -52.15 -26.64
N ASP A 432 2.51 -52.30 -27.24
CA ASP A 432 2.08 -53.54 -27.84
C ASP A 432 2.82 -53.63 -29.19
N PRO A 433 3.58 -54.69 -29.43
CA PRO A 433 4.15 -54.87 -30.82
C PRO A 433 3.17 -54.84 -31.96
N ASN A 434 1.93 -55.21 -31.70
CA ASN A 434 0.85 -55.19 -32.66
C ASN A 434 0.02 -53.93 -32.70
N PHE A 435 0.52 -52.86 -32.03
CA PHE A 435 -0.14 -51.60 -32.02
C PHE A 435 -0.42 -51.14 -33.48
N THR A 436 -1.64 -50.78 -33.76
CA THR A 436 -1.93 -50.04 -34.98
C THR A 436 -3.05 -49.08 -34.73
N THR A 437 -3.17 -48.05 -35.56
CA THR A 437 -4.30 -47.12 -35.44
C THR A 437 -5.55 -47.53 -36.24
N ASP A 438 -5.49 -48.72 -36.88
CA ASP A 438 -6.57 -49.17 -37.75
C ASP A 438 -7.90 -49.26 -37.11
N LEU A 439 -7.96 -49.70 -35.83
CA LEU A 439 -9.21 -49.81 -35.12
C LEU A 439 -9.60 -48.59 -34.22
N MET A 440 -8.84 -47.50 -34.33
CA MET A 440 -9.15 -46.26 -33.67
C MET A 440 -10.17 -45.45 -34.44
N GLN A 441 -11.04 -44.78 -33.74
CA GLN A 441 -12.03 -43.92 -34.37
C GLN A 441 -11.40 -42.62 -34.82
N ARG A 442 -11.90 -42.06 -35.95
CA ARG A 442 -11.50 -40.75 -36.44
C ARG A 442 -12.68 -39.83 -36.53
N ASP A 443 -12.37 -38.57 -36.30
CA ASP A 443 -13.41 -37.54 -36.28
C ASP A 443 -13.68 -37.06 -37.71
N ALA A 444 -14.54 -36.09 -37.79
CA ALA A 444 -14.96 -35.57 -39.19
C ALA A 444 -13.84 -34.97 -39.98
N GLU A 445 -12.73 -34.48 -39.35
CA GLU A 445 -11.57 -33.98 -40.00
C GLU A 445 -10.52 -35.05 -40.27
N GLY A 446 -10.87 -36.32 -40.01
CA GLY A 446 -9.99 -37.45 -40.17
C GLY A 446 -8.88 -37.65 -39.13
N LYS A 447 -9.01 -36.97 -38.01
CA LYS A 447 -8.01 -37.02 -36.94
C LYS A 447 -8.38 -38.12 -35.98
N LEU A 448 -7.38 -38.74 -35.39
CA LEU A 448 -7.60 -39.82 -34.42
C LEU A 448 -8.29 -39.25 -33.18
N MET A 449 -9.23 -40.01 -32.66
CA MET A 449 -9.87 -39.78 -31.41
C MET A 449 -9.19 -40.64 -30.30
N ASN A 450 -9.20 -40.14 -29.07
CA ASN A 450 -8.63 -40.87 -27.95
C ASN A 450 -7.16 -41.16 -27.98
N THR A 451 -6.43 -40.27 -28.59
CA THR A 451 -5.01 -40.36 -28.61
C THR A 451 -4.52 -40.17 -27.15
N GLY A 452 -5.32 -39.53 -26.38
CA GLY A 452 -4.88 -39.28 -24.93
C GLY A 452 -5.36 -40.32 -23.97
N SER A 453 -6.15 -41.34 -24.44
CA SER A 453 -6.81 -42.32 -23.51
C SER A 453 -6.52 -43.71 -24.01
N ARG A 454 -5.36 -44.23 -23.71
CA ARG A 454 -4.87 -45.53 -24.23
C ARG A 454 -5.78 -46.74 -23.98
N TRP A 455 -6.55 -46.69 -22.90
CA TRP A 455 -7.38 -47.83 -22.49
C TRP A 455 -8.71 -47.85 -23.23
N ALA A 456 -9.03 -46.78 -23.94
CA ALA A 456 -10.33 -46.62 -24.57
C ALA A 456 -10.11 -46.04 -25.99
N ARG A 457 -9.37 -46.81 -26.75
CA ARG A 457 -8.93 -46.42 -28.13
C ARG A 457 -9.68 -47.18 -29.22
N VAL A 458 -10.08 -48.41 -28.97
CA VAL A 458 -10.75 -49.20 -30.10
C VAL A 458 -12.15 -48.74 -30.19
N ASP A 459 -12.60 -48.41 -31.43
CA ASP A 459 -13.92 -48.02 -31.63
C ASP A 459 -14.89 -49.11 -31.15
N PRO A 460 -15.92 -48.77 -30.35
CA PRO A 460 -16.81 -49.79 -29.86
C PRO A 460 -17.44 -50.66 -30.96
N LYS A 461 -17.56 -50.11 -32.17
CA LYS A 461 -18.14 -50.95 -33.26
C LYS A 461 -17.35 -52.20 -33.57
N PHE A 462 -16.09 -52.26 -33.16
CA PHE A 462 -15.20 -53.40 -33.38
C PHE A 462 -15.14 -54.38 -32.20
N GLN A 463 -15.59 -53.89 -31.02
CA GLN A 463 -15.30 -54.62 -29.79
C GLN A 463 -15.92 -56.02 -29.68
N LYS A 464 -17.16 -56.16 -30.12
CA LYS A 464 -17.82 -57.47 -30.14
C LYS A 464 -16.92 -58.43 -30.92
N GLY A 465 -16.51 -58.02 -32.13
CA GLY A 465 -15.65 -58.84 -32.92
C GLY A 465 -14.36 -59.25 -32.29
N LEU A 466 -13.72 -58.30 -31.58
CA LEU A 466 -12.57 -58.67 -30.89
C LEU A 466 -12.82 -59.71 -29.77
N ALA A 467 -13.93 -59.57 -29.03
CA ALA A 467 -14.31 -60.51 -27.98
C ALA A 467 -14.54 -61.91 -28.64
N GLN A 468 -15.20 -61.89 -29.80
CA GLN A 468 -15.47 -63.13 -30.50
C GLN A 468 -14.26 -63.91 -30.92
N LYS A 469 -13.09 -63.29 -31.06
CA LYS A 469 -11.93 -63.95 -31.56
C LYS A 469 -11.53 -65.10 -30.65
N ASN A 470 -11.61 -64.91 -29.33
CA ASN A 470 -11.22 -65.98 -28.43
C ASN A 470 -12.08 -66.24 -27.21
N ILE A 471 -13.05 -65.42 -26.86
CA ILE A 471 -13.68 -65.66 -25.56
C ILE A 471 -14.39 -67.01 -25.46
N GLU A 472 -15.01 -67.46 -26.54
CA GLU A 472 -15.69 -68.74 -26.48
C GLU A 472 -14.74 -69.92 -26.40
N LYS A 473 -13.57 -69.78 -26.95
CA LYS A 473 -12.50 -70.76 -26.84
C LYS A 473 -12.03 -70.83 -25.34
N GLU A 474 -11.94 -69.67 -24.69
CA GLU A 474 -11.58 -69.67 -23.27
C GLU A 474 -12.61 -70.28 -22.41
N ILE A 475 -13.84 -69.97 -22.65
CA ILE A 475 -14.96 -70.45 -21.89
C ILE A 475 -14.93 -72.00 -22.00
N SER A 476 -14.84 -72.44 -23.24
CA SER A 476 -14.91 -73.90 -23.44
C SER A 476 -13.72 -74.61 -22.89
N TYR A 477 -12.51 -74.14 -23.09
CA TYR A 477 -11.30 -74.79 -22.57
C TYR A 477 -11.21 -74.88 -21.05
N LEU A 478 -11.45 -73.74 -20.41
CA LEU A 478 -11.40 -73.67 -18.97
C LEU A 478 -12.70 -74.03 -18.29
N GLY A 479 -13.81 -74.28 -19.01
CA GLY A 479 -15.08 -74.53 -18.37
C GLY A 479 -15.50 -73.34 -17.45
N LEU A 480 -15.40 -72.13 -18.01
CA LEU A 480 -15.65 -70.93 -17.23
C LEU A 480 -17.08 -70.82 -16.82
N GLU A 481 -17.34 -70.28 -15.61
CA GLU A 481 -18.62 -70.00 -15.04
C GLU A 481 -18.83 -68.49 -14.86
N ALA A 482 -17.76 -67.73 -15.13
CA ALA A 482 -17.79 -66.29 -14.82
C ALA A 482 -16.95 -65.52 -15.83
N ASP A 483 -17.09 -64.19 -15.84
CA ASP A 483 -16.30 -63.31 -16.66
C ASP A 483 -16.34 -61.95 -16.02
N ILE A 484 -15.21 -61.26 -16.10
CA ILE A 484 -15.11 -59.81 -15.86
C ILE A 484 -14.43 -59.20 -17.07
N THR A 485 -15.03 -58.11 -17.55
CA THR A 485 -14.55 -57.34 -18.71
C THR A 485 -14.27 -55.89 -18.26
N ASP A 486 -13.11 -55.41 -18.56
CA ASP A 486 -12.69 -54.10 -18.06
C ASP A 486 -13.08 -52.94 -19.03
N ILE A 487 -13.14 -51.71 -18.49
CA ILE A 487 -13.16 -50.45 -19.22
C ILE A 487 -14.47 -50.06 -19.93
N THR A 488 -14.91 -50.91 -20.89
CA THR A 488 -15.96 -50.51 -21.85
C THR A 488 -17.24 -49.99 -21.27
N PHE A 489 -17.66 -50.47 -20.05
CA PHE A 489 -18.93 -50.16 -19.49
C PHE A 489 -18.74 -49.27 -18.23
N ALA A 490 -17.61 -48.56 -18.18
CA ALA A 490 -17.35 -47.64 -17.02
C ALA A 490 -18.12 -46.35 -17.06
N ALA A 491 -18.61 -45.97 -18.29
CA ALA A 491 -19.31 -44.75 -18.51
C ALA A 491 -20.57 -45.00 -19.39
N TYR A 492 -21.36 -43.96 -19.58
CA TYR A 492 -22.51 -44.07 -20.54
C TYR A 492 -22.51 -42.78 -21.41
N ARG A 493 -21.58 -42.71 -22.32
CA ARG A 493 -21.45 -41.60 -23.28
C ARG A 493 -22.24 -41.97 -24.53
N GLU A 494 -22.59 -40.93 -25.27
CA GLU A 494 -23.35 -41.15 -26.51
C GLU A 494 -22.50 -41.76 -27.64
N ASN A 495 -21.31 -41.21 -27.91
CA ASN A 495 -20.41 -41.74 -28.95
C ASN A 495 -20.04 -43.20 -28.75
N GLY A 496 -20.38 -44.13 -29.69
CA GLY A 496 -20.01 -45.53 -29.54
C GLY A 496 -20.97 -46.38 -28.73
N LYS A 497 -22.07 -45.81 -28.19
CA LYS A 497 -23.04 -46.49 -27.33
C LYS A 497 -23.54 -47.73 -27.98
N GLU A 498 -23.84 -47.66 -29.32
CA GLU A 498 -24.37 -48.87 -29.96
C GLU A 498 -23.44 -50.00 -29.99
N GLY A 499 -22.14 -49.78 -30.25
CA GLY A 499 -21.20 -50.85 -30.24
C GLY A 499 -21.00 -51.47 -28.82
N ARG A 500 -21.06 -50.58 -27.84
CA ARG A 500 -21.03 -51.06 -26.45
C ARG A 500 -22.19 -51.95 -26.12
N ILE A 501 -23.40 -51.55 -26.52
CA ILE A 501 -24.58 -52.35 -26.28
C ILE A 501 -24.42 -53.68 -26.94
N GLU A 502 -23.91 -53.71 -28.19
CA GLU A 502 -23.70 -54.98 -28.86
C GLU A 502 -22.71 -55.94 -28.11
N LEU A 503 -21.62 -55.38 -27.57
CA LEU A 503 -20.74 -56.17 -26.79
C LEU A 503 -21.42 -56.68 -25.49
N ALA A 504 -22.14 -55.81 -24.78
CA ALA A 504 -22.84 -56.18 -23.51
C ALA A 504 -23.78 -57.36 -23.80
N LYS A 505 -24.54 -57.23 -24.90
CA LYS A 505 -25.47 -58.30 -25.20
C LYS A 505 -24.79 -59.60 -25.55
N TYR A 506 -23.63 -59.53 -26.21
CA TYR A 506 -22.87 -60.66 -26.58
C TYR A 506 -22.32 -61.36 -25.32
N ILE A 507 -21.66 -60.56 -24.47
CA ILE A 507 -21.19 -61.14 -23.22
C ILE A 507 -22.37 -61.78 -22.42
N ASP A 508 -23.49 -61.10 -22.31
CA ASP A 508 -24.57 -61.53 -21.51
C ASP A 508 -25.20 -62.80 -22.09
N SER A 509 -25.02 -63.01 -23.38
CA SER A 509 -25.57 -64.25 -23.99
C SER A 509 -24.94 -65.54 -23.49
N PHE A 510 -23.75 -65.48 -22.89
CA PHE A 510 -23.15 -66.58 -22.31
C PHE A 510 -23.69 -67.06 -21.01
N ASN A 511 -24.48 -66.24 -20.37
CA ASN A 511 -25.07 -66.55 -19.08
C ASN A 511 -24.02 -67.00 -18.05
N LEU A 512 -22.97 -66.22 -17.98
CA LEU A 512 -21.94 -66.38 -16.99
C LEU A 512 -22.19 -65.37 -15.87
N VAL A 513 -21.75 -65.74 -14.66
CA VAL A 513 -21.74 -64.76 -13.53
C VAL A 513 -20.73 -63.68 -13.93
N ASN A 514 -21.15 -62.45 -14.10
CA ASN A 514 -20.26 -61.55 -14.73
C ASN A 514 -20.25 -60.15 -14.12
N GLY A 515 -19.08 -59.55 -14.30
CA GLY A 515 -18.80 -58.27 -13.75
C GLY A 515 -18.15 -57.39 -14.76
N THR A 516 -18.03 -56.12 -14.42
CA THR A 516 -17.34 -55.17 -15.23
C THR A 516 -16.79 -54.03 -14.33
N GLU A 517 -15.84 -53.30 -14.85
CA GLU A 517 -15.30 -52.08 -14.21
C GLU A 517 -16.27 -50.97 -14.10
N HIS A 518 -16.54 -50.56 -12.86
CA HIS A 518 -17.25 -49.39 -12.44
C HIS A 518 -18.75 -49.50 -12.68
N GLY A 519 -19.14 -49.64 -13.93
CA GLY A 519 -20.52 -49.73 -14.30
C GLY A 519 -21.20 -48.38 -14.43
N GLN A 520 -22.45 -48.44 -14.94
CA GLN A 520 -23.42 -47.35 -14.86
C GLN A 520 -24.79 -48.00 -14.88
N GLU A 521 -25.80 -47.25 -14.50
CA GLU A 521 -27.17 -47.78 -14.32
C GLU A 521 -27.65 -48.43 -15.66
N GLN A 522 -27.22 -47.83 -16.74
CA GLN A 522 -27.70 -48.33 -18.11
C GLN A 522 -27.19 -49.73 -18.38
N TRP A 523 -26.11 -50.17 -17.75
CA TRP A 523 -25.53 -51.48 -17.91
C TRP A 523 -26.03 -52.56 -16.94
N ILE A 524 -26.84 -52.20 -15.95
CA ILE A 524 -27.32 -53.13 -14.88
C ILE A 524 -27.95 -54.38 -15.51
N PRO A 525 -28.71 -54.22 -16.61
CA PRO A 525 -29.37 -55.46 -17.09
C PRO A 525 -28.43 -56.53 -17.53
N TYR A 526 -27.16 -56.25 -17.87
CA TYR A 526 -26.22 -57.15 -18.46
C TYR A 526 -25.20 -57.83 -17.60
N PHE A 527 -25.10 -57.42 -16.32
CA PHE A 527 -24.05 -57.84 -15.41
C PHE A 527 -24.66 -58.20 -14.06
N ASP A 528 -23.93 -58.98 -13.31
CA ASP A 528 -24.26 -59.36 -11.95
C ASP A 528 -23.54 -58.46 -10.92
N MET A 529 -22.34 -57.98 -11.27
CA MET A 529 -21.60 -57.12 -10.39
C MET A 529 -20.78 -56.04 -11.08
N PHE A 530 -20.53 -54.99 -10.33
CA PHE A 530 -19.69 -53.92 -10.74
C PHE A 530 -18.48 -53.79 -9.80
N GLU A 531 -17.30 -53.69 -10.37
CA GLU A 531 -16.09 -53.44 -9.60
C GLU A 531 -15.89 -51.93 -9.49
N GLY A 532 -16.23 -51.37 -8.33
CA GLY A 532 -16.28 -49.94 -8.16
C GLY A 532 -17.68 -49.51 -7.85
N MET A 533 -18.07 -48.41 -8.40
CA MET A 533 -19.19 -47.59 -7.97
C MET A 533 -19.09 -47.27 -6.49
N THR A 534 -17.92 -46.80 -6.11
CA THR A 534 -17.66 -46.31 -4.77
C THR A 534 -17.26 -44.85 -4.81
N TYR A 535 -15.96 -44.54 -4.70
CA TYR A 535 -15.44 -43.18 -4.53
C TYR A 535 -14.08 -43.04 -5.17
N LEU A 536 -13.87 -41.96 -5.90
CA LEU A 536 -12.54 -41.51 -6.30
C LEU A 536 -11.80 -41.13 -5.00
N GLU A 537 -10.50 -41.27 -5.06
CA GLU A 537 -9.74 -40.77 -3.95
C GLU A 537 -9.66 -39.24 -3.86
N ASP A 538 -9.28 -38.63 -4.91
CA ASP A 538 -9.15 -37.17 -5.06
C ASP A 538 -10.34 -36.79 -5.93
N ARG A 539 -11.26 -36.02 -5.38
CA ARG A 539 -12.52 -35.65 -6.14
C ARG A 539 -12.94 -34.28 -5.70
N PRO A 540 -13.60 -33.50 -6.58
CA PRO A 540 -14.30 -32.36 -6.14
C PRO A 540 -15.30 -32.74 -5.03
N LEU A 541 -15.38 -31.88 -4.03
CA LEU A 541 -16.26 -31.98 -2.84
C LEU A 541 -15.78 -32.90 -1.71
N SER A 542 -14.66 -33.49 -1.90
CA SER A 542 -14.15 -34.42 -0.90
C SER A 542 -14.06 -33.86 0.50
N VAL A 543 -13.69 -32.59 0.66
CA VAL A 543 -13.49 -32.02 2.00
C VAL A 543 -14.72 -31.43 2.64
N ILE A 544 -15.85 -31.43 1.84
CA ILE A 544 -17.08 -30.77 2.17
C ILE A 544 -18.29 -31.65 1.89
N SER A 545 -18.06 -32.97 2.02
CA SER A 545 -19.14 -33.91 1.82
C SER A 545 -18.93 -35.15 2.65
N HIS A 546 -20.00 -35.94 2.80
CA HIS A 546 -19.92 -37.24 3.47
C HIS A 546 -20.37 -38.26 2.51
N PRO A 547 -19.71 -39.38 2.39
CA PRO A 547 -20.26 -40.48 1.66
C PRO A 547 -21.62 -40.91 2.15
N ALA A 548 -22.54 -41.17 1.20
CA ALA A 548 -23.88 -41.64 1.46
C ALA A 548 -24.18 -42.68 0.36
N PRO A 549 -24.88 -43.77 0.72
CA PRO A 549 -25.01 -44.89 -0.22
C PRO A 549 -26.16 -44.67 -1.21
N LEU A 550 -26.08 -43.55 -1.93
CA LEU A 550 -27.22 -43.16 -2.81
C LEU A 550 -27.44 -44.20 -3.90
N PHE A 551 -26.41 -44.62 -4.60
CA PHE A 551 -26.57 -45.55 -5.71
C PHE A 551 -27.20 -46.85 -5.19
N ASN A 552 -26.61 -47.35 -4.10
CA ASN A 552 -27.12 -48.60 -3.50
C ASN A 552 -28.50 -48.49 -2.82
N LEU A 553 -28.86 -47.33 -2.33
CA LEU A 553 -30.25 -47.05 -1.92
C LEU A 553 -31.24 -47.23 -3.08
N VAL A 554 -30.78 -47.04 -4.28
CA VAL A 554 -31.64 -47.26 -5.45
C VAL A 554 -31.44 -48.70 -5.92
N TYR A 555 -30.20 -49.16 -6.14
CA TYR A 555 -29.87 -50.34 -6.92
C TYR A 555 -29.29 -51.59 -6.28
N HIS A 556 -29.18 -51.62 -4.96
CA HIS A 556 -28.58 -52.77 -4.30
C HIS A 556 -29.23 -54.11 -4.66
N GLU A 557 -30.55 -54.11 -4.81
CA GLU A 557 -31.22 -55.33 -5.22
C GLU A 557 -30.97 -55.77 -6.62
N ALA A 558 -30.43 -54.92 -7.45
CA ALA A 558 -30.22 -55.15 -8.88
C ALA A 558 -28.82 -55.35 -9.32
N ILE A 559 -27.80 -54.82 -8.61
CA ILE A 559 -26.43 -54.94 -9.05
C ILE A 559 -25.55 -54.98 -7.78
N ALA A 560 -24.71 -55.96 -7.72
CA ALA A 560 -23.79 -56.08 -6.57
C ALA A 560 -22.60 -55.18 -6.89
N ASN A 561 -22.01 -54.65 -5.84
CA ASN A 561 -20.75 -53.94 -6.14
C ASN A 561 -19.69 -54.33 -5.08
N PHE A 562 -18.47 -54.04 -5.51
CA PHE A 562 -17.28 -54.35 -4.81
C PHE A 562 -16.41 -53.11 -4.88
N GLY A 563 -15.41 -53.05 -4.00
CA GLY A 563 -14.50 -51.90 -4.04
C GLY A 563 -13.67 -51.87 -5.34
N LYS A 564 -13.21 -50.65 -5.66
CA LYS A 564 -12.44 -50.42 -6.89
C LYS A 564 -11.01 -50.92 -6.73
N ILE A 565 -10.45 -51.54 -7.77
CA ILE A 565 -9.13 -52.12 -7.75
C ILE A 565 -8.06 -51.08 -7.43
N GLN A 566 -8.27 -49.83 -7.85
CA GLN A 566 -7.25 -48.81 -7.56
C GLN A 566 -7.18 -48.43 -6.05
N ASP A 567 -8.27 -48.62 -5.34
CA ASP A 567 -8.44 -48.17 -3.96
C ASP A 567 -9.02 -49.34 -3.14
N PRO A 568 -8.33 -50.49 -3.14
CA PRO A 568 -8.86 -51.67 -2.58
C PRO A 568 -8.84 -51.66 -1.07
N ASP A 569 -9.46 -52.63 -0.43
CA ASP A 569 -9.59 -52.59 1.02
C ASP A 569 -8.27 -52.82 1.78
N ASN A 570 -7.29 -53.30 1.06
CA ASN A 570 -5.89 -53.46 1.57
C ASN A 570 -4.98 -52.27 1.46
N GLU A 571 -5.41 -51.21 0.75
CA GLU A 571 -4.65 -49.98 0.63
C GLU A 571 -5.15 -48.85 1.51
N VAL A 572 -4.22 -48.07 2.07
CA VAL A 572 -4.61 -46.98 2.91
C VAL A 572 -4.60 -45.72 2.07
N THR A 573 -5.75 -45.12 1.94
CA THR A 573 -5.92 -43.97 1.03
C THR A 573 -6.79 -42.91 1.61
N ALA A 574 -7.04 -41.87 0.80
CA ALA A 574 -7.99 -40.82 1.21
C ALA A 574 -9.31 -41.38 1.70
N ASN A 575 -9.69 -42.56 1.19
CA ASN A 575 -11.02 -43.18 1.50
C ASN A 575 -10.99 -44.12 2.67
N GLY A 576 -9.81 -44.23 3.25
CA GLY A 576 -9.66 -44.96 4.56
C GLY A 576 -8.65 -46.07 4.51
N ASP A 577 -8.51 -46.68 5.68
CA ASP A 577 -7.78 -47.88 5.85
C ASP A 577 -8.73 -49.07 5.90
N PHE A 578 -8.26 -50.22 6.37
CA PHE A 578 -9.12 -51.45 6.34
C PHE A 578 -10.21 -51.25 7.35
N ARG A 579 -9.91 -50.67 8.51
CA ARG A 579 -10.91 -50.45 9.52
C ARG A 579 -12.15 -49.70 8.96
N ILE A 580 -11.86 -48.57 8.34
CA ILE A 580 -12.88 -47.72 7.84
C ILE A 580 -13.60 -48.37 6.63
N LYS A 581 -12.83 -48.92 5.72
CA LYS A 581 -13.40 -49.53 4.49
C LYS A 581 -14.29 -50.72 4.82
N ALA A 582 -13.87 -51.58 5.76
CA ALA A 582 -14.64 -52.76 6.13
C ALA A 582 -15.95 -52.32 6.73
N LEU A 583 -15.95 -51.35 7.63
CA LEU A 583 -17.19 -50.86 8.27
C LEU A 583 -18.13 -50.19 7.18
N ARG A 584 -17.53 -49.37 6.30
CA ARG A 584 -18.35 -48.71 5.28
C ARG A 584 -18.95 -49.79 4.36
N SER A 585 -18.21 -50.82 4.01
CA SER A 585 -18.67 -51.93 3.14
C SER A 585 -19.99 -52.47 3.66
N MET A 586 -20.01 -52.77 4.97
CA MET A 586 -21.22 -53.32 5.59
C MET A 586 -22.35 -52.31 5.62
N LEU A 587 -22.11 -51.02 5.90
CA LEU A 587 -23.14 -50.02 5.90
C LEU A 587 -23.74 -49.82 4.51
N PHE A 588 -22.86 -49.85 3.52
CA PHE A 588 -23.34 -49.44 2.19
C PHE A 588 -23.78 -50.64 1.38
N GLY A 589 -23.48 -51.87 1.82
CA GLY A 589 -23.87 -53.09 1.11
C GLY A 589 -22.99 -53.46 -0.05
N ARG A 590 -21.68 -53.20 0.03
CA ARG A 590 -20.79 -53.69 -0.98
C ARG A 590 -19.90 -54.81 -0.48
N GLY A 591 -19.21 -55.50 -1.36
CA GLY A 591 -18.35 -56.52 -1.04
C GLY A 591 -16.88 -56.11 -0.92
N THR A 592 -16.10 -56.97 -0.28
CA THR A 592 -14.66 -56.72 -0.05
C THR A 592 -13.91 -56.92 -1.35
N THR A 593 -12.92 -56.02 -1.54
CA THR A 593 -11.91 -56.11 -2.57
C THR A 593 -10.49 -56.13 -2.01
N ILE A 594 -9.83 -57.23 -2.29
CA ILE A 594 -8.40 -57.42 -1.94
C ILE A 594 -7.67 -57.47 -3.27
N PHE A 595 -6.88 -56.44 -3.57
CA PHE A 595 -6.24 -56.30 -4.92
C PHE A 595 -4.77 -56.11 -4.66
N PHE A 596 -3.98 -57.06 -5.12
CA PHE A 596 -2.54 -57.12 -4.70
C PHE A 596 -1.63 -57.67 -5.79
N ALA A 597 -0.40 -57.17 -5.78
CA ALA A 597 0.69 -57.80 -6.55
C ALA A 597 1.05 -59.13 -5.81
N PRO A 598 1.47 -60.16 -6.55
CA PRO A 598 1.69 -61.48 -5.90
C PRO A 598 2.68 -61.39 -4.71
N TYR A 599 3.69 -60.54 -4.82
CA TYR A 599 4.72 -60.48 -3.77
C TYR A 599 4.10 -60.00 -2.45
N GLU A 600 2.94 -59.30 -2.51
CA GLU A 600 2.34 -58.81 -1.29
C GLU A 600 1.50 -59.81 -0.56
N PHE A 601 1.26 -61.00 -1.14
CA PHE A 601 0.24 -61.91 -0.63
C PHE A 601 0.31 -62.16 0.85
N GLU A 602 1.49 -62.55 1.39
CA GLU A 602 1.54 -62.82 2.83
C GLU A 602 1.08 -61.64 3.70
N GLY A 603 1.27 -60.39 3.25
CA GLY A 603 0.81 -59.26 4.01
C GLY A 603 -0.72 -59.07 3.96
N MET A 604 -1.35 -59.72 2.97
CA MET A 604 -2.83 -59.69 2.89
C MET A 604 -3.55 -60.52 3.92
N ARG A 605 -2.86 -61.55 4.48
CA ARG A 605 -3.52 -62.52 5.35
C ARG A 605 -4.38 -61.91 6.45
N PRO A 606 -3.90 -60.92 7.24
CA PRO A 606 -4.73 -60.45 8.32
C PRO A 606 -5.97 -59.80 7.87
N MET A 607 -5.88 -59.08 6.75
CA MET A 607 -7.05 -58.43 6.23
C MET A 607 -8.04 -59.41 5.62
N ILE A 608 -7.57 -60.46 5.00
CA ILE A 608 -8.45 -61.49 4.52
C ILE A 608 -9.20 -62.15 5.65
N GLU A 609 -8.49 -62.42 6.75
N GLU A 609 -8.46 -62.46 6.72
CA GLU A 609 -9.12 -63.00 7.97
CA GLU A 609 -9.11 -63.12 7.88
C GLU A 609 -10.20 -62.15 8.55
C GLU A 609 -10.16 -62.19 8.56
N MET A 610 -9.88 -60.89 8.72
CA MET A 610 -10.82 -59.96 9.28
C MET A 610 -12.06 -59.81 8.34
N ALA A 611 -11.83 -59.72 7.04
CA ALA A 611 -12.98 -59.62 6.12
C ALA A 611 -13.85 -60.88 6.23
N ARG A 612 -13.20 -62.02 6.21
CA ARG A 612 -13.83 -63.34 6.42
C ARG A 612 -14.74 -63.31 7.65
N ASP A 613 -14.23 -62.89 8.77
CA ASP A 613 -14.95 -63.03 10.01
C ASP A 613 -16.03 -62.00 10.19
N LEU A 614 -15.84 -60.78 9.68
CA LEU A 614 -16.71 -59.68 9.91
C LEU A 614 -17.65 -59.35 8.73
N VAL A 615 -17.02 -59.02 7.64
CA VAL A 615 -17.75 -58.52 6.45
C VAL A 615 -18.46 -59.64 5.69
N SER A 616 -17.82 -60.73 5.47
CA SER A 616 -18.40 -61.76 4.58
C SER A 616 -19.79 -62.21 5.03
N PRO A 617 -19.97 -62.52 6.35
CA PRO A 617 -21.36 -62.98 6.73
C PRO A 617 -22.45 -61.96 6.59
N VAL A 618 -22.10 -60.68 6.71
CA VAL A 618 -23.06 -59.63 6.59
C VAL A 618 -23.36 -59.41 5.13
N HIS A 619 -22.32 -59.41 4.30
CA HIS A 619 -22.51 -59.33 2.81
C HIS A 619 -23.38 -60.49 2.38
N LYS A 620 -23.15 -61.67 2.92
CA LYS A 620 -23.88 -62.89 2.46
C LYS A 620 -25.33 -62.66 2.80
N GLU A 621 -25.64 -62.28 4.04
CA GLU A 621 -27.03 -62.14 4.40
C GLU A 621 -27.79 -61.07 3.65
N THR A 622 -27.12 -59.92 3.37
CA THR A 622 -27.75 -58.74 2.82
C THR A 622 -27.72 -58.69 1.31
N PHE A 623 -27.03 -59.62 0.68
CA PHE A 623 -26.64 -59.49 -0.77
C PHE A 623 -27.80 -59.14 -1.69
N TYR A 624 -28.93 -59.87 -1.57
CA TYR A 624 -30.03 -59.70 -2.56
C TYR A 624 -31.05 -58.72 -2.10
N SER A 625 -30.87 -58.15 -0.90
CA SER A 625 -31.82 -57.37 -0.25
C SER A 625 -31.85 -55.89 -0.68
N GLU A 626 -32.89 -55.23 -0.28
CA GLU A 626 -33.02 -53.78 -0.41
C GLU A 626 -32.24 -53.11 0.72
N LEU A 627 -31.40 -52.13 0.41
CA LEU A 627 -30.91 -51.19 1.45
C LEU A 627 -32.06 -50.20 1.71
N LYS A 628 -32.86 -50.48 2.75
CA LYS A 628 -34.11 -49.77 3.01
C LYS A 628 -33.90 -48.36 3.47
N SER A 629 -32.88 -48.18 4.35
CA SER A 629 -32.65 -46.91 5.03
C SER A 629 -31.14 -46.81 5.42
N HIS A 630 -30.67 -45.60 5.37
CA HIS A 630 -29.40 -45.21 5.95
C HIS A 630 -29.62 -43.97 6.78
N GLU A 631 -28.91 -43.83 7.89
CA GLU A 631 -29.04 -42.67 8.77
C GLU A 631 -27.66 -42.34 9.35
N TYR A 632 -27.43 -41.06 9.55
CA TYR A 632 -26.31 -40.58 10.36
C TYR A 632 -26.82 -40.29 11.73
N LEU A 633 -26.13 -40.90 12.73
CA LEU A 633 -26.64 -40.95 14.09
C LEU A 633 -25.82 -40.08 15.05
N SER A 634 -24.72 -39.52 14.55
CA SER A 634 -23.85 -38.61 15.37
C SER A 634 -23.68 -37.26 14.71
N ALA A 635 -23.42 -36.24 15.50
CA ALA A 635 -23.35 -34.88 15.01
C ALA A 635 -22.21 -34.71 13.97
N ASP A 636 -21.13 -35.49 14.14
CA ASP A 636 -20.00 -35.52 13.18
C ASP A 636 -20.19 -36.47 11.98
N TYR A 637 -21.37 -37.08 11.84
CA TYR A 637 -21.68 -37.96 10.73
C TYR A 637 -20.90 -39.29 10.64
N LYS A 638 -20.09 -39.59 11.67
CA LYS A 638 -19.28 -40.80 11.69
C LYS A 638 -19.95 -42.09 12.19
N VAL A 639 -21.02 -41.94 12.97
CA VAL A 639 -21.77 -43.10 13.41
C VAL A 639 -23.02 -43.19 12.52
N GLN A 640 -23.22 -44.35 11.97
CA GLN A 640 -24.23 -44.53 10.97
C GLN A 640 -25.00 -45.80 11.22
N ARG A 641 -26.21 -45.87 10.63
CA ARG A 641 -27.05 -47.04 10.70
C ARG A 641 -27.74 -47.38 9.36
N SER A 642 -27.59 -48.65 8.94
CA SER A 642 -28.25 -49.10 7.74
C SER A 642 -29.14 -50.25 8.10
N ARG A 643 -30.29 -50.30 7.39
CA ARG A 643 -31.23 -51.41 7.56
C ARG A 643 -31.58 -52.03 6.22
N PHE A 644 -31.35 -53.34 6.11
CA PHE A 644 -31.53 -54.13 4.91
C PHE A 644 -32.83 -54.96 5.04
N SER A 645 -33.47 -55.25 3.91
CA SER A 645 -34.73 -56.03 3.93
C SER A 645 -34.52 -57.46 4.16
N SER A 646 -33.28 -57.96 4.31
CA SER A 646 -32.99 -59.27 4.88
C SER A 646 -33.28 -59.40 6.40
N GLY A 647 -33.63 -58.28 7.01
CA GLY A 647 -33.87 -58.18 8.47
C GLY A 647 -32.52 -57.99 9.20
N THR A 648 -31.61 -57.27 8.57
CA THR A 648 -30.25 -57.04 9.09
C THR A 648 -30.09 -55.61 9.34
N GLU A 649 -29.56 -55.21 10.51
CA GLU A 649 -29.29 -53.85 10.84
C GLU A 649 -27.77 -53.72 11.11
N VAL A 650 -27.13 -52.76 10.45
CA VAL A 650 -25.69 -52.50 10.68
C VAL A 650 -25.55 -51.13 11.26
N ILE A 651 -24.96 -51.02 12.45
CA ILE A 651 -24.52 -49.73 12.99
C ILE A 651 -22.98 -49.77 13.07
N ALA A 652 -22.36 -48.69 12.63
CA ALA A 652 -20.90 -48.62 12.70
C ALA A 652 -20.45 -47.25 12.94
N ASN A 653 -19.25 -47.16 13.53
CA ASN A 653 -18.62 -45.89 13.90
C ASN A 653 -17.29 -45.75 13.18
N LEU A 654 -17.28 -44.88 12.19
CA LEU A 654 -16.12 -44.73 11.28
C LEU A 654 -15.06 -43.75 11.78
N GLY A 655 -15.22 -43.32 13.04
CA GLY A 655 -14.29 -42.37 13.71
C GLY A 655 -13.64 -43.09 14.91
N PRO A 656 -12.67 -42.37 15.53
CA PRO A 656 -11.77 -43.01 16.49
C PRO A 656 -12.29 -43.06 17.88
N VAL A 657 -13.28 -42.23 18.17
CA VAL A 657 -13.79 -42.14 19.55
C VAL A 657 -15.15 -42.84 19.67
N ALA A 658 -15.34 -43.53 20.77
CA ALA A 658 -16.66 -44.07 21.10
C ALA A 658 -17.66 -43.01 21.14
N GLN A 659 -18.88 -43.26 20.63
CA GLN A 659 -19.95 -42.30 20.69
C GLN A 659 -21.28 -42.99 21.03
N LYS A 660 -22.14 -42.25 21.75
CA LYS A 660 -23.44 -42.82 22.10
C LYS A 660 -24.51 -42.45 21.07
N ILE A 661 -25.42 -43.35 20.85
CA ILE A 661 -26.65 -43.10 20.08
C ILE A 661 -27.93 -43.14 20.98
N GLU A 662 -29.12 -43.06 20.41
CA GLU A 662 -30.39 -43.45 21.20
C GLU A 662 -30.29 -44.61 22.20
N GLY A 663 -30.89 -44.34 23.37
CA GLY A 663 -30.92 -45.33 24.43
C GLY A 663 -29.60 -45.32 25.13
N GLY A 664 -28.70 -44.42 24.72
CA GLY A 664 -27.43 -44.37 25.40
C GLY A 664 -26.54 -45.54 25.09
N ILE A 665 -26.82 -46.32 24.03
CA ILE A 665 -25.92 -47.37 23.58
C ILE A 665 -24.63 -46.72 22.98
N SER A 666 -23.51 -47.19 23.40
CA SER A 666 -22.24 -46.67 22.92
C SER A 666 -21.69 -47.53 21.78
N ILE A 667 -21.19 -46.90 20.70
CA ILE A 667 -20.54 -47.65 19.64
C ILE A 667 -19.06 -47.29 19.69
N PRO A 668 -18.18 -48.28 19.83
CA PRO A 668 -16.79 -48.04 19.98
C PRO A 668 -16.23 -47.36 18.73
N GLY A 669 -15.10 -46.65 18.91
CA GLY A 669 -14.41 -46.09 17.74
C GLY A 669 -14.01 -47.27 16.84
N TYR A 670 -14.17 -47.09 15.52
CA TYR A 670 -13.97 -48.15 14.56
C TYR A 670 -14.68 -49.44 14.97
N GLY A 671 -15.91 -49.29 15.43
CA GLY A 671 -16.68 -50.38 16.05
C GLY A 671 -18.02 -50.56 15.38
N TYR A 672 -18.70 -51.64 15.80
CA TYR A 672 -19.97 -51.95 15.18
C TYR A 672 -20.91 -52.67 16.09
N ARG A 673 -22.20 -52.62 15.72
CA ARG A 673 -23.29 -53.40 16.37
C ARG A 673 -24.22 -53.81 15.27
N ILE A 674 -24.23 -55.09 15.01
CA ILE A 674 -24.96 -55.64 13.89
C ILE A 674 -26.02 -56.63 14.42
N GLN A 675 -27.25 -56.45 13.99
CA GLN A 675 -28.37 -57.35 14.37
C GLN A 675 -28.68 -58.16 13.16
N MET A 676 -28.50 -59.46 13.26
CA MET A 676 -28.65 -60.39 12.17
C MET A 676 -30.11 -60.93 12.18
N LYS A 677 -30.56 -61.47 11.06
CA LYS A 677 -31.91 -62.05 10.91
C LYS A 677 -32.18 -63.14 11.92
N ASP A 678 -31.19 -63.91 12.33
CA ASP A 678 -31.32 -65.04 13.27
C ASP A 678 -31.38 -64.58 14.72
N GLY A 679 -31.44 -63.27 15.01
CA GLY A 679 -31.57 -62.77 16.35
C GLY A 679 -30.27 -62.48 17.04
N SER A 680 -29.21 -62.93 16.43
CA SER A 680 -27.88 -62.76 17.01
C SER A 680 -27.42 -61.32 16.84
N LEU A 681 -26.62 -60.88 17.81
CA LEU A 681 -26.06 -59.57 17.83
C LEU A 681 -24.57 -59.64 17.74
N LYS A 682 -23.98 -59.03 16.73
CA LYS A 682 -22.54 -58.98 16.58
C LYS A 682 -22.04 -57.67 17.00
N THR A 683 -21.07 -57.67 17.94
CA THR A 683 -20.49 -56.42 18.44
C THR A 683 -18.98 -56.58 18.49
N GLY A 684 -18.30 -55.45 18.27
CA GLY A 684 -16.82 -55.54 18.22
C GLY A 684 -16.25 -54.21 17.70
N HIS A 685 -14.91 -54.20 17.61
CA HIS A 685 -14.19 -53.03 17.10
C HIS A 685 -12.80 -53.42 16.68
N PHE A 686 -12.22 -52.57 15.77
CA PHE A 686 -10.82 -52.73 15.37
C PHE A 686 -9.86 -52.11 16.41
N GLN A 687 -8.68 -52.66 16.50
CA GLN A 687 -7.63 -52.14 17.39
C GLN A 687 -6.35 -52.09 16.61
N VAL A 688 -5.56 -51.04 16.84
CA VAL A 688 -4.21 -51.01 16.23
C VAL A 688 -3.23 -51.11 17.40
N SER A 689 -2.36 -52.09 17.33
CA SER A 689 -1.43 -52.25 18.46
C SER A 689 -0.02 -52.16 17.99
N LEU A 690 0.91 -51.90 18.93
CA LEU A 690 2.31 -51.86 18.63
C LEU A 690 2.92 -53.04 19.34
N HIS A 691 3.61 -53.88 18.59
CA HIS A 691 4.35 -54.99 19.14
C HIS A 691 5.82 -54.64 19.18
N MET A 692 6.35 -54.29 20.39
CA MET A 692 7.79 -54.00 20.57
C MET A 692 8.44 -55.27 21.04
N ASP A 693 9.43 -55.80 20.31
CA ASP A 693 10.02 -57.11 20.64
C ASP A 693 10.92 -56.93 21.87
N PRO B 35 31.15 -29.18 -33.34
CA PRO B 35 30.70 -28.50 -32.10
C PRO B 35 31.69 -27.47 -31.54
N ILE B 36 31.16 -26.44 -30.86
CA ILE B 36 32.00 -25.63 -29.94
C ILE B 36 32.24 -26.32 -28.60
N VAL B 37 33.46 -26.24 -28.09
CA VAL B 37 33.80 -27.00 -26.89
C VAL B 37 34.18 -26.18 -25.64
N LEU B 38 33.56 -26.48 -24.46
CA LEU B 38 34.06 -25.94 -23.22
C LEU B 38 34.47 -27.13 -22.36
N GLU B 39 35.62 -27.09 -21.70
CA GLU B 39 36.07 -28.31 -21.05
C GLU B 39 36.95 -27.99 -19.92
N ASN B 40 36.89 -28.79 -18.88
CA ASN B 40 37.82 -28.74 -17.78
C ASN B 40 38.24 -30.19 -17.43
N GLY B 41 38.78 -30.44 -16.27
CA GLY B 41 39.25 -31.76 -15.92
C GLY B 41 38.13 -32.78 -15.68
N LYS B 42 36.90 -32.23 -15.51
CA LYS B 42 35.75 -33.08 -15.05
C LYS B 42 34.67 -33.20 -16.07
N LEU B 43 34.39 -32.12 -16.84
CA LEU B 43 33.35 -32.09 -17.81
C LEU B 43 33.82 -31.69 -19.18
N ASN B 44 33.14 -32.16 -20.19
CA ASN B 44 33.24 -31.62 -21.52
C ASN B 44 31.88 -31.19 -21.95
N ILE B 45 31.74 -29.92 -22.30
CA ILE B 45 30.48 -29.43 -22.85
C ILE B 45 30.59 -29.32 -24.37
N ASN B 46 29.75 -30.00 -25.12
CA ASN B 46 29.71 -29.83 -26.58
C ASN B 46 28.50 -29.04 -26.99
N ILE B 47 28.71 -27.92 -27.68
CA ILE B 47 27.69 -27.04 -28.10
C ILE B 47 27.58 -27.03 -29.62
N ASP B 48 26.41 -27.35 -30.08
CA ASP B 48 26.08 -27.41 -31.50
C ASP B 48 25.87 -25.99 -32.03
N SER B 49 26.72 -25.58 -32.97
CA SER B 49 26.67 -24.26 -33.59
C SER B 49 25.44 -23.93 -34.31
N LYS B 50 24.82 -24.93 -34.89
CA LYS B 50 23.68 -24.70 -35.67
C LYS B 50 22.39 -24.59 -34.84
N THR B 51 22.32 -25.27 -33.68
CA THR B 51 21.02 -25.30 -32.92
C THR B 51 21.20 -24.58 -31.57
N GLY B 52 22.43 -24.48 -31.08
CA GLY B 52 22.68 -23.98 -29.71
C GLY B 52 22.45 -25.05 -28.63
N CYS B 53 22.01 -26.22 -29.02
CA CYS B 53 21.87 -27.34 -28.07
C CYS B 53 23.18 -27.73 -27.55
N PHE B 54 23.22 -28.24 -26.32
CA PHE B 54 24.45 -28.75 -25.72
C PHE B 54 24.34 -30.10 -25.02
N SER B 55 25.43 -30.83 -24.97
CA SER B 55 25.56 -32.08 -24.23
C SER B 55 26.64 -31.93 -23.18
N VAL B 56 26.56 -32.71 -22.09
CA VAL B 56 27.57 -32.64 -21.05
C VAL B 56 28.10 -33.98 -20.80
N THR B 57 29.40 -34.21 -21.05
CA THR B 57 30.00 -35.48 -20.78
C THR B 57 30.65 -35.42 -19.41
N GLU B 58 30.26 -36.28 -18.49
CA GLU B 58 30.87 -36.37 -17.21
C GLU B 58 32.02 -37.39 -17.35
N LYS B 59 33.25 -36.84 -17.43
CA LYS B 59 34.36 -37.64 -17.98
C LYS B 59 34.68 -38.85 -17.21
N THR B 60 34.57 -38.81 -15.91
CA THR B 60 34.94 -39.98 -15.16
C THR B 60 34.06 -41.23 -15.46
N SER B 61 32.78 -41.06 -15.87
CA SER B 61 31.86 -42.20 -15.98
C SER B 61 31.57 -42.44 -17.41
N GLY B 62 31.79 -41.41 -18.22
CA GLY B 62 31.47 -41.41 -19.63
C GLY B 62 29.99 -41.20 -19.87
N HIS B 63 29.30 -40.89 -18.79
CA HIS B 63 27.87 -40.58 -18.95
C HIS B 63 27.75 -39.29 -19.70
N VAL B 64 26.96 -39.29 -20.76
CA VAL B 64 26.70 -38.15 -21.48
C VAL B 64 25.24 -37.69 -21.22
N TRP B 65 25.08 -36.50 -20.67
CA TRP B 65 23.78 -35.82 -20.57
C TRP B 65 23.46 -35.17 -21.89
N LYS B 66 22.31 -35.53 -22.43
CA LYS B 66 21.94 -35.21 -23.79
C LYS B 66 21.09 -33.97 -23.89
N SER B 67 21.15 -33.32 -25.04
CA SER B 67 20.23 -32.24 -25.29
C SER B 67 18.81 -32.83 -25.61
N ASP B 68 17.84 -31.96 -25.78
CA ASP B 68 16.42 -32.34 -26.03
C ASP B 68 16.37 -33.57 -26.98
N PRO B 69 15.95 -34.75 -26.49
CA PRO B 69 15.84 -35.94 -27.36
C PRO B 69 14.66 -35.87 -28.33
N TRP B 70 13.71 -35.00 -28.09
CA TRP B 70 12.58 -35.00 -28.97
C TRP B 70 12.67 -34.14 -30.23
N GLU B 71 12.96 -32.88 -30.06
CA GLU B 71 12.99 -31.94 -31.19
C GLU B 71 14.27 -31.20 -31.41
N ASN B 72 15.31 -31.55 -30.67
CA ASN B 72 16.56 -30.84 -30.72
C ASN B 72 16.37 -29.35 -30.47
N ALA B 73 15.58 -29.01 -29.46
CA ALA B 73 15.30 -27.66 -29.17
C ALA B 73 16.16 -27.17 -28.05
N ALA B 74 16.93 -26.13 -28.28
CA ALA B 74 17.71 -25.59 -27.19
C ALA B 74 16.85 -24.95 -26.08
N GLY B 75 15.76 -24.31 -26.52
CA GLY B 75 14.83 -23.65 -25.66
C GLY B 75 13.48 -23.64 -26.35
N LEU B 76 12.42 -23.48 -25.54
CA LEU B 76 11.06 -23.36 -26.01
C LEU B 76 10.48 -22.07 -25.51
N LEU B 77 10.11 -21.19 -26.44
CA LEU B 77 9.69 -19.85 -26.13
C LEU B 77 8.25 -19.65 -26.48
N THR B 78 7.47 -19.13 -25.54
CA THR B 78 6.07 -18.81 -25.79
C THR B 78 5.98 -17.34 -25.99
N LEU B 79 5.32 -16.95 -27.08
CA LEU B 79 5.20 -15.50 -27.39
C LEU B 79 3.97 -15.25 -28.24
N THR B 80 3.49 -14.01 -28.31
CA THR B 80 2.36 -13.75 -29.22
C THR B 80 2.86 -13.65 -30.69
N ASP B 81 1.98 -14.01 -31.63
CA ASP B 81 2.27 -13.82 -33.05
C ASP B 81 1.70 -12.46 -33.48
N SER B 82 1.75 -12.19 -34.78
CA SER B 82 1.27 -10.91 -35.35
C SER B 82 -0.23 -10.69 -35.11
N LYS B 83 -0.98 -11.78 -34.98
CA LYS B 83 -2.40 -11.77 -34.65
C LYS B 83 -2.59 -11.66 -33.13
N GLY B 84 -1.52 -11.81 -32.33
CA GLY B 84 -1.65 -11.81 -30.86
C GLY B 84 -2.10 -13.13 -30.22
N LYS B 85 -2.10 -14.25 -30.94
CA LYS B 85 -2.27 -15.59 -30.33
C LYS B 85 -0.89 -16.07 -29.80
N LYS B 86 -0.89 -16.57 -28.58
CA LYS B 86 0.29 -17.23 -28.02
C LYS B 86 0.60 -18.49 -28.77
N GLN B 87 1.88 -18.67 -29.02
CA GLN B 87 2.36 -19.85 -29.67
C GLN B 87 3.69 -20.23 -29.02
N THR B 88 4.06 -21.51 -29.02
CA THR B 88 5.35 -21.90 -28.44
C THR B 88 6.25 -22.41 -29.52
N VAL B 89 7.44 -21.83 -29.64
CA VAL B 89 8.38 -22.13 -30.70
C VAL B 89 9.70 -22.66 -30.17
N ASN B 90 10.30 -23.48 -31.00
CA ASN B 90 11.66 -24.00 -30.80
C ASN B 90 12.66 -22.96 -31.23
N ILE B 91 13.45 -22.41 -30.30
CA ILE B 91 14.30 -21.27 -30.61
C ILE B 91 15.45 -21.72 -31.49
N SER B 92 15.66 -23.03 -31.60
CA SER B 92 16.76 -23.54 -32.42
C SER B 92 16.40 -23.46 -33.93
N LYS B 93 15.14 -23.19 -34.22
CA LYS B 93 14.65 -22.91 -35.59
C LYS B 93 14.65 -21.42 -35.91
N SER B 94 15.34 -20.60 -35.12
CA SER B 94 15.35 -19.19 -35.37
C SER B 94 16.09 -18.93 -36.71
N LYS B 95 15.83 -17.76 -37.31
CA LYS B 95 16.45 -17.47 -38.63
C LYS B 95 17.96 -17.40 -38.52
N LYS B 96 18.43 -16.88 -37.40
CA LYS B 96 19.83 -16.78 -37.12
C LYS B 96 20.20 -17.23 -35.69
N ILE B 97 21.26 -18.01 -35.57
CA ILE B 97 21.76 -18.53 -34.31
C ILE B 97 23.21 -18.28 -34.32
N GLU B 98 23.72 -17.62 -33.31
CA GLU B 98 25.09 -17.24 -33.18
C GLU B 98 25.59 -17.85 -31.91
N VAL B 99 26.64 -18.65 -32.02
CA VAL B 99 27.24 -19.32 -30.90
C VAL B 99 28.72 -19.03 -30.94
N SER B 100 29.31 -18.48 -29.91
CA SER B 100 30.73 -18.30 -29.99
C SER B 100 31.38 -18.37 -28.65
N LYS B 101 32.63 -18.81 -28.59
CA LYS B 101 33.36 -18.71 -27.36
C LYS B 101 33.83 -17.34 -27.16
N THR B 102 33.38 -16.67 -26.10
CA THR B 102 33.71 -15.28 -25.82
C THR B 102 34.70 -15.14 -24.67
N ALA B 103 35.04 -16.25 -24.01
CA ALA B 103 36.06 -16.30 -22.99
C ALA B 103 36.45 -17.74 -22.82
N LYS B 104 37.51 -18.01 -22.08
CA LYS B 104 38.07 -19.32 -22.07
C LYS B 104 36.97 -20.32 -21.69
N ASN B 105 36.21 -19.95 -20.66
CA ASN B 105 35.16 -20.84 -20.12
C ASN B 105 33.75 -20.27 -20.29
N THR B 106 33.53 -19.43 -21.32
CA THR B 106 32.20 -18.90 -21.61
C THR B 106 31.84 -19.04 -23.08
N VAL B 107 30.66 -19.54 -23.36
CA VAL B 107 30.12 -19.52 -24.70
C VAL B 107 28.88 -18.63 -24.64
N SER B 108 28.77 -17.76 -25.64
CA SER B 108 27.67 -16.85 -25.78
C SER B 108 26.85 -17.30 -26.90
N LEU B 109 25.54 -17.35 -26.66
CA LEU B 109 24.59 -17.70 -27.68
C LEU B 109 23.53 -16.66 -27.92
N LYS B 110 23.09 -16.58 -29.18
CA LYS B 110 22.06 -15.68 -29.55
C LYS B 110 21.10 -16.29 -30.56
N PHE B 111 19.81 -16.20 -30.29
CA PHE B 111 18.79 -16.76 -31.09
C PHE B 111 17.94 -15.61 -31.61
N ILE B 112 18.02 -15.38 -32.94
CA ILE B 112 17.48 -14.16 -33.55
C ILE B 112 16.40 -14.51 -34.57
N ASP B 113 15.26 -13.84 -34.38
CA ASP B 113 14.11 -13.96 -35.20
C ASP B 113 13.53 -15.39 -35.25
N PRO B 114 12.85 -15.80 -34.18
CA PRO B 114 12.26 -17.10 -34.23
C PRO B 114 11.23 -17.22 -35.34
N VAL B 115 11.00 -18.44 -35.78
CA VAL B 115 9.99 -18.76 -36.79
C VAL B 115 8.73 -19.43 -36.21
N PHE B 116 7.53 -18.87 -36.47
CA PHE B 116 6.25 -19.46 -36.08
C PHE B 116 5.90 -20.69 -36.90
N GLU B 117 4.84 -21.39 -36.47
CA GLU B 117 4.36 -22.69 -37.01
C GLU B 117 4.04 -22.52 -38.47
N ASP B 118 3.42 -21.39 -38.80
CA ASP B 118 3.02 -21.10 -40.17
C ASP B 118 4.16 -20.56 -41.07
N GLY B 119 5.36 -20.38 -40.55
CA GLY B 119 6.49 -19.91 -41.35
C GLY B 119 6.73 -18.41 -41.30
N SER B 120 5.83 -17.63 -40.75
CA SER B 120 6.08 -16.22 -40.48
C SER B 120 7.20 -16.07 -39.48
N VAL B 121 7.78 -14.88 -39.41
CA VAL B 121 8.96 -14.62 -38.60
C VAL B 121 8.62 -13.60 -37.51
N ALA B 122 9.06 -13.85 -36.28
CA ALA B 122 8.98 -12.86 -35.22
C ALA B 122 10.16 -11.92 -35.29
N LYS B 123 10.13 -11.01 -36.29
CA LYS B 123 11.26 -10.13 -36.55
C LYS B 123 11.52 -9.28 -35.38
N GLY B 124 12.79 -9.17 -35.00
CA GLY B 124 13.17 -8.26 -33.91
C GLY B 124 13.12 -8.90 -32.51
N VAL B 125 12.67 -10.13 -32.44
CA VAL B 125 12.75 -10.95 -31.21
C VAL B 125 14.10 -11.65 -31.14
N SER B 126 14.77 -11.54 -30.00
CA SER B 126 15.99 -12.25 -29.79
C SER B 126 16.08 -12.70 -28.30
N ILE B 127 16.81 -13.78 -28.14
CA ILE B 127 17.13 -14.34 -26.79
C ILE B 127 18.62 -14.52 -26.81
N ALA B 128 19.32 -14.02 -25.79
CA ALA B 128 20.75 -14.21 -25.61
C ALA B 128 20.96 -14.98 -24.33
N THR B 129 21.92 -15.93 -24.36
CA THR B 129 22.21 -16.76 -23.23
C THR B 129 23.68 -16.96 -23.12
N GLU B 130 24.14 -17.40 -21.95
CA GLU B 130 25.53 -17.80 -21.75
C GLU B 130 25.63 -19.17 -21.06
N LEU B 131 26.65 -19.90 -21.43
CA LEU B 131 27.09 -21.12 -20.74
C LEU B 131 28.47 -20.85 -20.19
N ARG B 132 28.61 -21.00 -18.89
CA ARG B 132 29.81 -20.65 -18.18
C ARG B 132 30.30 -21.84 -17.34
N LEU B 133 31.42 -22.45 -17.78
CA LEU B 133 32.03 -23.56 -17.04
C LEU B 133 32.95 -23.15 -15.95
N ASP B 134 32.82 -23.71 -14.76
CA ASP B 134 33.74 -23.41 -13.67
C ASP B 134 35.14 -23.88 -14.11
N PRO B 135 36.19 -23.12 -13.73
CA PRO B 135 37.47 -23.61 -14.30
C PRO B 135 37.92 -24.89 -13.65
N ASN B 136 37.48 -25.18 -12.43
CA ASN B 136 37.98 -26.35 -11.66
C ASN B 136 36.91 -27.45 -11.46
N ASN B 137 35.71 -27.00 -11.17
CA ASN B 137 34.69 -27.95 -10.67
C ASN B 137 33.72 -28.34 -11.76
N ALA B 138 32.97 -29.43 -11.46
CA ALA B 138 32.01 -29.97 -12.35
C ALA B 138 30.68 -29.16 -12.19
N GLN B 139 30.75 -27.91 -12.59
N GLN B 139 30.75 -27.94 -12.66
CA GLN B 139 29.67 -26.94 -12.32
CA GLN B 139 29.70 -26.93 -12.41
C GLN B 139 29.54 -26.00 -13.51
C GLN B 139 29.56 -26.13 -13.68
N LEU B 140 28.33 -25.97 -14.15
CA LEU B 140 28.05 -25.23 -15.32
C LEU B 140 26.97 -24.19 -14.97
N ASP B 141 27.24 -22.90 -15.17
CA ASP B 141 26.19 -21.90 -15.07
C ASP B 141 25.55 -21.67 -16.43
N VAL B 142 24.22 -21.57 -16.43
CA VAL B 142 23.45 -21.33 -17.64
C VAL B 142 22.60 -20.12 -17.30
N GLU B 143 22.71 -19.08 -18.13
CA GLU B 143 22.01 -17.80 -17.87
C GLU B 143 21.35 -17.23 -19.10
N VAL B 144 20.10 -16.80 -18.98
CA VAL B 144 19.45 -16.05 -20.03
C VAL B 144 19.77 -14.56 -19.71
N THR B 145 20.61 -13.97 -20.56
CA THR B 145 21.20 -12.66 -20.29
C THR B 145 20.49 -11.52 -20.96
N GLU B 146 19.76 -11.74 -22.03
CA GLU B 146 18.92 -10.70 -22.54
C GLU B 146 17.83 -11.23 -23.41
N HIS B 147 16.74 -10.49 -23.43
CA HIS B 147 15.68 -10.78 -24.33
C HIS B 147 15.06 -9.50 -24.94
N ARG B 148 14.76 -9.59 -26.23
CA ARG B 148 14.14 -8.49 -26.99
C ARG B 148 12.87 -9.02 -27.59
N SER B 149 11.82 -8.22 -27.43
CA SER B 149 10.51 -8.62 -27.86
C SER B 149 9.98 -7.96 -29.16
N GLY B 150 10.64 -6.91 -29.64
CA GLY B 150 10.12 -6.18 -30.80
C GLY B 150 8.66 -5.78 -30.61
N ASN B 151 7.85 -6.09 -31.61
CA ASN B 151 6.43 -5.80 -31.54
C ASN B 151 5.64 -6.96 -31.07
N PHE B 152 6.32 -7.93 -30.45
CA PHE B 152 5.63 -9.08 -29.89
C PHE B 152 5.64 -8.99 -28.38
N THR B 153 4.97 -9.93 -27.70
CA THR B 153 5.09 -10.04 -26.24
C THR B 153 5.63 -11.47 -25.94
N LEU B 154 6.70 -11.53 -25.15
CA LEU B 154 7.30 -12.82 -24.74
C LEU B 154 6.78 -13.22 -23.38
N TYR B 155 6.51 -14.53 -23.24
CA TYR B 155 6.06 -15.07 -21.98
C TYR B 155 7.09 -16.14 -21.52
N ASP B 156 6.70 -17.39 -21.48
CA ASP B 156 7.58 -18.41 -20.88
C ASP B 156 8.79 -18.68 -21.79
N LEU B 157 9.93 -18.99 -21.16
CA LEU B 157 11.04 -19.57 -21.87
C LEU B 157 11.56 -20.78 -21.06
N ARG B 158 11.45 -21.97 -21.65
CA ARG B 158 12.08 -23.16 -21.12
C ARG B 158 13.47 -23.19 -21.65
N TYR B 159 14.43 -23.05 -20.76
CA TYR B 159 15.85 -22.99 -21.15
C TYR B 159 16.70 -23.39 -19.97
N PRO B 160 17.54 -24.41 -20.17
CA PRO B 160 17.57 -25.36 -21.33
C PRO B 160 16.34 -26.22 -21.45
N ALA B 161 15.91 -26.50 -22.65
CA ALA B 161 14.67 -27.30 -22.87
C ALA B 161 15.00 -28.80 -22.87
N ARG B 162 14.26 -29.58 -22.06
CA ARG B 162 14.29 -31.03 -22.09
C ARG B 162 15.69 -31.55 -21.96
N ALA B 163 16.46 -30.86 -21.14
CA ALA B 163 17.82 -31.16 -20.87
C ALA B 163 17.96 -32.22 -19.74
N PHE B 164 19.14 -32.85 -19.60
CA PHE B 164 19.46 -33.69 -18.41
C PHE B 164 18.43 -34.83 -18.25
N SER B 165 17.90 -35.31 -19.34
CA SER B 165 16.80 -36.31 -19.31
C SER B 165 17.31 -37.68 -18.95
N LEU B 166 16.37 -38.50 -18.46
CA LEU B 166 16.54 -39.92 -18.25
C LEU B 166 15.66 -40.65 -19.21
N LYS B 167 16.13 -41.77 -19.79
CA LYS B 167 15.36 -42.54 -20.72
C LYS B 167 14.58 -43.64 -19.97
N THR B 168 13.29 -43.58 -20.04
CA THR B 168 12.46 -44.47 -19.22
C THR B 168 12.75 -45.93 -19.53
N ASP B 169 12.90 -46.70 -18.51
CA ASP B 169 13.09 -48.16 -18.57
C ASP B 169 14.50 -48.49 -19.16
N GLU B 170 15.35 -47.51 -19.24
CA GLU B 170 16.81 -47.72 -19.68
C GLU B 170 17.66 -47.22 -18.53
N ASP B 171 17.58 -45.93 -18.24
CA ASP B 171 18.15 -45.36 -17.04
C ASP B 171 17.37 -45.79 -15.80
N LYS B 172 18.06 -46.36 -14.85
CA LYS B 172 17.50 -46.73 -13.57
C LYS B 172 17.86 -45.61 -12.57
N GLY B 173 16.93 -44.69 -12.30
CA GLY B 173 17.22 -43.60 -11.44
C GLY B 173 15.92 -42.83 -11.20
N ALA B 174 16.00 -41.52 -11.09
CA ALA B 174 14.79 -40.73 -10.73
C ALA B 174 15.02 -39.27 -11.01
N ALA B 175 13.92 -38.55 -11.15
CA ALA B 175 13.90 -37.16 -10.94
C ALA B 175 13.74 -36.84 -9.48
N VAL B 176 14.33 -35.72 -9.06
CA VAL B 176 14.38 -35.34 -7.67
C VAL B 176 13.79 -33.92 -7.53
N ILE B 177 12.68 -33.80 -6.76
CA ILE B 177 11.90 -32.58 -6.80
C ILE B 177 11.55 -32.18 -5.35
N PRO B 178 12.03 -31.07 -4.86
CA PRO B 178 11.72 -30.69 -3.44
C PRO B 178 10.30 -30.09 -3.33
N GLN B 179 9.34 -30.91 -3.70
CA GLN B 179 7.91 -30.58 -3.51
C GLN B 179 7.54 -30.80 -2.05
N LYS B 180 7.41 -29.70 -1.33
CA LYS B 180 7.20 -29.63 0.13
C LYS B 180 8.35 -30.40 0.75
N GLN B 181 8.13 -31.42 1.53
CA GLN B 181 9.27 -32.18 2.13
C GLN B 181 10.17 -32.79 1.06
N GLY B 182 9.55 -33.24 -0.04
CA GLY B 182 10.27 -33.70 -1.23
C GLY B 182 9.81 -35.05 -1.72
N VAL B 183 10.05 -35.25 -3.01
CA VAL B 183 9.81 -36.54 -3.65
C VAL B 183 10.86 -36.93 -4.66
N ILE B 184 10.91 -38.21 -4.97
CA ILE B 184 11.56 -38.70 -6.19
C ILE B 184 10.58 -39.34 -7.15
N CYS B 185 10.88 -39.28 -8.41
CA CYS B 185 10.07 -39.91 -9.47
C CYS B 185 10.96 -40.87 -10.27
N PRO B 186 10.88 -42.16 -9.95
CA PRO B 186 11.62 -43.16 -10.71
C PRO B 186 11.43 -43.04 -12.24
N SER B 187 12.52 -43.32 -12.96
CA SER B 187 12.57 -43.33 -14.41
C SER B 187 12.32 -44.68 -15.05
N TYR B 188 11.59 -45.56 -14.37
CA TYR B 188 11.40 -46.91 -14.83
C TYR B 188 10.20 -47.47 -14.04
N ILE B 189 9.58 -48.51 -14.61
CA ILE B 189 8.50 -49.26 -13.89
C ILE B 189 9.09 -50.35 -13.00
N PHE B 190 8.46 -50.50 -11.83
CA PHE B 190 8.94 -51.33 -10.74
C PHE B 190 7.77 -52.04 -10.06
N PRO B 191 8.04 -53.08 -9.29
CA PRO B 191 6.92 -53.76 -8.60
C PRO B 191 6.32 -52.90 -7.53
N MET B 192 4.97 -52.94 -7.41
CA MET B 192 4.26 -52.26 -6.35
C MET B 192 2.89 -52.86 -6.24
N ASN B 193 2.12 -52.41 -5.25
CA ASN B 193 0.75 -52.82 -5.09
C ASN B 193 0.03 -52.63 -6.41
N GLY B 194 -0.79 -53.60 -6.78
CA GLY B 194 -1.41 -53.59 -8.10
C GLY B 194 -2.29 -52.35 -8.32
N GLY B 195 -3.03 -51.86 -7.34
CA GLY B 195 -3.81 -50.59 -7.51
C GLY B 195 -2.98 -49.39 -7.74
N ARG B 196 -1.93 -49.27 -6.92
CA ARG B 196 -0.98 -48.25 -7.10
C ARG B 196 -0.30 -48.37 -8.47
N PHE B 197 0.02 -49.56 -8.92
CA PHE B 197 0.71 -49.75 -10.20
C PHE B 197 -0.14 -49.28 -11.38
N CYS B 198 -1.41 -49.59 -11.36
CA CYS B 198 -2.32 -49.09 -12.45
C CYS B 198 -2.33 -47.58 -12.50
N LYS B 199 -2.46 -46.96 -11.32
CA LYS B 199 -2.52 -45.49 -11.29
C LYS B 199 -1.19 -44.91 -11.74
N TRP B 200 -0.08 -45.49 -11.33
CA TRP B 200 1.28 -44.99 -11.64
C TRP B 200 1.52 -45.08 -13.13
N ASP B 201 1.38 -46.28 -13.65
CA ASP B 201 1.68 -46.47 -15.07
C ASP B 201 0.77 -45.60 -15.97
N ASP B 202 -0.53 -45.58 -15.64
CA ASP B 202 -1.49 -44.80 -16.40
C ASP B 202 -1.16 -43.34 -16.45
N ALA B 203 -0.68 -42.80 -15.32
CA ALA B 203 -0.36 -41.40 -15.26
C ALA B 203 0.79 -41.02 -16.16
N THR B 204 1.70 -41.95 -16.37
CA THR B 204 2.87 -41.70 -17.25
C THR B 204 2.46 -41.62 -18.72
N TYR B 205 1.24 -41.99 -19.00
CA TYR B 205 0.67 -41.82 -20.41
C TYR B 205 -0.40 -40.76 -20.52
N ASN B 206 -0.65 -40.03 -19.47
CA ASN B 206 -1.57 -38.93 -19.61
C ASN B 206 -1.08 -37.65 -18.97
N ASN B 207 -1.96 -36.62 -18.84
CA ASN B 207 -1.54 -35.35 -18.44
C ASN B 207 -1.16 -35.23 -16.95
N LYS B 208 -1.34 -36.29 -16.20
CA LYS B 208 -0.88 -36.28 -14.80
C LYS B 208 0.63 -36.19 -14.73
N SER B 209 1.34 -36.64 -15.74
CA SER B 209 2.82 -36.67 -15.70
C SER B 209 3.54 -35.51 -16.36
N GLN B 210 2.82 -34.45 -16.66
CA GLN B 210 3.39 -33.24 -17.20
C GLN B 210 2.71 -32.00 -16.64
N GLY B 211 3.51 -30.96 -16.42
CA GLY B 211 3.00 -29.79 -15.83
C GLY B 211 4.08 -28.95 -15.21
N SER B 212 3.67 -27.97 -14.41
CA SER B 212 4.68 -27.13 -13.78
C SER B 212 4.35 -26.86 -12.29
N LEU B 213 5.38 -26.51 -11.53
CA LEU B 213 5.28 -26.13 -10.11
C LEU B 213 6.04 -24.82 -9.88
N GLU B 214 5.65 -24.10 -8.83
CA GLU B 214 6.31 -22.85 -8.47
C GLU B 214 7.08 -22.94 -7.20
N LEU B 215 7.96 -22.00 -7.00
CA LEU B 215 8.84 -21.98 -5.83
C LEU B 215 8.19 -21.22 -4.64
N PHE B 216 8.41 -21.76 -3.47
CA PHE B 216 8.18 -21.15 -2.17
C PHE B 216 6.72 -20.83 -1.86
N ASN B 217 5.84 -21.76 -2.19
CA ASN B 217 4.47 -21.75 -1.67
C ASN B 217 4.23 -22.91 -0.72
N ASN B 218 3.11 -22.78 -0.01
CA ASN B 218 2.60 -23.81 0.87
C ASN B 218 1.53 -24.74 0.22
N GLY B 219 1.40 -24.66 -1.08
CA GLY B 219 0.47 -25.49 -1.86
C GLY B 219 1.30 -26.60 -2.49
N THR B 220 1.15 -26.63 -3.78
CA THR B 220 1.74 -27.73 -4.53
C THR B 220 3.21 -27.60 -4.83
N GLY B 221 3.83 -26.49 -4.48
CA GLY B 221 5.12 -26.13 -4.95
C GLY B 221 6.37 -26.62 -4.21
N LEU B 222 7.51 -26.12 -4.69
CA LEU B 222 8.83 -26.49 -4.19
C LEU B 222 9.22 -25.59 -3.01
N THR B 223 9.98 -26.16 -2.13
CA THR B 223 10.48 -25.46 -0.94
C THR B 223 11.97 -25.15 -0.97
N MET B 224 12.66 -25.66 -1.97
CA MET B 224 14.06 -25.29 -2.20
C MET B 224 14.21 -25.02 -3.69
N PRO B 225 15.13 -24.13 -4.05
CA PRO B 225 15.32 -23.66 -5.40
C PRO B 225 16.29 -24.59 -6.20
N TRP B 226 15.99 -25.89 -6.21
CA TRP B 226 16.79 -26.81 -7.01
C TRP B 226 15.99 -28.02 -7.42
N TRP B 227 16.47 -28.77 -8.36
CA TRP B 227 15.91 -30.02 -8.78
C TRP B 227 16.97 -30.79 -9.55
N GLY B 228 16.67 -32.04 -9.83
CA GLY B 228 17.69 -32.83 -10.52
C GLY B 228 17.24 -34.15 -11.01
N THR B 229 18.17 -34.79 -11.70
CA THR B 229 18.00 -36.14 -12.23
C THR B 229 19.25 -36.97 -11.97
N TYR B 230 19.06 -38.28 -11.77
CA TYR B 230 20.21 -39.18 -11.59
C TYR B 230 19.85 -40.52 -12.19
N ASN B 231 20.92 -41.18 -12.68
CA ASN B 231 20.83 -42.62 -13.04
C ASN B 231 21.86 -43.38 -12.19
N GLU B 232 22.22 -44.61 -12.59
CA GLU B 232 23.10 -45.41 -11.75
C GLU B 232 24.57 -44.95 -11.91
N LYS B 233 24.86 -44.11 -12.84
CA LYS B 233 26.25 -43.56 -13.03
C LYS B 233 26.46 -42.19 -12.51
N SER B 234 25.46 -41.31 -12.71
CA SER B 234 25.72 -39.94 -12.28
C SER B 234 24.44 -39.15 -12.03
N ALA B 235 24.65 -38.03 -11.42
CA ALA B 235 23.58 -37.08 -10.99
C ALA B 235 23.88 -35.70 -11.48
N VAL B 236 22.82 -34.95 -11.78
CA VAL B 236 22.92 -33.52 -12.03
C VAL B 236 21.78 -32.81 -11.26
N MET B 237 22.07 -31.65 -10.73
N MET B 237 22.08 -31.65 -10.69
CA MET B 237 21.04 -30.78 -10.16
CA MET B 237 21.07 -30.81 -10.04
C MET B 237 21.30 -29.43 -10.69
C MET B 237 21.36 -29.37 -10.41
N GLY B 238 20.29 -28.59 -10.61
CA GLY B 238 20.40 -27.18 -10.93
C GLY B 238 19.89 -26.34 -9.77
N ILE B 239 20.65 -25.34 -9.34
CA ILE B 239 20.28 -24.40 -8.30
C ILE B 239 19.98 -23.07 -8.94
N VAL B 240 18.79 -22.57 -8.66
CA VAL B 240 18.31 -21.33 -9.23
C VAL B 240 18.88 -20.12 -8.47
N ASP B 241 19.32 -19.12 -9.21
CA ASP B 241 19.88 -17.91 -8.61
C ASP B 241 18.87 -17.37 -7.57
N VAL B 242 19.38 -16.90 -6.46
CA VAL B 242 18.60 -16.33 -5.39
C VAL B 242 17.64 -15.23 -5.84
N SER B 243 17.96 -14.48 -6.91
CA SER B 243 17.14 -13.34 -7.33
C SER B 243 16.02 -13.69 -8.20
N ALA B 244 15.91 -14.94 -8.60
CA ALA B 244 14.93 -15.30 -9.67
C ALA B 244 13.84 -16.29 -9.20
N ARG B 245 12.71 -16.25 -9.87
CA ARG B 245 11.59 -17.13 -9.57
C ARG B 245 11.07 -17.82 -10.81
N PRO B 246 11.92 -18.66 -11.48
CA PRO B 246 11.38 -19.50 -12.51
C PRO B 246 10.37 -20.52 -11.98
N HIS B 247 9.50 -21.00 -12.83
CA HIS B 247 8.76 -22.20 -12.48
C HIS B 247 9.57 -23.42 -12.92
N MET B 248 9.13 -24.60 -12.51
CA MET B 248 9.73 -25.85 -12.93
C MET B 248 8.73 -26.71 -13.70
N GLN B 249 9.07 -27.06 -14.94
CA GLN B 249 8.25 -27.98 -15.73
C GLN B 249 8.72 -29.39 -15.46
N TYR B 250 7.78 -30.29 -15.30
CA TYR B 250 8.09 -31.70 -15.20
C TYR B 250 7.49 -32.50 -16.33
N ASN B 251 8.18 -33.61 -16.57
CA ASN B 251 7.72 -34.64 -17.52
C ASN B 251 8.18 -36.00 -17.02
N ILE B 252 7.28 -36.77 -16.45
CA ILE B 252 7.60 -37.96 -15.70
C ILE B 252 7.28 -39.22 -16.51
N ASN B 253 8.23 -39.66 -17.36
CA ASN B 253 8.12 -40.89 -18.12
C ASN B 253 7.11 -40.76 -19.27
N ASN B 254 6.74 -39.54 -19.60
CA ASN B 254 5.71 -39.26 -20.62
C ASN B 254 6.47 -39.15 -21.98
N ASN B 255 5.86 -39.70 -23.04
CA ASN B 255 6.43 -39.56 -24.37
C ASN B 255 5.99 -38.32 -25.15
N GLY B 256 5.35 -37.34 -24.52
CA GLY B 256 4.89 -36.13 -25.19
C GLY B 256 3.60 -36.18 -25.96
N GLN B 257 2.78 -37.19 -25.71
CA GLN B 257 1.50 -37.30 -26.34
C GLN B 257 0.66 -36.07 -26.13
N TYR B 258 0.83 -35.41 -25.02
CA TYR B 258 0.15 -34.14 -24.79
C TYR B 258 0.41 -33.07 -25.83
N LEU B 259 1.52 -33.14 -26.50
CA LEU B 259 1.87 -32.18 -27.57
C LEU B 259 1.10 -32.49 -28.85
N PHE B 260 0.51 -33.67 -28.95
CA PHE B 260 -0.09 -34.13 -30.22
C PHE B 260 -1.58 -34.41 -30.16
N ASN B 261 -2.20 -34.41 -28.97
CA ASN B 261 -3.60 -34.72 -28.89
C ASN B 261 -4.51 -33.83 -29.71
N ALA B 262 -4.21 -32.51 -29.71
CA ALA B 262 -5.11 -31.61 -30.42
C ALA B 262 -4.99 -31.89 -31.89
N LYS B 263 -3.84 -32.33 -32.37
CA LYS B 263 -3.65 -32.68 -33.78
C LYS B 263 -4.20 -34.05 -34.12
N GLY B 264 -4.56 -34.85 -33.11
CA GLY B 264 -5.07 -36.20 -33.40
C GLY B 264 -4.09 -37.17 -33.98
N VAL B 265 -2.84 -37.11 -33.62
CA VAL B 265 -1.83 -38.07 -34.03
C VAL B 265 -1.11 -38.68 -32.83
N MET B 266 -0.47 -39.83 -33.05
CA MET B 266 0.30 -40.50 -32.00
C MET B 266 1.64 -39.81 -31.85
N SER B 267 2.15 -39.65 -30.61
CA SER B 267 3.48 -39.12 -30.48
C SER B 267 4.52 -40.01 -31.10
N PRO B 268 5.49 -39.42 -31.80
CA PRO B 268 6.62 -40.13 -32.31
C PRO B 268 7.81 -40.17 -31.40
N TYR B 269 7.67 -39.59 -30.19
CA TYR B 269 8.77 -39.51 -29.28
C TYR B 269 8.80 -40.56 -28.22
N GLN B 270 9.97 -40.67 -27.60
CA GLN B 270 10.25 -41.67 -26.59
C GLN B 270 9.92 -41.19 -25.14
N ARG B 271 9.49 -42.14 -24.34
CA ARG B 271 9.27 -41.83 -22.89
C ARG B 271 10.55 -41.46 -22.21
N ILE B 272 10.59 -40.27 -21.58
CA ILE B 272 11.74 -39.78 -20.89
C ILE B 272 11.28 -39.04 -19.63
N VAL B 273 12.24 -38.77 -18.77
CA VAL B 273 12.06 -37.90 -17.62
C VAL B 273 12.88 -36.66 -17.77
N PHE B 274 12.27 -35.50 -17.60
CA PHE B 274 12.98 -34.25 -17.56
C PHE B 274 12.27 -33.24 -16.63
N LEU B 275 13.11 -32.33 -16.18
CA LEU B 275 12.72 -31.15 -15.39
C LEU B 275 13.36 -29.91 -16.00
N ASP B 276 12.59 -28.89 -16.35
CA ASP B 276 13.13 -27.70 -17.01
C ASP B 276 12.81 -26.41 -16.22
N PRO B 277 13.69 -25.45 -16.15
CA PRO B 277 13.30 -24.17 -15.65
C PRO B 277 12.42 -23.45 -16.70
N ILE B 278 11.39 -22.76 -16.20
CA ILE B 278 10.50 -21.86 -16.97
C ILE B 278 10.79 -20.47 -16.47
N TRP B 279 11.49 -19.68 -17.32
CA TRP B 279 11.75 -18.26 -17.08
C TRP B 279 10.53 -17.46 -17.55
N LYS B 280 9.96 -16.69 -16.64
CA LYS B 280 8.75 -15.94 -16.93
C LYS B 280 9.13 -14.55 -17.45
N LEU B 281 9.31 -14.48 -18.73
CA LEU B 281 9.98 -13.31 -19.33
C LEU B 281 9.17 -12.07 -19.17
N ASP B 282 7.87 -12.23 -19.10
CA ASP B 282 6.95 -11.07 -18.86
C ASP B 282 6.96 -10.53 -17.43
N GLN B 283 7.56 -11.24 -16.46
CA GLN B 283 7.57 -10.88 -15.05
C GLN B 283 8.92 -10.75 -14.42
N GLU B 284 9.87 -11.54 -14.90
CA GLU B 284 11.10 -11.74 -14.18
C GLU B 284 12.03 -10.53 -14.33
N LYS B 285 12.49 -10.03 -13.19
CA LYS B 285 13.46 -8.93 -13.13
C LYS B 285 14.76 -9.38 -12.53
N GLY B 286 14.80 -10.62 -12.04
CA GLY B 286 16.06 -11.08 -11.45
C GLY B 286 17.02 -11.64 -12.51
N LYS B 287 18.15 -12.13 -12.06
CA LYS B 287 19.12 -12.80 -12.88
C LYS B 287 18.71 -14.24 -13.20
N MET B 288 18.55 -14.54 -14.48
CA MET B 288 17.91 -15.76 -15.01
C MET B 288 19.00 -16.79 -15.16
N ARG B 289 19.58 -17.14 -14.02
CA ARG B 289 20.71 -18.07 -13.94
C ARG B 289 20.35 -19.29 -13.13
N ILE B 290 20.74 -20.45 -13.66
CA ILE B 290 20.65 -21.74 -12.93
C ILE B 290 22.11 -22.32 -12.95
N SER B 291 22.54 -22.85 -11.83
CA SER B 291 23.89 -23.44 -11.66
C SER B 291 23.74 -24.95 -11.59
N TYR B 292 24.27 -25.64 -12.60
CA TYR B 292 24.21 -27.07 -12.63
C TYR B 292 25.46 -27.68 -11.99
N HIS B 293 25.24 -28.69 -11.11
CA HIS B 293 26.30 -29.35 -10.39
C HIS B 293 26.23 -30.76 -10.76
N PHE B 294 27.37 -31.35 -11.11
CA PHE B 294 27.41 -32.71 -11.67
C PHE B 294 28.12 -33.60 -10.73
N ILE B 295 27.49 -34.69 -10.29
CA ILE B 295 27.92 -35.48 -9.18
C ILE B 295 28.05 -36.97 -9.57
N PRO B 296 29.30 -37.46 -9.81
CA PRO B 296 29.45 -38.88 -10.20
C PRO B 296 28.98 -39.78 -9.12
N GLY B 297 28.19 -40.82 -9.49
CA GLY B 297 27.55 -41.77 -8.61
C GLY B 297 26.58 -41.15 -7.56
N GLY B 298 26.15 -39.91 -7.80
CA GLY B 298 25.32 -39.21 -6.80
C GLY B 298 23.84 -39.61 -6.96
N ASP B 299 23.12 -39.31 -5.88
CA ASP B 299 21.60 -39.42 -5.98
C ASP B 299 21.04 -38.24 -5.22
N TYR B 300 19.73 -38.33 -4.83
CA TYR B 300 19.10 -37.26 -4.10
C TYR B 300 19.74 -36.83 -2.81
N VAL B 301 20.42 -37.74 -2.08
CA VAL B 301 21.10 -37.34 -0.88
C VAL B 301 22.27 -36.44 -1.20
N ASP B 302 23.05 -36.82 -2.19
CA ASP B 302 24.19 -35.99 -2.59
C ASP B 302 23.78 -34.64 -3.09
N MET B 303 22.69 -34.61 -3.83
CA MET B 303 22.14 -33.31 -4.22
C MET B 303 21.77 -32.46 -3.09
N ALA B 304 21.08 -33.04 -2.09
CA ALA B 304 20.68 -32.28 -0.92
C ALA B 304 21.87 -31.65 -0.18
N LYS B 305 22.93 -32.42 -0.06
CA LYS B 305 24.12 -31.94 0.59
C LYS B 305 24.83 -30.85 -0.18
N VAL B 306 24.83 -30.87 -1.51
CA VAL B 306 25.31 -29.75 -2.30
C VAL B 306 24.50 -28.52 -1.97
N TYR B 307 23.16 -28.68 -1.95
CA TYR B 307 22.38 -27.49 -1.68
C TYR B 307 22.58 -26.97 -0.26
N GLN B 308 22.82 -27.87 0.72
CA GLN B 308 23.00 -27.51 2.07
C GLN B 308 24.14 -26.44 2.18
N LYS B 309 25.19 -26.65 1.40
CA LYS B 309 26.26 -25.62 1.42
C LYS B 309 25.79 -24.25 0.93
N GLU B 310 24.96 -24.21 -0.12
CA GLU B 310 24.33 -23.01 -0.63
C GLU B 310 23.38 -22.40 0.38
N ALA B 311 22.61 -23.24 1.09
CA ALA B 311 21.65 -22.79 2.07
C ALA B 311 22.39 -21.99 3.16
N LYS B 312 23.51 -22.53 3.56
CA LYS B 312 24.35 -21.88 4.60
C LYS B 312 24.88 -20.53 4.04
N ALA B 313 25.37 -20.53 2.83
CA ALA B 313 25.81 -19.27 2.15
C ALA B 313 24.77 -18.24 2.02
N ARG B 314 23.49 -18.66 1.91
CA ARG B 314 22.38 -17.76 1.81
C ARG B 314 21.85 -17.22 3.09
N GLY B 315 22.33 -17.76 4.21
CA GLY B 315 21.96 -17.26 5.50
C GLY B 315 20.71 -17.91 6.09
N HIS B 316 20.16 -18.91 5.42
CA HIS B 316 18.96 -19.57 5.99
C HIS B 316 19.24 -20.50 7.14
N PHE B 317 20.47 -21.05 7.20
CA PHE B 317 20.84 -22.12 8.10
C PHE B 317 21.29 -21.57 9.44
N VAL B 318 20.40 -21.56 10.42
CA VAL B 318 20.74 -21.21 11.80
C VAL B 318 20.42 -22.45 12.61
N SER B 319 21.44 -23.10 13.16
CA SER B 319 21.24 -24.42 13.75
C SER B 319 20.40 -24.40 15.01
N LEU B 320 19.71 -25.52 15.22
CA LEU B 320 18.98 -25.73 16.48
C LEU B 320 19.96 -25.70 17.72
N GLN B 321 21.20 -26.10 17.49
CA GLN B 321 22.26 -25.95 18.58
C GLN B 321 22.48 -24.47 18.95
N GLU B 322 22.58 -23.58 17.95
CA GLU B 322 22.68 -22.15 18.18
C GLU B 322 21.40 -21.64 18.86
N LYS B 323 20.23 -22.12 18.35
CA LYS B 323 18.98 -21.75 18.98
C LYS B 323 18.78 -22.18 20.46
N LEU B 324 19.33 -23.30 20.81
CA LEU B 324 19.32 -23.87 22.16
C LEU B 324 20.28 -23.09 23.08
N LYS B 325 21.39 -22.68 22.50
CA LYS B 325 22.31 -21.78 23.28
C LYS B 325 21.62 -20.48 23.64
N ARG B 326 20.87 -19.87 22.72
CA ARG B 326 20.16 -18.69 22.98
C ARG B 326 19.04 -18.93 23.91
N ASN B 327 18.37 -20.09 23.79
CA ASN B 327 17.17 -20.33 24.63
C ASN B 327 17.16 -21.76 25.06
N PRO B 328 17.57 -22.03 26.30
CA PRO B 328 17.59 -23.39 26.81
C PRO B 328 16.24 -24.12 26.74
N ASN B 329 15.17 -23.37 26.75
CA ASN B 329 13.84 -23.99 26.65
C ASN B 329 13.62 -24.75 25.31
N VAL B 330 14.50 -24.57 24.36
CA VAL B 330 14.38 -25.36 23.07
C VAL B 330 14.47 -26.86 23.38
N ASN B 331 15.16 -27.24 24.49
CA ASN B 331 15.26 -28.63 24.86
C ASN B 331 14.00 -29.23 25.47
N LYS B 332 12.95 -28.46 25.50
CA LYS B 332 11.60 -29.00 25.77
C LYS B 332 11.01 -29.67 24.50
N LEU B 333 11.65 -29.43 23.34
CA LEU B 333 11.14 -30.02 22.05
C LEU B 333 11.53 -31.44 21.72
N PRO B 334 12.78 -31.90 21.98
CA PRO B 334 13.14 -33.25 21.70
C PRO B 334 12.30 -34.25 22.46
N GLY B 335 11.70 -35.20 21.76
CA GLY B 335 10.81 -36.15 22.33
C GLY B 335 9.41 -35.58 22.61
N ALA B 336 9.06 -34.34 22.23
CA ALA B 336 7.73 -33.82 22.57
C ALA B 336 6.70 -34.19 21.47
N ILE B 337 5.54 -34.63 21.88
CA ILE B 337 4.38 -34.71 20.93
C ILE B 337 3.76 -33.30 20.86
N TYR B 338 3.45 -32.87 19.62
CA TYR B 338 2.75 -31.67 19.37
C TYR B 338 1.26 -31.94 19.40
N PHE B 339 0.58 -31.36 20.38
CA PHE B 339 -0.87 -31.54 20.55
C PHE B 339 -1.61 -30.29 20.20
N GLY B 340 -2.48 -30.38 19.19
CA GLY B 340 -3.35 -29.26 18.92
C GLY B 340 -4.77 -29.53 19.31
N ILE B 341 -5.28 -28.79 20.29
CA ILE B 341 -6.60 -28.96 20.79
C ILE B 341 -7.43 -27.94 20.06
N TYR B 342 -8.24 -28.44 19.11
CA TYR B 342 -8.92 -27.56 18.20
C TYR B 342 -10.34 -27.23 18.62
N GLY B 343 -10.53 -26.00 19.10
CA GLY B 343 -11.84 -25.55 19.65
C GLY B 343 -12.76 -24.88 18.66
N GLY B 344 -12.57 -25.04 17.36
CA GLY B 344 -13.38 -24.35 16.39
C GLY B 344 -12.97 -22.93 16.09
N TYR B 345 -11.84 -22.51 16.68
CA TYR B 345 -11.29 -21.14 16.56
C TYR B 345 -9.99 -21.40 15.74
N PRO B 346 -9.63 -20.51 14.80
CA PRO B 346 -10.14 -19.15 14.58
C PRO B 346 -11.43 -19.00 13.80
N HIS B 347 -11.92 -20.12 13.29
CA HIS B 347 -13.01 -20.09 12.37
C HIS B 347 -14.32 -19.51 12.96
N TYR B 348 -14.52 -19.83 14.23
CA TYR B 348 -15.67 -19.46 15.02
C TYR B 348 -15.24 -19.16 16.46
N VAL B 349 -16.04 -18.24 17.08
CA VAL B 349 -15.82 -17.88 18.49
C VAL B 349 -16.80 -18.64 19.39
N ASN B 350 -16.27 -19.45 20.30
CA ASN B 350 -17.01 -20.28 21.22
C ASN B 350 -18.07 -21.13 20.60
N MET B 351 -17.69 -21.90 19.57
CA MET B 351 -18.67 -22.68 18.85
C MET B 351 -19.15 -23.87 19.67
N PRO B 352 -20.47 -24.03 19.81
CA PRO B 352 -20.89 -25.15 20.59
C PRO B 352 -20.53 -26.50 20.00
N GLY B 353 -20.10 -27.43 20.81
CA GLY B 353 -19.78 -28.80 20.35
C GLY B 353 -18.33 -28.88 19.86
N MET B 354 -17.64 -27.73 19.87
CA MET B 354 -16.19 -27.63 19.51
C MET B 354 -15.33 -26.88 20.50
N ALA B 355 -15.78 -25.74 20.94
CA ALA B 355 -15.00 -25.00 21.95
C ALA B 355 -14.73 -25.81 23.18
N PHE B 356 -13.53 -25.67 23.71
CA PHE B 356 -13.23 -26.13 25.05
C PHE B 356 -13.24 -24.99 26.05
N THR B 357 -13.63 -25.32 27.30
CA THR B 357 -13.37 -24.35 28.38
C THR B 357 -11.95 -24.51 28.83
N PHE B 358 -11.48 -23.54 29.65
CA PHE B 358 -10.15 -23.61 30.15
C PHE B 358 -9.95 -24.72 31.19
N ASP B 359 -10.95 -24.99 32.03
CA ASP B 359 -10.92 -26.16 32.85
C ASP B 359 -10.82 -27.46 32.08
N GLU B 360 -11.59 -27.58 30.99
CA GLU B 360 -11.46 -28.76 30.11
C GLU B 360 -10.05 -28.87 29.52
N LEU B 361 -9.49 -27.74 29.11
CA LEU B 361 -8.12 -27.72 28.65
C LEU B 361 -7.14 -28.21 29.70
N LYS B 362 -7.36 -27.71 30.94
CA LYS B 362 -6.47 -28.16 32.02
C LYS B 362 -6.52 -29.64 32.25
N ASN B 363 -7.72 -30.22 32.22
CA ASN B 363 -7.88 -31.63 32.42
C ASN B 363 -7.35 -32.48 31.31
N ILE B 364 -7.37 -31.95 30.07
CA ILE B 364 -6.69 -32.69 28.93
C ILE B 364 -5.16 -32.73 29.13
N ILE B 365 -4.61 -31.61 29.54
CA ILE B 365 -3.19 -31.49 29.89
C ILE B 365 -2.80 -32.46 31.00
N LYS B 366 -3.59 -32.49 32.05
CA LYS B 366 -3.33 -33.38 33.16
C LYS B 366 -3.43 -34.84 32.76
N THR B 367 -4.45 -35.19 32.02
CA THR B 367 -4.52 -36.54 31.56
C THR B 367 -3.40 -37.02 30.66
N ILE B 368 -2.95 -36.12 29.75
CA ILE B 368 -1.77 -36.41 28.95
C ILE B 368 -0.50 -36.78 29.73
N HIS B 369 -0.30 -36.05 30.83
CA HIS B 369 0.88 -36.23 31.66
C HIS B 369 0.68 -37.40 32.70
N ASP B 370 -0.39 -37.34 33.43
CA ASP B 370 -0.54 -38.27 34.58
C ASP B 370 -0.98 -39.65 34.14
N ASP B 371 -1.90 -39.72 33.16
CA ASP B 371 -2.42 -41.03 32.73
C ASP B 371 -1.71 -41.63 31.55
N LEU B 372 -1.43 -40.79 30.53
CA LEU B 372 -0.72 -41.25 29.36
C LEU B 372 0.83 -41.12 29.41
N ARG B 373 1.35 -40.58 30.52
CA ARG B 373 2.76 -40.66 30.86
C ARG B 373 3.59 -39.97 29.77
N VAL B 374 3.03 -38.88 29.21
CA VAL B 374 3.78 -38.16 28.20
C VAL B 374 4.75 -37.19 28.95
N ASP B 375 6.02 -37.40 28.68
CA ASP B 375 7.05 -36.62 29.42
C ASP B 375 7.26 -35.22 28.88
N LYS B 376 7.09 -35.05 27.54
CA LYS B 376 7.39 -33.77 26.90
C LYS B 376 6.29 -33.55 25.91
N ALA B 377 5.83 -32.32 25.81
CA ALA B 377 4.77 -31.97 24.89
C ALA B 377 4.75 -30.50 24.55
N PHE B 378 4.20 -30.19 23.38
CA PHE B 378 3.97 -28.81 22.96
C PHE B 378 2.46 -28.77 22.84
N VAL B 379 1.80 -28.05 23.75
CA VAL B 379 0.36 -27.95 23.79
C VAL B 379 -0.06 -26.67 23.12
N HIS B 380 -0.90 -26.80 22.12
CA HIS B 380 -1.32 -25.66 21.33
C HIS B 380 -2.83 -25.57 21.34
N ALA B 381 -3.37 -24.54 21.97
CA ALA B 381 -4.78 -24.44 22.26
C ALA B 381 -5.43 -23.48 21.35
N TRP B 382 -6.31 -24.02 20.46
CA TRP B 382 -6.95 -23.19 19.50
C TRP B 382 -8.33 -22.74 19.94
N GLY B 383 -8.42 -21.51 20.46
CA GLY B 383 -9.65 -20.97 20.94
C GLY B 383 -9.48 -20.52 22.42
N THR B 384 -8.81 -19.42 22.56
CA THR B 384 -8.57 -18.85 23.89
C THR B 384 -8.99 -17.40 24.02
N PHE B 385 -9.43 -16.76 22.94
CA PHE B 385 -9.80 -15.38 22.83
C PHE B 385 -11.23 -15.23 22.44
N SER B 386 -11.87 -14.10 22.81
CA SER B 386 -13.27 -13.86 22.49
C SER B 386 -13.55 -12.94 21.33
N ASN B 387 -12.51 -12.41 20.70
CA ASN B 387 -12.64 -11.74 19.45
C ASN B 387 -12.00 -12.68 18.36
N PHE B 388 -12.37 -12.38 17.14
CA PHE B 388 -11.72 -13.02 15.93
C PHE B 388 -10.37 -12.49 15.71
N VAL B 389 -9.48 -13.38 15.30
CA VAL B 389 -8.19 -12.95 14.72
C VAL B 389 -8.56 -11.98 13.61
N PRO B 390 -7.80 -10.88 13.44
CA PRO B 390 -6.47 -10.61 13.97
C PRO B 390 -6.46 -9.78 15.29
N HIS B 391 -7.59 -9.80 16.01
CA HIS B 391 -7.62 -9.27 17.40
C HIS B 391 -7.56 -10.40 18.34
N ASN B 392 -6.36 -10.76 18.71
CA ASN B 392 -6.06 -11.95 19.43
C ASN B 392 -6.14 -11.67 20.97
N TYR B 393 -7.32 -11.30 21.39
CA TYR B 393 -7.61 -10.84 22.75
C TYR B 393 -9.03 -10.47 22.83
N PRO B 394 -9.56 -10.33 24.12
CA PRO B 394 -8.97 -10.73 25.37
C PRO B 394 -9.08 -12.20 25.59
N ILE B 395 -8.42 -12.72 26.62
CA ILE B 395 -8.62 -14.05 27.01
C ILE B 395 -10.09 -14.20 27.36
N SER B 396 -10.74 -15.25 26.82
CA SER B 396 -12.22 -15.30 26.85
C SER B 396 -12.85 -15.48 28.24
N GLU B 397 -13.71 -14.55 28.60
CA GLU B 397 -14.53 -14.73 29.85
C GLU B 397 -15.46 -15.93 29.72
N ALA B 398 -16.14 -16.06 28.59
CA ALA B 398 -17.06 -17.21 28.39
C ALA B 398 -16.40 -18.57 28.60
N LEU B 399 -15.09 -18.73 28.35
CA LEU B 399 -14.42 -20.04 28.52
C LEU B 399 -13.80 -20.25 29.86
N GLY B 400 -13.90 -19.21 30.69
CA GLY B 400 -13.44 -19.27 32.06
C GLY B 400 -12.65 -18.08 32.54
N GLY B 401 -12.22 -17.22 31.64
CA GLY B 401 -11.41 -16.09 31.95
C GLY B 401 -9.97 -16.29 32.15
N PRO B 402 -9.27 -15.20 32.37
CA PRO B 402 -7.80 -15.28 32.51
C PRO B 402 -7.22 -16.16 33.53
N GLU B 403 -7.70 -16.12 34.78
CA GLU B 403 -7.13 -16.98 35.80
C GLU B 403 -7.29 -18.46 35.49
N LYS B 404 -8.40 -18.86 34.86
CA LYS B 404 -8.62 -20.26 34.52
C LYS B 404 -7.66 -20.72 33.35
N LEU B 405 -7.38 -19.84 32.42
CA LEU B 405 -6.37 -20.18 31.40
C LEU B 405 -5.00 -20.25 32.01
N LYS B 406 -4.70 -19.27 32.92
CA LYS B 406 -3.41 -19.32 33.59
C LYS B 406 -3.17 -20.58 34.33
N ALA B 407 -4.23 -21.15 34.92
CA ALA B 407 -4.13 -22.38 35.68
C ALA B 407 -3.80 -23.54 34.79
N ALA B 408 -4.39 -23.52 33.59
CA ALA B 408 -4.02 -24.52 32.57
C ALA B 408 -2.55 -24.46 32.12
N VAL B 409 -2.12 -23.25 31.82
CA VAL B 409 -0.76 -22.97 31.42
C VAL B 409 0.26 -23.28 32.50
N ASP B 410 -0.06 -22.84 33.73
CA ASP B 410 0.81 -23.20 34.85
C ASP B 410 0.95 -24.68 35.03
N LEU B 411 -0.14 -25.48 34.90
CA LEU B 411 -0.04 -26.91 35.00
C LEU B 411 0.92 -27.48 33.93
N ALA B 412 0.71 -27.02 32.69
CA ALA B 412 1.62 -27.43 31.62
C ALA B 412 3.10 -27.14 31.95
N LYS B 413 3.37 -25.93 32.43
CA LYS B 413 4.73 -25.47 32.74
C LYS B 413 5.31 -26.32 33.91
N SER B 414 4.44 -26.73 34.82
CA SER B 414 4.82 -27.62 35.94
C SER B 414 5.28 -28.93 35.46
N TYR B 415 4.78 -29.35 34.27
CA TYR B 415 5.24 -30.55 33.70
C TYR B 415 6.41 -30.40 32.74
N GLY B 416 6.87 -29.17 32.48
CA GLY B 416 7.92 -28.93 31.56
C GLY B 416 7.42 -28.94 30.07
N TYR B 417 6.14 -28.80 29.91
CA TYR B 417 5.53 -28.73 28.52
C TYR B 417 5.60 -27.33 28.05
N LEU B 418 5.75 -27.17 26.74
CA LEU B 418 5.50 -25.91 26.12
C LEU B 418 4.06 -25.69 25.85
N TYR B 419 3.69 -24.43 25.81
CA TYR B 419 2.25 -24.00 25.59
C TYR B 419 2.16 -22.77 24.73
N SER B 420 1.24 -22.73 23.76
CA SER B 420 0.95 -21.52 23.07
C SER B 420 -0.56 -21.53 22.77
N SER B 421 -1.19 -20.38 22.76
CA SER B 421 -2.51 -20.14 22.17
C SER B 421 -2.35 -20.15 20.60
N TYR B 422 -3.48 -20.26 19.95
CA TYR B 422 -3.53 -19.95 18.51
C TYR B 422 -3.45 -18.46 18.32
N HIS B 423 -2.61 -18.00 17.40
CA HIS B 423 -2.57 -16.65 17.02
C HIS B 423 -2.51 -16.48 15.51
N ALA B 424 -3.10 -15.43 15.03
CA ALA B 424 -2.86 -15.01 13.62
C ALA B 424 -3.12 -13.53 13.48
N TYR B 425 -2.30 -12.91 12.62
CA TYR B 425 -2.33 -11.43 12.38
C TYR B 425 -2.67 -11.07 10.93
N SER B 426 -2.81 -12.09 10.07
CA SER B 426 -3.15 -11.97 8.70
C SER B 426 -4.58 -12.11 8.24
N PRO B 427 -5.47 -12.76 9.02
CA PRO B 427 -6.84 -12.89 8.48
C PRO B 427 -7.74 -11.66 8.55
N MET B 428 -8.80 -11.62 7.74
CA MET B 428 -9.84 -10.64 7.87
C MET B 428 -11.10 -11.34 7.45
N LEU B 429 -11.87 -11.73 8.44
CA LEU B 429 -12.92 -12.71 8.21
C LEU B 429 -14.30 -12.14 8.04
N GLU B 430 -15.02 -12.68 7.07
CA GLU B 430 -16.39 -12.23 6.73
C GLU B 430 -17.32 -12.29 7.92
N ASN B 431 -17.17 -13.27 8.80
CA ASN B 431 -18.08 -13.49 9.93
C ASN B 431 -17.67 -12.72 11.17
N ASP B 432 -16.55 -12.00 11.09
CA ASP B 432 -16.07 -11.18 12.21
C ASP B 432 -16.92 -9.88 12.23
N PRO B 433 -17.58 -9.57 13.36
CA PRO B 433 -18.31 -8.27 13.38
C PRO B 433 -17.42 -7.05 13.14
N ASN B 434 -16.14 -7.14 13.41
CA ASN B 434 -15.21 -6.04 13.18
C ASN B 434 -14.58 -6.10 11.80
N PHE B 435 -15.06 -6.96 10.85
CA PHE B 435 -14.51 -6.99 9.48
C PHE B 435 -14.44 -5.59 8.85
N THR B 436 -13.32 -5.24 8.27
CA THR B 436 -13.27 -4.07 7.42
C THR B 436 -12.24 -4.31 6.30
N THR B 437 -12.40 -3.65 5.17
CA THR B 437 -11.41 -3.75 4.11
C THR B 437 -10.24 -2.75 4.31
N ASP B 438 -10.30 -1.96 5.38
CA ASP B 438 -9.28 -0.94 5.60
C ASP B 438 -7.87 -1.48 5.69
N LEU B 439 -7.68 -2.66 6.28
CA LEU B 439 -6.36 -3.25 6.37
C LEU B 439 -6.01 -4.25 5.27
N MET B 440 -6.81 -4.32 4.24
CA MET B 440 -6.50 -5.14 3.05
C MET B 440 -5.66 -4.38 2.04
N GLN B 441 -4.87 -5.07 1.26
CA GLN B 441 -4.03 -4.49 0.29
C GLN B 441 -4.78 -4.25 -0.97
N ARG B 442 -4.42 -3.21 -1.68
CA ARG B 442 -4.92 -2.95 -3.04
C ARG B 442 -3.82 -3.01 -4.10
N ASP B 443 -4.21 -3.45 -5.29
CA ASP B 443 -3.32 -3.60 -6.38
C ASP B 443 -3.16 -2.29 -7.15
N ALA B 444 -2.37 -2.34 -8.21
CA ALA B 444 -2.09 -1.13 -9.02
C ALA B 444 -3.28 -0.45 -9.62
N GLU B 445 -4.38 -1.18 -9.80
CA GLU B 445 -5.62 -0.63 -10.25
C GLU B 445 -6.55 -0.21 -9.15
N GLY B 446 -6.12 -0.28 -7.90
CA GLY B 446 -6.95 0.13 -6.78
C GLY B 446 -7.93 -0.94 -6.31
N LYS B 447 -7.77 -2.18 -6.83
CA LYS B 447 -8.73 -3.30 -6.44
C LYS B 447 -8.19 -4.07 -5.27
N LEU B 448 -9.09 -4.52 -4.39
CA LEU B 448 -8.69 -5.29 -3.23
C LEU B 448 -8.00 -6.58 -3.69
N MET B 449 -6.90 -6.91 -3.03
CA MET B 449 -6.21 -8.22 -3.15
C MET B 449 -6.70 -9.21 -2.12
N ASN B 450 -6.50 -10.49 -2.44
CA ASN B 450 -6.91 -11.59 -1.54
C ASN B 450 -8.35 -11.59 -1.10
N THR B 451 -9.19 -11.10 -1.96
CA THR B 451 -10.65 -11.24 -1.72
C THR B 451 -11.12 -12.69 -1.59
N GLY B 452 -10.40 -13.54 -2.23
CA GLY B 452 -10.73 -14.99 -2.18
C GLY B 452 -9.88 -15.82 -1.25
N SER B 453 -9.01 -15.21 -0.43
CA SER B 453 -8.13 -15.88 0.52
C SER B 453 -8.26 -15.20 1.88
N ARG B 454 -9.27 -15.60 2.63
CA ARG B 454 -9.66 -14.96 3.87
C ARG B 454 -8.59 -14.96 4.98
N TRP B 455 -7.75 -15.97 5.00
CA TRP B 455 -6.76 -16.10 6.05
C TRP B 455 -5.52 -15.23 5.84
N ALA B 456 -5.40 -14.65 4.66
CA ALA B 456 -4.22 -13.84 4.30
C ALA B 456 -4.65 -12.56 3.63
N ARG B 457 -5.50 -11.78 4.33
CA ARG B 457 -6.08 -10.55 3.78
CA ARG B 457 -6.01 -10.53 3.74
C ARG B 457 -5.38 -9.27 4.31
N VAL B 458 -4.85 -9.32 5.54
CA VAL B 458 -4.27 -8.09 6.16
C VAL B 458 -2.92 -7.90 5.50
N ASP B 459 -2.67 -6.70 4.98
CA ASP B 459 -1.38 -6.37 4.38
C ASP B 459 -0.31 -6.58 5.42
N PRO B 460 0.75 -7.31 5.10
CA PRO B 460 1.80 -7.54 6.07
C PRO B 460 2.34 -6.27 6.73
N LYS B 461 2.26 -5.18 6.02
CA LYS B 461 2.83 -3.92 6.60
C LYS B 461 2.07 -3.49 7.87
N PHE B 462 0.89 -4.02 8.09
CA PHE B 462 0.13 -3.80 9.32
C PHE B 462 0.26 -4.84 10.43
N GLN B 463 0.86 -5.98 10.08
CA GLN B 463 0.78 -7.13 10.93
C GLN B 463 1.58 -7.00 12.23
N LYS B 464 2.76 -6.38 12.18
CA LYS B 464 3.48 -6.16 13.43
C LYS B 464 2.68 -5.33 14.43
N GLY B 465 2.02 -4.29 13.90
CA GLY B 465 1.17 -3.40 14.77
C GLY B 465 0.04 -4.18 15.37
N LEU B 466 -0.53 -5.12 14.61
CA LEU B 466 -1.57 -5.96 15.24
C LEU B 466 -1.09 -6.89 16.29
N ALA B 467 0.07 -7.48 16.09
CA ALA B 467 0.65 -8.32 17.05
C ALA B 467 0.95 -7.50 18.34
N GLN B 468 1.47 -6.30 18.12
CA GLN B 468 1.84 -5.44 19.27
C GLN B 468 0.69 -5.04 20.14
N LYS B 469 -0.54 -5.13 19.66
CA LYS B 469 -1.67 -4.75 20.47
C LYS B 469 -1.79 -5.57 21.74
N ASN B 470 -1.50 -6.86 21.71
CA ASN B 470 -1.69 -7.70 22.89
C ASN B 470 -0.70 -8.78 23.20
N ILE B 471 0.21 -9.11 22.27
CA ILE B 471 1.04 -10.24 22.49
C ILE B 471 1.91 -10.12 23.78
N GLU B 472 2.45 -8.96 24.00
CA GLU B 472 3.32 -8.75 25.17
C GLU B 472 2.48 -8.87 26.47
N LYS B 473 1.23 -8.47 26.43
CA LYS B 473 0.30 -8.66 27.57
C LYS B 473 0.04 -10.11 27.87
N GLU B 474 -0.21 -10.91 26.79
CA GLU B 474 -0.36 -12.34 26.99
C GLU B 474 0.87 -12.99 27.59
N ILE B 475 2.06 -12.68 27.07
CA ILE B 475 3.27 -13.27 27.46
C ILE B 475 3.50 -12.94 28.98
N SER B 476 3.24 -11.70 29.31
CA SER B 476 3.43 -11.23 30.71
C SER B 476 2.43 -11.93 31.63
N TYR B 477 1.15 -11.87 31.28
CA TYR B 477 0.09 -12.41 32.13
C TYR B 477 0.26 -13.92 32.32
N LEU B 478 0.48 -14.68 31.21
CA LEU B 478 0.60 -16.13 31.30
C LEU B 478 1.95 -16.70 31.64
N GLY B 479 2.95 -15.83 31.67
CA GLY B 479 4.31 -16.26 31.81
C GLY B 479 4.77 -17.23 30.67
N LEU B 480 4.47 -16.83 29.43
CA LEU B 480 4.73 -17.75 28.27
C LEU B 480 6.15 -18.02 28.03
N GLU B 481 6.46 -19.21 27.57
CA GLU B 481 7.76 -19.63 27.20
C GLU B 481 7.87 -19.96 25.65
N ALA B 482 6.70 -19.90 25.05
CA ALA B 482 6.54 -20.40 23.69
C ALA B 482 5.47 -19.59 22.95
N ASP B 483 5.53 -19.66 21.61
CA ASP B 483 4.56 -19.04 20.80
C ASP B 483 4.48 -19.79 19.46
N ILE B 484 3.28 -19.92 18.94
CA ILE B 484 3.11 -20.36 17.55
C ILE B 484 2.16 -19.33 16.91
N THR B 485 2.56 -18.91 15.72
CA THR B 485 1.88 -17.93 14.90
C THR B 485 1.53 -18.53 13.52
N ASP B 486 0.23 -18.42 13.18
CA ASP B 486 -0.30 -19.08 11.94
C ASP B 486 -0.10 -18.20 10.69
N ILE B 487 -0.14 -18.90 9.52
CA ILE B 487 -0.35 -18.37 8.19
C ILE B 487 0.79 -17.55 7.57
N THR B 488 1.23 -16.48 8.27
CA THR B 488 2.00 -15.43 7.62
C THR B 488 3.31 -15.91 7.05
N PHE B 489 3.86 -16.97 7.62
CA PHE B 489 5.17 -17.49 7.21
C PHE B 489 5.10 -18.83 6.48
N ALA B 490 3.94 -19.12 5.88
CA ALA B 490 3.81 -20.37 5.18
C ALA B 490 4.39 -20.39 3.78
N ALA B 491 4.62 -19.21 3.25
CA ALA B 491 5.12 -19.00 1.88
C ALA B 491 6.26 -17.92 1.93
N TYR B 492 6.95 -17.74 0.79
CA TYR B 492 7.92 -16.69 0.62
C TYR B 492 7.76 -16.04 -0.74
N ARG B 493 6.71 -15.29 -0.84
CA ARG B 493 6.43 -14.42 -1.99
C ARG B 493 7.03 -13.05 -1.84
N GLU B 494 7.25 -12.41 -2.99
CA GLU B 494 7.83 -11.03 -3.00
C GLU B 494 6.92 -9.97 -2.41
N ASN B 495 5.69 -10.01 -2.79
CA ASN B 495 4.70 -9.01 -2.33
C ASN B 495 4.51 -9.14 -0.84
N GLY B 496 4.79 -8.05 -0.12
CA GLY B 496 4.59 -8.02 1.32
C GLY B 496 5.71 -8.56 2.13
N LYS B 497 6.82 -9.01 1.48
CA LYS B 497 7.83 -9.67 2.28
C LYS B 497 8.46 -8.79 3.35
N GLU B 498 8.51 -7.46 3.09
CA GLU B 498 9.12 -6.57 4.07
C GLU B 498 8.34 -6.55 5.40
N GLY B 499 7.02 -6.44 5.30
CA GLY B 499 6.20 -6.49 6.45
C GLY B 499 6.26 -7.84 7.18
N ARG B 500 6.41 -8.95 6.40
CA ARG B 500 6.56 -10.25 7.07
C ARG B 500 7.86 -10.38 7.86
N ILE B 501 8.95 -9.85 7.29
CA ILE B 501 10.23 -9.84 7.98
C ILE B 501 10.13 -9.00 9.26
N GLU B 502 9.50 -7.86 9.17
CA GLU B 502 9.29 -7.03 10.37
C GLU B 502 8.59 -7.83 11.51
N LEU B 503 7.49 -8.51 11.19
CA LEU B 503 6.79 -9.34 12.14
C LEU B 503 7.65 -10.44 12.66
N ALA B 504 8.38 -11.15 11.80
CA ALA B 504 9.23 -12.24 12.20
C ALA B 504 10.31 -11.75 13.23
N LYS B 505 10.89 -10.61 12.92
CA LYS B 505 11.92 -10.05 13.80
C LYS B 505 11.32 -9.69 15.16
N TYR B 506 10.11 -9.13 15.13
CA TYR B 506 9.33 -8.78 16.35
C TYR B 506 9.04 -9.98 17.22
N ILE B 507 8.40 -11.03 16.63
CA ILE B 507 8.25 -12.26 17.34
C ILE B 507 9.56 -12.84 17.88
N ASP B 508 10.61 -12.89 17.07
CA ASP B 508 11.87 -13.50 17.44
C ASP B 508 12.54 -12.75 18.64
N SER B 509 12.26 -11.45 18.67
CA SER B 509 12.83 -10.58 19.77
C SER B 509 12.38 -11.00 21.15
N PHE B 510 11.28 -11.72 21.29
CA PHE B 510 10.82 -12.23 22.62
C PHE B 510 11.60 -13.40 23.14
N ASN B 511 12.39 -13.99 22.29
CA ASN B 511 13.15 -15.20 22.56
C ASN B 511 12.35 -16.33 23.24
N LEU B 512 11.20 -16.66 22.64
CA LEU B 512 10.40 -17.79 23.03
C LEU B 512 10.61 -18.95 22.13
N VAL B 513 10.38 -20.15 22.65
CA VAL B 513 10.47 -21.33 21.81
C VAL B 513 9.30 -21.14 20.86
N ASN B 514 9.56 -21.11 19.56
CA ASN B 514 8.52 -20.62 18.67
C ASN B 514 8.40 -21.35 17.37
N GLY B 515 7.17 -21.39 16.94
CA GLY B 515 6.81 -22.14 15.74
C GLY B 515 5.89 -21.34 14.86
N THR B 516 5.73 -21.83 13.61
CA THR B 516 4.80 -21.28 12.73
C THR B 516 4.29 -22.34 11.72
N GLU B 517 3.19 -21.97 11.08
CA GLU B 517 2.57 -22.85 10.11
C GLU B 517 3.47 -22.98 8.87
N HIS B 518 3.80 -24.23 8.56
CA HIS B 518 4.44 -24.68 7.33
C HIS B 518 5.91 -24.29 7.17
N GLY B 519 6.12 -23.01 7.19
CA GLY B 519 7.45 -22.43 7.05
C GLY B 519 7.99 -22.42 5.62
N GLN B 520 9.14 -21.75 5.42
CA GLN B 520 9.93 -21.84 4.21
C GLN B 520 11.37 -21.61 4.76
N GLU B 521 12.31 -21.96 3.90
CA GLU B 521 13.70 -21.85 4.28
C GLU B 521 14.09 -20.45 4.72
N GLN B 522 13.55 -19.43 4.14
CA GLN B 522 13.87 -18.06 4.42
C GLN B 522 13.50 -17.66 5.83
N TRP B 523 12.56 -18.37 6.45
CA TRP B 523 12.10 -18.08 7.77
C TRP B 523 12.85 -18.84 8.86
N ILE B 524 13.74 -19.77 8.50
CA ILE B 524 14.43 -20.66 9.46
C ILE B 524 15.15 -19.82 10.56
N PRO B 525 15.71 -18.67 10.17
CA PRO B 525 16.40 -17.92 11.25
C PRO B 525 15.56 -17.47 12.41
N TYR B 526 14.25 -17.35 12.24
CA TYR B 526 13.38 -16.75 13.23
C TYR B 526 12.53 -17.68 14.07
N PHE B 527 12.62 -18.97 13.83
CA PHE B 527 11.75 -19.97 14.42
C PHE B 527 12.51 -21.18 14.86
N ASP B 528 11.91 -21.90 15.79
CA ASP B 528 12.47 -23.16 16.26
C ASP B 528 11.81 -24.41 15.60
N MET B 529 10.54 -24.30 15.28
CA MET B 529 9.84 -25.40 14.62
C MET B 529 8.82 -24.94 13.58
N PHE B 530 8.59 -25.82 12.61
CA PHE B 530 7.60 -25.62 11.56
C PHE B 530 6.51 -26.71 11.71
N GLU B 531 5.26 -26.29 11.73
CA GLU B 531 4.11 -27.18 11.76
C GLU B 531 3.76 -27.43 10.28
N GLY B 532 4.22 -28.58 9.82
CA GLY B 532 4.03 -29.00 8.42
C GLY B 532 5.42 -29.16 7.78
N MET B 533 5.59 -28.66 6.58
CA MET B 533 6.75 -29.03 5.75
C MET B 533 6.75 -30.56 5.61
N THR B 534 5.58 -31.15 5.27
CA THR B 534 5.43 -32.53 5.01
C THR B 534 4.87 -32.76 3.59
N TYR B 535 3.59 -33.12 3.45
CA TYR B 535 2.99 -33.41 2.15
C TYR B 535 1.53 -32.91 2.15
N LEU B 536 1.10 -32.35 1.03
CA LEU B 536 -0.33 -32.15 0.83
C LEU B 536 -0.93 -33.53 0.65
N GLU B 537 -2.24 -33.66 0.84
CA GLU B 537 -2.92 -34.94 0.60
C GLU B 537 -3.15 -35.24 -0.90
N ASP B 538 -3.73 -34.23 -1.55
CA ASP B 538 -3.98 -34.28 -3.03
C ASP B 538 -2.97 -33.32 -3.63
N ARG B 539 -2.12 -33.83 -4.48
CA ARG B 539 -1.04 -33.00 -5.05
C ARG B 539 -0.64 -33.61 -6.41
N PRO B 540 -0.23 -32.74 -7.31
CA PRO B 540 0.37 -33.22 -8.57
C PRO B 540 1.54 -34.13 -8.22
N LEU B 541 1.71 -35.21 -9.01
CA LEU B 541 2.78 -36.18 -8.87
C LEU B 541 2.52 -37.22 -7.77
N SER B 542 1.39 -37.14 -7.09
CA SER B 542 1.09 -38.09 -6.02
C SER B 542 1.20 -39.55 -6.44
N VAL B 543 0.63 -39.86 -7.60
CA VAL B 543 0.58 -41.27 -7.98
C VAL B 543 1.82 -41.79 -8.72
N ILE B 544 2.81 -40.93 -8.95
CA ILE B 544 4.02 -41.24 -9.72
C ILE B 544 5.28 -40.70 -8.98
N SER B 545 5.24 -40.69 -7.66
CA SER B 545 6.43 -40.28 -6.91
C SER B 545 6.41 -41.05 -5.57
N HIS B 546 7.58 -40.96 -4.88
CA HIS B 546 7.74 -41.44 -3.55
C HIS B 546 8.19 -40.29 -2.66
N PRO B 547 7.60 -40.17 -1.49
CA PRO B 547 8.17 -39.22 -0.52
C PRO B 547 9.70 -39.55 -0.25
N ALA B 548 10.43 -38.47 -0.17
CA ALA B 548 11.90 -38.47 0.15
C ALA B 548 12.08 -37.29 1.03
N PRO B 549 12.95 -37.45 2.09
CA PRO B 549 13.13 -36.38 3.04
C PRO B 549 14.10 -35.30 2.58
N LEU B 550 13.82 -34.69 1.47
CA LEU B 550 14.76 -33.72 0.84
C LEU B 550 15.02 -32.48 1.70
N PHE B 551 13.94 -31.86 2.20
CA PHE B 551 14.06 -30.71 2.98
C PHE B 551 14.79 -31.01 4.28
N ASN B 552 14.52 -32.15 4.89
CA ASN B 552 15.16 -32.49 6.17
C ASN B 552 16.61 -32.92 5.91
N LEU B 553 16.90 -33.53 4.76
CA LEU B 553 18.31 -33.83 4.40
C LEU B 553 19.11 -32.54 4.36
N VAL B 554 18.48 -31.43 4.03
CA VAL B 554 19.16 -30.15 4.10
C VAL B 554 19.14 -29.57 5.48
N TYR B 555 17.95 -29.43 6.04
CA TYR B 555 17.67 -28.57 7.15
C TYR B 555 17.34 -29.16 8.52
N HIS B 556 17.42 -30.45 8.70
CA HIS B 556 17.03 -31.08 9.94
C HIS B 556 17.75 -30.49 11.17
N GLU B 557 19.04 -30.12 10.96
CA GLU B 557 19.77 -29.56 12.08
C GLU B 557 19.40 -28.16 12.44
N ALA B 558 18.63 -27.47 11.57
CA ALA B 558 18.32 -26.08 11.67
C ALA B 558 16.88 -25.76 12.04
N ILE B 559 15.93 -26.65 11.66
CA ILE B 559 14.51 -26.38 12.00
C ILE B 559 13.88 -27.73 12.27
N ALA B 560 13.08 -27.74 13.32
CA ALA B 560 12.33 -28.96 13.72
C ALA B 560 11.01 -28.91 12.98
N ASN B 561 10.55 -30.01 12.54
CA ASN B 561 9.18 -30.03 11.97
C ASN B 561 8.32 -31.09 12.55
N PHE B 562 7.00 -30.84 12.42
CA PHE B 562 6.00 -31.68 12.99
C PHE B 562 4.98 -31.85 11.85
N GLY B 563 4.14 -32.85 11.99
CA GLY B 563 3.02 -33.05 11.06
C GLY B 563 2.13 -31.82 10.95
N LYS B 564 1.48 -31.70 9.76
CA LYS B 564 0.54 -30.63 9.46
C LYS B 564 -0.80 -30.88 10.22
N ILE B 565 -1.44 -29.84 10.74
CA ILE B 565 -2.69 -29.97 11.52
C ILE B 565 -3.82 -30.54 10.64
N GLN B 566 -3.83 -30.24 9.35
CA GLN B 566 -4.92 -30.77 8.50
C GLN B 566 -4.78 -32.26 8.29
N ASP B 567 -3.57 -32.83 8.38
CA ASP B 567 -3.28 -34.21 8.10
C ASP B 567 -2.45 -34.78 9.21
N PRO B 568 -3.02 -34.80 10.41
CA PRO B 568 -2.26 -35.13 11.60
C PRO B 568 -2.11 -36.64 11.71
N ASP B 569 -1.33 -37.09 12.65
CA ASP B 569 -1.02 -38.50 12.77
C ASP B 569 -2.21 -39.37 13.20
N ASN B 570 -3.24 -38.77 13.73
CA ASN B 570 -4.41 -39.42 14.17
C ASN B 570 -5.51 -39.54 13.08
N GLU B 571 -5.27 -38.94 11.89
CA GLU B 571 -6.27 -39.00 10.79
C GLU B 571 -5.75 -39.95 9.71
N VAL B 572 -6.69 -40.68 9.12
CA VAL B 572 -6.39 -41.58 8.03
C VAL B 572 -6.60 -40.85 6.75
N THR B 573 -5.54 -40.66 6.01
CA THR B 573 -5.61 -39.85 4.75
C THR B 573 -4.82 -40.49 3.61
N ALA B 574 -4.74 -39.76 2.49
CA ALA B 574 -3.95 -40.23 1.39
C ALA B 574 -2.50 -40.42 1.80
N ASN B 575 -2.04 -39.70 2.83
CA ASN B 575 -0.65 -39.85 3.31
C ASN B 575 -0.40 -40.92 4.41
N GLY B 576 -1.43 -41.68 4.70
CA GLY B 576 -1.34 -42.83 5.56
C GLY B 576 -2.23 -42.79 6.79
N ASP B 577 -2.12 -43.92 7.55
CA ASP B 577 -2.76 -44.08 8.85
C ASP B 577 -1.66 -43.87 9.89
N PHE B 578 -1.97 -44.23 11.14
CA PHE B 578 -0.91 -44.00 12.19
C PHE B 578 0.28 -44.86 11.98
N ARG B 579 0.10 -46.11 11.55
CA ARG B 579 1.20 -47.04 11.29
C ARG B 579 2.23 -46.41 10.36
N ILE B 580 1.73 -45.91 9.23
CA ILE B 580 2.54 -45.38 8.18
C ILE B 580 3.18 -44.05 8.61
N LYS B 581 2.40 -43.15 9.17
CA LYS B 581 2.82 -41.83 9.56
C LYS B 581 3.90 -41.93 10.69
N ALA B 582 3.66 -42.81 11.62
CA ALA B 582 4.64 -42.95 12.73
C ALA B 582 5.97 -43.45 12.19
N LEU B 583 6.01 -44.44 11.31
CA LEU B 583 7.23 -44.95 10.77
C LEU B 583 7.90 -43.89 9.94
N ARG B 584 7.11 -43.21 9.06
CA ARG B 584 7.70 -42.15 8.23
C ARG B 584 8.29 -41.04 9.10
N SER B 585 7.62 -40.68 10.23
CA SER B 585 8.13 -39.62 11.16
C SER B 585 9.59 -39.95 11.54
N MET B 586 9.80 -41.21 11.91
CA MET B 586 11.17 -41.59 12.42
C MET B 586 12.15 -41.57 11.27
N LEU B 587 11.77 -42.06 10.11
CA LEU B 587 12.64 -42.06 8.95
C LEU B 587 13.06 -40.62 8.57
N PHE B 588 12.10 -39.70 8.53
CA PHE B 588 12.28 -38.36 8.05
C PHE B 588 12.76 -37.39 9.07
N GLY B 589 12.69 -37.76 10.33
CA GLY B 589 13.12 -36.88 11.40
C GLY B 589 12.17 -35.79 11.82
N ARG B 590 10.86 -36.05 11.73
CA ARG B 590 9.90 -35.13 12.23
C ARG B 590 9.23 -35.65 13.50
N GLY B 591 8.52 -34.77 14.12
CA GLY B 591 7.76 -35.01 15.34
C GLY B 591 6.34 -35.40 15.04
N THR B 592 5.77 -35.99 16.04
CA THR B 592 4.37 -36.41 16.09
C THR B 592 3.41 -35.23 16.26
N THR B 593 2.31 -35.20 15.44
CA THR B 593 1.26 -34.27 15.60
C THR B 593 -0.07 -35.02 15.86
N ILE B 594 -0.66 -34.72 17.03
CA ILE B 594 -1.99 -35.18 17.39
C ILE B 594 -2.86 -33.97 17.47
N PHE B 595 -3.83 -33.86 16.53
CA PHE B 595 -4.60 -32.66 16.30
C PHE B 595 -6.07 -33.06 16.28
N PHE B 596 -6.84 -32.56 17.28
CA PHE B 596 -8.15 -33.14 17.58
C PHE B 596 -9.12 -32.11 18.07
N ALA B 597 -10.39 -32.33 17.77
CA ALA B 597 -11.49 -31.65 18.45
C ALA B 597 -11.58 -32.29 19.84
N PRO B 598 -11.99 -31.46 20.85
CA PRO B 598 -12.01 -32.02 22.21
C PRO B 598 -12.81 -33.26 22.38
N TYR B 599 -13.96 -33.35 21.69
CA TYR B 599 -14.78 -34.56 21.81
C TYR B 599 -14.15 -35.86 21.39
N GLU B 600 -13.05 -35.78 20.62
CA GLU B 600 -12.33 -36.97 20.16
C GLU B 600 -11.29 -37.47 21.12
N PHE B 601 -11.02 -36.71 22.22
CA PHE B 601 -9.82 -37.05 23.00
C PHE B 601 -9.66 -38.49 23.43
N GLU B 602 -10.72 -39.13 23.96
CA GLU B 602 -10.58 -40.48 24.42
C GLU B 602 -10.12 -41.41 23.29
N GLY B 603 -10.54 -41.14 22.02
CA GLY B 603 -10.04 -41.88 20.91
C GLY B 603 -8.59 -41.69 20.50
N MET B 604 -7.99 -40.62 21.03
CA MET B 604 -6.57 -40.36 20.80
C MET B 604 -5.62 -41.24 21.63
N ARG B 605 -6.12 -41.79 22.76
CA ARG B 605 -5.24 -42.43 23.71
C ARG B 605 -4.34 -43.45 23.18
N PRO B 606 -4.81 -44.40 22.35
CA PRO B 606 -3.91 -45.40 21.82
C PRO B 606 -2.78 -44.90 20.99
N MET B 607 -3.12 -43.93 20.12
CA MET B 607 -2.14 -43.25 19.32
C MET B 607 -1.04 -42.47 20.15
N ILE B 608 -1.53 -41.78 21.11
CA ILE B 608 -0.62 -41.08 22.07
C ILE B 608 0.35 -42.10 22.69
N GLU B 609 -0.20 -43.20 23.23
CA GLU B 609 0.66 -44.21 23.79
C GLU B 609 1.69 -44.80 22.89
N MET B 610 1.26 -45.13 21.63
CA MET B 610 2.15 -45.70 20.70
C MET B 610 3.18 -44.66 20.26
N ALA B 611 2.78 -43.42 20.08
CA ALA B 611 3.77 -42.40 19.73
C ALA B 611 4.83 -42.24 20.89
N ARG B 612 4.32 -42.13 22.06
CA ARG B 612 5.21 -42.07 23.32
C ARG B 612 6.20 -43.22 23.31
N ASP B 613 5.77 -44.45 23.09
CA ASP B 613 6.61 -45.62 23.18
C ASP B 613 7.60 -45.74 22.04
N LEU B 614 7.15 -45.46 20.80
CA LEU B 614 7.94 -45.73 19.70
C LEU B 614 8.65 -44.49 19.13
N VAL B 615 7.89 -43.40 18.82
CA VAL B 615 8.42 -42.33 18.06
C VAL B 615 9.20 -41.36 18.98
N SER B 616 8.69 -41.08 20.13
CA SER B 616 9.20 -39.98 20.95
C SER B 616 10.68 -40.22 21.37
N PRO B 617 11.06 -41.48 21.67
CA PRO B 617 12.49 -41.59 22.10
C PRO B 617 13.43 -41.46 20.90
N VAL B 618 12.96 -41.82 19.69
CA VAL B 618 13.77 -41.66 18.51
C VAL B 618 13.89 -40.20 18.10
N HIS B 619 12.75 -39.50 18.08
CA HIS B 619 12.68 -38.04 17.91
C HIS B 619 13.63 -37.31 18.91
N LYS B 620 13.57 -37.74 20.14
CA LYS B 620 14.52 -37.15 21.20
C LYS B 620 15.93 -37.35 20.83
N GLU B 621 16.35 -38.54 20.49
CA GLU B 621 17.75 -38.82 20.26
C GLU B 621 18.26 -38.11 19.00
N THR B 622 17.40 -38.02 17.93
CA THR B 622 17.84 -37.50 16.67
C THR B 622 17.58 -36.00 16.44
N PHE B 623 16.90 -35.34 17.34
CA PHE B 623 16.36 -33.97 17.19
C PHE B 623 17.33 -32.97 16.67
N TYR B 624 18.56 -32.94 17.26
CA TYR B 624 19.47 -31.92 16.81
C TYR B 624 20.39 -32.34 15.71
N SER B 625 20.35 -33.62 15.32
N SER B 625 20.35 -33.62 15.32
CA SER B 625 21.29 -34.24 14.43
CA SER B 625 21.32 -34.24 14.45
C SER B 625 21.09 -33.93 12.97
C SER B 625 21.10 -33.93 12.99
N GLU B 626 22.08 -34.28 12.21
CA GLU B 626 21.96 -34.26 10.76
C GLU B 626 21.34 -35.54 10.33
N LEU B 627 20.37 -35.45 9.36
CA LEU B 627 19.92 -36.61 8.66
C LEU B 627 20.92 -36.85 7.55
N LYS B 628 21.88 -37.74 7.79
CA LYS B 628 23.04 -37.89 6.97
C LYS B 628 22.73 -38.56 5.63
N SER B 629 21.88 -39.58 5.72
CA SER B 629 21.56 -40.35 4.57
C SER B 629 20.14 -40.91 4.71
N HIS B 630 19.57 -41.15 3.53
CA HIS B 630 18.30 -41.90 3.38
C HIS B 630 18.43 -42.81 2.18
N GLU B 631 17.92 -44.01 2.28
CA GLU B 631 17.98 -45.01 1.24
C GLU B 631 16.64 -45.73 1.09
N TYR B 632 16.32 -46.10 -0.13
CA TYR B 632 15.29 -47.06 -0.36
C TYR B 632 15.94 -48.44 -0.49
N LEU B 633 15.43 -49.42 0.24
CA LEU B 633 16.06 -50.77 0.28
C LEU B 633 15.30 -51.90 -0.31
N SER B 634 14.14 -51.65 -0.86
CA SER B 634 13.32 -52.65 -1.56
C SER B 634 12.94 -52.13 -2.91
N ALA B 635 12.64 -53.03 -3.82
CA ALA B 635 12.30 -52.72 -5.22
C ALA B 635 11.01 -51.83 -5.35
N ASP B 636 10.11 -51.97 -4.37
CA ASP B 636 8.83 -51.22 -4.33
C ASP B 636 8.97 -49.92 -3.57
N TYR B 637 10.19 -49.62 -3.08
CA TYR B 637 10.43 -48.40 -2.35
C TYR B 637 9.82 -48.26 -0.97
N LYS B 638 9.26 -49.32 -0.41
CA LYS B 638 8.53 -49.21 0.86
C LYS B 638 9.46 -49.44 2.05
N VAL B 639 10.58 -50.13 1.84
CA VAL B 639 11.52 -50.37 2.98
C VAL B 639 12.61 -49.33 2.80
N GLN B 640 12.90 -48.59 3.87
CA GLN B 640 13.80 -47.50 3.83
C GLN B 640 14.71 -47.50 5.06
N ARG B 641 15.82 -46.81 4.89
CA ARG B 641 16.83 -46.70 5.99
C ARG B 641 17.33 -45.28 6.03
N SER B 642 17.29 -44.72 7.20
CA SER B 642 17.79 -43.40 7.49
C SER B 642 18.87 -43.49 8.56
N ARG B 643 19.91 -42.67 8.37
CA ARG B 643 21.05 -42.60 9.36
C ARG B 643 21.21 -41.16 9.80
N PHE B 644 21.22 -40.94 11.11
CA PHE B 644 21.32 -39.65 11.74
C PHE B 644 22.71 -39.50 12.44
N SER B 645 23.19 -38.30 12.50
CA SER B 645 24.59 -38.06 13.02
C SER B 645 24.61 -38.24 14.53
N SER B 646 23.47 -38.38 15.20
CA SER B 646 23.41 -38.90 16.54
C SER B 646 23.92 -40.34 16.75
N GLY B 647 24.19 -41.08 15.70
CA GLY B 647 24.44 -42.53 15.77
C GLY B 647 23.21 -43.37 15.71
N THR B 648 22.10 -42.84 15.24
CA THR B 648 20.80 -43.54 15.31
C THR B 648 20.52 -44.02 13.88
N GLU B 649 20.08 -45.28 13.71
CA GLU B 649 19.76 -45.78 12.37
C GLU B 649 18.28 -46.25 12.45
N VAL B 650 17.44 -45.75 11.53
CA VAL B 650 16.06 -46.18 11.50
C VAL B 650 15.83 -46.93 10.17
N ILE B 651 15.34 -48.19 10.25
CA ILE B 651 14.91 -48.97 9.10
C ILE B 651 13.44 -49.19 9.36
N ALA B 652 12.60 -48.95 8.32
CA ALA B 652 11.16 -49.18 8.52
C ALA B 652 10.62 -49.64 7.15
N ASN B 653 9.50 -50.32 7.25
CA ASN B 653 8.80 -50.96 6.12
C ASN B 653 7.37 -50.40 6.12
N LEU B 654 7.12 -49.47 5.20
CA LEU B 654 5.85 -48.75 5.12
C LEU B 654 4.77 -49.46 4.30
N GLY B 655 4.99 -50.72 4.01
CA GLY B 655 4.00 -51.57 3.32
C GLY B 655 3.57 -52.76 4.14
N PRO B 656 2.66 -53.58 3.61
CA PRO B 656 2.01 -54.60 4.44
C PRO B 656 2.72 -55.92 4.56
N VAL B 657 3.68 -56.20 3.69
CA VAL B 657 4.28 -57.53 3.59
C VAL B 657 5.75 -57.41 4.14
N ALA B 658 6.14 -58.43 4.92
CA ALA B 658 7.57 -58.49 5.33
C ALA B 658 8.45 -58.56 4.10
N GLN B 659 9.60 -57.88 4.17
CA GLN B 659 10.57 -57.89 3.09
C GLN B 659 12.01 -58.02 3.66
N LYS B 660 12.84 -58.75 2.90
CA LYS B 660 14.26 -58.83 3.22
C LYS B 660 15.09 -57.73 2.56
N ILE B 661 16.11 -57.33 3.28
CA ILE B 661 17.14 -56.41 2.82
C ILE B 661 18.50 -57.12 2.94
N GLU B 662 19.58 -56.41 2.66
CA GLU B 662 20.94 -56.92 3.01
C GLU B 662 21.16 -57.82 4.27
N GLY B 663 21.92 -58.88 4.02
CA GLY B 663 22.26 -59.86 5.05
C GLY B 663 21.07 -60.69 5.39
N GLY B 664 20.12 -60.74 4.44
CA GLY B 664 18.88 -61.47 4.56
C GLY B 664 18.00 -61.10 5.77
N ILE B 665 18.26 -59.93 6.38
CA ILE B 665 17.47 -59.45 7.53
C ILE B 665 16.05 -59.15 7.02
N SER B 666 15.03 -59.55 7.77
CA SER B 666 13.61 -59.33 7.34
C SER B 666 13.06 -58.20 8.18
N ILE B 667 12.32 -57.24 7.53
CA ILE B 667 11.62 -56.17 8.24
C ILE B 667 10.13 -56.43 8.08
N PRO B 668 9.40 -56.63 9.16
CA PRO B 668 7.96 -56.95 9.05
C PRO B 668 7.20 -55.83 8.33
N GLY B 669 6.05 -56.22 7.76
CA GLY B 669 5.13 -55.18 7.31
C GLY B 669 4.80 -54.24 8.43
N TYR B 670 4.75 -52.96 8.07
CA TYR B 670 4.56 -51.89 9.01
C TYR B 670 5.44 -52.11 10.28
N GLY B 671 6.69 -52.43 9.96
CA GLY B 671 7.66 -52.77 11.01
C GLY B 671 8.92 -51.92 10.96
N TYR B 672 9.80 -52.18 11.93
CA TYR B 672 10.96 -51.28 12.13
C TYR B 672 12.11 -52.08 12.75
N ARG B 673 13.29 -51.61 12.42
CA ARG B 673 14.53 -52.04 13.17
C ARG B 673 15.39 -50.77 13.31
N ILE B 674 15.62 -50.43 14.56
CA ILE B 674 16.23 -49.18 14.91
C ILE B 674 17.45 -49.48 15.80
N GLN B 675 18.56 -48.96 15.39
CA GLN B 675 19.85 -49.02 16.20
C GLN B 675 20.01 -47.67 16.86
N MET B 676 19.95 -47.62 18.20
CA MET B 676 20.07 -46.43 18.96
C MET B 676 21.59 -46.16 19.18
N LYS B 677 21.88 -44.95 19.56
CA LYS B 677 23.21 -44.37 19.77
C LYS B 677 24.03 -45.31 20.64
N ASP B 678 23.37 -45.80 21.66
CA ASP B 678 24.02 -46.65 22.69
C ASP B 678 24.23 -48.05 22.20
N GLY B 679 23.94 -48.33 20.92
CA GLY B 679 24.05 -49.67 20.35
C GLY B 679 22.84 -50.60 20.60
N SER B 680 21.89 -50.24 21.42
CA SER B 680 20.79 -51.15 21.58
C SER B 680 19.94 -51.20 20.26
N LEU B 681 19.18 -52.28 20.09
CA LEU B 681 18.38 -52.53 18.88
C LEU B 681 16.92 -52.64 19.30
N LYS B 682 16.02 -51.92 18.63
CA LYS B 682 14.60 -51.97 18.87
C LYS B 682 14.02 -52.56 17.56
N THR B 683 13.25 -53.63 17.68
CA THR B 683 12.58 -54.22 16.51
C THR B 683 11.10 -54.34 16.93
N GLY B 684 10.22 -54.35 15.93
CA GLY B 684 8.81 -54.38 16.29
C GLY B 684 7.95 -54.08 15.04
N HIS B 685 6.64 -54.13 15.26
CA HIS B 685 5.67 -53.85 14.11
C HIS B 685 4.36 -53.52 14.64
N PHE B 686 3.51 -52.83 13.80
CA PHE B 686 2.17 -52.56 14.14
C PHE B 686 1.29 -53.68 13.61
N GLN B 687 0.21 -53.91 14.36
CA GLN B 687 -0.80 -54.91 13.95
C GLN B 687 -2.14 -54.32 14.05
N VAL B 688 -2.99 -54.60 13.04
CA VAL B 688 -4.39 -54.22 13.16
C VAL B 688 -5.18 -55.53 13.42
N SER B 689 -6.06 -55.52 14.42
CA SER B 689 -6.77 -56.68 14.89
C SER B 689 -8.21 -56.33 14.93
N LEU B 690 -9.02 -57.37 15.02
CA LEU B 690 -10.46 -57.23 15.20
C LEU B 690 -10.90 -57.91 16.48
N HIS B 691 -11.41 -57.16 17.42
CA HIS B 691 -12.00 -57.75 18.64
C HIS B 691 -13.48 -58.01 18.29
N MET B 692 -13.97 -59.23 18.56
CA MET B 692 -15.39 -59.57 18.43
C MET B 692 -15.83 -60.04 19.79
N ASP B 693 -16.84 -59.39 20.31
CA ASP B 693 -17.42 -59.78 21.62
C ASP B 693 -18.08 -61.10 21.54
N PRO C 35 -35.18 25.78 27.54
CA PRO C 35 -34.16 26.86 27.19
C PRO C 35 -34.41 28.20 27.91
N ILE C 36 -33.33 28.80 28.43
CA ILE C 36 -33.40 30.03 29.16
C ILE C 36 -33.34 31.16 28.06
N VAL C 37 -34.19 32.20 28.15
CA VAL C 37 -34.27 33.23 27.12
C VAL C 37 -33.97 34.63 27.72
N LEU C 38 -33.06 35.36 27.10
CA LEU C 38 -32.94 36.79 27.30
C LEU C 38 -33.43 37.40 26.00
N GLU C 39 -34.27 38.44 26.10
CA GLU C 39 -34.76 39.06 24.91
C GLU C 39 -35.08 40.55 25.17
N ASN C 40 -34.83 41.37 24.16
CA ASN C 40 -35.28 42.75 24.14
C ASN C 40 -35.84 42.99 22.71
N GLY C 41 -36.01 44.24 22.29
CA GLY C 41 -36.58 44.54 21.04
C GLY C 41 -35.74 44.22 19.84
N LYS C 42 -34.44 43.99 20.12
CA LYS C 42 -33.47 43.86 19.03
C LYS C 42 -32.86 42.48 18.92
N LEU C 43 -32.77 41.75 20.02
CA LEU C 43 -32.16 40.43 20.06
C LEU C 43 -32.92 39.45 20.92
N ASN C 44 -32.81 38.17 20.54
CA ASN C 44 -33.31 37.10 21.36
C ASN C 44 -32.16 36.16 21.60
N ILE C 45 -31.83 35.90 22.85
CA ILE C 45 -30.72 34.98 23.18
C ILE C 45 -31.36 33.75 23.72
N ASN C 46 -31.06 32.60 23.10
CA ASN C 46 -31.56 31.37 23.51
C ASN C 46 -30.49 30.50 24.06
N ILE C 47 -30.53 30.17 25.36
CA ILE C 47 -29.51 29.45 26.02
C ILE C 47 -30.00 28.03 26.33
N ASP C 48 -29.20 27.05 25.91
CA ASP C 48 -29.47 25.62 26.14
C ASP C 48 -29.14 25.23 27.53
N SER C 49 -30.12 24.80 28.32
CA SER C 49 -29.81 24.57 29.71
C SER C 49 -29.06 23.24 29.97
N LYS C 50 -28.94 22.40 28.95
CA LYS C 50 -28.17 21.14 29.01
C LYS C 50 -26.67 21.38 28.70
N THR C 51 -26.34 22.23 27.73
CA THR C 51 -24.97 22.42 27.37
C THR C 51 -24.39 23.80 27.69
N GLY C 52 -25.26 24.80 27.98
CA GLY C 52 -24.78 26.19 28.12
C GLY C 52 -24.47 26.88 26.81
N CYS C 53 -24.64 26.21 25.71
CA CYS C 53 -24.50 26.88 24.42
C CYS C 53 -25.61 27.90 24.27
N PHE C 54 -25.39 28.90 23.44
CA PHE C 54 -26.43 29.84 23.11
C PHE C 54 -26.40 30.25 21.70
N SER C 55 -27.57 30.63 21.21
CA SER C 55 -27.72 31.29 19.93
C SER C 55 -28.23 32.73 20.08
N VAL C 56 -27.96 33.57 19.07
CA VAL C 56 -28.43 34.98 19.16
C VAL C 56 -29.17 35.29 17.90
N THR C 57 -30.44 35.65 18.01
CA THR C 57 -31.22 36.01 16.85
C THR C 57 -31.25 37.53 16.81
N GLU C 58 -30.80 38.10 15.71
CA GLU C 58 -30.76 39.51 15.51
C GLU C 58 -32.09 39.74 14.80
N LYS C 59 -33.01 40.31 15.54
CA LYS C 59 -34.39 40.45 15.09
C LYS C 59 -34.74 41.34 13.94
N THR C 60 -33.91 42.31 13.63
CA THR C 60 -34.22 43.17 12.52
C THR C 60 -34.03 42.47 11.21
N SER C 61 -32.91 41.73 11.05
CA SER C 61 -32.71 41.01 9.80
C SER C 61 -33.19 39.59 9.89
N GLY C 62 -33.38 39.06 11.10
CA GLY C 62 -33.74 37.71 11.34
C GLY C 62 -32.58 36.70 11.35
N HIS C 63 -31.38 37.19 11.08
CA HIS C 63 -30.18 36.29 11.16
C HIS C 63 -30.01 35.63 12.54
N VAL C 64 -29.74 34.34 12.60
CA VAL C 64 -29.42 33.60 13.81
C VAL C 64 -27.96 33.24 13.82
N TRP C 65 -27.27 33.76 14.82
CA TRP C 65 -25.88 33.32 15.17
C TRP C 65 -25.99 32.03 16.01
N LYS C 66 -25.41 30.94 15.48
CA LYS C 66 -25.47 29.64 16.10
C LYS C 66 -24.33 29.29 17.02
N SER C 67 -24.58 28.40 17.93
CA SER C 67 -23.51 27.93 18.75
C SER C 67 -22.58 27.03 17.90
N ASP C 68 -21.47 26.60 18.49
CA ASP C 68 -20.42 25.83 17.86
C ASP C 68 -21.04 24.72 17.02
N PRO C 69 -20.82 24.81 15.73
CA PRO C 69 -21.42 23.89 14.80
C PRO C 69 -20.72 22.57 14.76
N TRP C 70 -19.53 22.48 15.29
CA TRP C 70 -18.77 21.27 15.18
C TRP C 70 -19.04 20.25 16.30
N GLU C 71 -18.88 20.67 17.55
CA GLU C 71 -19.02 19.79 18.71
C GLU C 71 -20.07 20.17 19.75
N ASN C 72 -20.80 21.24 19.46
CA ASN C 72 -21.76 21.84 20.38
C ASN C 72 -21.10 22.19 21.72
N ALA C 73 -19.91 22.77 21.66
CA ALA C 73 -19.20 23.11 22.85
C ALA C 73 -19.44 24.56 23.23
N ALA C 74 -19.89 24.78 24.47
CA ALA C 74 -20.02 26.19 24.92
C ALA C 74 -18.64 26.83 25.03
N GLY C 75 -17.70 26.04 25.47
CA GLY C 75 -16.33 26.47 25.75
C GLY C 75 -15.34 25.29 25.58
N LEU C 76 -14.10 25.63 25.27
CA LEU C 76 -13.02 24.63 25.20
C LEU C 76 -11.93 24.97 26.18
N LEU C 77 -11.73 24.08 27.14
CA LEU C 77 -10.85 24.33 28.26
C LEU C 77 -9.62 23.45 28.21
N THR C 78 -8.47 24.08 28.28
CA THR C 78 -7.21 23.31 28.28
C THR C 78 -6.74 23.24 29.72
N LEU C 79 -6.46 22.03 30.20
CA LEU C 79 -6.00 21.82 31.56
C LEU C 79 -5.19 20.53 31.69
N THR C 80 -4.40 20.41 32.74
CA THR C 80 -3.64 19.19 33.02
C THR C 80 -4.61 18.14 33.58
N ASP C 81 -4.37 16.88 33.19
CA ASP C 81 -5.10 15.78 33.78
C ASP C 81 -4.31 15.24 35.01
N SER C 82 -4.75 14.09 35.53
CA SER C 82 -4.13 13.53 36.76
C SER C 82 -2.74 12.96 36.48
N LYS C 83 -2.49 12.50 35.25
CA LYS C 83 -1.13 12.16 34.80
C LYS C 83 -0.23 13.37 34.55
N GLY C 84 -0.67 14.62 34.84
CA GLY C 84 0.06 15.85 34.43
C GLY C 84 0.05 16.27 32.92
N LYS C 85 -0.62 15.55 32.02
CA LYS C 85 -0.60 15.95 30.60
C LYS C 85 -1.74 16.98 30.34
N LYS C 86 -1.48 17.92 29.44
CA LYS C 86 -2.48 18.90 29.02
C LYS C 86 -3.44 18.27 28.08
N GLN C 87 -4.73 18.52 28.24
CA GLN C 87 -5.69 18.14 27.23
C GLN C 87 -6.74 19.25 27.10
N THR C 88 -7.46 19.22 26.01
CA THR C 88 -8.52 20.21 25.81
C THR C 88 -9.86 19.50 25.86
N VAL C 89 -10.79 20.01 26.66
CA VAL C 89 -12.07 19.41 26.89
C VAL C 89 -13.21 20.37 26.51
N ASN C 90 -14.29 19.79 26.03
CA ASN C 90 -15.53 20.51 25.76
C ASN C 90 -16.27 20.67 27.14
N ILE C 91 -16.39 21.91 27.62
CA ILE C 91 -16.94 22.10 28.97
C ILE C 91 -18.45 21.77 29.01
N SER C 92 -19.10 21.67 27.85
CA SER C 92 -20.48 21.26 27.78
C SER C 92 -20.64 19.77 28.19
N LYS C 93 -19.55 19.01 28.25
CA LYS C 93 -19.62 17.63 28.73
C LYS C 93 -19.36 17.49 30.20
N SER C 94 -19.28 18.58 30.94
CA SER C 94 -19.05 18.52 32.38
C SER C 94 -20.19 17.70 33.03
N LYS C 95 -19.88 17.22 34.21
CA LYS C 95 -20.79 16.33 34.95
C LYS C 95 -22.03 17.11 35.35
N LYS C 96 -21.85 18.38 35.75
CA LYS C 96 -23.00 19.25 36.16
C LYS C 96 -22.85 20.58 35.42
N ILE C 97 -23.95 20.97 34.80
CA ILE C 97 -24.09 22.28 34.14
C ILE C 97 -25.33 22.98 34.75
N GLU C 98 -25.13 24.14 35.35
CA GLU C 98 -26.22 24.94 35.95
C GLU C 98 -26.40 26.18 35.15
N VAL C 99 -27.55 26.37 34.59
CA VAL C 99 -27.90 27.56 33.81
C VAL C 99 -29.15 28.19 34.47
N SER C 100 -29.05 29.42 34.96
CA SER C 100 -30.32 30.04 35.45
C SER C 100 -30.39 31.56 35.24
N LYS C 101 -31.62 32.07 35.16
CA LYS C 101 -31.82 33.51 34.98
C LYS C 101 -31.73 34.13 36.34
N THR C 102 -30.66 34.83 36.63
CA THR C 102 -30.42 35.37 37.94
C THR C 102 -30.81 36.87 38.13
N ALA C 103 -31.15 37.52 37.03
CA ALA C 103 -31.64 38.94 37.02
C ALA C 103 -32.48 39.09 35.81
N LYS C 104 -33.18 40.26 35.66
CA LYS C 104 -34.06 40.46 34.52
C LYS C 104 -33.34 40.25 33.18
N ASN C 105 -32.07 40.61 33.16
CA ASN C 105 -31.31 40.51 31.87
C ASN C 105 -29.99 39.85 32.05
N THR C 106 -29.89 38.99 33.07
CA THR C 106 -28.68 38.18 33.29
C THR C 106 -29.00 36.69 33.43
N VAL C 107 -28.16 35.88 32.74
CA VAL C 107 -28.21 34.47 32.92
C VAL C 107 -26.84 34.05 33.40
N SER C 108 -26.85 33.12 34.35
N SER C 108 -26.83 33.23 34.45
CA SER C 108 -25.65 32.76 35.02
CA SER C 108 -25.58 32.83 35.06
C SER C 108 -25.39 31.24 34.80
C SER C 108 -25.42 31.34 34.61
N LEU C 109 -24.17 30.92 34.40
CA LEU C 109 -23.82 29.56 33.98
C LEU C 109 -22.70 29.02 34.81
N LYS C 110 -22.79 27.73 35.15
CA LYS C 110 -21.71 27.06 35.89
C LYS C 110 -21.46 25.67 35.31
N PHE C 111 -20.20 25.43 34.93
CA PHE C 111 -19.70 24.16 34.32
C PHE C 111 -18.83 23.46 35.34
N ILE C 112 -19.30 22.30 35.85
CA ILE C 112 -18.75 21.77 37.11
C ILE C 112 -18.27 20.34 36.79
N ASP C 113 -16.98 20.13 37.06
CA ASP C 113 -16.34 18.81 36.88
C ASP C 113 -16.29 18.31 35.42
N PRO C 114 -15.46 18.99 34.61
CA PRO C 114 -15.27 18.55 33.23
C PRO C 114 -14.76 17.12 33.20
N VAL C 115 -15.09 16.45 32.13
CA VAL C 115 -14.70 15.05 31.89
C VAL C 115 -13.57 14.97 30.83
N PHE C 116 -12.49 14.27 31.18
CA PHE C 116 -11.36 14.00 30.27
C PHE C 116 -11.65 12.94 29.20
N GLU C 117 -10.74 12.83 28.20
CA GLU C 117 -10.94 11.93 27.03
C GLU C 117 -11.16 10.47 27.48
N ASP C 118 -10.46 10.07 28.53
CA ASP C 118 -10.53 8.69 29.00
C ASP C 118 -11.71 8.43 29.93
N GLY C 119 -12.58 9.44 30.10
CA GLY C 119 -13.75 9.35 30.95
C GLY C 119 -13.50 9.63 32.40
N SER C 120 -12.26 9.84 32.80
CA SER C 120 -12.01 10.32 34.13
C SER C 120 -12.52 11.79 34.25
N VAL C 121 -12.62 12.28 35.48
CA VAL C 121 -13.31 13.52 35.81
C VAL C 121 -12.31 14.43 36.40
N ALA C 122 -12.38 15.72 36.04
CA ALA C 122 -11.56 16.74 36.68
C ALA C 122 -12.32 17.27 37.93
N LYS C 123 -12.37 16.45 38.98
CA LYS C 123 -13.02 16.77 40.24
C LYS C 123 -12.53 18.05 40.87
N GLY C 124 -13.46 18.96 41.13
CA GLY C 124 -13.10 20.19 41.79
C GLY C 124 -12.82 21.34 40.79
N VAL C 125 -12.90 21.03 39.50
CA VAL C 125 -12.68 22.09 38.47
C VAL C 125 -14.04 22.70 38.16
N SER C 126 -14.13 24.03 38.04
CA SER C 126 -15.38 24.57 37.52
C SER C 126 -15.11 25.96 36.88
N ILE C 127 -16.01 26.31 36.00
CA ILE C 127 -16.00 27.60 35.29
C ILE C 127 -17.37 28.20 35.50
N ALA C 128 -17.42 29.45 35.97
CA ALA C 128 -18.69 30.20 35.99
C ALA C 128 -18.61 31.36 34.99
N THR C 129 -19.72 31.62 34.32
CA THR C 129 -19.86 32.66 33.38
C THR C 129 -21.15 33.39 33.52
N GLU C 130 -21.26 34.53 32.86
CA GLU C 130 -22.51 35.30 32.81
C GLU C 130 -22.71 35.84 31.40
N LEU C 131 -23.98 35.85 30.99
CA LEU C 131 -24.51 36.53 29.85
C LEU C 131 -25.44 37.70 30.28
N ARG C 132 -25.19 38.89 29.75
CA ARG C 132 -25.94 40.10 30.22
C ARG C 132 -26.38 40.85 29.04
N LEU C 133 -27.70 40.89 28.86
CA LEU C 133 -28.27 41.53 27.76
C LEU C 133 -28.59 43.00 28.11
N ASP C 134 -28.21 43.96 27.26
CA ASP C 134 -28.53 45.37 27.54
C ASP C 134 -30.04 45.47 27.40
N PRO C 135 -30.70 46.27 28.26
CA PRO C 135 -32.19 46.27 28.20
C PRO C 135 -32.75 46.94 26.98
N ASN C 136 -31.95 47.76 26.25
CA ASN C 136 -32.44 48.44 25.09
C ASN C 136 -31.76 48.16 23.76
N ASN C 137 -30.45 48.03 23.82
CA ASN C 137 -29.61 47.95 22.63
C ASN C 137 -29.27 46.52 22.30
N ALA C 138 -28.82 46.33 21.07
CA ALA C 138 -28.40 45.01 20.62
C ALA C 138 -26.95 44.74 21.09
N GLN C 139 -26.79 44.54 22.37
CA GLN C 139 -25.52 44.42 22.98
C GLN C 139 -25.57 43.35 24.04
N LEU C 140 -24.66 42.34 23.99
CA LEU C 140 -24.60 41.21 24.94
C LEU C 140 -23.22 41.16 25.59
N ASP C 141 -23.11 41.23 26.89
CA ASP C 141 -21.81 41.13 27.60
C ASP C 141 -21.72 39.64 27.97
N VAL C 142 -20.51 39.07 27.75
CA VAL C 142 -20.19 37.71 28.11
C VAL C 142 -18.95 37.75 28.97
N GLU C 143 -19.02 37.16 30.16
CA GLU C 143 -17.96 37.26 31.09
C GLU C 143 -17.69 35.92 31.81
N VAL C 144 -16.42 35.61 31.89
CA VAL C 144 -15.97 34.49 32.68
C VAL C 144 -15.74 35.05 34.06
N THR C 145 -16.66 34.68 34.97
CA THR C 145 -16.59 35.23 36.29
C THR C 145 -15.83 34.48 37.36
N GLU C 146 -15.70 33.18 37.24
CA GLU C 146 -14.95 32.43 38.21
C GLU C 146 -14.38 31.19 37.60
N HIS C 147 -13.17 30.80 38.00
CA HIS C 147 -12.69 29.46 37.65
C HIS C 147 -12.04 28.84 38.85
N ARG C 148 -12.27 27.55 39.03
CA ARG C 148 -11.67 26.81 40.17
C ARG C 148 -10.90 25.68 39.56
N SER C 149 -9.72 25.41 40.09
CA SER C 149 -8.79 24.43 39.56
C SER C 149 -8.68 23.09 40.28
N GLY C 150 -9.07 23.08 41.56
CA GLY C 150 -8.85 21.92 42.44
C GLY C 150 -7.38 21.60 42.41
N ASN C 151 -7.07 20.33 42.16
CA ASN C 151 -5.68 19.89 42.11
C ASN C 151 -5.20 19.80 40.67
N PHE C 152 -5.93 20.42 39.75
CA PHE C 152 -5.49 20.48 38.36
C PHE C 152 -4.90 21.88 38.08
N THR C 153 -4.34 22.04 36.89
CA THR C 153 -3.83 23.34 36.43
C THR C 153 -4.60 23.74 35.14
N LEU C 154 -5.17 24.96 35.18
CA LEU C 154 -5.93 25.47 34.06
C LEU C 154 -5.10 26.46 33.22
N TYR C 155 -5.26 26.33 31.90
CA TYR C 155 -4.52 27.11 30.90
C TYR C 155 -5.59 27.81 30.00
N ASP C 156 -5.66 27.55 28.74
CA ASP C 156 -6.54 28.31 27.89
C ASP C 156 -8.01 27.95 28.07
N LEU C 157 -8.87 28.95 27.98
CA LEU C 157 -10.28 28.78 27.86
C LEU C 157 -10.78 29.57 26.64
N ARG C 158 -11.26 28.87 25.61
CA ARG C 158 -11.97 29.51 24.52
C ARG C 158 -13.43 29.60 24.94
N TYR C 159 -13.91 30.81 25.11
CA TYR C 159 -15.29 31.05 25.62
C TYR C 159 -15.78 32.43 25.13
N PRO C 160 -16.85 32.47 24.36
CA PRO C 160 -17.60 31.37 23.82
C PRO C 160 -16.82 30.68 22.74
N ALA C 161 -16.90 29.35 22.66
CA ALA C 161 -16.18 28.61 21.66
C ALA C 161 -16.91 28.53 20.35
N ARG C 162 -16.19 28.82 19.27
CA ARG C 162 -16.67 28.70 17.87
C ARG C 162 -18.04 29.32 17.61
N ALA C 163 -18.18 30.49 18.22
CA ALA C 163 -19.41 31.24 18.18
C ALA C 163 -19.34 32.22 17.05
N PHE C 164 -20.52 32.76 16.72
CA PHE C 164 -20.63 33.81 15.75
C PHE C 164 -19.99 33.46 14.40
N SER C 165 -20.07 32.19 14.05
CA SER C 165 -19.46 31.69 12.83
C SER C 165 -20.20 31.99 11.57
N LEU C 166 -19.45 31.98 10.50
CA LEU C 166 -19.94 32.04 9.15
C LEU C 166 -19.72 30.71 8.46
N LYS C 167 -20.75 30.24 7.73
CA LYS C 167 -20.68 28.99 6.92
C LYS C 167 -20.06 29.26 5.59
N THR C 168 -18.88 28.66 5.32
CA THR C 168 -18.14 28.97 4.12
C THR C 168 -19.03 28.66 2.89
N ASP C 169 -19.03 29.61 1.98
CA ASP C 169 -19.77 29.51 0.68
C ASP C 169 -21.24 29.46 0.84
N GLU C 170 -21.76 29.77 2.03
CA GLU C 170 -23.20 29.95 2.26
C GLU C 170 -23.45 31.36 2.76
N ASP C 171 -22.84 31.72 3.88
CA ASP C 171 -22.70 33.11 4.25
C ASP C 171 -21.69 33.84 3.34
N LYS C 172 -22.07 34.99 2.81
CA LYS C 172 -21.22 35.78 1.95
C LYS C 172 -20.84 37.03 2.80
N GLY C 173 -19.63 37.06 3.28
CA GLY C 173 -19.23 38.11 4.16
C GLY C 173 -17.80 37.77 4.57
N ALA C 174 -17.47 38.07 5.83
CA ALA C 174 -16.00 38.01 6.18
C ALA C 174 -15.83 38.09 7.69
N ALA C 175 -14.66 37.57 8.14
CA ALA C 175 -14.14 37.88 9.45
C ALA C 175 -13.44 39.18 9.33
N VAL C 176 -13.43 39.93 10.43
CA VAL C 176 -12.83 41.25 10.51
C VAL C 176 -11.85 41.26 11.68
N ILE C 177 -10.60 41.51 11.35
CA ILE C 177 -9.44 41.30 12.29
C ILE C 177 -8.54 42.49 12.17
N PRO C 178 -8.43 43.29 13.28
CA PRO C 178 -7.55 44.47 13.26
C PRO C 178 -6.11 44.08 13.45
N GLN C 179 -5.64 43.23 12.53
CA GLN C 179 -4.22 42.90 12.44
C GLN C 179 -3.40 44.00 11.82
N LYS C 180 -2.64 44.72 12.66
CA LYS C 180 -2.00 45.92 12.31
C LYS C 180 -3.00 46.90 11.75
N GLN C 181 -2.84 47.43 10.56
CA GLN C 181 -3.86 48.38 10.02
C GLN C 181 -5.20 47.67 9.92
N GLY C 182 -5.22 46.35 9.57
CA GLY C 182 -6.40 45.56 9.58
C GLY C 182 -6.62 44.77 8.29
N VAL C 183 -7.36 43.69 8.46
CA VAL C 183 -7.75 42.83 7.36
C VAL C 183 -9.19 42.34 7.51
N ILE C 184 -9.74 41.91 6.35
CA ILE C 184 -10.90 41.07 6.37
C ILE C 184 -10.58 39.70 5.67
N CYS C 185 -11.30 38.69 6.11
CA CYS C 185 -11.12 37.31 5.60
C CYS C 185 -12.50 36.83 5.09
N PRO C 186 -12.72 36.98 3.79
CA PRO C 186 -13.97 36.45 3.19
C PRO C 186 -14.29 35.02 3.55
N SER C 187 -15.59 34.75 3.70
CA SER C 187 -16.11 33.50 4.08
C SER C 187 -16.64 32.67 2.88
N TYR C 188 -16.06 32.88 1.74
CA TYR C 188 -16.48 32.21 0.52
C TYR C 188 -15.39 32.40 -0.47
N ILE C 189 -15.36 31.57 -1.52
CA ILE C 189 -14.41 31.69 -2.59
C ILE C 189 -14.98 32.59 -3.70
N PHE C 190 -14.10 33.35 -4.26
CA PHE C 190 -14.41 34.46 -5.19
C PHE C 190 -13.32 34.55 -6.26
N PRO C 191 -13.63 35.25 -7.38
CA PRO C 191 -12.63 35.33 -8.43
C PRO C 191 -11.39 36.17 -8.01
N MET C 192 -10.22 35.78 -8.42
CA MET C 192 -9.02 36.49 -8.23
C MET C 192 -7.93 35.90 -9.15
N ASN C 193 -6.81 36.55 -9.20
CA ASN C 193 -5.66 36.07 -9.96
C ASN C 193 -5.45 34.60 -9.65
N GLY C 194 -5.14 33.80 -10.70
CA GLY C 194 -5.01 32.41 -10.47
C GLY C 194 -3.97 31.96 -9.46
N GLY C 195 -2.82 32.55 -9.45
CA GLY C 195 -1.77 32.14 -8.50
C GLY C 195 -2.20 32.54 -7.08
N ARG C 196 -2.81 33.71 -6.94
CA ARG C 196 -3.42 34.12 -5.66
C ARG C 196 -4.50 33.13 -5.24
N PHE C 197 -5.38 32.70 -6.20
CA PHE C 197 -6.48 31.80 -5.90
C PHE C 197 -5.99 30.45 -5.37
N CYS C 198 -4.95 29.92 -5.99
CA CYS C 198 -4.44 28.63 -5.60
C CYS C 198 -3.89 28.72 -4.12
N LYS C 199 -3.14 29.79 -3.86
CA LYS C 199 -2.66 29.97 -2.49
C LYS C 199 -3.77 30.12 -1.48
N TRP C 200 -4.78 30.90 -1.85
CA TRP C 200 -5.92 31.23 -0.98
C TRP C 200 -6.68 29.99 -0.62
N ASP C 201 -7.16 29.30 -1.67
CA ASP C 201 -7.99 28.13 -1.43
C ASP C 201 -7.21 27.03 -0.67
N ASP C 202 -5.94 26.83 -1.04
CA ASP C 202 -5.12 25.78 -0.48
C ASP C 202 -4.95 26.04 1.04
N ALA C 203 -4.76 27.33 1.39
CA ALA C 203 -4.62 27.70 2.82
C ALA C 203 -5.83 27.41 3.68
N THR C 204 -7.05 27.45 3.11
CA THR C 204 -8.25 27.11 3.85
C THR C 204 -8.36 25.62 4.16
N TYR C 205 -7.46 24.83 3.61
CA TYR C 205 -7.43 23.40 3.88
C TYR C 205 -6.16 22.94 4.59
N ASN C 206 -5.33 23.85 5.05
CA ASN C 206 -4.21 23.43 5.85
C ASN C 206 -4.06 24.38 7.05
N ASN C 207 -2.94 24.25 7.77
CA ASN C 207 -2.79 25.00 9.00
C ASN C 207 -2.56 26.49 8.86
N LYS C 208 -2.44 26.99 7.65
CA LYS C 208 -2.30 28.43 7.42
C LYS C 208 -3.60 29.16 7.86
N SER C 209 -4.72 28.47 7.89
CA SER C 209 -5.97 29.15 8.22
C SER C 209 -6.45 28.95 9.65
N GLN C 210 -5.61 28.46 10.53
CA GLN C 210 -5.95 28.31 11.94
C GLN C 210 -4.78 28.72 12.75
N GLY C 211 -5.04 29.31 13.90
CA GLY C 211 -3.97 29.73 14.79
C GLY C 211 -4.48 30.84 15.76
N SER C 212 -3.53 31.56 16.34
CA SER C 212 -3.94 32.63 17.24
C SER C 212 -3.05 33.83 17.13
N LEU C 213 -3.63 34.99 17.48
CA LEU C 213 -2.88 36.22 17.54
C LEU C 213 -3.04 36.88 18.92
N GLU C 214 -2.13 37.80 19.21
CA GLU C 214 -2.10 38.53 20.46
C GLU C 214 -2.45 40.00 20.25
N LEU C 215 -2.87 40.64 21.34
CA LEU C 215 -3.12 42.09 21.35
C LEU C 215 -1.90 43.00 21.62
N PHE C 216 -1.81 44.11 20.85
CA PHE C 216 -0.94 45.20 21.07
C PHE C 216 0.54 44.92 20.93
N ASN C 217 0.91 44.13 19.93
CA ASN C 217 2.28 44.02 19.49
C ASN C 217 2.50 44.66 18.11
N ASN C 218 3.77 44.78 17.77
CA ASN C 218 4.25 45.30 16.48
C ASN C 218 4.60 44.23 15.48
N GLY C 219 4.27 42.99 15.82
CA GLY C 219 4.58 41.81 14.97
C GLY C 219 3.30 41.40 14.26
N THR C 220 2.84 40.20 14.54
CA THR C 220 1.69 39.63 13.79
C THR C 220 0.35 39.98 14.41
N GLY C 221 0.31 40.70 15.53
CA GLY C 221 -0.88 40.84 16.30
C GLY C 221 -1.85 41.99 15.98
N LEU C 222 -2.85 42.12 16.82
CA LEU C 222 -3.93 43.06 16.72
C LEU C 222 -3.57 44.40 17.34
N THR C 223 -4.07 45.46 16.73
CA THR C 223 -3.88 46.82 17.25
C THR C 223 -5.10 47.39 17.94
N MET C 224 -6.21 46.72 17.92
CA MET C 224 -7.39 47.12 18.64
C MET C 224 -8.01 45.94 19.24
N PRO C 225 -8.68 46.10 20.39
CA PRO C 225 -9.19 44.94 21.14
C PRO C 225 -10.57 44.49 20.73
N TRP C 226 -10.74 44.24 19.42
CA TRP C 226 -12.02 43.80 18.95
C TRP C 226 -11.81 42.99 17.69
N TRP C 227 -12.84 42.23 17.37
CA TRP C 227 -12.89 41.49 16.09
C TRP C 227 -14.34 41.13 15.85
N GLY C 228 -14.64 40.62 14.66
CA GLY C 228 -16.02 40.32 14.33
C GLY C 228 -16.21 39.55 13.07
N THR C 229 -17.50 39.26 12.82
CA THR C 229 -17.89 38.59 11.58
C THR C 229 -19.17 39.23 11.04
N TYR C 230 -19.31 39.14 9.73
CA TYR C 230 -20.56 39.66 9.10
C TYR C 230 -20.89 38.82 7.91
N ASN C 231 -22.20 38.78 7.63
CA ASN C 231 -22.71 38.25 6.35
C ASN C 231 -23.56 39.33 5.64
N GLU C 232 -24.34 38.95 4.64
CA GLU C 232 -25.07 39.96 3.90
C GLU C 232 -26.21 40.55 4.69
N LYS C 233 -26.60 39.92 5.78
CA LYS C 233 -27.70 40.37 6.63
C LYS C 233 -27.29 41.13 7.86
N SER C 234 -26.16 40.76 8.49
CA SER C 234 -25.95 41.24 9.86
C SER C 234 -24.47 41.07 10.27
N ALA C 235 -24.04 41.89 11.21
CA ALA C 235 -22.68 41.89 11.69
C ALA C 235 -22.69 41.78 13.23
N VAL C 236 -21.63 41.14 13.76
CA VAL C 236 -21.38 41.13 15.19
C VAL C 236 -19.91 41.41 15.41
N MET C 237 -19.62 42.17 16.44
N MET C 237 -19.61 42.17 16.44
CA MET C 237 -18.20 42.35 16.84
CA MET C 237 -18.19 42.32 16.86
C MET C 237 -18.17 42.27 18.36
C MET C 237 -18.18 42.21 18.36
N GLY C 238 -17.03 41.86 18.91
CA GLY C 238 -16.81 41.74 20.35
C GLY C 238 -15.65 42.68 20.73
N ILE C 239 -15.84 43.48 21.79
CA ILE C 239 -14.85 44.34 22.35
C ILE C 239 -14.42 43.74 23.66
N VAL C 240 -13.12 43.53 23.78
CA VAL C 240 -12.53 42.95 24.98
C VAL C 240 -12.41 44.04 26.06
N ASP C 241 -12.72 43.66 27.29
CA ASP C 241 -12.58 44.56 28.44
C ASP C 241 -11.20 45.17 28.49
N VAL C 242 -11.15 46.44 28.83
CA VAL C 242 -9.82 47.17 28.86
C VAL C 242 -8.80 46.49 29.81
N SER C 243 -9.30 45.81 30.84
CA SER C 243 -8.42 45.15 31.83
C SER C 243 -7.81 43.82 31.42
N ALA C 244 -8.23 43.27 30.25
CA ALA C 244 -7.89 41.90 29.93
C ALA C 244 -7.01 41.79 28.68
N ARG C 245 -6.30 40.67 28.58
CA ARG C 245 -5.46 40.34 27.44
C ARG C 245 -5.65 38.93 26.97
N PRO C 246 -6.86 38.59 26.51
CA PRO C 246 -7.06 37.32 25.86
C PRO C 246 -6.23 37.33 24.56
N HIS C 247 -5.99 36.14 24.01
CA HIS C 247 -5.47 36.08 22.63
C HIS C 247 -6.72 35.83 21.75
N MET C 248 -6.54 35.81 20.45
CA MET C 248 -7.68 35.61 19.52
C MET C 248 -7.40 34.41 18.62
N GLN C 249 -8.21 33.35 18.75
CA GLN C 249 -8.08 32.18 17.84
C GLN C 249 -8.77 32.45 16.57
N TYR C 250 -8.19 32.09 15.45
CA TYR C 250 -8.88 32.23 14.20
C TYR C 250 -9.02 30.88 13.47
N ASN C 251 -10.07 30.77 12.64
CA ASN C 251 -10.33 29.65 11.77
C ASN C 251 -10.98 30.16 10.51
N ILE C 252 -10.21 30.21 9.44
CA ILE C 252 -10.64 30.89 8.26
C ILE C 252 -11.01 29.87 7.16
N ASN C 253 -12.29 29.47 7.13
CA ASN C 253 -12.85 28.55 6.12
C ASN C 253 -12.30 27.14 6.28
N ASN C 254 -11.69 26.84 7.42
CA ASN C 254 -11.13 25.51 7.72
C ASN C 254 -12.20 24.61 8.34
N ASN C 255 -12.24 23.36 7.90
CA ASN C 255 -13.13 22.35 8.45
C ASN C 255 -12.63 21.61 9.62
N GLY C 256 -11.58 22.05 10.28
CA GLY C 256 -11.08 21.36 11.48
C GLY C 256 -10.22 20.15 11.27
N GLN C 257 -9.73 19.97 10.04
CA GLN C 257 -8.86 18.82 9.73
C GLN C 257 -7.68 18.77 10.66
N TYR C 258 -7.16 19.94 11.06
CA TYR C 258 -6.10 20.01 12.08
C TYR C 258 -6.40 19.29 13.40
N LEU C 259 -7.65 19.12 13.75
CA LEU C 259 -8.05 18.42 14.99
C LEU C 259 -7.92 16.88 14.80
N PHE C 260 -7.75 16.45 13.56
CA PHE C 260 -7.82 15.03 13.19
C PHE C 260 -6.58 14.44 12.58
N ASN C 261 -5.63 15.28 12.18
CA ASN C 261 -4.47 14.76 11.46
C ASN C 261 -3.66 13.77 12.24
N ALA C 262 -3.50 14.01 13.56
CA ALA C 262 -2.70 13.07 14.35
C ALA C 262 -3.44 11.72 14.47
N LYS C 263 -4.77 11.73 14.47
CA LYS C 263 -5.54 10.49 14.46
C LYS C 263 -5.54 9.81 13.12
N GLY C 264 -5.10 10.49 12.06
CA GLY C 264 -5.19 9.97 10.68
C GLY C 264 -6.59 9.62 10.23
N VAL C 265 -7.54 10.53 10.45
CA VAL C 265 -8.86 10.41 9.91
C VAL C 265 -9.31 11.74 9.28
N MET C 266 -10.32 11.68 8.42
CA MET C 266 -10.85 12.88 7.74
C MET C 266 -11.79 13.65 8.73
N SER C 267 -11.67 14.95 8.80
CA SER C 267 -12.66 15.72 9.52
C SER C 267 -14.08 15.45 9.07
N PRO C 268 -14.99 15.34 10.06
CA PRO C 268 -16.39 15.25 9.76
C PRO C 268 -17.10 16.58 9.80
N TYR C 269 -16.35 17.67 10.04
CA TYR C 269 -17.00 18.98 10.21
C TYR C 269 -17.03 19.80 8.96
N GLN C 270 -17.88 20.85 9.00
CA GLN C 270 -18.05 21.77 7.92
C GLN C 270 -17.06 22.95 7.98
N ARG C 271 -16.67 23.38 6.79
CA ARG C 271 -15.87 24.63 6.62
C ARG C 271 -16.66 25.83 7.13
N ILE C 272 -16.03 26.52 8.09
CA ILE C 272 -16.65 27.73 8.69
C ILE C 272 -15.54 28.75 8.99
N VAL C 273 -15.98 29.97 9.27
CA VAL C 273 -15.16 31.04 9.76
C VAL C 273 -15.55 31.34 11.18
N PHE C 274 -14.60 31.39 12.09
CA PHE C 274 -14.89 31.88 13.44
C PHE C 274 -13.61 32.53 14.04
N LEU C 275 -13.83 33.43 15.02
CA LEU C 275 -12.78 34.09 15.81
C LEU C 275 -13.24 33.93 17.24
N ASP C 276 -12.40 33.39 18.08
CA ASP C 276 -12.74 33.15 19.51
C ASP C 276 -11.75 33.87 20.45
N PRO C 277 -12.23 34.38 21.61
CA PRO C 277 -11.29 34.81 22.62
C PRO C 277 -10.70 33.58 23.31
N ILE C 278 -9.42 33.70 23.58
CA ILE C 278 -8.67 32.73 24.36
C ILE C 278 -8.29 33.42 25.65
N TRP C 279 -8.99 33.06 26.73
CA TRP C 279 -8.70 33.58 28.08
C TRP C 279 -7.56 32.75 28.64
N LYS C 280 -6.51 33.42 29.03
CA LYS C 280 -5.31 32.70 29.55
C LYS C 280 -5.41 32.53 31.06
N LEU C 281 -6.07 31.44 31.48
CA LEU C 281 -6.52 31.33 32.86
C LEU C 281 -5.34 31.24 33.80
N ASP C 282 -4.20 30.77 33.33
CA ASP C 282 -2.94 30.73 34.14
C ASP C 282 -2.27 32.09 34.34
N GLN C 283 -2.67 33.13 33.59
CA GLN C 283 -2.05 34.41 33.64
C GLN C 283 -3.02 35.56 33.98
N GLU C 284 -4.31 35.41 33.63
CA GLU C 284 -5.15 36.58 33.43
C GLU C 284 -5.65 37.06 34.78
N LYS C 285 -5.32 38.28 35.13
CA LYS C 285 -5.86 38.91 36.37
C LYS C 285 -6.97 39.92 36.15
N GLY C 286 -7.20 40.31 34.92
CA GLY C 286 -8.30 41.24 34.64
C GLY C 286 -9.64 40.58 34.56
N LYS C 287 -10.63 41.39 34.22
CA LYS C 287 -11.94 41.02 34.03
C LYS C 287 -12.10 40.36 32.70
N MET C 288 -12.54 39.09 32.73
CA MET C 288 -12.65 38.29 31.48
C MET C 288 -13.99 38.51 30.82
N ARG C 289 -14.13 39.71 30.30
CA ARG C 289 -15.37 40.13 29.66
C ARG C 289 -15.12 40.55 28.22
N ILE C 290 -16.05 40.17 27.40
CA ILE C 290 -16.18 40.61 25.98
C ILE C 290 -17.59 41.12 25.74
N SER C 291 -17.67 42.27 25.10
CA SER C 291 -18.91 42.93 24.86
C SER C 291 -19.25 42.76 23.40
N TYR C 292 -20.34 42.06 23.09
CA TYR C 292 -20.71 41.86 21.70
C TYR C 292 -21.76 42.90 21.29
N HIS C 293 -21.54 43.51 20.15
CA HIS C 293 -22.40 44.49 19.53
C HIS C 293 -22.88 43.90 18.23
N PHE C 294 -24.19 43.95 18.01
CA PHE C 294 -24.84 43.38 16.81
C PHE C 294 -25.44 44.49 15.95
N ILE C 295 -25.16 44.48 14.67
CA ILE C 295 -25.46 45.54 13.75
C ILE C 295 -26.14 45.00 12.52
N PRO C 296 -27.48 45.13 12.43
CA PRO C 296 -28.18 44.76 11.18
C PRO C 296 -27.66 45.46 9.98
N GLY C 297 -27.40 44.72 8.88
CA GLY C 297 -26.82 45.25 7.67
C GLY C 297 -25.44 45.86 7.77
N GLY C 298 -24.77 45.60 8.87
CA GLY C 298 -23.45 46.18 9.06
C GLY C 298 -22.31 45.34 8.43
N ASP C 299 -21.16 46.00 8.38
CA ASP C 299 -19.89 45.36 8.02
C ASP C 299 -18.79 45.96 8.79
N TYR C 300 -17.58 45.74 8.29
CA TYR C 300 -16.40 46.20 9.05
C TYR C 300 -16.36 47.69 9.33
N VAL C 301 -16.91 48.51 8.43
CA VAL C 301 -17.00 49.93 8.68
C VAL C 301 -17.85 50.21 9.88
N ASP C 302 -19.02 49.61 9.98
CA ASP C 302 -19.88 49.79 11.13
C ASP C 302 -19.22 49.36 12.43
N MET C 303 -18.47 48.25 12.38
CA MET C 303 -17.83 47.75 13.59
C MET C 303 -16.77 48.76 14.02
N ALA C 304 -15.99 49.29 13.07
CA ALA C 304 -14.94 50.24 13.41
C ALA C 304 -15.55 51.50 14.15
N LYS C 305 -16.67 51.97 13.62
CA LYS C 305 -17.34 53.13 14.25
C LYS C 305 -17.87 52.83 15.63
N VAL C 306 -18.32 51.61 15.88
CA VAL C 306 -18.71 51.21 17.21
C VAL C 306 -17.46 51.29 18.13
N TYR C 307 -16.33 50.78 17.63
CA TYR C 307 -15.18 50.86 18.47
C TYR C 307 -14.69 52.26 18.72
N GLN C 308 -14.78 53.12 17.71
CA GLN C 308 -14.38 54.52 17.81
C GLN C 308 -15.02 55.20 19.01
N LYS C 309 -16.33 54.92 19.26
CA LYS C 309 -17.00 55.49 20.46
C LYS C 309 -16.32 54.99 21.77
N GLU C 310 -15.96 53.69 21.78
CA GLU C 310 -15.24 53.12 22.90
C GLU C 310 -13.82 53.66 23.03
N ALA C 311 -13.13 53.86 21.89
CA ALA C 311 -11.77 54.41 21.90
C ALA C 311 -11.79 55.81 22.59
N LYS C 312 -12.80 56.60 22.25
CA LYS C 312 -12.89 57.94 22.86
C LYS C 312 -13.16 57.81 24.38
N ALA C 313 -13.97 56.87 24.76
CA ALA C 313 -14.27 56.64 26.19
C ALA C 313 -13.07 56.21 26.96
N ARG C 314 -12.16 55.49 26.28
CA ARG C 314 -10.93 55.00 26.91
C ARG C 314 -9.86 56.00 27.01
N GLY C 315 -10.02 57.17 26.37
CA GLY C 315 -9.00 58.19 26.39
C GLY C 315 -7.88 58.19 25.38
N HIS C 316 -7.99 57.25 24.43
CA HIS C 316 -6.93 57.18 23.40
C HIS C 316 -7.08 58.26 22.37
N PHE C 317 -8.29 58.80 22.21
CA PHE C 317 -8.56 59.63 21.05
C PHE C 317 -8.33 61.11 21.34
N VAL C 318 -7.19 61.62 20.92
CA VAL C 318 -6.83 63.00 20.95
C VAL C 318 -6.66 63.45 19.54
N SER C 319 -7.59 64.32 19.08
CA SER C 319 -7.60 64.65 17.65
C SER C 319 -6.43 65.41 17.19
N LEU C 320 -6.12 65.27 15.89
CA LEU C 320 -5.18 66.05 15.24
C LEU C 320 -5.53 67.57 15.21
N GLN C 321 -6.82 67.85 15.29
CA GLN C 321 -7.30 69.26 15.32
C GLN C 321 -6.84 69.80 16.72
N GLU C 322 -7.05 69.05 17.79
CA GLU C 322 -6.56 69.44 19.17
C GLU C 322 -5.06 69.60 19.17
N LYS C 323 -4.34 68.64 18.53
CA LYS C 323 -2.89 68.70 18.40
C LYS C 323 -2.35 69.94 17.71
N LEU C 324 -3.12 70.33 16.68
CA LEU C 324 -2.74 71.51 15.90
C LEU C 324 -3.00 72.83 16.70
N LYS C 325 -4.05 72.79 17.48
CA LYS C 325 -4.34 73.98 18.38
C LYS C 325 -3.15 74.20 19.34
N ARG C 326 -2.60 73.10 19.85
CA ARG C 326 -1.49 73.14 20.73
C ARG C 326 -0.20 73.51 20.05
N ASN C 327 -0.04 73.05 18.79
CA ASN C 327 1.17 73.23 18.05
C ASN C 327 0.94 73.47 16.59
N PRO C 328 0.99 74.76 16.18
CA PRO C 328 0.71 75.11 14.84
C PRO C 328 1.57 74.39 13.80
N ASN C 329 2.77 73.97 14.19
CA ASN C 329 3.67 73.26 13.28
C ASN C 329 3.19 71.86 12.86
N VAL C 330 2.11 71.39 13.44
CA VAL C 330 1.47 70.16 12.99
C VAL C 330 1.02 70.33 11.56
N ASN C 331 0.72 71.57 11.18
CA ASN C 331 0.30 71.79 9.78
C ASN C 331 1.37 71.72 8.75
N LYS C 332 2.60 71.37 9.11
CA LYS C 332 3.66 71.04 8.22
C LYS C 332 3.56 69.56 7.73
N LEU C 333 2.70 68.77 8.34
CA LEU C 333 2.57 67.34 7.97
C LEU C 333 1.62 67.08 6.78
N PRO C 334 0.48 67.81 6.70
CA PRO C 334 -0.44 67.41 5.59
C PRO C 334 0.20 67.69 4.24
N GLY C 335 0.21 66.68 3.38
CA GLY C 335 0.98 66.73 2.15
C GLY C 335 2.46 66.53 2.15
N ALA C 336 3.00 66.24 3.32
CA ALA C 336 4.42 65.99 3.46
C ALA C 336 4.79 64.55 3.11
N ILE C 337 5.81 64.43 2.30
CA ILE C 337 6.46 63.13 2.10
C ILE C 337 7.39 62.90 3.29
N TYR C 338 7.35 61.70 3.86
CA TYR C 338 8.30 61.29 4.93
C TYR C 338 9.52 60.68 4.25
N PHE C 339 10.67 61.35 4.34
CA PHE C 339 11.92 60.91 3.82
C PHE C 339 12.85 60.43 4.92
N GLY C 340 13.19 59.12 4.88
CA GLY C 340 14.24 58.64 5.76
C GLY C 340 15.50 58.40 5.03
N ILE C 341 16.56 59.13 5.40
CA ILE C 341 17.86 59.02 4.83
C ILE C 341 18.68 58.08 5.73
N TYR C 342 18.82 56.86 5.27
CA TYR C 342 19.38 55.74 6.11
C TYR C 342 20.85 55.64 5.91
N GLY C 343 21.61 56.14 6.93
CA GLY C 343 23.07 56.12 6.84
C GLY C 343 23.77 54.97 7.54
N GLY C 344 23.05 53.84 7.71
CA GLY C 344 23.66 52.65 8.40
C GLY C 344 23.63 52.72 9.91
N TYR C 345 23.04 53.77 10.48
CA TYR C 345 22.87 54.03 11.91
C TYR C 345 21.42 53.80 12.16
N PRO C 346 21.03 53.17 13.29
CA PRO C 346 21.83 52.94 14.50
C PRO C 346 22.71 51.71 14.46
N HIS C 347 22.62 50.92 13.41
CA HIS C 347 23.28 49.65 13.36
C HIS C 347 24.76 49.76 13.43
N TYR C 348 25.30 50.79 12.78
CA TYR C 348 26.72 51.01 12.66
C TYR C 348 27.02 52.50 12.75
N VAL C 349 28.18 52.85 13.36
CA VAL C 349 28.65 54.30 13.37
C VAL C 349 29.57 54.58 12.20
N ASN C 350 29.18 55.57 11.40
CA ASN C 350 29.96 55.95 10.23
C ASN C 350 30.37 54.84 9.33
N MET C 351 29.41 54.03 8.86
CA MET C 351 29.70 52.88 8.05
C MET C 351 30.03 53.32 6.61
N PRO C 352 31.22 52.91 6.12
CA PRO C 352 31.60 53.26 4.75
C PRO C 352 30.61 52.73 3.72
N GLY C 353 30.19 53.59 2.83
CA GLY C 353 29.24 53.16 1.78
C GLY C 353 27.78 53.36 2.16
N MET C 354 27.50 53.72 3.43
CA MET C 354 26.21 53.96 3.91
C MET C 354 26.08 55.31 4.54
N ALA C 355 27.01 55.70 5.40
CA ALA C 355 26.88 56.95 6.08
C ALA C 355 26.90 58.16 5.16
N PHE C 356 26.02 59.10 5.48
CA PHE C 356 26.09 60.46 4.84
C PHE C 356 26.86 61.46 5.68
N THR C 357 27.56 62.38 5.03
CA THR C 357 28.05 63.57 5.75
C THR C 357 26.93 64.56 5.86
N PHE C 358 27.13 65.54 6.70
CA PHE C 358 26.14 66.55 6.87
C PHE C 358 25.94 67.48 5.67
N ASP C 359 27.03 67.79 4.97
CA ASP C 359 26.96 68.47 3.69
C ASP C 359 26.19 67.63 2.63
N GLU C 360 26.38 66.31 2.68
CA GLU C 360 25.55 65.44 1.78
C GLU C 360 24.09 65.48 2.13
N LEU C 361 23.78 65.42 3.43
CA LEU C 361 22.47 65.57 3.89
C LEU C 361 21.83 66.89 3.39
N LYS C 362 22.58 67.96 3.57
CA LYS C 362 22.05 69.29 3.16
C LYS C 362 21.74 69.27 1.68
N ASN C 363 22.57 68.62 0.91
CA ASN C 363 22.33 68.61 -0.56
C ASN C 363 21.16 67.77 -1.00
N ILE C 364 20.89 66.69 -0.22
CA ILE C 364 19.66 65.95 -0.47
C ILE C 364 18.42 66.82 -0.18
N ILE C 365 18.43 67.54 0.92
CA ILE C 365 17.39 68.34 1.32
C ILE C 365 17.19 69.40 0.20
N LYS C 366 18.30 69.94 -0.24
CA LYS C 366 18.17 71.09 -1.22
C LYS C 366 17.61 70.57 -2.52
N THR C 367 18.01 69.38 -2.93
CA THR C 367 17.46 68.82 -4.14
C THR C 367 16.01 68.46 -4.12
N ILE C 368 15.56 67.88 -3.00
CA ILE C 368 14.19 67.60 -2.81
C ILE C 368 13.33 68.84 -2.99
N HIS C 369 13.81 69.99 -2.47
CA HIS C 369 13.07 71.23 -2.55
C HIS C 369 13.19 71.92 -3.92
N ASP C 370 14.42 72.21 -4.30
CA ASP C 370 14.74 73.11 -5.45
C ASP C 370 14.58 72.39 -6.76
N ASP C 371 14.79 71.05 -6.80
CA ASP C 371 14.78 70.27 -8.06
C ASP C 371 13.59 69.35 -8.19
N LEU C 372 13.13 68.71 -7.08
CA LEU C 372 11.87 67.99 -7.16
C LEU C 372 10.66 68.75 -6.76
N ARG C 373 10.87 69.98 -6.27
CA ARG C 373 9.80 70.87 -5.96
C ARG C 373 8.80 70.25 -5.08
N VAL C 374 9.32 69.59 -4.02
CA VAL C 374 8.42 69.09 -2.98
C VAL C 374 8.16 70.20 -1.97
N ASP C 375 6.90 70.53 -1.76
CA ASP C 375 6.57 71.69 -0.98
C ASP C 375 6.62 71.39 0.51
N LYS C 376 6.33 70.13 0.90
CA LYS C 376 6.19 69.82 2.35
C LYS C 376 6.83 68.44 2.55
N ALA C 377 7.61 68.34 3.63
CA ALA C 377 8.37 67.13 3.90
C ALA C 377 8.78 66.94 5.36
N PHE C 378 8.99 65.68 5.75
CA PHE C 378 9.49 65.37 7.09
C PHE C 378 10.78 64.63 6.77
N VAL C 379 11.91 65.28 7.02
CA VAL C 379 13.20 64.72 6.75
C VAL C 379 13.70 64.07 8.01
N HIS C 380 14.02 62.79 7.93
CA HIS C 380 14.44 61.97 9.08
C HIS C 380 15.81 61.40 8.74
N ALA C 381 16.86 61.89 9.48
CA ALA C 381 18.23 61.56 9.19
C ALA C 381 18.78 60.53 10.13
N TRP C 382 19.07 59.33 9.64
CA TRP C 382 19.50 58.21 10.48
C TRP C 382 20.99 58.11 10.37
N GLY C 383 21.69 58.73 11.38
CA GLY C 383 23.13 58.73 11.44
C GLY C 383 23.60 60.13 11.64
N THR C 384 23.38 60.68 12.83
CA THR C 384 23.87 62.04 13.15
C THR C 384 24.83 62.11 14.34
N PHE C 385 24.99 61.00 15.04
CA PHE C 385 25.77 60.92 16.30
C PHE C 385 26.92 59.98 16.15
N SER C 386 28.01 60.15 16.94
CA SER C 386 29.20 59.33 16.89
C SER C 386 29.25 58.25 17.97
N ASN C 387 28.29 58.24 18.85
CA ASN C 387 28.13 57.07 19.72
C ASN C 387 26.90 56.29 19.26
N PHE C 388 26.88 55.05 19.68
CA PHE C 388 25.71 54.20 19.50
C PHE C 388 24.59 54.60 20.42
N VAL C 389 23.37 54.48 19.92
CA VAL C 389 22.22 54.52 20.79
C VAL C 389 22.41 53.46 21.88
N PRO C 390 22.02 53.71 23.12
CA PRO C 390 21.22 54.78 23.59
C PRO C 390 21.90 56.09 24.06
N HIS C 391 23.13 56.29 23.65
CA HIS C 391 23.82 57.56 23.81
C HIS C 391 23.79 58.36 22.51
N ASN C 392 22.76 59.19 22.43
CA ASN C 392 22.36 59.85 21.19
C ASN C 392 23.07 61.22 21.12
N TYR C 393 24.36 61.14 21.12
CA TYR C 393 25.27 62.32 21.16
C TYR C 393 26.66 61.79 21.10
N PRO C 394 27.63 62.68 20.88
CA PRO C 394 27.43 64.03 20.39
C PRO C 394 27.16 64.03 18.89
N ILE C 395 26.74 65.18 18.36
CA ILE C 395 26.69 65.36 16.90
C ILE C 395 28.05 65.03 16.32
N SER C 396 28.07 64.16 15.34
CA SER C 396 29.33 63.59 14.88
C SER C 396 30.30 64.56 14.22
N GLU C 397 31.50 64.60 14.77
CA GLU C 397 32.59 65.38 14.21
C GLU C 397 33.00 64.83 12.87
N ALA C 398 33.01 63.51 12.78
CA ALA C 398 33.42 62.82 11.57
C ALA C 398 32.56 63.12 10.36
N LEU C 399 31.28 63.32 10.58
CA LEU C 399 30.34 63.65 9.53
C LEU C 399 30.28 65.13 9.19
N GLY C 400 31.01 65.93 9.94
CA GLY C 400 31.06 67.35 9.71
C GLY C 400 30.88 68.25 10.90
N GLY C 401 30.48 67.69 12.03
CA GLY C 401 30.23 68.47 13.21
C GLY C 401 28.99 69.25 13.30
N PRO C 402 28.76 69.87 14.48
CA PRO C 402 27.51 70.49 14.85
C PRO C 402 27.12 71.63 13.86
N GLU C 403 28.09 72.43 13.42
CA GLU C 403 27.72 73.58 12.54
C GLU C 403 27.21 73.12 11.16
N LYS C 404 27.76 72.03 10.67
CA LYS C 404 27.32 71.48 9.38
C LYS C 404 25.92 70.81 9.48
N LEU C 405 25.68 70.12 10.57
CA LEU C 405 24.34 69.59 10.75
C LEU C 405 23.36 70.74 10.91
N LYS C 406 23.68 71.77 11.73
CA LYS C 406 22.79 72.86 11.86
C LYS C 406 22.46 73.57 10.50
N ALA C 407 23.47 73.62 9.64
CA ALA C 407 23.26 74.22 8.32
C ALA C 407 22.23 73.44 7.49
N ALA C 408 22.26 72.09 7.63
CA ALA C 408 21.29 71.22 6.97
C ALA C 408 19.92 71.39 7.55
N VAL C 409 19.78 71.41 8.88
CA VAL C 409 18.52 71.60 9.51
C VAL C 409 17.97 72.99 9.17
N ASP C 410 18.86 73.99 9.21
CA ASP C 410 18.39 75.36 8.96
C ASP C 410 17.85 75.45 7.54
N LEU C 411 18.46 74.78 6.62
CA LEU C 411 17.92 74.79 5.22
C LEU C 411 16.54 74.18 5.19
N ALA C 412 16.38 73.00 5.80
CA ALA C 412 15.07 72.41 5.91
C ALA C 412 14.03 73.30 6.49
N LYS C 413 14.38 73.97 7.58
CA LYS C 413 13.49 74.90 8.20
C LYS C 413 13.12 76.09 7.29
N SER C 414 14.08 76.51 6.49
CA SER C 414 13.84 77.64 5.57
C SER C 414 12.79 77.30 4.55
N TYR C 415 12.61 75.97 4.29
CA TYR C 415 11.62 75.47 3.38
C TYR C 415 10.28 75.15 4.00
N GLY C 416 10.23 75.17 5.34
CA GLY C 416 9.05 74.84 6.08
C GLY C 416 8.95 73.28 6.35
N TYR C 417 10.02 72.61 6.09
CA TYR C 417 10.07 71.11 6.28
C TYR C 417 10.30 70.84 7.76
N LEU C 418 9.80 69.69 8.19
CA LEU C 418 10.14 69.16 9.51
C LEU C 418 11.41 68.32 9.41
N TYR C 419 12.13 68.25 10.52
CA TYR C 419 13.44 67.59 10.61
C TYR C 419 13.50 66.88 11.96
N SER C 420 13.94 65.62 11.89
CA SER C 420 14.40 64.87 13.08
C SER C 420 15.60 64.03 12.72
N SER C 421 16.51 63.88 13.70
CA SER C 421 17.47 62.84 13.70
C SER C 421 16.85 61.52 14.17
N TYR C 422 17.59 60.45 13.91
CA TYR C 422 17.31 59.13 14.53
C TYR C 422 17.62 59.17 16.05
N HIS C 423 16.66 58.76 16.85
CA HIS C 423 16.86 58.63 18.33
C HIS C 423 16.30 57.29 18.76
N ALA C 424 16.99 56.68 19.73
CA ALA C 424 16.45 55.54 20.44
C ALA C 424 17.10 55.45 21.85
N TYR C 425 16.25 55.12 22.83
CA TYR C 425 16.68 55.05 24.23
C TYR C 425 16.60 53.63 24.78
N SER C 426 16.07 52.71 23.97
CA SER C 426 15.91 51.28 24.33
C SER C 426 16.98 50.26 23.95
N PRO C 427 17.85 50.49 22.95
CA PRO C 427 18.81 49.43 22.56
C PRO C 427 20.03 49.30 23.53
N MET C 428 20.64 48.14 23.46
CA MET C 428 21.98 47.92 24.09
C MET C 428 22.68 46.95 23.20
N LEU C 429 23.58 47.48 22.41
CA LEU C 429 24.09 46.76 21.26
C LEU C 429 25.41 46.11 21.49
N GLU C 430 25.52 44.84 21.05
CA GLU C 430 26.76 44.05 21.20
C GLU C 430 27.98 44.71 20.58
N ASN C 431 27.84 45.49 19.51
CA ASN C 431 28.94 46.08 18.84
C ASN C 431 29.24 47.49 19.34
N ASP C 432 28.49 48.00 20.34
CA ASP C 432 28.80 49.29 20.95
C ASP C 432 30.00 49.04 21.88
N PRO C 433 31.07 49.84 21.78
CA PRO C 433 32.19 49.69 22.70
C PRO C 433 31.72 49.97 24.11
N ASN C 434 30.67 50.73 24.28
CA ASN C 434 30.11 50.96 25.60
C ASN C 434 29.04 49.97 26.15
N PHE C 435 28.86 48.87 25.45
CA PHE C 435 27.89 47.88 25.83
C PHE C 435 28.09 47.50 27.31
N THR C 436 27.02 47.52 28.05
CA THR C 436 26.99 46.83 29.34
C THR C 436 25.66 46.23 29.62
N THR C 437 25.62 45.27 30.53
CA THR C 437 24.34 44.70 30.94
C THR C 437 23.72 45.48 32.10
N ASP C 438 24.34 46.60 32.55
CA ASP C 438 23.87 47.32 33.75
C ASP C 438 22.43 47.76 33.70
N LEU C 439 22.03 48.23 32.52
CA LEU C 439 20.69 48.79 32.38
C LEU C 439 19.67 47.86 31.72
N MET C 440 20.04 46.59 31.58
CA MET C 440 19.10 45.52 31.18
C MET C 440 18.31 44.97 32.32
N GLN C 441 17.08 44.58 32.06
CA GLN C 441 16.22 44.07 33.07
C GLN C 441 16.53 42.61 33.34
N ARG C 442 16.34 42.15 34.61
CA ARG C 442 16.52 40.74 34.96
C ARG C 442 15.26 40.23 35.53
N ASP C 443 14.98 38.98 35.34
CA ASP C 443 13.76 38.37 35.79
C ASP C 443 13.92 37.85 37.24
N ALA C 444 12.92 37.14 37.71
CA ALA C 444 12.90 36.68 39.10
C ALA C 444 14.05 35.75 39.46
N GLU C 445 14.56 35.05 38.46
CA GLU C 445 15.67 34.22 38.66
C GLU C 445 16.97 34.88 38.45
N GLY C 446 17.00 36.22 38.32
CA GLY C 446 18.26 36.90 38.14
C GLY C 446 18.85 36.84 36.76
N LYS C 447 18.07 36.37 35.78
CA LYS C 447 18.58 36.19 34.42
C LYS C 447 18.20 37.41 33.58
N LEU C 448 19.07 37.72 32.67
CA LEU C 448 18.83 38.87 31.80
C LEU C 448 17.65 38.58 30.91
N MET C 449 16.85 39.60 30.71
CA MET C 449 15.69 39.65 29.79
C MET C 449 16.13 40.30 28.49
N ASN C 450 15.47 39.84 27.42
CA ASN C 450 15.77 40.43 26.11
C ASN C 450 17.14 40.25 25.59
N THR C 451 17.76 39.15 25.96
CA THR C 451 19.02 38.80 25.38
C THR C 451 18.80 38.53 23.88
N GLY C 452 17.61 38.20 23.50
CA GLY C 452 17.43 37.91 22.07
C GLY C 452 16.88 39.07 21.26
N SER C 453 16.70 40.24 21.89
CA SER C 453 16.09 41.40 21.22
C SER C 453 16.88 42.70 21.45
N ARG C 454 17.92 42.87 20.68
CA ARG C 454 18.97 43.87 20.96
C ARG C 454 18.43 45.31 20.97
N TRP C 455 17.37 45.58 20.21
CA TRP C 455 16.80 46.93 20.14
C TRP C 455 15.90 47.38 21.31
N ALA C 456 15.57 46.44 22.17
CA ALA C 456 14.66 46.65 23.28
C ALA C 456 15.25 45.97 24.56
N ARG C 457 16.44 46.42 24.92
CA ARG C 457 17.17 45.80 26.07
C ARG C 457 17.17 46.71 27.30
N VAL C 458 17.15 48.01 27.15
CA VAL C 458 17.22 48.92 28.36
C VAL C 458 15.86 48.94 29.02
N ASP C 459 15.81 48.63 30.32
CA ASP C 459 14.61 48.71 31.13
C ASP C 459 14.00 50.04 30.94
N PRO C 460 12.72 50.11 30.55
CA PRO C 460 12.07 51.38 30.40
C PRO C 460 12.18 52.34 31.61
N LYS C 461 12.33 51.81 32.83
CA LYS C 461 12.57 52.71 33.97
C LYS C 461 13.73 53.57 33.85
N PHE C 462 14.69 53.28 32.99
CA PHE C 462 15.87 54.13 32.79
C PHE C 462 15.78 55.08 31.56
N GLN C 463 14.74 54.85 30.70
CA GLN C 463 14.81 55.47 29.40
C GLN C 463 14.60 56.98 29.42
N LYS C 464 13.77 57.47 30.32
CA LYS C 464 13.57 58.92 30.45
C LYS C 464 14.88 59.58 30.78
N GLY C 465 15.59 59.01 31.74
CA GLY C 465 16.88 59.47 32.04
C GLY C 465 17.90 59.48 30.94
N LEU C 466 17.92 58.45 30.09
CA LEU C 466 18.76 58.44 28.92
C LEU C 466 18.40 59.54 27.93
N ALA C 467 17.13 59.75 27.72
CA ALA C 467 16.69 60.79 26.80
C ALA C 467 17.13 62.20 27.34
N GLN C 468 17.06 62.35 28.64
CA GLN C 468 17.35 63.64 29.34
C GLN C 468 18.75 64.00 29.20
N LYS C 469 19.62 63.02 29.00
CA LYS C 469 21.01 63.31 28.85
C LYS C 469 21.33 64.34 27.83
N ASN C 470 20.79 64.22 26.63
CA ASN C 470 21.12 65.14 25.52
CA ASN C 470 21.14 65.20 25.61
C ASN C 470 20.00 65.77 24.74
N ILE C 471 18.75 65.26 24.85
CA ILE C 471 17.70 65.70 23.89
C ILE C 471 17.49 67.20 23.94
N GLU C 472 17.53 67.76 25.15
CA GLU C 472 17.29 69.18 25.32
C GLU C 472 18.38 70.02 24.74
N LYS C 473 19.60 69.53 24.82
CA LYS C 473 20.77 70.14 24.20
C LYS C 473 20.61 70.16 22.66
N GLU C 474 20.19 69.02 22.08
CA GLU C 474 19.95 68.92 20.61
C GLU C 474 18.83 69.84 20.20
N ILE C 475 17.77 69.91 20.98
CA ILE C 475 16.61 70.71 20.58
C ILE C 475 17.06 72.21 20.57
N SER C 476 17.83 72.56 21.59
CA SER C 476 18.31 73.97 21.72
C SER C 476 19.32 74.28 20.66
N TYR C 477 20.30 73.45 20.42
CA TYR C 477 21.36 73.79 19.48
C TYR C 477 20.80 73.86 18.07
N LEU C 478 19.97 72.88 17.71
CA LEU C 478 19.52 72.83 16.33
C LEU C 478 18.25 73.62 16.07
N GLY C 479 17.59 74.08 17.10
CA GLY C 479 16.32 74.77 16.97
C GLY C 479 15.24 73.84 16.48
N LEU C 480 15.24 72.63 17.02
CA LEU C 480 14.28 71.63 16.54
C LEU C 480 12.84 71.98 16.70
N GLU C 481 12.02 71.55 15.73
CA GLU C 481 10.63 71.68 15.76
C GLU C 481 9.91 70.33 15.78
N ALA C 482 10.71 69.27 15.69
CA ALA C 482 10.16 67.94 15.55
C ALA C 482 11.09 66.94 16.19
N ASP C 483 10.52 65.74 16.35
CA ASP C 483 11.29 64.62 16.92
C ASP C 483 10.58 63.31 16.51
N ILE C 484 11.40 62.33 16.20
CA ILE C 484 10.91 60.93 16.04
C ILE C 484 11.78 60.08 16.96
N THR C 485 11.11 59.25 17.69
CA THR C 485 11.75 58.29 18.62
C THR C 485 11.40 56.86 18.26
N ASP C 486 12.42 56.05 18.18
CA ASP C 486 12.26 54.65 17.69
C ASP C 486 11.93 53.71 18.82
N ILE C 487 11.39 52.53 18.42
CA ILE C 487 11.24 51.28 19.20
C ILE C 487 10.26 51.31 20.35
N THR C 488 10.50 52.20 21.33
CA THR C 488 9.87 52.11 22.63
C THR C 488 8.40 52.01 22.63
N PHE C 489 7.74 52.65 21.63
CA PHE C 489 6.31 52.80 21.63
C PHE C 489 5.65 51.95 20.51
N ALA C 490 6.35 50.94 20.12
CA ALA C 490 5.84 50.05 19.05
C ALA C 490 4.84 49.04 19.51
N ALA C 491 4.76 48.78 20.83
CA ALA C 491 3.86 47.79 21.42
C ALA C 491 3.23 48.38 22.68
N TYR C 492 2.33 47.64 23.32
CA TYR C 492 1.76 48.03 24.63
C TYR C 492 1.67 46.78 25.49
N ARG C 493 2.84 46.42 25.99
CA ARG C 493 2.95 45.29 26.90
C ARG C 493 2.87 45.84 28.31
N GLU C 494 2.52 44.93 29.25
CA GLU C 494 2.43 45.33 30.69
C GLU C 494 3.81 45.58 31.34
N ASN C 495 4.74 44.67 31.10
CA ASN C 495 6.09 44.84 31.68
C ASN C 495 6.75 46.10 31.19
N GLY C 496 7.07 47.02 32.10
CA GLY C 496 7.71 48.28 31.74
C GLY C 496 6.87 49.46 31.31
N LYS C 497 5.56 49.28 31.32
CA LYS C 497 4.69 50.27 30.78
C LYS C 497 4.87 51.62 31.45
N GLU C 498 5.08 51.58 32.78
CA GLU C 498 5.25 52.84 33.52
C GLU C 498 6.42 53.66 33.08
N GLY C 499 7.54 53.04 32.82
CA GLY C 499 8.73 53.71 32.38
C GLY C 499 8.48 54.32 30.99
N ARG C 500 7.74 53.54 30.18
CA ARG C 500 7.38 54.02 28.83
C ARG C 500 6.48 55.25 28.88
N ILE C 501 5.48 55.23 29.73
CA ILE C 501 4.57 56.37 29.89
C ILE C 501 5.36 57.57 30.34
N GLU C 502 6.33 57.36 31.25
CA GLU C 502 7.17 58.48 31.71
C GLU C 502 7.96 59.11 30.59
N LEU C 503 8.58 58.28 29.72
CA LEU C 503 9.30 58.79 28.59
C LEU C 503 8.36 59.52 27.65
N ALA C 504 7.20 58.95 27.35
CA ALA C 504 6.21 59.56 26.45
C ALA C 504 5.79 60.92 26.97
N LYS C 505 5.55 61.03 28.26
CA LYS C 505 5.19 62.32 28.84
C LYS C 505 6.28 63.36 28.73
N TYR C 506 7.50 62.92 28.92
CA TYR C 506 8.70 63.74 28.79
C TYR C 506 8.91 64.26 27.39
N ILE C 507 8.86 63.35 26.42
CA ILE C 507 8.92 63.80 25.06
C ILE C 507 7.79 64.76 24.69
N ASP C 508 6.58 64.47 25.06
CA ASP C 508 5.42 65.24 24.74
C ASP C 508 5.51 66.67 25.36
N SER C 509 6.26 66.77 26.47
CA SER C 509 6.38 68.06 27.20
C SER C 509 7.10 69.07 26.32
N PHE C 510 7.92 68.67 25.38
CA PHE C 510 8.57 69.57 24.49
C PHE C 510 7.65 70.27 23.45
N ASN C 511 6.45 69.76 23.26
CA ASN C 511 5.55 70.25 22.22
C ASN C 511 6.17 70.41 20.88
N LEU C 512 6.87 69.35 20.49
CA LEU C 512 7.34 69.23 19.12
C LEU C 512 6.40 68.38 18.28
N VAL C 513 6.46 68.62 16.98
CA VAL C 513 5.76 67.76 16.05
C VAL C 513 6.48 66.44 16.15
N ASN C 514 5.77 65.41 16.56
CA ASN C 514 6.52 64.22 16.87
C ASN C 514 5.94 62.93 16.41
N GLY C 515 6.84 62.01 16.21
CA GLY C 515 6.47 60.69 15.76
C GLY C 515 7.18 59.60 16.46
N THR C 516 6.73 58.37 16.16
CA THR C 516 7.42 57.20 16.75
C THR C 516 7.19 56.00 15.90
N GLU C 517 8.04 55.00 16.04
CA GLU C 517 7.88 53.79 15.28
C GLU C 517 6.65 53.03 15.63
N HIS C 518 5.85 52.68 14.60
CA HIS C 518 4.69 51.84 14.66
C HIS C 518 3.54 52.36 15.45
N GLY C 519 3.71 52.57 16.76
CA GLY C 519 2.66 53.02 17.61
C GLY C 519 1.64 52.02 18.08
N GLN C 520 0.79 52.37 19.05
CA GLN C 520 -0.39 51.65 19.44
C GLN C 520 -1.36 52.69 19.92
N GLU C 521 -2.61 52.31 20.01
CA GLU C 521 -3.68 53.24 20.34
C GLU C 521 -3.41 53.92 21.69
N GLN C 522 -2.82 53.17 22.62
CA GLN C 522 -2.50 53.78 23.96
C GLN C 522 -1.58 54.99 23.89
N TRP C 523 -0.74 55.11 22.84
CA TRP C 523 0.24 56.13 22.72
C TRP C 523 -0.28 57.31 21.93
N ILE C 524 -1.48 57.16 21.33
CA ILE C 524 -2.05 58.27 20.48
C ILE C 524 -2.02 59.67 21.17
N PRO C 525 -2.31 59.71 22.49
CA PRO C 525 -2.26 61.09 23.14
C PRO C 525 -0.94 61.84 23.07
N TYR C 526 0.17 61.16 22.86
CA TYR C 526 1.50 61.72 22.99
C TYR C 526 2.25 62.05 21.71
N PHE C 527 1.67 61.66 20.53
CA PHE C 527 2.36 61.76 19.29
C PHE C 527 1.40 62.39 18.22
N ASP C 528 2.00 62.92 17.18
CA ASP C 528 1.31 63.43 16.05
C ASP C 528 1.28 62.40 14.91
N MET C 529 2.33 61.59 14.80
CA MET C 529 2.38 60.57 13.79
C MET C 529 3.04 59.24 14.19
N PHE C 530 2.66 58.19 13.47
CA PHE C 530 3.20 56.86 13.59
C PHE C 530 3.83 56.43 12.25
N GLU C 531 5.05 55.93 12.35
CA GLU C 531 5.76 55.41 11.18
C GLU C 531 5.41 53.90 11.20
N GLY C 532 4.53 53.48 10.30
CA GLY C 532 4.00 52.17 10.26
C GLY C 532 2.54 52.19 10.53
N MET C 533 2.08 51.28 11.31
CA MET C 533 0.69 50.95 11.47
C MET C 533 0.07 50.55 10.12
N THR C 534 0.83 49.77 9.39
CA THR C 534 0.44 49.30 8.03
C THR C 534 0.38 47.78 8.05
N TYR C 535 1.33 47.11 7.44
CA TYR C 535 1.34 45.64 7.25
C TYR C 535 2.72 45.06 7.35
N LEU C 536 2.86 43.92 8.05
CA LEU C 536 4.08 43.15 7.92
C LEU C 536 4.13 42.63 6.45
N GLU C 537 5.30 42.28 5.99
CA GLU C 537 5.36 41.64 4.65
C GLU C 537 4.95 40.15 4.71
N ASP C 538 5.50 39.41 5.67
CA ASP C 538 5.28 37.92 5.86
C ASP C 538 4.41 37.92 7.15
N ARG C 539 3.16 37.52 7.06
CA ARG C 539 2.29 37.50 8.25
C ARG C 539 1.33 36.34 8.14
N PRO C 540 0.84 35.86 9.26
CA PRO C 540 -0.30 34.93 9.22
C PRO C 540 -1.46 35.60 8.56
N LEU C 541 -2.13 34.82 7.77
CA LEU C 541 -3.34 35.27 7.03
C LEU C 541 -3.04 36.00 5.77
N SER C 542 -1.78 36.18 5.39
CA SER C 542 -1.40 36.94 4.26
C SER C 542 -2.19 36.48 2.96
N VAL C 543 -2.26 35.19 2.77
CA VAL C 543 -2.81 34.64 1.49
C VAL C 543 -4.30 34.44 1.51
N ILE C 544 -4.98 34.75 2.63
CA ILE C 544 -6.41 34.51 2.83
C ILE C 544 -7.10 35.74 3.50
N SER C 545 -6.56 36.87 3.18
CA SER C 545 -7.13 38.13 3.70
C SER C 545 -6.90 39.24 2.68
N HIS C 546 -7.68 40.33 2.85
CA HIS C 546 -7.51 41.58 2.16
C HIS C 546 -7.24 42.72 3.12
N PRO C 547 -6.21 43.50 2.89
CA PRO C 547 -6.02 44.71 3.71
C PRO C 547 -7.31 45.60 3.72
N ALA C 548 -7.69 46.05 4.92
CA ALA C 548 -8.86 46.93 5.12
C ALA C 548 -8.33 47.97 6.12
N PRO C 549 -8.77 49.24 6.00
CA PRO C 549 -8.19 50.30 6.82
C PRO C 549 -8.89 50.45 8.17
N LEU C 550 -8.89 49.36 8.94
CA LEU C 550 -9.68 49.30 10.15
C LEU C 550 -9.16 50.26 11.21
N PHE C 551 -7.84 50.34 11.36
CA PHE C 551 -7.27 51.22 12.37
C PHE C 551 -7.58 52.69 11.98
N ASN C 552 -7.38 53.02 10.72
CA ASN C 552 -7.66 54.42 10.22
C ASN C 552 -9.14 54.74 10.19
N LEU C 553 -10.00 53.76 10.03
CA LEU C 553 -11.46 53.93 10.15
C LEU C 553 -11.83 54.40 11.60
N VAL C 554 -11.03 53.99 12.61
CA VAL C 554 -11.24 54.43 13.96
C VAL C 554 -10.49 55.71 14.20
N TYR C 555 -9.18 55.77 13.81
CA TYR C 555 -8.28 56.78 14.36
C TYR C 555 -7.64 57.79 13.44
N HIS C 556 -8.01 57.83 12.16
CA HIS C 556 -7.45 58.72 11.27
C HIS C 556 -7.47 60.17 11.68
N GLU C 557 -8.49 60.57 12.38
CA GLU C 557 -8.61 61.95 12.79
C GLU C 557 -7.70 62.28 13.96
N ALA C 558 -7.17 61.25 14.62
CA ALA C 558 -6.37 61.36 15.88
C ALA C 558 -4.88 61.08 15.72
N ILE C 559 -4.45 60.33 14.72
CA ILE C 559 -3.05 60.04 14.51
C ILE C 559 -2.78 59.90 13.03
N ALA C 560 -1.75 60.56 12.58
CA ALA C 560 -1.34 60.44 11.18
C ALA C 560 -0.47 59.15 11.07
N ASN C 561 -0.58 58.43 9.98
CA ASN C 561 0.47 57.41 9.79
C ASN C 561 1.12 57.46 8.43
N PHE C 562 2.29 56.85 8.33
CA PHE C 562 3.13 56.85 7.20
C PHE C 562 3.56 55.39 7.04
N GLY C 563 3.99 55.05 5.85
CA GLY C 563 4.55 53.71 5.60
C GLY C 563 5.72 53.37 6.51
N LYS C 564 5.82 52.08 6.78
CA LYS C 564 6.99 51.52 7.57
C LYS C 564 8.30 51.61 6.87
N ILE C 565 9.39 51.96 7.56
CA ILE C 565 10.66 52.10 6.92
C ILE C 565 11.21 50.79 6.30
N GLN C 566 10.89 49.64 6.91
CA GLN C 566 11.33 48.37 6.33
C GLN C 566 10.61 48.02 4.97
N ASP C 567 9.45 48.60 4.77
CA ASP C 567 8.64 48.30 3.60
C ASP C 567 8.15 49.60 2.91
N PRO C 568 9.09 50.47 2.55
CA PRO C 568 8.71 51.83 2.14
C PRO C 568 8.09 51.82 0.74
N ASP C 569 7.65 52.98 0.31
CA ASP C 569 6.96 53.02 -1.01
C ASP C 569 7.89 52.86 -2.17
N ASN C 570 9.16 52.94 -2.00
CA ASN C 570 10.16 52.74 -2.99
C ASN C 570 10.67 51.33 -3.17
N GLU C 571 10.28 50.44 -2.26
CA GLU C 571 10.67 49.03 -2.35
C GLU C 571 9.54 48.15 -2.84
N VAL C 572 9.95 47.15 -3.61
CA VAL C 572 8.98 46.21 -4.11
C VAL C 572 8.94 44.97 -3.19
N THR C 573 7.80 44.74 -2.59
CA THR C 573 7.64 43.68 -1.63
C THR C 573 6.38 42.94 -1.74
N ALA C 574 6.17 42.02 -0.81
CA ALA C 574 4.87 41.33 -0.72
C ALA C 574 3.67 42.28 -0.72
N ASN C 575 3.85 43.49 -0.15
CA ASN C 575 2.77 44.43 0.01
C ASN C 575 2.61 45.38 -1.20
N GLY C 576 3.39 45.17 -2.19
CA GLY C 576 3.19 45.87 -3.46
C GLY C 576 4.43 46.65 -3.90
N ASP C 577 4.31 47.22 -5.12
CA ASP C 577 5.24 48.13 -5.67
C ASP C 577 4.70 49.57 -5.46
N PHE C 578 5.32 50.53 -6.19
CA PHE C 578 4.92 51.94 -5.99
C PHE C 578 3.50 52.17 -6.43
N ARG C 579 3.12 51.59 -7.57
CA ARG C 579 1.78 51.69 -8.06
C ARG C 579 0.77 51.34 -6.98
N ILE C 580 0.91 50.13 -6.43
CA ILE C 580 -0.03 49.65 -5.49
C ILE C 580 0.01 50.44 -4.19
N LYS C 581 1.21 50.69 -3.71
CA LYS C 581 1.30 51.36 -2.41
C LYS C 581 0.79 52.84 -2.48
N ALA C 582 1.13 53.54 -3.57
CA ALA C 582 0.61 54.88 -3.74
C ALA C 582 -0.92 54.89 -3.71
N LEU C 583 -1.60 53.98 -4.45
CA LEU C 583 -3.00 53.91 -4.47
C LEU C 583 -3.61 53.56 -3.10
N ARG C 584 -3.03 52.52 -2.48
CA ARG C 584 -3.46 52.15 -1.15
C ARG C 584 -3.27 53.31 -0.15
N SER C 585 -2.21 54.08 -0.27
CA SER C 585 -1.97 55.24 0.62
C SER C 585 -3.14 56.23 0.62
N MET C 586 -3.67 56.48 -0.59
CA MET C 586 -4.86 57.37 -0.66
C MET C 586 -6.11 56.79 -0.17
N LEU C 587 -6.34 55.51 -0.45
CA LEU C 587 -7.51 54.83 0.00
C LEU C 587 -7.53 54.78 1.55
N PHE C 588 -6.37 54.54 2.14
CA PHE C 588 -6.34 54.22 3.56
C PHE C 588 -6.03 55.47 4.41
N GLY C 589 -5.64 56.56 3.77
CA GLY C 589 -5.40 57.79 4.47
C GLY C 589 -4.02 57.89 5.14
N ARG C 590 -3.03 57.28 4.57
CA ARG C 590 -1.68 57.43 5.03
C ARG C 590 -0.79 58.23 4.14
N GLY C 591 0.33 58.66 4.66
CA GLY C 591 1.31 59.38 3.94
C GLY C 591 2.42 58.55 3.31
N THR C 592 3.09 59.12 2.34
CA THR C 592 4.20 58.52 1.61
C THR C 592 5.49 58.40 2.40
N THR C 593 6.11 57.22 2.36
CA THR C 593 7.42 56.97 2.94
C THR C 593 8.36 56.57 1.83
N ILE C 594 9.44 57.38 1.73
CA ILE C 594 10.56 57.13 0.88
C ILE C 594 11.75 56.97 1.77
N PHE C 595 12.25 55.71 1.83
CA PHE C 595 13.31 55.32 2.79
C PHE C 595 14.41 54.66 2.08
N PHE C 596 15.59 55.29 2.11
CA PHE C 596 16.70 54.96 1.20
C PHE C 596 18.04 55.11 1.81
N ALA C 597 18.99 54.32 1.32
CA ALA C 597 20.39 54.58 1.58
C ALA C 597 20.82 55.74 0.66
N PRO C 598 21.74 56.54 1.11
CA PRO C 598 22.12 57.70 0.25
C PRO C 598 22.51 57.37 -1.16
N TYR C 599 23.20 56.29 -1.39
CA TYR C 599 23.57 55.97 -2.80
C TYR C 599 22.42 55.79 -3.78
N GLU C 600 21.27 55.42 -3.25
CA GLU C 600 20.04 55.19 -4.03
C GLU C 600 19.33 56.45 -4.50
N PHE C 601 19.70 57.60 -3.96
CA PHE C 601 18.84 58.80 -4.06
C PHE C 601 18.38 59.10 -5.49
N GLU C 602 19.27 59.01 -6.44
CA GLU C 602 18.87 59.39 -7.84
C GLU C 602 17.79 58.48 -8.36
N GLY C 603 17.81 57.20 -7.95
CA GLY C 603 16.74 56.28 -8.28
C GLY C 603 15.38 56.55 -7.67
N MET C 604 15.34 57.37 -6.61
CA MET C 604 14.13 57.72 -5.96
C MET C 604 13.34 58.85 -6.71
N ARG C 605 14.03 59.62 -7.54
CA ARG C 605 13.37 60.78 -8.18
C ARG C 605 12.05 60.47 -8.83
N PRO C 606 11.93 59.43 -9.65
CA PRO C 606 10.62 59.20 -10.28
C PRO C 606 9.51 58.96 -9.31
N MET C 607 9.79 58.20 -8.22
CA MET C 607 8.78 57.98 -7.28
C MET C 607 8.39 59.19 -6.40
N ILE C 608 9.40 59.98 -6.11
CA ILE C 608 9.21 61.24 -5.39
C ILE C 608 8.24 62.12 -6.24
N GLU C 609 8.55 62.25 -7.51
CA GLU C 609 7.64 62.99 -8.45
C GLU C 609 6.24 62.50 -8.52
N MET C 610 6.06 61.19 -8.63
CA MET C 610 4.74 60.67 -8.73
C MET C 610 3.97 60.83 -7.41
N ALA C 611 4.66 60.66 -6.25
CA ALA C 611 3.99 60.82 -4.99
C ALA C 611 3.54 62.32 -4.81
N ARG C 612 4.44 63.19 -5.13
CA ARG C 612 4.20 64.67 -5.12
C ARG C 612 2.98 65.01 -5.94
N ASP C 613 2.92 64.43 -7.15
CA ASP C 613 1.81 64.78 -8.07
C ASP C 613 0.50 64.20 -7.71
N LEU C 614 0.52 62.94 -7.23
CA LEU C 614 -0.72 62.17 -7.07
C LEU C 614 -1.15 62.12 -5.60
N VAL C 615 -0.27 61.60 -4.72
CA VAL C 615 -0.65 61.36 -3.36
C VAL C 615 -0.63 62.59 -2.42
N SER C 616 0.36 63.45 -2.58
CA SER C 616 0.54 64.57 -1.66
C SER C 616 -0.66 65.47 -1.60
N PRO C 617 -1.29 65.79 -2.74
CA PRO C 617 -2.51 66.64 -2.63
C PRO C 617 -3.68 66.02 -1.96
N VAL C 618 -3.88 64.69 -2.09
CA VAL C 618 -4.92 63.97 -1.50
C VAL C 618 -4.69 63.78 0.03
N HIS C 619 -3.46 63.47 0.34
CA HIS C 619 -3.06 63.38 1.78
C HIS C 619 -3.30 64.76 2.46
N LYS C 620 -2.90 65.84 1.75
CA LYS C 620 -3.07 67.21 2.36
C LYS C 620 -4.51 67.49 2.62
N GLU C 621 -5.36 67.25 1.62
CA GLU C 621 -6.75 67.50 1.82
C GLU C 621 -7.45 66.71 2.86
N THR C 622 -7.04 65.43 3.01
CA THR C 622 -7.80 64.49 3.84
C THR C 622 -7.15 64.34 5.23
N PHE C 623 -6.01 64.95 5.42
CA PHE C 623 -5.15 64.68 6.63
C PHE C 623 -5.94 64.66 7.95
N TYR C 624 -6.72 65.76 8.22
CA TYR C 624 -7.42 65.90 9.54
C TYR C 624 -8.76 65.26 9.61
N SER C 625 -9.28 64.72 8.49
CA SER C 625 -10.66 64.32 8.35
C SER C 625 -10.86 62.86 8.79
N GLU C 626 -12.11 62.52 8.97
CA GLU C 626 -12.49 61.18 9.29
C GLU C 626 -12.54 60.39 8.00
N LEU C 627 -11.96 59.17 8.05
CA LEU C 627 -12.26 58.17 6.98
C LEU C 627 -13.59 57.62 7.29
N LYS C 628 -14.63 58.18 6.61
CA LYS C 628 -15.94 57.80 6.98
C LYS C 628 -16.35 56.38 6.57
N SER C 629 -15.92 56.02 5.37
CA SER C 629 -16.20 54.72 4.83
C SER C 629 -15.13 54.25 3.92
N HIS C 630 -15.06 52.91 3.80
CA HIS C 630 -14.28 52.22 2.79
C HIS C 630 -15.17 51.08 2.27
N GLU C 631 -14.99 50.79 0.99
CA GLU C 631 -15.81 49.79 0.34
C GLU C 631 -14.96 49.02 -0.66
N TYR C 632 -15.28 47.76 -0.86
CA TYR C 632 -14.73 47.03 -1.96
C TYR C 632 -15.83 47.01 -3.06
N LEU C 633 -15.42 47.46 -4.22
CA LEU C 633 -16.37 47.66 -5.36
C LEU C 633 -16.31 46.58 -6.43
N SER C 634 -15.41 45.62 -6.34
CA SER C 634 -15.26 44.56 -7.34
C SER C 634 -15.22 43.23 -6.67
N ALA C 635 -15.62 42.20 -7.38
CA ALA C 635 -15.67 40.87 -6.82
C ALA C 635 -14.34 40.33 -6.31
N ASP C 636 -13.28 40.77 -6.93
CA ASP C 636 -11.94 40.31 -6.54
C ASP C 636 -11.35 41.23 -5.42
N TYR C 637 -12.12 42.20 -4.93
CA TYR C 637 -11.71 43.11 -3.85
C TYR C 637 -10.60 44.07 -4.23
N LYS C 638 -10.21 44.13 -5.50
CA LYS C 638 -9.15 45.01 -5.89
C LYS C 638 -9.53 46.48 -6.21
N VAL C 639 -10.78 46.72 -6.55
CA VAL C 639 -11.26 48.07 -6.76
C VAL C 639 -11.97 48.51 -5.49
N GLN C 640 -11.62 49.67 -5.01
CA GLN C 640 -12.13 50.09 -3.74
C GLN C 640 -12.43 51.62 -3.76
N ARG C 641 -13.23 52.03 -2.80
CA ARG C 641 -13.66 53.44 -2.65
C ARG C 641 -13.59 53.87 -1.18
N SER C 642 -12.87 54.97 -0.94
CA SER C 642 -12.86 55.60 0.37
C SER C 642 -13.45 57.03 0.27
N ARG C 643 -14.20 57.37 1.32
CA ARG C 643 -14.81 58.68 1.47
C ARG C 643 -14.37 59.29 2.77
N PHE C 644 -13.84 60.48 2.69
CA PHE C 644 -13.32 61.26 3.81
C PHE C 644 -14.18 62.50 4.08
N SER C 645 -14.24 62.85 5.35
CA SER C 645 -15.12 63.95 5.84
C SER C 645 -14.66 65.31 5.29
N SER C 646 -13.51 65.45 4.66
CA SER C 646 -13.12 66.62 3.96
C SER C 646 -13.92 66.86 2.67
N GLY C 647 -14.76 65.90 2.31
CA GLY C 647 -15.45 65.85 1.01
C GLY C 647 -14.67 65.25 -0.14
N THR C 648 -13.70 64.41 0.17
CA THR C 648 -12.82 63.86 -0.80
C THR C 648 -13.25 62.39 -0.96
N GLU C 649 -13.28 61.89 -2.20
CA GLU C 649 -13.59 60.52 -2.52
C GLU C 649 -12.45 59.99 -3.33
N VAL C 650 -11.90 58.81 -2.93
CA VAL C 650 -10.84 58.19 -3.67
C VAL C 650 -11.34 56.82 -4.11
N ILE C 651 -11.33 56.58 -5.43
CA ILE C 651 -11.63 55.25 -5.99
C ILE C 651 -10.35 54.81 -6.65
N ALA C 652 -9.91 53.57 -6.38
CA ALA C 652 -8.69 53.12 -6.98
C ALA C 652 -8.73 51.60 -7.24
N ASN C 653 -7.96 51.20 -8.24
CA ASN C 653 -7.91 49.80 -8.70
C ASN C 653 -6.52 49.25 -8.53
N LEU C 654 -6.37 48.38 -7.55
CA LEU C 654 -5.07 47.81 -7.14
C LEU C 654 -4.66 46.56 -7.86
N GLY C 655 -5.39 46.23 -8.94
CA GLY C 655 -5.05 45.14 -9.83
C GLY C 655 -4.86 45.62 -11.29
N PRO C 656 -4.43 44.69 -12.15
CA PRO C 656 -3.85 45.03 -13.45
C PRO C 656 -4.88 45.25 -14.57
N VAL C 657 -6.07 44.81 -14.35
CA VAL C 657 -7.10 44.91 -15.41
C VAL C 657 -8.12 45.98 -15.06
N ALA C 658 -8.51 46.77 -16.07
CA ALA C 658 -9.64 47.65 -15.85
C ALA C 658 -10.87 46.96 -15.42
N GLN C 659 -11.65 47.55 -14.49
CA GLN C 659 -12.88 47.00 -14.10
C GLN C 659 -13.92 48.07 -13.92
N LYS C 660 -15.12 47.67 -14.25
CA LYS C 660 -16.30 48.54 -14.07
C LYS C 660 -16.88 48.43 -12.67
N ILE C 661 -17.35 49.56 -12.18
CA ILE C 661 -18.04 49.63 -10.94
C ILE C 661 -19.52 50.05 -11.17
N GLU C 662 -20.26 50.00 -10.10
CA GLU C 662 -21.68 50.29 -10.17
C GLU C 662 -21.84 51.63 -10.81
N GLY C 663 -22.80 51.73 -11.73
CA GLY C 663 -22.94 52.91 -12.60
C GLY C 663 -22.26 52.86 -13.96
N GLY C 664 -21.46 51.84 -14.23
CA GLY C 664 -20.77 51.70 -15.49
C GLY C 664 -19.40 52.31 -15.69
N ILE C 665 -18.93 53.10 -14.74
CA ILE C 665 -17.66 53.78 -14.86
C ILE C 665 -16.54 52.68 -14.79
N SER C 666 -15.57 52.77 -15.69
CA SER C 666 -14.39 51.89 -15.70
C SER C 666 -13.24 52.57 -14.97
N ILE C 667 -12.58 51.78 -14.09
CA ILE C 667 -11.42 52.23 -13.39
C ILE C 667 -10.23 51.47 -13.96
N PRO C 668 -9.27 52.17 -14.54
CA PRO C 668 -8.16 51.46 -15.18
C PRO C 668 -7.38 50.57 -14.17
N GLY C 669 -6.71 49.56 -14.68
CA GLY C 669 -5.67 48.82 -13.94
C GLY C 669 -4.74 49.83 -13.33
N TYR C 670 -4.44 49.66 -12.01
CA TYR C 670 -3.51 50.59 -11.35
C TYR C 670 -3.90 52.06 -11.59
N GLY C 671 -5.18 52.27 -11.50
CA GLY C 671 -5.78 53.58 -11.82
C GLY C 671 -6.68 54.10 -10.74
N TYR C 672 -7.13 55.34 -10.93
CA TYR C 672 -7.89 56.00 -9.90
C TYR C 672 -8.91 57.00 -10.50
N ARG C 673 -9.90 57.27 -9.68
CA ARG C 673 -10.84 58.43 -9.86
C ARG C 673 -11.01 59.07 -8.53
N ILE C 674 -10.58 60.32 -8.42
CA ILE C 674 -10.66 61.03 -7.19
C ILE C 674 -11.52 62.30 -7.34
N GLN C 675 -12.41 62.49 -6.40
CA GLN C 675 -13.27 63.69 -6.34
C GLN C 675 -12.77 64.53 -5.18
N MET C 676 -12.26 65.68 -5.50
CA MET C 676 -11.73 66.60 -4.47
C MET C 676 -12.82 67.46 -3.91
N LYS C 677 -12.55 68.05 -2.77
CA LYS C 677 -13.51 68.81 -2.03
C LYS C 677 -14.14 69.94 -2.91
N ASP C 678 -13.36 70.53 -3.75
CA ASP C 678 -13.86 71.65 -4.55
C ASP C 678 -14.67 71.12 -5.76
N GLY C 679 -14.93 69.81 -5.81
CA GLY C 679 -15.65 69.14 -6.89
C GLY C 679 -14.85 68.82 -8.14
N SER C 680 -13.60 69.25 -8.25
CA SER C 680 -12.77 68.80 -9.34
C SER C 680 -12.54 67.27 -9.26
N LEU C 681 -12.31 66.70 -10.45
CA LEU C 681 -12.12 65.28 -10.64
C LEU C 681 -10.73 65.03 -11.13
N LYS C 682 -10.03 64.03 -10.53
CA LYS C 682 -8.75 63.67 -11.01
C LYS C 682 -8.87 62.18 -11.43
N THR C 683 -8.51 61.84 -12.67
CA THR C 683 -8.50 60.48 -13.13
C THR C 683 -7.13 60.24 -13.73
N GLY C 684 -6.70 58.97 -13.69
CA GLY C 684 -5.42 58.67 -14.18
C GLY C 684 -5.06 57.18 -13.78
N HIS C 685 -3.88 56.83 -14.21
CA HIS C 685 -3.35 55.46 -14.01
C HIS C 685 -1.86 55.42 -14.12
N PHE C 686 -1.28 54.35 -13.51
CA PHE C 686 0.10 54.12 -13.69
C PHE C 686 0.41 53.18 -14.90
N GLN C 687 1.55 53.28 -15.49
CA GLN C 687 1.96 52.42 -16.60
C GLN C 687 3.42 51.97 -16.42
N VAL C 688 3.70 50.69 -16.69
CA VAL C 688 5.07 50.24 -16.74
C VAL C 688 5.44 50.08 -18.21
N SER C 689 6.58 50.56 -18.58
CA SER C 689 6.94 50.43 -20.02
C SER C 689 8.33 50.09 -20.11
N LEU C 690 8.73 49.67 -21.32
CA LEU C 690 10.10 49.32 -21.62
C LEU C 690 10.69 50.27 -22.59
N HIS C 691 11.77 50.91 -22.24
CA HIS C 691 12.46 51.81 -23.14
C HIS C 691 13.68 51.07 -23.68
N MET C 692 13.57 50.64 -24.97
CA MET C 692 14.65 49.97 -25.69
C MET C 692 15.51 50.99 -26.39
N ASP C 693 16.77 51.04 -25.90
CA ASP C 693 17.97 51.87 -26.09
C ASP C 693 18.61 52.58 -24.82
N ILE D 36 47.76 14.21 14.46
CA ILE D 36 47.68 13.24 13.28
C ILE D 36 47.44 14.01 11.95
N VAL D 37 48.21 13.65 10.92
CA VAL D 37 48.23 14.40 9.64
C VAL D 37 47.89 13.51 8.42
N LEU D 38 47.00 14.02 7.59
CA LEU D 38 46.79 13.50 6.30
C LEU D 38 47.20 14.62 5.40
N GLU D 39 47.92 14.28 4.34
CA GLU D 39 48.48 15.34 3.46
C GLU D 39 48.63 14.79 2.07
N ASN D 40 48.41 15.65 1.08
CA ASN D 40 48.81 15.38 -0.31
C ASN D 40 49.34 16.72 -0.83
N GLY D 41 49.48 16.82 -2.15
CA GLY D 41 50.04 18.03 -2.74
C GLY D 41 49.19 19.28 -2.57
N LYS D 42 47.88 19.05 -2.33
CA LYS D 42 46.89 20.13 -2.36
C LYS D 42 46.39 20.54 -0.99
N LEU D 43 46.34 19.56 -0.06
CA LEU D 43 45.73 19.79 1.24
C LEU D 43 46.58 19.19 2.36
N ASN D 44 46.58 19.86 3.49
CA ASN D 44 47.02 19.29 4.76
C ASN D 44 45.86 19.22 5.74
N ILE D 45 45.58 18.05 6.29
CA ILE D 45 44.47 17.91 7.27
C ILE D 45 45.13 17.66 8.60
N ASN D 46 44.95 18.56 9.52
CA ASN D 46 45.55 18.47 10.87
C ASN D 46 44.50 18.07 11.88
N ILE D 47 44.56 16.84 12.39
CA ILE D 47 43.52 16.27 13.25
C ILE D 47 44.04 16.28 14.69
N ASP D 48 43.33 16.98 15.57
CA ASP D 48 43.69 17.11 17.00
C ASP D 48 43.35 15.76 17.71
N SER D 49 44.36 15.10 18.25
CA SER D 49 44.18 13.81 18.87
C SER D 49 43.39 13.84 20.16
N LYS D 50 43.38 14.95 20.86
CA LYS D 50 42.58 15.14 22.08
C LYS D 50 41.06 15.34 21.81
N THR D 51 40.70 16.03 20.73
CA THR D 51 39.28 16.47 20.52
C THR D 51 38.63 15.82 19.29
N GLY D 52 39.43 15.34 18.37
CA GLY D 52 38.94 14.81 17.13
C GLY D 52 38.66 15.93 16.13
N CYS D 53 38.79 17.19 16.59
CA CYS D 53 38.66 18.38 15.64
C CYS D 53 39.74 18.35 14.55
N PHE D 54 39.42 18.87 13.37
CA PHE D 54 40.41 19.01 12.38
C PHE D 54 40.35 20.38 11.65
N SER D 55 41.52 20.80 11.17
CA SER D 55 41.61 21.96 10.24
C SER D 55 42.07 21.44 8.92
N VAL D 56 41.78 22.21 7.91
CA VAL D 56 42.19 21.91 6.58
C VAL D 56 42.96 23.09 5.98
N THR D 57 44.19 22.84 5.60
CA THR D 57 45.01 23.85 4.97
C THR D 57 44.96 23.61 3.49
N GLU D 58 44.51 24.61 2.76
CA GLU D 58 44.38 24.50 1.34
C GLU D 58 45.67 25.16 0.87
N LYS D 59 46.58 24.34 0.40
CA LYS D 59 47.91 24.75 0.11
C LYS D 59 48.18 25.68 -1.07
N THR D 60 47.26 25.73 -2.00
CA THR D 60 47.47 26.59 -3.21
C THR D 60 47.30 28.07 -2.77
N SER D 61 46.19 28.41 -2.08
CA SER D 61 45.93 29.76 -1.65
C SER D 61 46.49 30.03 -0.34
N GLY D 62 46.74 28.96 0.45
CA GLY D 62 47.16 29.04 1.81
C GLY D 62 46.07 29.22 2.85
N HIS D 63 44.85 29.31 2.43
CA HIS D 63 43.75 29.46 3.39
C HIS D 63 43.64 28.23 4.29
N VAL D 64 43.39 28.47 5.55
CA VAL D 64 43.16 27.41 6.57
C VAL D 64 41.68 27.49 7.03
N TRP D 65 40.98 26.40 6.80
CA TRP D 65 39.61 26.17 7.38
C TRP D 65 39.81 25.63 8.77
N LYS D 66 39.21 26.29 9.75
CA LYS D 66 39.41 25.99 11.16
C LYS D 66 38.30 25.12 11.71
N SER D 67 38.61 24.44 12.82
CA SER D 67 37.57 23.65 13.45
C SER D 67 36.65 24.62 14.21
N ASP D 68 35.56 24.06 14.75
CA ASP D 68 34.56 24.83 15.47
C ASP D 68 35.18 26.00 16.27
N PRO D 69 34.91 27.28 15.91
CA PRO D 69 35.50 28.43 16.62
C PRO D 69 34.91 28.72 18.01
N TRP D 70 33.74 28.16 18.27
CA TRP D 70 33.00 28.49 19.47
C TRP D 70 33.41 27.60 20.69
N GLU D 71 33.26 26.31 20.52
CA GLU D 71 33.50 25.38 21.60
C GLU D 71 34.49 24.27 21.35
N ASN D 72 35.16 24.30 20.21
CA ASN D 72 36.07 23.25 19.83
C ASN D 72 35.40 21.88 19.84
N ALA D 73 34.20 21.82 19.30
CA ALA D 73 33.47 20.61 19.25
C ALA D 73 33.60 19.95 17.90
N ALA D 74 34.08 18.72 17.92
CA ALA D 74 34.19 17.98 16.70
C ALA D 74 32.83 17.69 16.08
N GLY D 75 31.89 17.43 16.96
CA GLY D 75 30.55 17.06 16.62
C GLY D 75 29.60 17.43 17.79
N LEU D 76 28.33 17.55 17.45
CA LEU D 76 27.28 17.87 18.41
C LEU D 76 26.22 16.84 18.31
N LEU D 77 26.06 16.04 19.41
CA LEU D 77 25.17 14.89 19.41
C LEU D 77 23.99 15.12 20.35
N THR D 78 22.79 14.94 19.83
CA THR D 78 21.58 15.04 20.60
C THR D 78 21.14 13.64 20.94
N LEU D 79 20.99 13.38 22.26
CA LEU D 79 20.55 12.07 22.74
C LEU D 79 19.79 12.24 24.05
N THR D 80 19.06 11.21 24.43
CA THR D 80 18.36 11.21 25.71
C THR D 80 19.29 10.90 26.84
N ASP D 81 19.03 11.47 28.00
CA ASP D 81 19.82 11.18 29.18
C ASP D 81 19.17 10.07 30.00
N SER D 82 19.68 9.85 31.20
CA SER D 82 19.16 8.81 32.12
C SER D 82 17.70 9.03 32.47
N LYS D 83 17.28 10.27 32.59
CA LYS D 83 15.89 10.66 32.83
C LYS D 83 15.06 10.73 31.56
N GLY D 84 15.69 10.47 30.40
CA GLY D 84 14.98 10.48 29.14
C GLY D 84 14.80 11.83 28.49
N LYS D 85 15.43 12.87 29.00
CA LYS D 85 15.32 14.16 28.37
C LYS D 85 16.43 14.29 27.32
N LYS D 86 16.10 14.91 26.22
CA LYS D 86 17.04 15.12 25.13
C LYS D 86 18.02 16.16 25.52
N GLN D 87 19.27 15.93 25.21
CA GLN D 87 20.26 16.90 25.52
C GLN D 87 21.20 16.90 24.29
N THR D 88 21.88 18.04 24.09
CA THR D 88 22.90 18.12 23.05
C THR D 88 24.24 18.24 23.66
N VAL D 89 25.11 17.33 23.26
CA VAL D 89 26.45 17.33 23.85
C VAL D 89 27.56 17.47 22.80
N ASN D 90 28.69 17.97 23.26
CA ASN D 90 29.95 18.08 22.48
C ASN D 90 30.71 16.83 22.55
N ILE D 91 30.76 16.11 21.44
CA ILE D 91 31.37 14.78 21.48
C ILE D 91 32.85 14.81 21.81
N SER D 92 33.46 15.98 21.69
CA SER D 92 34.87 16.16 22.01
C SER D 92 35.16 16.05 23.53
N LYS D 93 34.12 16.11 24.35
CA LYS D 93 34.20 15.98 25.80
C LYS D 93 33.93 14.58 26.28
N SER D 94 33.83 13.63 25.35
CA SER D 94 33.67 12.22 25.66
C SER D 94 34.83 11.69 26.54
N LYS D 95 34.52 10.65 27.32
CA LYS D 95 35.54 10.07 28.19
C LYS D 95 36.73 9.51 27.50
N LYS D 96 36.57 8.90 26.32
CA LYS D 96 37.71 8.39 25.55
C LYS D 96 37.49 8.86 24.08
N ILE D 97 38.57 9.39 23.54
CA ILE D 97 38.67 9.70 22.14
C ILE D 97 39.86 8.96 21.56
N GLU D 98 39.60 8.17 20.52
CA GLU D 98 40.62 7.40 19.83
C GLU D 98 40.76 7.93 18.44
N VAL D 99 41.95 8.37 18.13
CA VAL D 99 42.30 8.91 16.82
C VAL D 99 43.49 8.14 16.26
N SER D 100 43.32 7.45 15.16
CA SER D 100 44.43 6.72 14.58
C SER D 100 44.45 6.65 13.07
N LYS D 101 45.65 6.56 12.49
CA LYS D 101 45.81 6.33 11.08
C LYS D 101 45.62 4.86 10.72
N THR D 102 44.58 4.51 9.98
CA THR D 102 44.27 3.14 9.66
C THR D 102 44.49 2.73 8.21
N ALA D 103 44.91 3.70 7.39
CA ALA D 103 45.37 3.48 6.03
C ALA D 103 46.24 4.70 5.61
N LYS D 104 46.93 4.61 4.46
CA LYS D 104 47.88 5.66 4.08
C LYS D 104 47.07 6.98 4.13
N ASN D 105 45.82 6.93 3.68
CA ASN D 105 45.07 8.19 3.59
C ASN D 105 43.73 8.14 4.38
N THR D 106 43.68 7.36 5.46
CA THR D 106 42.47 7.27 6.31
C THR D 106 42.83 7.44 7.74
N VAL D 107 42.09 8.33 8.40
CA VAL D 107 42.12 8.45 9.84
C VAL D 107 40.77 8.01 10.43
N SER D 108 40.83 7.15 11.45
CA SER D 108 39.64 6.69 12.16
C SER D 108 39.57 7.34 13.51
N LEU D 109 38.38 7.81 13.84
CA LEU D 109 38.11 8.38 15.08
C LEU D 109 36.97 7.64 15.74
N LYS D 110 37.05 7.64 17.03
CA LYS D 110 35.99 7.09 17.86
C LYS D 110 35.85 7.93 19.14
N PHE D 111 34.62 8.33 19.42
CA PHE D 111 34.21 9.17 20.56
C PHE D 111 33.36 8.27 21.45
N ILE D 112 33.86 7.99 22.64
CA ILE D 112 33.31 6.89 23.47
C ILE D 112 32.88 7.47 24.82
N ASP D 113 31.63 7.22 25.19
CA ASP D 113 31.04 7.67 26.45
C ASP D 113 30.98 9.19 26.60
N PRO D 114 30.05 9.80 25.83
CA PRO D 114 29.89 11.22 25.99
C PRO D 114 29.42 11.60 27.40
N VAL D 115 29.72 12.83 27.77
CA VAL D 115 29.46 13.34 29.09
C VAL D 115 28.35 14.38 28.99
N PHE D 116 27.31 14.20 29.81
CA PHE D 116 26.17 15.08 29.89
C PHE D 116 26.46 16.34 30.68
N GLU D 117 25.49 17.26 30.68
CA GLU D 117 25.61 18.63 31.26
C GLU D 117 25.93 18.50 32.74
N ASP D 118 25.15 17.67 33.42
CA ASP D 118 25.29 17.51 34.86
C ASP D 118 26.55 16.73 35.25
N GLY D 119 27.31 16.24 34.27
CA GLY D 119 28.51 15.45 34.56
C GLY D 119 28.34 13.95 34.51
N SER D 120 27.12 13.47 34.43
CA SER D 120 26.89 12.05 34.30
C SER D 120 27.33 11.60 32.90
N VAL D 121 27.38 10.30 32.68
CA VAL D 121 28.00 9.75 31.50
C VAL D 121 27.02 8.88 30.73
N ALA D 122 26.97 9.04 29.40
CA ALA D 122 26.18 8.17 28.57
C ALA D 122 26.99 6.95 28.30
N LYS D 123 27.05 6.02 29.29
CA LYS D 123 27.92 4.83 29.16
C LYS D 123 27.39 3.93 28.11
N GLY D 124 28.32 3.43 27.28
CA GLY D 124 27.98 2.50 26.20
C GLY D 124 27.67 3.23 24.87
N VAL D 125 27.64 4.55 24.89
CA VAL D 125 27.39 5.33 23.65
C VAL D 125 28.72 5.57 22.99
N SER D 126 28.75 5.36 21.67
CA SER D 126 29.93 5.77 20.92
C SER D 126 29.58 6.19 19.47
N ILE D 127 30.46 7.02 18.89
CA ILE D 127 30.37 7.51 17.51
C ILE D 127 31.69 7.18 16.85
N ALA D 128 31.67 6.46 15.77
CA ALA D 128 32.89 6.21 15.03
C ALA D 128 32.81 6.95 13.68
N THR D 129 33.91 7.64 13.35
CA THR D 129 33.96 8.34 12.08
C THR D 129 35.27 8.07 11.35
N GLU D 130 35.32 8.46 10.06
CA GLU D 130 36.55 8.35 9.25
C GLU D 130 36.73 9.63 8.41
N LEU D 131 37.96 10.03 8.25
CA LEU D 131 38.42 11.06 7.33
C LEU D 131 39.31 10.38 6.32
N ARG D 132 38.99 10.54 5.05
CA ARG D 132 39.70 9.86 3.91
C ARG D 132 40.09 10.92 2.88
N LEU D 133 41.38 11.10 2.77
CA LEU D 133 41.95 12.09 1.81
C LEU D 133 42.23 11.44 0.47
N ASP D 134 41.76 12.02 -0.63
CA ASP D 134 42.11 11.53 -1.92
C ASP D 134 43.61 11.60 -2.08
N PRO D 135 44.23 10.54 -2.67
CA PRO D 135 45.66 10.59 -2.74
C PRO D 135 46.18 11.73 -3.60
N ASN D 136 45.38 12.20 -4.54
CA ASN D 136 45.88 13.23 -5.48
C ASN D 136 45.15 14.55 -5.46
N ASN D 137 43.84 14.48 -5.34
CA ASN D 137 43.02 15.72 -5.49
C ASN D 137 42.68 16.35 -4.14
N ALA D 138 42.18 17.58 -4.18
CA ALA D 138 41.82 18.31 -2.99
C ALA D 138 40.40 17.88 -2.60
N GLN D 139 40.31 16.65 -2.12
CA GLN D 139 39.05 16.09 -1.78
C GLN D 139 39.15 15.30 -0.49
N LEU D 140 38.26 15.56 0.45
CA LEU D 140 38.25 14.88 1.72
C LEU D 140 36.87 14.28 1.98
N ASP D 141 36.79 12.97 2.18
CA ASP D 141 35.53 12.34 2.51
C ASP D 141 35.42 12.26 4.01
N VAL D 142 34.24 12.52 4.54
CA VAL D 142 34.07 12.47 5.98
C VAL D 142 32.84 11.59 6.20
N GLU D 143 32.97 10.55 7.04
CA GLU D 143 31.89 9.56 7.13
C GLU D 143 31.65 9.15 8.57
N VAL D 144 30.35 9.12 8.93
CA VAL D 144 29.98 8.60 10.27
C VAL D 144 29.71 7.11 10.05
N THR D 145 30.65 6.27 10.45
CA THR D 145 30.65 4.86 10.09
C THR D 145 29.88 3.93 11.04
N GLU D 146 29.82 4.30 12.28
CA GLU D 146 29.09 3.51 13.29
C GLU D 146 28.61 4.33 14.46
N HIS D 147 27.43 4.00 14.96
CA HIS D 147 26.98 4.60 16.21
C HIS D 147 26.32 3.51 17.10
N ARG D 148 26.53 3.69 18.39
CA ARG D 148 26.05 2.77 19.44
C ARG D 148 25.35 3.62 20.43
N SER D 149 24.17 3.15 20.87
CA SER D 149 23.21 3.82 21.76
C SER D 149 23.26 3.38 23.26
N GLY D 150 23.84 2.20 23.52
CA GLY D 150 23.67 1.47 24.78
C GLY D 150 22.19 1.55 25.11
N ASN D 151 21.88 2.06 26.30
CA ASN D 151 20.50 2.21 26.76
C ASN D 151 19.93 3.56 26.52
N PHE D 152 20.59 4.36 25.70
CA PHE D 152 20.12 5.72 25.44
C PHE D 152 19.55 5.74 24.06
N THR D 153 18.89 6.84 23.70
CA THR D 153 18.38 6.96 22.35
C THR D 153 19.15 8.14 21.64
N LEU D 154 19.66 7.89 20.45
CA LEU D 154 20.40 8.93 19.69
C LEU D 154 19.53 9.54 18.61
N TYR D 155 19.59 10.89 18.45
CA TYR D 155 18.86 11.59 17.49
C TYR D 155 19.87 12.29 16.53
N ASP D 156 19.95 13.57 16.58
CA ASP D 156 20.75 14.37 15.54
C ASP D 156 22.25 14.29 15.90
N LEU D 157 23.08 14.22 14.87
CA LEU D 157 24.46 14.43 15.06
C LEU D 157 24.91 15.43 13.97
N ARG D 158 25.42 16.55 14.43
CA ARG D 158 26.10 17.56 13.53
C ARG D 158 27.52 17.13 13.48
N TYR D 159 27.96 16.66 12.33
CA TYR D 159 29.32 16.29 12.17
C TYR D 159 29.72 16.40 10.68
N PRO D 160 30.79 17.16 10.43
CA PRO D 160 31.64 17.92 11.35
C PRO D 160 30.88 19.12 11.86
N ALA D 161 31.08 19.46 13.13
CA ALA D 161 30.34 20.58 13.68
C ALA D 161 31.03 21.96 13.44
N ARG D 162 30.24 22.91 12.97
CA ARG D 162 30.66 24.29 12.79
C ARG D 162 32.02 24.37 12.08
N ALA D 163 32.11 23.57 11.03
CA ALA D 163 33.33 23.49 10.22
C ALA D 163 33.26 24.45 9.02
N PHE D 164 34.37 24.68 8.40
CA PHE D 164 34.43 25.45 7.16
C PHE D 164 33.76 26.82 7.33
N SER D 165 33.91 27.41 8.52
CA SER D 165 33.23 28.68 8.82
C SER D 165 33.94 29.88 8.17
N LEU D 166 33.16 30.92 8.03
CA LEU D 166 33.62 32.28 7.65
C LEU D 166 33.43 33.20 8.83
N LYS D 167 34.40 34.04 9.11
CA LYS D 167 34.36 34.99 10.17
C LYS D 167 33.72 36.29 9.72
N THR D 168 32.58 36.61 10.29
CA THR D 168 31.75 37.73 9.78
C THR D 168 32.57 39.06 9.83
N ASP D 169 32.53 39.79 8.72
CA ASP D 169 33.23 41.07 8.55
C ASP D 169 34.71 40.95 8.52
N GLU D 170 35.23 39.75 8.40
N GLU D 170 35.23 39.74 8.42
CA GLU D 170 36.67 39.54 8.16
CA GLU D 170 36.68 39.52 8.20
C GLU D 170 36.82 38.83 6.85
C GLU D 170 36.87 38.80 6.91
N ASP D 171 36.19 37.66 6.73
CA ASP D 171 36.11 37.01 5.44
C ASP D 171 35.11 37.70 4.55
N LYS D 172 35.52 38.01 3.34
CA LYS D 172 34.63 38.55 2.37
C LYS D 172 34.20 37.46 1.43
N GLY D 173 33.01 36.88 1.65
CA GLY D 173 32.61 35.77 0.87
C GLY D 173 31.14 35.47 1.28
N ALA D 174 30.75 34.22 1.19
CA ALA D 174 29.40 33.82 1.36
C ALA D 174 29.26 32.34 1.63
N ALA D 175 28.13 32.00 2.32
CA ALA D 175 27.59 30.63 2.30
C ALA D 175 26.83 30.45 1.01
N VAL D 176 26.89 29.26 0.45
CA VAL D 176 26.25 28.89 -0.79
C VAL D 176 25.27 27.72 -0.57
N ILE D 177 23.98 27.99 -0.79
CA ILE D 177 22.90 27.04 -0.39
C ILE D 177 21.95 26.88 -1.57
N PRO D 178 21.81 25.67 -2.07
CA PRO D 178 20.87 25.44 -3.14
C PRO D 178 19.46 25.33 -2.66
N GLN D 179 18.96 26.45 -2.08
CA GLN D 179 17.59 26.52 -1.60
C GLN D 179 16.75 26.85 -2.83
N LYS D 180 16.00 25.87 -3.34
CA LYS D 180 15.25 26.02 -4.61
C LYS D 180 16.22 26.36 -5.72
N GLN D 181 16.05 27.47 -6.43
CA GLN D 181 17.02 27.83 -7.50
C GLN D 181 18.41 28.12 -6.92
N GLY D 182 18.41 28.68 -5.68
CA GLY D 182 19.65 28.81 -4.92
C GLY D 182 19.87 30.24 -4.40
N VAL D 183 20.64 30.34 -3.33
CA VAL D 183 20.99 31.61 -2.73
C VAL D 183 22.40 31.65 -2.28
N ILE D 184 22.97 32.85 -2.15
CA ILE D 184 24.15 33.05 -1.36
C ILE D 184 23.85 33.91 -0.17
N CYS D 185 24.64 33.72 0.88
CA CYS D 185 24.50 34.51 2.10
C CYS D 185 25.86 35.11 2.43
N PRO D 186 26.04 36.41 2.10
CA PRO D 186 27.29 37.08 2.41
C PRO D 186 27.71 37.04 3.87
N SER D 187 28.99 36.96 4.07
CA SER D 187 29.64 36.89 5.38
C SER D 187 30.07 38.21 5.95
N TYR D 188 29.42 39.32 5.53
CA TYR D 188 29.83 40.66 5.93
C TYR D 188 28.70 41.57 5.61
N ILE D 189 28.67 42.72 6.28
CA ILE D 189 27.65 43.71 6.02
C ILE D 189 28.16 44.64 4.89
N PHE D 190 27.21 45.02 4.04
CA PHE D 190 27.42 45.76 2.81
C PHE D 190 26.31 46.72 2.55
N PRO D 191 26.54 47.72 1.68
CA PRO D 191 25.49 48.68 1.41
C PRO D 191 24.29 48.08 0.68
N MET D 192 23.13 48.56 1.06
CA MET D 192 21.85 48.16 0.46
C MET D 192 20.79 49.16 0.88
N ASN D 193 19.62 49.01 0.31
CA ASN D 193 18.51 49.86 0.63
C ASN D 193 18.32 49.88 2.13
N GLY D 194 17.98 51.02 2.72
CA GLY D 194 17.98 51.09 4.20
C GLY D 194 16.96 50.16 4.83
N GLY D 195 15.77 50.00 4.30
CA GLY D 195 14.75 49.08 4.85
C GLY D 195 15.23 47.61 4.78
N ARG D 196 15.78 47.27 3.66
CA ARG D 196 16.44 45.97 3.49
C ARG D 196 17.59 45.79 4.48
N PHE D 197 18.36 46.82 4.72
CA PHE D 197 19.55 46.77 5.56
C PHE D 197 19.11 46.51 7.01
N CYS D 198 18.08 47.21 7.47
CA CYS D 198 17.61 47.02 8.85
C CYS D 198 17.19 45.52 9.01
N LYS D 199 16.40 45.02 8.09
CA LYS D 199 15.92 43.65 8.20
C LYS D 199 17.09 42.67 8.17
N TRP D 200 18.06 42.87 7.28
CA TRP D 200 19.15 41.97 7.11
C TRP D 200 20.03 41.91 8.40
N ASP D 201 20.47 43.08 8.81
CA ASP D 201 21.38 43.14 10.00
C ASP D 201 20.66 42.61 11.21
N ASP D 202 19.40 42.97 11.36
CA ASP D 202 18.67 42.50 12.53
C ASP D 202 18.54 40.99 12.57
N ALA D 203 18.33 40.38 11.39
CA ALA D 203 18.26 38.92 11.32
C ALA D 203 19.44 38.18 11.72
N THR D 204 20.62 38.77 11.52
CA THR D 204 21.85 38.19 11.93
C THR D 204 22.06 38.12 13.42
N TYR D 205 21.22 38.79 14.17
CA TYR D 205 21.22 38.83 15.64
C TYR D 205 20.03 38.10 16.24
N ASN D 206 19.16 37.53 15.47
CA ASN D 206 18.03 36.81 16.04
C ASN D 206 17.88 35.48 15.38
N ASN D 207 16.78 34.77 15.69
CA ASN D 207 16.64 33.39 15.26
C ASN D 207 16.40 33.23 13.75
N LYS D 208 16.20 34.32 13.03
N LYS D 208 16.22 34.33 13.04
CA LYS D 208 16.07 34.20 11.59
CA LYS D 208 16.09 34.24 11.60
C LYS D 208 17.32 33.64 10.89
C LYS D 208 17.33 33.74 10.86
N SER D 209 18.50 33.80 11.49
CA SER D 209 19.74 33.42 10.90
C SER D 209 20.27 32.10 11.38
N GLN D 210 19.43 31.28 12.07
CA GLN D 210 19.85 29.90 12.42
C GLN D 210 18.64 28.97 12.25
N GLY D 211 18.92 27.76 11.86
CA GLY D 211 17.89 26.73 11.64
C GLY D 211 18.39 25.66 10.72
N SER D 212 17.47 24.90 10.18
CA SER D 212 17.84 23.77 9.32
C SER D 212 16.85 23.71 8.15
N LEU D 213 17.35 23.11 7.06
CA LEU D 213 16.61 22.82 5.84
C LEU D 213 16.80 21.35 5.50
N GLU D 214 15.87 20.84 4.71
CA GLU D 214 15.87 19.45 4.22
C GLU D 214 16.14 19.37 2.74
N LEU D 215 16.56 18.17 2.31
CA LEU D 215 16.77 17.89 0.88
C LEU D 215 15.56 17.44 0.11
N PHE D 216 15.39 18.02 -1.09
CA PHE D 216 14.55 17.53 -2.13
C PHE D 216 13.06 17.70 -1.84
N ASN D 217 12.69 18.83 -1.27
CA ASN D 217 11.26 19.22 -1.18
C ASN D 217 11.00 20.44 -2.06
N ASN D 218 9.72 20.74 -2.22
CA ASN D 218 9.25 21.88 -2.99
C ASN D 218 8.83 23.04 -2.10
N GLY D 219 9.18 22.93 -0.81
CA GLY D 219 8.96 23.98 0.23
C GLY D 219 10.23 24.80 0.39
N THR D 220 10.72 24.84 1.63
CA THR D 220 11.87 25.68 2.01
C THR D 220 13.23 25.10 1.69
N GLY D 221 13.28 23.86 1.22
CA GLY D 221 14.48 23.10 1.23
C GLY D 221 15.38 23.19 -0.01
N LEU D 222 16.40 22.35 0.00
CA LEU D 222 17.45 22.29 -1.03
C LEU D 222 17.07 21.38 -2.19
N THR D 223 17.54 21.73 -3.36
CA THR D 223 17.29 20.94 -4.58
C THR D 223 18.51 20.23 -5.10
N MET D 224 19.64 20.45 -4.47
CA MET D 224 20.84 19.68 -4.75
C MET D 224 21.48 19.33 -3.45
N PRO D 225 22.20 18.19 -3.40
CA PRO D 225 22.77 17.64 -2.16
C PRO D 225 24.17 18.15 -1.85
N TRP D 226 24.28 19.47 -1.85
CA TRP D 226 25.51 20.13 -1.57
C TRP D 226 25.34 21.53 -1.00
N TRP D 227 26.39 22.02 -0.38
CA TRP D 227 26.41 23.38 0.10
C TRP D 227 27.85 23.69 0.38
N GLY D 228 28.11 24.98 0.56
CA GLY D 228 29.50 25.38 0.75
C GLY D 228 29.73 26.78 1.30
N THR D 229 31.02 27.11 1.43
CA THR D 229 31.41 28.44 1.90
C THR D 229 32.65 28.84 1.05
N TYR D 230 32.77 30.17 0.84
CA TYR D 230 33.97 30.70 0.16
C TYR D 230 34.30 32.05 0.70
N ASN D 231 35.59 32.41 0.54
CA ASN D 231 36.03 33.78 0.80
C ASN D 231 36.86 34.19 -0.44
N GLU D 232 37.64 35.26 -0.25
CA GLU D 232 38.35 35.78 -1.44
C GLU D 232 39.52 34.93 -1.85
N LYS D 233 39.88 33.93 -1.07
CA LYS D 233 41.00 33.02 -1.41
C LYS D 233 40.58 31.66 -1.86
N SER D 234 39.46 31.11 -1.30
CA SER D 234 39.25 29.67 -1.42
C SER D 234 37.77 29.32 -1.18
N ALA D 235 37.35 28.21 -1.75
CA ALA D 235 36.00 27.73 -1.60
C ALA D 235 36.06 26.28 -1.17
N VAL D 236 35.05 25.86 -0.38
CA VAL D 236 34.86 24.46 -0.06
C VAL D 236 33.38 24.16 -0.18
N MET D 237 33.06 22.99 -0.72
N MET D 237 33.09 22.97 -0.72
CA MET D 237 31.69 22.54 -0.73
CA MET D 237 31.72 22.49 -0.87
C MET D 237 31.77 21.09 -0.22
C MET D 237 31.68 20.98 -0.51
N GLY D 238 30.60 20.62 0.20
CA GLY D 238 30.34 19.26 0.57
C GLY D 238 29.22 18.69 -0.26
N ILE D 239 29.39 17.46 -0.76
CA ILE D 239 28.42 16.76 -1.54
C ILE D 239 28.00 15.50 -0.75
N VAL D 240 26.73 15.44 -0.45
CA VAL D 240 26.19 14.35 0.38
C VAL D 240 26.02 13.09 -0.44
N ASP D 241 26.44 11.94 0.15
CA ASP D 241 26.25 10.60 -0.47
C ASP D 241 24.82 10.42 -0.97
N VAL D 242 24.68 9.83 -2.14
CA VAL D 242 23.38 9.66 -2.80
C VAL D 242 22.41 8.85 -1.94
N SER D 243 22.98 8.03 -1.07
CA SER D 243 22.17 7.16 -0.19
C SER D 243 21.61 7.82 1.04
N ALA D 244 22.01 9.08 1.38
CA ALA D 244 21.68 9.66 2.64
C ALA D 244 20.82 10.91 2.54
N ARG D 245 20.10 11.16 3.64
CA ARG D 245 19.25 12.34 3.77
C ARG D 245 19.53 13.11 5.05
N PRO D 246 20.76 13.64 5.23
CA PRO D 246 20.97 14.60 6.33
C PRO D 246 20.11 15.83 6.08
N HIS D 247 19.88 16.58 7.15
CA HIS D 247 19.43 17.93 7.07
C HIS D 247 20.63 18.84 7.03
N MET D 248 20.36 20.11 6.66
CA MET D 248 21.48 21.13 6.66
C MET D 248 21.24 22.21 7.71
N GLN D 249 22.12 22.38 8.69
CA GLN D 249 21.98 23.46 9.62
C GLN D 249 22.67 24.71 9.06
N TYR D 250 22.07 25.86 9.25
CA TYR D 250 22.71 27.12 8.89
C TYR D 250 22.89 28.01 10.10
N ASN D 251 23.85 28.91 9.99
CA ASN D 251 24.12 29.95 10.93
C ASN D 251 24.71 31.09 10.12
N ILE D 252 23.95 32.15 9.91
CA ILE D 252 24.26 33.18 8.92
C ILE D 252 24.66 34.48 9.68
N ASN D 253 25.94 34.58 10.10
CA ASN D 253 26.49 35.72 10.78
C ASN D 253 26.05 35.90 12.24
N ASN D 254 25.49 34.82 12.76
CA ASN D 254 24.98 34.78 14.12
C ASN D 254 26.14 34.41 15.03
N ASN D 255 26.17 35.08 16.21
CA ASN D 255 27.18 34.69 17.21
C ASN D 255 26.71 33.67 18.22
N GLY D 256 25.63 32.95 17.96
CA GLY D 256 25.18 31.88 18.85
C GLY D 256 24.34 32.34 20.05
N GLN D 257 23.81 33.53 20.03
CA GLN D 257 22.98 34.05 21.11
C GLN D 257 21.84 33.07 21.38
N TYR D 258 21.35 32.38 20.36
CA TYR D 258 20.25 31.43 20.51
C TYR D 258 20.58 30.25 21.45
N LEU D 259 21.84 29.94 21.65
CA LEU D 259 22.36 28.94 22.59
C LEU D 259 22.30 29.45 24.08
N PHE D 260 22.06 30.74 24.30
CA PHE D 260 22.19 31.37 25.60
C PHE D 260 20.92 32.04 26.06
N ASN D 261 19.90 32.19 25.21
CA ASN D 261 18.78 32.98 25.60
C ASN D 261 18.04 32.35 26.83
N ALA D 262 17.87 31.04 26.84
CA ALA D 262 17.17 30.39 27.98
C ALA D 262 17.98 30.53 29.27
N LYS D 263 19.28 30.61 29.21
CA LYS D 263 20.17 30.86 30.33
C LYS D 263 20.17 32.35 30.75
N GLY D 264 19.67 33.23 29.91
CA GLY D 264 19.63 34.67 30.13
C GLY D 264 21.01 35.24 30.33
N VAL D 265 21.95 34.84 29.46
CA VAL D 265 23.25 35.48 29.45
C VAL D 265 23.56 35.89 27.98
N MET D 266 24.58 36.71 27.83
CA MET D 266 25.04 37.13 26.51
C MET D 266 25.96 36.10 25.92
N SER D 267 25.89 35.90 24.60
CA SER D 267 26.81 34.98 23.98
C SER D 267 28.26 35.46 24.15
N PRO D 268 29.19 34.54 24.40
CA PRO D 268 30.58 34.90 24.41
C PRO D 268 31.27 34.58 23.10
N TYR D 269 30.50 34.16 22.09
CA TYR D 269 31.09 33.73 20.86
C TYR D 269 31.04 34.81 19.76
N GLN D 270 31.79 34.52 18.68
CA GLN D 270 31.94 35.49 17.58
C GLN D 270 30.96 35.22 16.47
N ARG D 271 30.54 36.27 15.82
CA ARG D 271 29.69 36.12 14.59
C ARG D 271 30.42 35.38 13.51
N ILE D 272 29.82 34.32 12.97
CA ILE D 272 30.41 33.48 11.98
C ILE D 272 29.34 33.01 11.04
N VAL D 273 29.78 32.46 9.92
CA VAL D 273 28.91 31.76 8.99
C VAL D 273 29.33 30.29 8.92
N PHE D 274 28.33 29.40 9.07
CA PHE D 274 28.61 28.00 8.90
C PHE D 274 27.36 27.25 8.44
N LEU D 275 27.63 26.13 7.77
CA LEU D 275 26.62 25.22 7.27
C LEU D 275 27.08 23.80 7.64
N ASP D 276 26.28 23.04 8.38
CA ASP D 276 26.64 21.71 8.93
C ASP D 276 25.63 20.64 8.52
N PRO D 277 26.10 19.41 8.24
CA PRO D 277 25.15 18.32 8.01
C PRO D 277 24.61 17.90 9.39
N ILE D 278 23.36 17.59 9.36
CA ILE D 278 22.66 16.94 10.50
C ILE D 278 22.28 15.53 10.07
N TRP D 279 23.03 14.60 10.59
CA TRP D 279 22.74 13.19 10.40
C TRP D 279 21.64 12.75 11.41
N LYS D 280 20.58 12.17 10.89
CA LYS D 280 19.40 11.84 11.72
C LYS D 280 19.55 10.38 12.17
N LEU D 281 20.23 10.20 13.25
CA LEU D 281 20.73 8.87 13.62
C LEU D 281 19.56 7.96 13.96
N ASP D 282 18.46 8.55 14.35
CA ASP D 282 17.22 7.75 14.67
C ASP D 282 16.51 7.22 13.41
N GLN D 283 16.88 7.72 12.19
CA GLN D 283 16.16 7.43 10.93
C GLN D 283 17.09 6.94 9.86
N GLU D 284 18.31 7.43 9.84
CA GLU D 284 19.16 7.18 8.69
C GLU D 284 19.74 5.79 8.50
N LYS D 285 19.44 5.20 7.35
CA LYS D 285 19.93 3.89 6.99
C LYS D 285 21.05 3.89 5.95
N GLY D 286 21.27 5.04 5.34
CA GLY D 286 22.25 5.17 4.31
C GLY D 286 23.65 5.38 4.80
N LYS D 287 24.56 5.54 3.85
CA LYS D 287 25.92 5.84 4.18
C LYS D 287 26.09 7.32 4.52
N MET D 288 26.47 7.59 5.74
CA MET D 288 26.51 8.95 6.30
C MET D 288 27.88 9.58 5.90
N ARG D 289 27.99 9.80 4.60
CA ARG D 289 29.23 10.30 4.03
C ARG D 289 28.95 11.64 3.33
N ILE D 290 29.84 12.59 3.58
CA ILE D 290 29.86 13.88 2.82
C ILE D 290 31.27 14.03 2.24
N SER D 291 31.34 14.48 1.00
CA SER D 291 32.60 14.57 0.25
C SER D 291 32.91 16.07 0.06
N TYR D 292 33.95 16.50 0.69
CA TYR D 292 34.36 17.91 0.64
C TYR D 292 35.32 18.08 -0.57
N HIS D 293 35.04 19.10 -1.38
CA HIS D 293 35.85 19.47 -2.56
C HIS D 293 36.34 20.88 -2.30
N PHE D 294 37.68 21.09 -2.45
CA PHE D 294 38.33 22.36 -2.13
C PHE D 294 38.83 22.98 -3.40
N ILE D 295 38.49 24.25 -3.60
CA ILE D 295 38.68 24.92 -4.89
C ILE D 295 39.38 26.24 -4.66
N PRO D 296 40.71 26.26 -4.86
CA PRO D 296 41.44 27.50 -4.71
C PRO D 296 40.88 28.58 -5.63
N GLY D 297 40.67 29.74 -5.04
CA GLY D 297 40.12 30.84 -5.80
C GLY D 297 38.66 30.74 -6.25
N GLY D 298 37.97 29.71 -5.79
CA GLY D 298 36.65 29.45 -6.27
C GLY D 298 35.55 30.21 -5.53
N ASP D 299 34.43 30.15 -6.21
CA ASP D 299 33.15 30.64 -5.65
C ASP D 299 31.99 29.75 -5.98
N TYR D 300 30.78 30.28 -5.80
CA TYR D 300 29.57 29.43 -6.03
C TYR D 300 29.46 28.88 -7.44
N VAL D 301 30.01 29.60 -8.43
CA VAL D 301 30.01 29.07 -9.79
C VAL D 301 30.88 27.82 -9.87
N ASP D 302 32.08 27.90 -9.34
CA ASP D 302 32.98 26.74 -9.33
C ASP D 302 32.40 25.52 -8.56
N MET D 303 31.70 25.82 -7.46
CA MET D 303 31.02 24.72 -6.75
C MET D 303 29.99 24.09 -7.63
N ALA D 304 29.18 24.90 -8.28
CA ALA D 304 28.17 24.32 -9.12
C ALA D 304 28.76 23.41 -10.22
N LYS D 305 29.83 23.82 -10.83
CA LYS D 305 30.41 23.00 -11.87
C LYS D 305 31.03 21.71 -11.36
N VAL D 306 31.51 21.71 -10.12
CA VAL D 306 31.99 20.49 -9.50
C VAL D 306 30.79 19.52 -9.31
N TYR D 307 29.66 20.07 -8.85
CA TYR D 307 28.48 19.23 -8.71
C TYR D 307 28.00 18.77 -10.03
N GLN D 308 28.02 19.62 -11.05
CA GLN D 308 27.61 19.17 -12.36
C GLN D 308 28.24 17.85 -12.85
N LYS D 309 29.51 17.64 -12.56
CA LYS D 309 30.18 16.35 -12.87
C LYS D 309 29.54 15.20 -12.13
N GLU D 310 29.22 15.44 -10.85
CA GLU D 310 28.55 14.43 -10.05
C GLU D 310 27.14 14.13 -10.55
N ALA D 311 26.41 15.19 -10.93
CA ALA D 311 25.06 15.07 -11.41
C ALA D 311 25.02 14.21 -12.68
N LYS D 312 26.03 14.38 -13.53
CA LYS D 312 26.09 13.51 -14.72
C LYS D 312 26.37 12.03 -14.34
N ALA D 313 27.23 11.86 -13.36
CA ALA D 313 27.55 10.50 -12.85
C ALA D 313 26.38 9.81 -12.22
N ARG D 314 25.45 10.60 -11.63
CA ARG D 314 24.29 10.03 -10.98
C ARG D 314 23.19 9.73 -11.91
N GLY D 315 23.29 10.18 -13.17
CA GLY D 315 22.29 9.89 -14.16
C GLY D 315 21.17 10.91 -14.32
N HIS D 316 21.28 12.06 -13.63
CA HIS D 316 20.18 13.05 -13.71
C HIS D 316 20.24 13.90 -14.96
N PHE D 317 21.45 14.01 -15.51
CA PHE D 317 21.75 14.97 -16.57
C PHE D 317 21.42 14.31 -17.91
N VAL D 318 20.27 14.60 -18.43
CA VAL D 318 19.89 14.28 -19.84
C VAL D 318 19.70 15.59 -20.53
N SER D 319 20.56 15.91 -21.51
CA SER D 319 20.49 17.23 -22.09
C SER D 319 19.25 17.50 -22.92
N LEU D 320 18.91 18.79 -23.03
CA LEU D 320 17.85 19.23 -23.85
C LEU D 320 18.19 18.96 -25.37
N GLN D 321 19.45 18.98 -25.69
CA GLN D 321 19.88 18.58 -27.06
C GLN D 321 19.48 17.11 -27.34
N GLU D 322 19.74 16.22 -26.37
CA GLU D 322 19.34 14.78 -26.50
C GLU D 322 17.83 14.73 -26.57
N LYS D 323 17.15 15.56 -25.77
CA LYS D 323 15.71 15.55 -25.82
C LYS D 323 15.13 16.05 -27.15
N LEU D 324 15.79 17.03 -27.76
CA LEU D 324 15.41 17.62 -29.03
C LEU D 324 15.61 16.53 -30.17
N LYS D 325 16.68 15.76 -30.06
CA LYS D 325 16.96 14.64 -31.00
C LYS D 325 15.83 13.61 -30.98
N ARG D 326 15.38 13.26 -29.81
CA ARG D 326 14.23 12.39 -29.68
C ARG D 326 12.93 13.02 -30.07
N ASN D 327 12.77 14.34 -29.85
CA ASN D 327 11.54 14.98 -30.13
C ASN D 327 11.73 16.38 -30.66
N PRO D 328 11.62 16.53 -31.98
CA PRO D 328 11.83 17.83 -32.55
C PRO D 328 10.91 18.94 -32.05
N ASN D 329 9.75 18.57 -31.52
CA ASN D 329 8.78 19.60 -31.03
C ASN D 329 9.36 20.30 -29.74
N VAL D 330 10.46 19.80 -29.20
CA VAL D 330 11.14 20.51 -28.07
C VAL D 330 11.49 21.90 -28.53
N ASN D 331 11.75 22.09 -29.84
CA ASN D 331 12.10 23.40 -30.31
C ASN D 331 10.95 24.41 -30.39
N LYS D 332 9.77 24.02 -29.97
CA LYS D 332 8.69 24.97 -29.79
C LYS D 332 8.82 25.75 -28.39
N LEU D 333 9.80 25.34 -27.60
CA LEU D 333 10.04 25.92 -26.24
C LEU D 333 10.93 27.12 -26.27
N PRO D 334 12.04 27.16 -27.06
CA PRO D 334 12.84 28.39 -27.01
C PRO D 334 12.12 29.62 -27.52
N GLY D 335 12.07 30.65 -26.66
CA GLY D 335 11.30 31.89 -26.92
C GLY D 335 9.87 31.82 -26.66
N ALA D 336 9.37 30.74 -26.03
CA ALA D 336 7.98 30.59 -25.73
C ALA D 336 7.66 31.16 -24.34
N ILE D 337 6.61 31.91 -24.33
CA ILE D 337 5.97 32.34 -23.09
C ILE D 337 5.09 31.22 -22.60
N TYR D 338 5.21 30.89 -21.30
CA TYR D 338 4.32 29.99 -20.68
C TYR D 338 3.07 30.68 -20.15
N PHE D 339 1.93 30.39 -20.71
CA PHE D 339 0.63 30.97 -20.32
C PHE D 339 -0.23 29.94 -19.62
N GLY D 340 -0.63 30.24 -18.36
CA GLY D 340 -1.59 29.44 -17.66
C GLY D 340 -2.86 30.18 -17.51
N ILE D 341 -3.92 29.65 -18.14
CA ILE D 341 -5.22 30.21 -18.07
C ILE D 341 -5.98 29.52 -17.02
N TYR D 342 -6.16 30.21 -15.89
CA TYR D 342 -6.55 29.51 -14.68
C TYR D 342 -8.06 29.65 -14.51
N GLY D 343 -8.80 28.58 -14.77
CA GLY D 343 -10.26 28.61 -14.66
C GLY D 343 -10.89 28.23 -13.39
N GLY D 344 -10.14 28.24 -12.28
CA GLY D 344 -10.71 27.79 -11.03
C GLY D 344 -10.59 26.29 -10.76
N TYR D 345 -9.97 25.55 -11.70
CA TYR D 345 -9.84 24.11 -11.68
C TYR D 345 -8.35 23.88 -11.52
N PRO D 346 -7.95 22.89 -10.71
CA PRO D 346 -8.66 21.77 -10.16
C PRO D 346 -9.50 21.98 -8.97
N HIS D 347 -9.37 23.17 -8.39
CA HIS D 347 -10.02 23.46 -7.06
C HIS D 347 -11.55 23.37 -7.08
N TYR D 348 -12.13 23.74 -8.21
CA TYR D 348 -13.57 23.77 -8.39
C TYR D 348 -13.82 23.37 -9.86
N VAL D 349 -15.00 22.78 -10.07
CA VAL D 349 -15.50 22.43 -11.45
C VAL D 349 -16.46 23.55 -11.89
N ASN D 350 -16.15 24.16 -13.03
CA ASN D 350 -16.97 25.17 -13.63
C ASN D 350 -17.37 26.28 -12.69
N MET D 351 -16.34 26.82 -12.01
CA MET D 351 -16.64 27.89 -11.06
C MET D 351 -17.08 29.19 -11.72
N PRO D 352 -18.30 29.67 -11.40
CA PRO D 352 -18.69 30.97 -11.96
C PRO D 352 -17.73 32.12 -11.68
N GLY D 353 -17.41 32.89 -12.69
CA GLY D 353 -16.53 34.03 -12.63
C GLY D 353 -15.06 33.70 -12.79
N MET D 354 -14.78 32.41 -12.87
CA MET D 354 -13.44 31.93 -13.13
C MET D 354 -13.29 30.95 -14.32
N ALA D 355 -14.20 29.99 -14.42
CA ALA D 355 -14.15 29.01 -15.58
C ALA D 355 -14.21 29.74 -16.88
N PHE D 356 -13.36 29.35 -17.82
CA PHE D 356 -13.46 29.79 -19.22
C PHE D 356 -14.24 28.69 -19.99
N THR D 357 -15.03 29.15 -20.98
CA THR D 357 -15.56 28.21 -21.96
C THR D 357 -14.47 27.89 -22.94
N PHE D 358 -14.65 26.82 -23.75
CA PHE D 358 -13.66 26.56 -24.79
C PHE D 358 -13.57 27.55 -25.92
N ASP D 359 -14.67 28.20 -26.31
CA ASP D 359 -14.61 29.32 -27.28
C ASP D 359 -13.84 30.56 -26.72
N GLU D 360 -13.98 30.79 -25.42
CA GLU D 360 -13.19 31.86 -24.75
C GLU D 360 -11.72 31.53 -24.78
N LEU D 361 -11.43 30.27 -24.50
CA LEU D 361 -10.02 29.82 -24.54
C LEU D 361 -9.44 30.04 -25.94
N LYS D 362 -10.21 29.60 -26.93
CA LYS D 362 -9.78 29.85 -28.30
C LYS D 362 -9.52 31.30 -28.62
N ASN D 363 -10.36 32.20 -28.19
CA ASN D 363 -10.19 33.62 -28.48
C ASN D 363 -8.98 34.20 -27.71
N ILE D 364 -8.69 33.66 -26.53
CA ILE D 364 -7.42 34.06 -25.86
C ILE D 364 -6.22 33.68 -26.68
N ILE D 365 -6.24 32.45 -27.12
CA ILE D 365 -5.15 31.97 -27.88
C ILE D 365 -5.02 32.81 -29.16
N LYS D 366 -6.13 33.10 -29.80
CA LYS D 366 -6.09 33.89 -31.01
C LYS D 366 -5.53 35.27 -30.77
N THR D 367 -5.94 35.92 -29.70
CA THR D 367 -5.44 37.24 -29.42
C THR D 367 -3.95 37.24 -29.14
N ILE D 368 -3.50 36.26 -28.39
CA ILE D 368 -2.08 36.17 -28.08
C ILE D 368 -1.21 36.15 -29.32
N HIS D 369 -1.72 35.45 -30.34
CA HIS D 369 -0.97 35.31 -31.56
C HIS D 369 -1.18 36.51 -32.55
N ASP D 370 -2.43 36.73 -32.90
CA ASP D 370 -2.79 37.72 -33.97
C ASP D 370 -2.67 39.13 -33.51
N ASP D 371 -2.98 39.45 -32.22
CA ASP D 371 -2.90 40.83 -31.77
C ASP D 371 -1.63 41.12 -31.05
N LEU D 372 -1.22 40.19 -30.16
CA LEU D 372 0.04 40.43 -29.43
C LEU D 372 1.27 39.91 -30.07
N ARG D 373 1.10 39.24 -31.22
CA ARG D 373 2.27 38.80 -32.01
C ARG D 373 3.27 37.94 -31.23
N VAL D 374 2.74 37.09 -30.35
CA VAL D 374 3.59 36.14 -29.67
C VAL D 374 3.84 34.95 -30.65
N ASP D 375 5.09 34.79 -31.00
CA ASP D 375 5.49 33.80 -32.00
C ASP D 375 5.53 32.39 -31.45
N LYS D 376 5.88 32.23 -30.15
CA LYS D 376 6.02 30.87 -29.55
C LYS D 376 5.39 30.91 -28.15
N ALA D 377 4.67 29.86 -27.82
CA ALA D 377 3.99 29.78 -26.54
C ALA D 377 3.66 28.39 -26.07
N PHE D 378 3.51 28.23 -24.75
CA PHE D 378 3.05 26.99 -24.19
C PHE D 378 1.78 27.41 -23.48
N VAL D 379 0.64 26.94 -23.98
CA VAL D 379 -0.65 27.27 -23.43
C VAL D 379 -1.09 26.15 -22.54
N HIS D 380 -1.46 26.51 -21.31
CA HIS D 380 -1.76 25.51 -20.33
C HIS D 380 -3.10 25.87 -19.75
N ALA D 381 -4.11 25.09 -20.09
CA ALA D 381 -5.47 25.44 -19.72
C ALA D 381 -5.98 24.70 -18.50
N TRP D 382 -6.17 25.42 -17.40
CA TRP D 382 -6.60 24.80 -16.19
C TRP D 382 -8.12 24.82 -16.11
N GLY D 383 -8.76 23.71 -16.42
CA GLY D 383 -10.20 23.69 -16.40
C GLY D 383 -10.86 23.10 -17.64
N THR D 384 -10.47 21.91 -18.02
CA THR D 384 -11.04 21.28 -19.20
C THR D 384 -11.93 20.05 -19.00
N PHE D 385 -12.06 19.56 -17.78
CA PHE D 385 -12.82 18.37 -17.50
C PHE D 385 -13.95 18.64 -16.53
N SER D 386 -14.98 17.81 -16.57
CA SER D 386 -16.13 17.95 -15.69
C SER D 386 -16.12 17.16 -14.40
N ASN D 387 -15.10 16.34 -14.22
CA ASN D 387 -14.92 15.68 -12.98
C ASN D 387 -13.67 16.30 -12.32
N PHE D 388 -13.61 16.11 -11.01
CA PHE D 388 -12.42 16.50 -10.23
C PHE D 388 -11.25 15.55 -10.52
N VAL D 389 -10.04 16.10 -10.58
CA VAL D 389 -8.87 15.27 -10.48
C VAL D 389 -9.01 14.42 -9.24
N PRO D 390 -8.60 13.13 -9.27
CA PRO D 390 -7.69 12.49 -10.22
C PRO D 390 -8.44 11.76 -11.39
N HIS D 391 -9.70 12.11 -11.63
CA HIS D 391 -10.46 11.70 -12.85
C HIS D 391 -10.43 12.80 -13.82
N ASN D 392 -9.44 12.77 -14.72
CA ASN D 392 -9.15 13.87 -15.60
C ASN D 392 -9.91 13.67 -16.93
N TYR D 393 -11.23 13.64 -16.79
CA TYR D 393 -12.15 13.36 -17.88
C TYR D 393 -13.51 13.49 -17.37
N PRO D 394 -14.51 13.55 -18.31
CA PRO D 394 -14.39 13.76 -19.70
C PRO D 394 -14.14 15.19 -19.96
N ILE D 395 -13.82 15.50 -21.21
CA ILE D 395 -13.77 16.84 -21.66
C ILE D 395 -15.14 17.45 -21.41
N SER D 396 -15.16 18.63 -20.78
CA SER D 396 -16.40 19.14 -20.25
C SER D 396 -17.45 19.62 -21.30
N GLU D 397 -18.66 19.09 -21.17
CA GLU D 397 -19.81 19.47 -21.99
C GLU D 397 -20.26 20.89 -21.69
N ALA D 398 -20.26 21.25 -20.41
CA ALA D 398 -20.69 22.57 -19.95
C ALA D 398 -19.86 23.67 -20.49
N LEU D 399 -18.58 23.39 -20.68
CA LEU D 399 -17.64 24.34 -21.25
C LEU D 399 -17.69 24.43 -22.78
N GLY D 400 -18.43 23.51 -23.39
CA GLY D 400 -18.58 23.51 -24.82
C GLY D 400 -18.37 22.18 -25.50
N GLY D 401 -17.90 21.20 -24.76
CA GLY D 401 -17.67 19.89 -25.27
C GLY D 401 -16.42 19.66 -26.09
N PRO D 402 -16.21 18.39 -26.47
CA PRO D 402 -14.95 17.99 -27.09
C PRO D 402 -14.56 18.72 -28.38
N GLU D 403 -15.54 18.96 -29.30
CA GLU D 403 -15.20 19.65 -30.55
C GLU D 403 -14.71 21.05 -30.38
N LYS D 404 -15.29 21.74 -29.41
CA LYS D 404 -14.88 23.13 -29.18
C LYS D 404 -13.48 23.21 -28.53
N LEU D 405 -13.15 22.27 -27.65
CA LEU D 405 -11.74 22.22 -27.16
C LEU D 405 -10.76 21.92 -28.27
N LYS D 406 -11.14 20.91 -29.07
CA LYS D 406 -10.29 20.56 -30.21
C LYS D 406 -10.07 21.72 -31.14
N ALA D 407 -11.07 22.58 -31.30
CA ALA D 407 -10.93 23.78 -32.16
C ALA D 407 -9.87 24.77 -31.58
N ALA D 408 -9.94 24.96 -30.26
CA ALA D 408 -8.90 25.75 -29.55
C ALA D 408 -7.50 25.16 -29.70
N VAL D 409 -7.40 23.89 -29.47
CA VAL D 409 -6.12 23.22 -29.56
C VAL D 409 -5.59 23.25 -31.01
N ASP D 410 -6.48 22.95 -31.97
CA ASP D 410 -6.04 23.01 -33.35
C ASP D 410 -5.55 24.42 -33.72
N LEU D 411 -6.23 25.47 -33.22
CA LEU D 411 -5.77 26.83 -33.47
C LEU D 411 -4.36 27.02 -32.90
N ALA D 412 -4.19 26.57 -31.64
CA ALA D 412 -2.87 26.72 -31.08
C ALA D 412 -1.82 26.02 -31.93
N LYS D 413 -2.12 24.78 -32.33
CA LYS D 413 -1.20 24.00 -33.18
C LYS D 413 -0.93 24.71 -34.51
N SER D 414 -1.92 25.42 -35.02
CA SER D 414 -1.75 26.13 -36.31
C SER D 414 -0.73 27.24 -36.19
N TYR D 415 -0.50 27.70 -34.95
CA TYR D 415 0.48 28.69 -34.70
C TYR D 415 1.85 28.19 -34.28
N GLY D 416 2.00 26.89 -34.14
CA GLY D 416 3.21 26.32 -33.68
C GLY D 416 3.32 26.35 -32.12
N TYR D 417 2.18 26.56 -31.48
CA TYR D 417 2.17 26.66 -29.98
C TYR D 417 2.10 25.25 -29.42
N LEU D 418 2.67 25.07 -28.22
CA LEU D 418 2.36 23.88 -27.44
C LEU D 418 1.09 24.06 -26.58
N TYR D 419 0.39 22.96 -26.29
CA TYR D 419 -0.82 22.95 -25.56
C TYR D 419 -0.90 21.78 -24.62
N SER D 420 -1.31 22.04 -23.35
CA SER D 420 -1.71 21.00 -22.44
C SER D 420 -2.86 21.48 -21.59
N SER D 421 -3.76 20.56 -21.22
CA SER D 421 -4.74 20.72 -20.18
C SER D 421 -4.01 20.61 -18.82
N TYR D 422 -4.75 20.98 -17.77
CA TYR D 422 -4.27 20.69 -16.43
C TYR D 422 -4.55 19.24 -16.14
N HIS D 423 -3.56 18.52 -15.61
CA HIS D 423 -3.72 17.17 -15.10
C HIS D 423 -3.07 16.96 -13.77
N ALA D 424 -3.73 16.13 -12.99
CA ALA D 424 -3.15 15.62 -11.74
C ALA D 424 -3.75 14.27 -11.39
N TYR D 425 -2.91 13.40 -10.91
CA TYR D 425 -3.33 12.08 -10.50
C TYR D 425 -3.14 11.78 -9.04
N SER D 426 -2.62 12.76 -8.25
CA SER D 426 -2.34 12.63 -6.85
C SER D 426 -3.39 13.19 -5.84
N PRO D 427 -4.28 14.07 -6.24
CA PRO D 427 -5.23 14.61 -5.28
C PRO D 427 -6.35 13.70 -4.91
N MET D 428 -6.97 13.95 -3.76
CA MET D 428 -8.24 13.32 -3.42
C MET D 428 -8.95 14.41 -2.55
N LEU D 429 -9.89 15.06 -3.19
CA LEU D 429 -10.45 16.36 -2.73
C LEU D 429 -11.77 16.16 -1.97
N GLU D 430 -11.86 16.76 -0.77
CA GLU D 430 -13.02 16.73 0.06
C GLU D 430 -14.25 17.16 -0.68
N ASN D 431 -14.14 18.08 -1.63
CA ASN D 431 -15.28 18.63 -2.33
C ASN D 431 -15.72 17.83 -3.57
N ASP D 432 -14.99 16.79 -3.90
CA ASP D 432 -15.28 15.93 -5.06
C ASP D 432 -16.36 14.98 -4.57
N PRO D 433 -17.48 14.90 -5.31
CA PRO D 433 -18.48 13.98 -4.92
C PRO D 433 -18.01 12.52 -4.90
N ASN D 434 -16.99 12.23 -5.68
CA ASN D 434 -16.36 10.90 -5.71
C ASN D 434 -15.23 10.68 -4.71
N PHE D 435 -15.08 11.56 -3.74
CA PHE D 435 -14.04 11.39 -2.76
C PHE D 435 -14.17 10.06 -2.05
N THR D 436 -13.05 9.39 -1.89
CA THR D 436 -12.96 8.18 -1.14
C THR D 436 -11.57 8.04 -0.51
N THR D 437 -11.47 7.39 0.63
CA THR D 437 -10.21 7.16 1.24
C THR D 437 -9.57 5.86 0.69
N ASP D 438 -10.24 5.20 -0.22
CA ASP D 438 -9.76 3.94 -0.72
C ASP D 438 -8.37 4.02 -1.37
N LEU D 439 -8.09 5.11 -2.06
CA LEU D 439 -6.82 5.27 -2.73
C LEU D 439 -5.70 5.94 -1.94
N MET D 440 -6.00 6.28 -0.69
CA MET D 440 -5.05 6.86 0.20
C MET D 440 -4.16 5.84 0.87
N GLN D 441 -2.96 6.22 1.22
CA GLN D 441 -2.05 5.35 1.87
C GLN D 441 -2.25 5.30 3.36
N ARG D 442 -2.03 4.15 3.96
CA ARG D 442 -2.04 4.01 5.40
C ARG D 442 -0.69 3.68 5.92
N ASP D 443 -0.37 4.12 7.12
CA ASP D 443 0.86 3.85 7.72
C ASP D 443 0.83 2.50 8.48
N ALA D 444 1.87 2.23 9.22
CA ALA D 444 2.11 0.91 9.87
C ALA D 444 1.08 0.58 10.91
N GLU D 445 0.42 1.62 11.51
CA GLU D 445 -0.66 1.45 12.42
C GLU D 445 -2.00 1.47 11.76
N GLY D 446 -2.04 1.53 10.43
CA GLY D 446 -3.28 1.49 9.72
C GLY D 446 -4.00 2.81 9.64
N LYS D 447 -3.31 3.90 9.99
CA LYS D 447 -3.88 5.27 9.87
C LYS D 447 -3.64 5.89 8.56
N LEU D 448 -4.61 6.66 8.09
CA LEU D 448 -4.52 7.38 6.83
C LEU D 448 -3.35 8.39 6.88
N MET D 449 -2.60 8.39 5.82
CA MET D 449 -1.56 9.37 5.55
C MET D 449 -2.05 10.53 4.71
N ASN D 450 -1.38 11.71 4.90
CA ASN D 450 -1.73 12.89 4.15
C ASN D 450 -3.11 13.41 4.28
N THR D 451 -3.69 13.20 5.45
CA THR D 451 -5.03 13.73 5.75
C THR D 451 -5.01 15.24 5.68
N GLY D 452 -3.87 15.79 5.90
CA GLY D 452 -3.78 17.25 5.79
C GLY D 452 -3.20 17.85 4.56
N SER D 453 -2.91 17.03 3.54
CA SER D 453 -2.34 17.50 2.27
C SER D 453 -3.18 17.00 1.11
N ARG D 454 -4.22 17.76 0.77
CA ARG D 454 -5.21 17.28 -0.17
C ARG D 454 -4.72 16.98 -1.58
N TRP D 455 -3.71 17.71 -2.00
CA TRP D 455 -3.17 17.58 -3.34
C TRP D 455 -2.25 16.36 -3.57
N ALA D 456 -1.87 15.72 -2.51
CA ALA D 456 -1.00 14.54 -2.54
C ALA D 456 -1.49 13.42 -1.63
N ARG D 457 -2.74 12.97 -1.91
CA ARG D 457 -3.33 11.95 -1.07
C ARG D 457 -3.37 10.55 -1.73
N VAL D 458 -3.37 10.45 -3.03
CA VAL D 458 -3.42 9.16 -3.66
C VAL D 458 -2.04 8.53 -3.62
N ASP D 459 -1.98 7.29 -3.18
CA ASP D 459 -0.72 6.58 -3.13
C ASP D 459 -0.16 6.58 -4.55
N PRO D 460 1.13 6.86 -4.72
CA PRO D 460 1.75 6.84 -6.04
C PRO D 460 1.58 5.47 -6.76
N LYS D 461 1.48 4.35 -6.04
CA LYS D 461 1.30 3.06 -6.64
C LYS D 461 0.01 2.99 -7.48
N PHE D 462 -0.95 3.90 -7.28
CA PHE D 462 -2.21 3.91 -8.10
C PHE D 462 -2.16 4.90 -9.21
N GLN D 463 -1.14 5.80 -9.19
CA GLN D 463 -1.24 6.94 -10.09
C GLN D 463 -1.14 6.63 -11.61
N LYS D 464 -0.26 5.71 -11.96
CA LYS D 464 -0.16 5.30 -13.37
C LYS D 464 -1.53 4.81 -13.83
N GLY D 465 -2.15 3.98 -12.99
CA GLY D 465 -3.49 3.43 -13.29
C GLY D 465 -4.54 4.46 -13.50
N LEU D 466 -4.49 5.55 -12.70
CA LEU D 466 -5.37 6.64 -12.94
C LEU D 466 -5.07 7.42 -14.22
N ALA D 467 -3.82 7.60 -14.57
CA ALA D 467 -3.42 8.31 -15.77
C ALA D 467 -3.85 7.46 -16.96
N GLN D 468 -3.76 6.17 -16.78
CA GLN D 468 -4.14 5.26 -17.93
C GLN D 468 -5.59 5.33 -18.29
N LYS D 469 -6.46 5.74 -17.39
CA LYS D 469 -7.86 5.78 -17.70
C LYS D 469 -8.23 6.61 -18.88
N ASN D 470 -7.60 7.77 -19.04
CA ASN D 470 -7.96 8.67 -20.08
C ASN D 470 -6.88 9.34 -20.85
N ILE D 471 -5.62 9.34 -20.38
CA ILE D 471 -4.66 10.23 -21.02
C ILE D 471 -4.43 9.89 -22.50
N GLU D 472 -4.50 8.60 -22.81
CA GLU D 472 -4.26 8.18 -24.23
C GLU D 472 -5.43 8.58 -25.11
N LYS D 473 -6.62 8.55 -24.54
CA LYS D 473 -7.80 9.04 -25.22
C LYS D 473 -7.72 10.52 -25.51
N GLU D 474 -7.25 11.31 -24.52
CA GLU D 474 -7.09 12.73 -24.76
C GLU D 474 -6.04 13.07 -25.81
N ILE D 475 -4.90 12.37 -25.74
CA ILE D 475 -3.80 12.52 -26.67
C ILE D 475 -4.32 12.25 -28.13
N SER D 476 -5.07 11.17 -28.20
CA SER D 476 -5.53 10.71 -29.55
C SER D 476 -6.58 11.70 -30.04
N TYR D 477 -7.58 12.05 -29.23
CA TYR D 477 -8.68 12.89 -29.70
C TYR D 477 -8.18 14.26 -30.06
N LEU D 478 -7.32 14.86 -29.20
CA LEU D 478 -6.97 16.26 -29.42
C LEU D 478 -5.71 16.37 -30.24
N GLY D 479 -5.05 15.26 -30.56
CA GLY D 479 -3.77 15.32 -31.30
C GLY D 479 -2.60 16.04 -30.58
N LEU D 480 -2.46 15.68 -29.32
CA LEU D 480 -1.57 16.45 -28.43
C LEU D 480 -0.14 16.25 -28.79
N GLU D 481 0.65 17.30 -28.60
CA GLU D 481 2.06 17.27 -28.75
C GLU D 481 2.78 17.55 -27.42
N ALA D 482 1.97 17.76 -26.38
CA ALA D 482 2.58 18.23 -25.11
C ALA D 482 1.72 17.78 -23.99
N ASP D 483 2.31 17.77 -22.77
CA ASP D 483 1.62 17.48 -21.57
C ASP D 483 2.32 18.21 -20.41
N ILE D 484 1.47 18.62 -19.49
CA ILE D 484 1.99 19.03 -18.15
C ILE D 484 1.18 18.30 -17.04
N THR D 485 1.87 17.72 -16.09
CA THR D 485 1.30 16.94 -15.00
C THR D 485 1.71 17.60 -13.65
N ASP D 486 0.72 17.89 -12.86
CA ASP D 486 0.94 18.63 -11.56
C ASP D 486 1.30 17.71 -10.46
N ILE D 487 1.96 18.34 -9.44
CA ILE D 487 2.11 17.80 -8.10
C ILE D 487 3.12 16.66 -7.86
N THR D 488 2.94 15.55 -8.56
CA THR D 488 3.61 14.31 -8.23
C THR D 488 5.08 14.36 -8.24
N PHE D 489 5.66 15.26 -9.03
CA PHE D 489 7.12 15.28 -9.23
C PHE D 489 7.73 16.54 -8.61
N ALA D 490 7.08 17.11 -7.64
CA ALA D 490 7.59 18.36 -7.06
C ALA D 490 8.64 18.15 -5.99
N ALA D 491 8.73 16.91 -5.46
CA ALA D 491 9.70 16.51 -4.47
C ALA D 491 10.30 15.14 -4.81
N TYR D 492 11.27 14.73 -4.01
CA TYR D 492 11.88 13.40 -4.14
C TYR D 492 12.05 12.79 -2.79
N ARG D 493 10.93 12.36 -2.26
CA ARG D 493 10.88 11.60 -0.99
C ARG D 493 10.97 10.11 -1.24
N GLU D 494 11.41 9.38 -0.20
CA GLU D 494 11.51 7.95 -0.32
C GLU D 494 10.18 7.26 -0.44
N ASN D 495 9.26 7.64 0.44
CA ASN D 495 7.94 7.01 0.45
C ASN D 495 7.23 7.23 -0.87
N GLY D 496 6.83 6.14 -1.56
CA GLY D 496 6.11 6.29 -2.82
C GLY D 496 6.92 6.46 -4.06
N LYS D 497 8.25 6.49 -3.93
CA LYS D 497 9.10 6.82 -5.08
C LYS D 497 8.91 5.83 -6.22
N GLU D 498 8.74 4.54 -5.88
CA GLU D 498 8.58 3.54 -6.96
C GLU D 498 7.37 3.81 -7.82
N GLY D 499 6.22 4.13 -7.23
CA GLY D 499 5.06 4.51 -8.00
C GLY D 499 5.21 5.75 -8.85
N ARG D 500 5.93 6.75 -8.27
CA ARG D 500 6.21 7.93 -8.99
C ARG D 500 7.09 7.67 -10.26
N ILE D 501 8.11 6.88 -10.08
CA ILE D 501 8.98 6.44 -11.17
C ILE D 501 8.13 5.72 -12.24
N GLU D 502 7.21 4.87 -11.79
CA GLU D 502 6.39 4.20 -12.79
C GLU D 502 5.56 5.18 -13.60
N LEU D 503 4.94 6.17 -12.92
CA LEU D 503 4.21 7.18 -13.61
C LEU D 503 5.06 8.01 -14.54
N ALA D 504 6.25 8.37 -14.13
CA ALA D 504 7.11 9.22 -14.92
C ALA D 504 7.47 8.48 -16.24
N LYS D 505 7.76 7.21 -16.09
CA LYS D 505 8.13 6.37 -17.26
C LYS D 505 7.00 6.24 -18.19
N TYR D 506 5.77 6.13 -17.68
CA TYR D 506 4.60 6.02 -18.50
C TYR D 506 4.37 7.30 -19.27
N ILE D 507 4.40 8.45 -18.56
CA ILE D 507 4.22 9.72 -19.26
C ILE D 507 5.31 9.92 -20.33
N ASP D 508 6.54 9.60 -19.99
CA ASP D 508 7.66 9.77 -20.86
C ASP D 508 7.56 8.89 -22.14
N SER D 509 6.88 7.78 -21.98
CA SER D 509 6.71 6.81 -23.09
C SER D 509 5.94 7.43 -24.23
N PHE D 510 5.10 8.45 -23.99
CA PHE D 510 4.41 9.11 -25.06
C PHE D 510 5.23 9.99 -25.95
N ASN D 511 6.42 10.37 -25.52
CA ASN D 511 7.29 11.28 -26.21
C ASN D 511 6.60 12.57 -26.63
N LEU D 512 5.88 13.21 -25.65
CA LEU D 512 5.36 14.53 -25.83
C LEU D 512 6.33 15.56 -25.18
N VAL D 513 6.27 16.77 -25.67
CA VAL D 513 7.06 17.85 -25.04
C VAL D 513 6.37 17.99 -23.68
N ASN D 514 7.10 17.73 -22.60
CA ASN D 514 6.40 17.68 -21.37
C ASN D 514 7.04 18.42 -20.16
N GLY D 515 6.12 18.78 -19.27
CA GLY D 515 6.47 19.60 -18.11
C GLY D 515 5.85 18.99 -16.87
N THR D 516 6.32 19.53 -15.72
CA THR D 516 5.67 19.19 -14.46
C THR D 516 5.92 20.34 -13.45
N GLU D 517 5.13 20.30 -12.39
CA GLU D 517 5.27 21.28 -11.30
C GLU D 517 6.54 21.09 -10.55
N HIS D 518 7.34 22.16 -10.49
CA HIS D 518 8.57 22.33 -9.70
C HIS D 518 9.74 21.51 -10.11
N GLY D 519 9.58 20.20 -10.10
CA GLY D 519 10.64 19.28 -10.45
C GLY D 519 11.63 19.05 -9.35
N GLN D 520 12.50 18.06 -9.52
CA GLN D 520 13.69 17.85 -8.76
C GLN D 520 14.69 17.17 -9.76
N GLU D 521 15.93 17.19 -9.38
CA GLU D 521 16.99 16.73 -10.27
C GLU D 521 16.73 15.27 -10.68
N GLN D 522 16.14 14.48 -9.80
CA GLN D 522 15.91 13.04 -10.07
C GLN D 522 14.91 12.84 -11.21
N TRP D 523 14.12 13.87 -11.52
CA TRP D 523 13.05 13.75 -12.48
C TRP D 523 13.53 14.27 -13.83
N ILE D 524 14.71 14.88 -13.89
CA ILE D 524 15.17 15.56 -15.13
C ILE D 524 15.15 14.59 -16.39
N PRO D 525 15.45 13.32 -16.20
CA PRO D 525 15.41 12.43 -17.39
C PRO D 525 14.08 12.30 -18.08
N TYR D 526 12.97 12.62 -17.38
CA TYR D 526 11.65 12.36 -17.90
C TYR D 526 10.82 13.50 -18.46
N PHE D 527 11.33 14.74 -18.32
CA PHE D 527 10.58 15.93 -18.67
C PHE D 527 11.46 16.89 -19.46
N ASP D 528 10.82 17.76 -20.19
CA ASP D 528 11.54 18.83 -20.86
C ASP D 528 11.57 20.13 -20.07
N MET D 529 10.54 20.40 -19.29
CA MET D 529 10.49 21.64 -18.52
C MET D 529 9.92 21.44 -17.14
N PHE D 530 10.36 22.33 -16.22
CA PHE D 530 9.79 22.39 -14.90
C PHE D 530 9.15 23.82 -14.71
N GLU D 531 7.95 23.80 -14.20
CA GLU D 531 7.21 25.02 -13.82
C GLU D 531 7.53 25.36 -12.33
N GLY D 532 8.47 26.24 -12.19
CA GLY D 532 9.06 26.58 -10.86
C GLY D 532 10.54 26.35 -10.90
N MET D 533 11.05 25.82 -9.82
CA MET D 533 12.43 25.79 -9.54
C MET D 533 13.00 27.26 -9.52
N THR D 534 12.25 28.12 -8.81
CA THR D 534 12.62 29.50 -8.64
C THR D 534 12.71 29.73 -7.14
N TYR D 535 11.76 30.44 -6.58
CA TYR D 535 11.87 30.93 -5.17
C TYR D 535 10.52 30.92 -4.53
N LEU D 536 10.42 30.41 -3.30
CA LEU D 536 9.18 30.65 -2.55
C LEU D 536 9.11 32.20 -2.29
N GLU D 537 7.94 32.72 -1.99
CA GLU D 537 7.81 34.12 -1.61
C GLU D 537 8.26 34.42 -0.16
N ASP D 538 7.78 33.65 0.74
CA ASP D 538 8.11 33.67 2.19
C ASP D 538 8.96 32.43 2.46
N ARG D 539 10.18 32.66 2.90
CA ARG D 539 11.13 31.54 2.99
C ARG D 539 12.10 31.87 4.10
N PRO D 540 12.54 30.86 4.81
CA PRO D 540 13.79 31.08 5.60
C PRO D 540 14.95 31.64 4.79
N LEU D 541 15.64 32.61 5.36
CA LEU D 541 16.82 33.28 4.77
C LEU D 541 16.48 34.39 3.81
N SER D 542 15.23 34.63 3.62
CA SER D 542 14.85 35.60 2.60
C SER D 542 15.45 36.97 2.86
N VAL D 543 15.58 37.40 4.11
CA VAL D 543 16.10 38.76 4.37
C VAL D 543 17.61 38.91 4.51
N ILE D 544 18.33 37.75 4.43
CA ILE D 544 19.71 37.61 4.58
C ILE D 544 20.41 36.73 3.49
N SER D 545 19.85 36.77 2.25
CA SER D 545 20.43 36.09 1.13
C SER D 545 20.12 36.86 -0.15
N HIS D 546 20.90 36.50 -1.18
CA HIS D 546 20.62 36.93 -2.55
C HIS D 546 20.32 35.72 -3.39
N PRO D 547 19.26 35.81 -4.21
CA PRO D 547 19.10 34.79 -5.25
C PRO D 547 20.40 34.64 -6.13
N ALA D 548 20.77 33.38 -6.33
CA ALA D 548 21.84 33.01 -7.22
C ALA D 548 21.36 31.84 -8.05
N PRO D 549 21.83 31.69 -9.29
CA PRO D 549 21.18 30.71 -10.16
C PRO D 549 21.90 29.35 -10.04
N LEU D 550 21.95 28.82 -8.85
CA LEU D 550 22.75 27.62 -8.58
C LEU D 550 22.23 26.39 -9.36
N PHE D 551 20.92 26.17 -9.34
CA PHE D 551 20.39 25.01 -9.98
C PHE D 551 20.64 25.13 -11.48
N ASN D 552 20.43 26.32 -12.03
CA ASN D 552 20.60 26.50 -13.49
C ASN D 552 22.09 26.50 -13.87
N LEU D 553 23.00 26.90 -13.00
CA LEU D 553 24.43 26.74 -13.22
C LEU D 553 24.80 25.27 -13.39
N VAL D 554 24.02 24.39 -12.79
CA VAL D 554 24.20 22.96 -12.98
C VAL D 554 23.41 22.48 -14.19
N TYR D 555 22.15 22.73 -14.22
CA TYR D 555 21.26 22.01 -15.07
C TYR D 555 20.56 22.71 -16.25
N HIS D 556 20.91 23.95 -16.54
CA HIS D 556 20.23 24.69 -17.56
C HIS D 556 20.25 23.98 -18.93
N GLU D 557 21.33 23.28 -19.17
CA GLU D 557 21.43 22.51 -20.44
C GLU D 557 20.51 21.30 -20.49
N ALA D 558 20.00 20.82 -19.35
CA ALA D 558 19.24 19.57 -19.23
C ALA D 558 17.79 19.72 -18.93
N ILE D 559 17.37 20.84 -18.30
CA ILE D 559 15.96 21.06 -18.03
C ILE D 559 15.63 22.57 -18.16
N ALA D 560 14.52 22.86 -18.81
CA ALA D 560 14.14 24.22 -19.04
C ALA D 560 13.29 24.57 -17.79
N ASN D 561 13.38 25.80 -17.32
CA ASN D 561 12.36 26.19 -16.29
C ASN D 561 11.66 27.47 -16.59
N PHE D 562 10.50 27.62 -15.95
CA PHE D 562 9.60 28.72 -16.09
C PHE D 562 9.20 29.19 -14.69
N GLY D 563 8.78 30.43 -14.56
CA GLY D 563 8.29 30.85 -13.25
C GLY D 563 7.16 30.00 -12.72
N LYS D 564 7.02 30.00 -11.36
CA LYS D 564 5.98 29.30 -10.69
C LYS D 564 4.62 29.97 -10.82
N ILE D 565 3.60 29.17 -11.03
CA ILE D 565 2.25 29.70 -11.21
C ILE D 565 1.74 30.56 -10.06
N GLN D 566 2.16 30.21 -8.83
CA GLN D 566 1.74 31.03 -7.66
C GLN D 566 2.36 32.40 -7.62
N ASP D 567 3.50 32.55 -8.27
CA ASP D 567 4.28 33.74 -8.20
C ASP D 567 4.71 34.16 -9.61
N PRO D 568 3.72 34.37 -10.45
CA PRO D 568 4.05 34.56 -11.85
C PRO D 568 4.61 35.97 -12.15
N ASP D 569 5.07 36.17 -13.40
CA ASP D 569 5.65 37.42 -13.76
C ASP D 569 4.70 38.58 -13.80
N ASN D 570 3.42 38.31 -13.87
CA ASN D 570 2.39 39.31 -13.76
C ASN D 570 1.92 39.74 -12.39
N GLU D 571 2.48 39.10 -11.32
CA GLU D 571 2.02 39.37 -9.97
C GLU D 571 3.18 40.05 -9.25
N VAL D 572 2.82 41.00 -8.38
CA VAL D 572 3.83 41.79 -7.64
C VAL D 572 3.91 41.12 -6.28
N THR D 573 5.09 40.58 -5.99
CA THR D 573 5.25 39.77 -4.74
C THR D 573 6.54 40.09 -4.11
N ALA D 574 6.85 39.36 -3.01
CA ALA D 574 8.17 39.45 -2.42
C ALA D 574 9.33 39.26 -3.37
N ASN D 575 9.12 38.51 -4.43
CA ASN D 575 10.13 38.23 -5.36
C ASN D 575 10.23 39.18 -6.52
N GLY D 576 9.40 40.20 -6.49
CA GLY D 576 9.50 41.35 -7.42
C GLY D 576 8.25 41.56 -8.21
N ASP D 577 8.35 42.59 -9.01
CA ASP D 577 7.31 42.97 -10.00
C ASP D 577 7.82 42.47 -11.36
N PHE D 578 7.18 42.96 -12.43
CA PHE D 578 7.58 42.44 -13.75
C PHE D 578 8.91 42.91 -14.10
N ARG D 579 9.26 44.17 -13.73
CA ARG D 579 10.58 44.68 -14.03
C ARG D 579 11.68 43.75 -13.53
N ILE D 580 11.62 43.48 -12.24
CA ILE D 580 12.60 42.65 -11.64
C ILE D 580 12.58 41.21 -12.10
N LYS D 581 11.43 40.63 -12.24
CA LYS D 581 11.29 39.23 -12.66
C LYS D 581 11.74 39.02 -14.10
N ALA D 582 11.38 40.00 -14.96
CA ALA D 582 11.92 39.88 -16.35
C ALA D 582 13.38 39.92 -16.42
N LEU D 583 14.04 40.83 -15.72
CA LEU D 583 15.44 40.88 -15.69
C LEU D 583 16.10 39.69 -15.07
N ARG D 584 15.52 39.23 -13.97
CA ARG D 584 16.10 38.08 -13.34
C ARG D 584 15.96 36.83 -14.26
N SER D 585 14.86 36.75 -14.97
CA SER D 585 14.63 35.61 -15.94
C SER D 585 15.78 35.51 -16.93
N MET D 586 16.21 36.66 -17.50
CA MET D 586 17.32 36.65 -18.43
C MET D 586 18.61 36.28 -17.82
N LEU D 587 18.85 36.78 -16.60
CA LEU D 587 20.10 36.51 -15.98
C LEU D 587 20.18 34.99 -15.64
N PHE D 588 19.06 34.44 -15.21
CA PHE D 588 19.10 33.08 -14.64
C PHE D 588 18.83 31.97 -15.67
N GLY D 589 18.34 32.37 -16.84
CA GLY D 589 18.03 31.42 -17.90
C GLY D 589 16.70 30.78 -17.83
N ARG D 590 15.69 31.41 -17.23
CA ARG D 590 14.36 30.87 -17.24
C ARG D 590 13.43 31.62 -18.18
N GLY D 591 12.33 30.97 -18.45
CA GLY D 591 11.29 31.46 -19.28
C GLY D 591 10.20 32.19 -18.52
N THR D 592 9.51 33.07 -19.23
CA THR D 592 8.41 33.86 -18.71
C THR D 592 7.18 33.09 -18.40
N THR D 593 6.54 33.37 -17.24
CA THR D 593 5.27 32.80 -16.86
C THR D 593 4.26 33.90 -16.64
N ILE D 594 3.17 33.83 -17.44
CA ILE D 594 1.96 34.65 -17.29
C ILE D 594 0.85 33.76 -16.89
N PHE D 595 0.33 33.91 -15.67
CA PHE D 595 -0.61 33.00 -15.10
C PHE D 595 -1.74 33.84 -14.53
N PHE D 596 -2.94 33.69 -15.07
CA PHE D 596 -4.04 34.64 -14.91
C PHE D 596 -5.40 33.97 -14.92
N ALA D 597 -6.33 34.55 -14.18
CA ALA D 597 -7.77 34.22 -14.31
C ALA D 597 -8.19 34.92 -15.62
N PRO D 598 -9.13 34.29 -16.35
CA PRO D 598 -9.58 34.90 -17.60
C PRO D 598 -9.96 36.33 -17.54
N TYR D 599 -10.66 36.72 -16.50
CA TYR D 599 -11.13 38.14 -16.39
C TYR D 599 -10.00 39.12 -16.39
N GLU D 600 -8.75 38.70 -16.03
CA GLU D 600 -7.60 39.59 -16.06
C GLU D 600 -6.94 39.78 -17.36
N PHE D 601 -7.37 39.00 -18.37
CA PHE D 601 -6.58 39.00 -19.59
C PHE D 601 -6.17 40.36 -20.15
N GLU D 602 -7.09 41.31 -20.23
CA GLU D 602 -6.71 42.56 -20.90
C GLU D 602 -5.62 43.30 -20.17
N GLY D 603 -5.60 43.09 -18.83
CA GLY D 603 -4.48 43.65 -18.03
C GLY D 603 -3.11 42.99 -18.18
N MET D 604 -3.08 41.79 -18.81
CA MET D 604 -1.84 41.13 -19.10
C MET D 604 -1.13 41.70 -20.29
N ARG D 605 -1.89 42.39 -21.18
CA ARG D 605 -1.22 42.78 -22.44
C ARG D 605 0.10 43.52 -22.43
N PRO D 606 0.28 44.54 -21.55
CA PRO D 606 1.50 45.24 -21.55
C PRO D 606 2.70 44.40 -21.12
N MET D 607 2.45 43.47 -20.19
CA MET D 607 3.50 42.53 -19.81
C MET D 607 3.85 41.49 -20.87
N ILE D 608 2.85 41.01 -21.56
CA ILE D 608 3.05 40.06 -22.68
C ILE D 608 3.87 40.78 -23.73
N GLU D 609 3.53 42.03 -24.03
CA GLU D 609 4.38 42.81 -24.96
C GLU D 609 5.80 42.96 -24.60
N MET D 610 6.04 43.36 -23.34
CA MET D 610 7.35 43.49 -22.91
C MET D 610 8.18 42.21 -22.84
N ALA D 611 7.57 41.15 -22.41
CA ALA D 611 8.25 39.85 -22.41
C ALA D 611 8.62 39.46 -23.83
N ARG D 612 7.60 39.55 -24.69
CA ARG D 612 7.87 39.32 -26.16
C ARG D 612 9.04 40.07 -26.68
N ASP D 613 9.11 41.36 -26.42
CA ASP D 613 10.19 42.15 -26.95
C ASP D 613 11.53 41.97 -26.32
N LEU D 614 11.57 41.78 -24.99
CA LEU D 614 12.83 41.77 -24.31
C LEU D 614 13.27 40.33 -23.92
N VAL D 615 12.39 39.60 -23.23
CA VAL D 615 12.85 38.36 -22.66
C VAL D 615 12.92 37.22 -23.73
N SER D 616 11.85 37.15 -24.49
CA SER D 616 11.71 36.00 -25.45
C SER D 616 12.91 35.76 -26.34
N PRO D 617 13.51 36.80 -26.91
CA PRO D 617 14.63 36.55 -27.81
C PRO D 617 15.87 36.12 -27.12
N VAL D 618 16.07 36.53 -25.86
CA VAL D 618 17.19 36.09 -25.12
C VAL D 618 16.97 34.67 -24.64
N HIS D 619 15.78 34.35 -24.18
CA HIS D 619 15.40 32.97 -23.83
C HIS D 619 15.60 32.04 -25.01
N LYS D 620 15.15 32.48 -26.20
CA LYS D 620 15.33 31.63 -27.41
C LYS D 620 16.79 31.35 -27.68
N GLU D 621 17.64 32.39 -27.67
CA GLU D 621 19.04 32.18 -28.02
C GLU D 621 19.81 31.37 -27.00
N THR D 622 19.45 31.55 -25.68
CA THR D 622 20.20 30.86 -24.63
C THR D 622 19.64 29.49 -24.24
N PHE D 623 18.49 29.13 -24.71
CA PHE D 623 17.75 27.98 -24.19
C PHE D 623 18.49 26.68 -23.99
N TYR D 624 19.27 26.23 -25.00
CA TYR D 624 19.98 24.94 -24.89
C TYR D 624 21.35 25.04 -24.27
N SER D 625 21.85 26.25 -24.00
CA SER D 625 23.20 26.51 -23.64
C SER D 625 23.48 26.32 -22.13
N GLU D 626 24.73 26.29 -21.80
CA GLU D 626 25.19 26.25 -20.46
C GLU D 626 25.21 27.67 -19.97
N LEU D 627 24.71 27.87 -18.75
CA LEU D 627 25.02 29.09 -18.01
C LEU D 627 26.36 28.98 -17.44
N LYS D 628 27.34 29.53 -18.13
CA LYS D 628 28.71 29.30 -17.80
C LYS D 628 29.11 29.97 -16.52
N SER D 629 28.62 31.21 -16.36
CA SER D 629 29.03 32.04 -15.26
C SER D 629 28.00 33.05 -14.89
N HIS D 630 28.01 33.35 -13.60
CA HIS D 630 27.15 34.41 -13.00
C HIS D 630 28.02 35.17 -12.03
N GLU D 631 27.90 36.50 -12.01
CA GLU D 631 28.71 37.36 -11.15
C GLU D 631 27.80 38.49 -10.60
N TYR D 632 28.10 38.92 -9.39
CA TYR D 632 27.52 40.11 -8.88
C TYR D 632 28.58 41.16 -9.09
N LEU D 633 28.11 42.30 -9.65
CA LEU D 633 29.04 43.42 -10.05
C LEU D 633 28.92 44.71 -9.29
N SER D 634 28.09 44.75 -8.29
CA SER D 634 27.85 45.92 -7.50
C SER D 634 27.94 45.52 -6.01
N ALA D 635 28.28 46.50 -5.21
CA ALA D 635 28.45 46.22 -3.75
C ALA D 635 27.17 45.75 -3.13
N ASP D 636 26.02 46.23 -3.64
CA ASP D 636 24.66 45.84 -3.13
C ASP D 636 24.10 44.58 -3.72
N TYR D 637 24.89 43.93 -4.61
CA TYR D 637 24.54 42.72 -5.31
C TYR D 637 23.37 42.84 -6.26
N LYS D 638 22.95 44.06 -6.58
CA LYS D 638 21.82 44.30 -7.48
C LYS D 638 22.16 44.28 -9.00
N VAL D 639 23.38 44.62 -9.34
CA VAL D 639 23.86 44.51 -10.72
C VAL D 639 24.55 43.18 -10.90
N GLN D 640 24.15 42.46 -11.92
CA GLN D 640 24.72 41.12 -12.16
C GLN D 640 25.03 40.89 -13.66
N ARG D 641 25.88 39.89 -13.92
CA ARG D 641 26.28 39.48 -15.26
C ARG D 641 26.28 37.98 -15.37
N SER D 642 25.54 37.51 -16.38
CA SER D 642 25.54 36.11 -16.75
C SER D 642 26.06 35.92 -18.15
N ARG D 643 26.83 34.84 -18.34
CA ARG D 643 27.39 34.49 -19.67
C ARG D 643 26.97 33.08 -20.00
N PHE D 644 26.41 32.91 -21.21
CA PHE D 644 25.89 31.64 -21.63
C PHE D 644 26.74 31.12 -22.82
N SER D 645 26.76 29.83 -23.00
CA SER D 645 27.65 29.22 -24.02
C SER D 645 27.16 29.42 -25.40
N SER D 646 25.98 29.94 -25.57
CA SER D 646 25.45 30.46 -26.83
C SER D 646 26.21 31.71 -27.32
N GLY D 647 27.12 32.30 -26.51
CA GLY D 647 27.79 33.58 -26.77
C GLY D 647 26.93 34.81 -26.37
N THR D 648 25.97 34.62 -25.50
CA THR D 648 25.08 35.67 -25.09
C THR D 648 25.56 36.11 -23.68
N GLU D 649 25.61 37.42 -23.46
CA GLU D 649 25.92 38.01 -22.16
C GLU D 649 24.81 38.88 -21.75
N VAL D 650 24.35 38.68 -20.48
CA VAL D 650 23.21 39.44 -19.97
C VAL D 650 23.80 40.23 -18.78
N ILE D 651 23.70 41.57 -18.82
CA ILE D 651 23.96 42.40 -17.63
C ILE D 651 22.67 43.06 -17.26
N ALA D 652 22.26 43.02 -15.96
CA ALA D 652 21.04 43.70 -15.58
C ALA D 652 21.20 44.26 -14.17
N ASN D 653 20.34 45.23 -13.86
CA ASN D 653 20.38 46.01 -12.63
C ASN D 653 19.01 45.89 -12.04
N LEU D 654 18.94 45.12 -10.93
CA LEU D 654 17.68 44.81 -10.33
C LEU D 654 17.27 45.77 -9.24
N GLY D 655 17.95 46.91 -9.13
CA GLY D 655 17.49 47.94 -8.23
C GLY D 655 17.19 49.27 -8.94
N PRO D 656 16.90 50.30 -8.12
CA PRO D 656 16.24 51.46 -8.73
C PRO D 656 17.21 52.48 -9.24
N VAL D 657 18.46 52.47 -8.79
CA VAL D 657 19.40 53.52 -9.10
C VAL D 657 20.43 53.04 -10.11
N ALA D 658 20.79 53.89 -11.08
CA ALA D 658 21.88 53.51 -11.94
C ALA D 658 23.10 53.30 -11.20
N GLN D 659 23.86 52.35 -11.66
CA GLN D 659 25.18 52.07 -11.15
C GLN D 659 26.23 51.71 -12.18
N LYS D 660 27.46 52.06 -11.86
CA LYS D 660 28.57 51.78 -12.72
C LYS D 660 29.21 50.46 -12.44
N ILE D 661 29.58 49.78 -13.48
CA ILE D 661 30.33 48.57 -13.38
C ILE D 661 31.74 48.79 -13.97
N GLU D 662 32.49 47.74 -14.16
CA GLU D 662 33.82 47.86 -14.72
C GLU D 662 33.79 48.60 -16.09
N GLY D 663 34.72 49.53 -16.27
CA GLY D 663 34.74 50.36 -17.45
C GLY D 663 33.83 51.57 -17.38
N GLY D 664 33.41 51.97 -16.18
CA GLY D 664 32.50 53.10 -15.97
C GLY D 664 31.24 53.04 -16.78
N ILE D 665 30.96 51.86 -17.34
CA ILE D 665 29.71 51.64 -17.99
C ILE D 665 28.61 51.71 -16.89
N SER D 666 27.56 52.46 -17.15
CA SER D 666 26.42 52.56 -16.27
C SER D 666 25.24 51.74 -16.72
N ILE D 667 24.66 50.98 -15.81
CA ILE D 667 23.53 50.24 -16.03
C ILE D 667 22.39 50.95 -15.30
N PRO D 668 21.37 51.44 -16.00
CA PRO D 668 20.28 52.15 -15.38
C PRO D 668 19.63 51.25 -14.38
N GLY D 669 18.93 51.88 -13.48
CA GLY D 669 17.99 51.20 -12.67
C GLY D 669 16.97 50.42 -13.43
N TYR D 670 16.72 49.18 -13.00
CA TYR D 670 15.84 48.30 -13.73
C TYR D 670 16.19 48.25 -15.25
N GLY D 671 17.43 48.20 -15.50
CA GLY D 671 18.02 48.32 -16.81
C GLY D 671 18.86 47.13 -17.17
N TYR D 672 19.30 47.07 -18.44
CA TYR D 672 20.05 45.95 -18.94
C TYR D 672 21.01 46.35 -20.03
N ARG D 673 22.00 45.54 -20.22
CA ARG D 673 22.97 45.65 -21.33
C ARG D 673 23.23 44.20 -21.78
N ILE D 674 22.77 43.84 -22.97
CA ILE D 674 22.85 42.42 -23.42
C ILE D 674 23.62 42.31 -24.71
N GLN D 675 24.60 41.44 -24.76
CA GLN D 675 25.36 41.24 -26.00
C GLN D 675 24.91 39.92 -26.56
N MET D 676 24.29 39.97 -27.75
CA MET D 676 23.86 38.77 -28.43
C MET D 676 24.98 38.00 -29.17
N LYS D 677 24.67 36.76 -29.55
CA LYS D 677 25.61 35.87 -30.19
C LYS D 677 26.21 36.57 -31.44
N ASP D 678 25.40 37.28 -32.17
CA ASP D 678 25.88 38.01 -33.39
C ASP D 678 26.63 39.30 -33.11
N GLY D 679 26.88 39.66 -31.85
CA GLY D 679 27.62 40.84 -31.53
C GLY D 679 26.71 42.02 -31.36
N SER D 680 25.45 41.97 -31.75
CA SER D 680 24.58 43.10 -31.53
C SER D 680 24.34 43.34 -30.03
N LEU D 681 24.07 44.60 -29.72
CA LEU D 681 23.95 45.08 -28.32
C LEU D 681 22.58 45.60 -28.09
N LYS D 682 21.92 45.17 -27.00
CA LYS D 682 20.59 45.53 -26.69
C LYS D 682 20.75 46.27 -25.34
N THR D 683 20.39 47.53 -25.26
CA THR D 683 20.42 48.33 -23.98
C THR D 683 19.06 48.95 -23.75
N GLY D 684 18.64 49.18 -22.49
CA GLY D 684 17.31 49.63 -22.26
C GLY D 684 17.07 49.59 -20.73
N HIS D 685 15.88 50.00 -20.39
CA HIS D 685 15.41 50.02 -19.01
C HIS D 685 13.95 50.11 -18.93
N PHE D 686 13.41 49.65 -17.79
CA PHE D 686 12.02 49.80 -17.53
C PHE D 686 11.68 51.17 -16.89
N GLN D 687 10.46 51.67 -17.08
CA GLN D 687 10.00 52.96 -16.48
C GLN D 687 8.65 52.74 -15.97
N VAL D 688 8.41 53.26 -14.74
CA VAL D 688 7.11 53.39 -14.25
C VAL D 688 6.72 54.85 -14.36
N SER D 689 5.54 55.10 -14.92
CA SER D 689 5.06 56.47 -15.05
C SER D 689 3.64 56.60 -14.64
N LEU D 690 3.33 57.87 -14.33
CA LEU D 690 2.03 58.18 -13.93
C LEU D 690 1.39 59.03 -15.08
N HIS D 691 0.22 58.61 -15.54
CA HIS D 691 -0.65 59.37 -16.48
C HIS D 691 -1.82 60.01 -15.81
N MET D 692 -1.74 61.34 -15.62
CA MET D 692 -2.83 62.08 -15.00
C MET D 692 -3.68 62.63 -16.18
N ASP D 693 -4.97 62.23 -16.17
CA ASP D 693 -6.22 62.10 -17.10
C ASP D 693 -6.84 60.64 -17.48
#